data_3SZG
#
_entry.id   3SZG
#
_cell.length_a   177.940
_cell.length_b   177.940
_cell.length_c   214.940
_cell.angle_alpha   90.00
_cell.angle_beta   90.00
_cell.angle_gamma   90.00
#
_symmetry.space_group_name_H-M   'P 41 21 2'
#
loop_
_entity.id
_entity.type
_entity.pdbx_description
1 polymer 'Glutamine-dependent NAD(+) synthetase'
2 non-polymer 'NICOTINIC ACID ADENINE DINUCLEOTIDE'
3 non-polymer 'ADENOSINE MONOPHOSPHATE'
4 non-polymer 'PYROPHOSPHATE 2-'
5 non-polymer GLYCEROL
6 water water
#
_entity_poly.entity_id   1
_entity_poly.type   'polypeptide(L)'
_entity_poly.pdbx_seq_one_letter_code
;SMNFYSAYQHGFVRVAACTHHTTIGDPAANAASVLDMARACHDDGAALAVFPELTLSGYSIEDVLLQDSLLDAVEDALLD
LVTESADLLPVLVVGAPLRHRHRIYNTAVVIHRGAVLGVVPKSYLPTYREFYERRQMAPGDGERGTIRIGGADVAFGTDL
LFAASDLPGFVLHVEIAEDMFVPMPPSAEAALAGATVLANLSGSPITIGRAEDRRLLARSASARCLAAYVYAAAGEGEST
TDLAWDGQTMIWENGALLAESERFPKGVRRSVADVDTELLRSERLRMGTFDDNRRHHRELTESFRRIDFALDPPAGDIGL
LREVERFPFVPADPQRLQQDCYEAYNIQVSGLEQRLRALDYPKVVIGVSGGLDSTHALIVATHAMDREGRPRSDILAFAL
PGFATGEHTKNNAIKLARALGVTFSEIDIGDTARLMLHTIGHPYSVGEKVYDVTFENVQAGLRTDYLFRIANQRGGIVLG
TGDLSELALGWSTYGVGDQMSHYNVNAGVPKTLIQHLIRWVISAGEFGEKVGEVLQSVLDTEITPELIPTGEEELQSSEA
KVGPFALQDFSLFQVLRYGFRPSKIAFLAWHAWNDAERGNWPPGFPKSERPSYSLAEIRHWLQIFVQRFYSFSQFKRSAL
PNGPKVSHGGALSPRGDWRAPSDMSARIWLDQIDREVPKG
;
_entity_poly.pdbx_strand_id   A,B,C,D
#
# COMPACT_ATOMS: atom_id res chain seq x y z
N MET A 2 -29.13 30.53 29.90
CA MET A 2 -29.20 29.28 30.64
C MET A 2 -29.66 29.49 32.08
N ASN A 3 -30.45 28.52 32.62
CA ASN A 3 -30.80 28.48 34.03
C ASN A 3 -29.75 27.76 34.90
N PHE A 4 -28.96 28.56 35.64
CA PHE A 4 -27.79 28.04 36.33
C PHE A 4 -28.20 27.11 37.45
N TYR A 5 -29.46 27.23 37.91
CA TYR A 5 -29.89 26.45 39.10
C TYR A 5 -30.59 25.15 38.70
N SER A 6 -30.72 24.91 37.40
CA SER A 6 -31.29 23.67 36.89
C SER A 6 -30.31 22.48 36.83
N ALA A 7 -30.63 21.40 37.53
CA ALA A 7 -29.74 20.24 37.51
C ALA A 7 -29.68 19.65 36.09
N TYR A 8 -30.79 19.71 35.39
CA TYR A 8 -30.84 19.09 34.07
C TYR A 8 -29.92 19.83 33.10
N GLN A 9 -29.88 21.14 33.21
CA GLN A 9 -28.92 21.92 32.44
C GLN A 9 -27.44 21.73 32.80
N HIS A 10 -27.12 21.09 33.91
CA HIS A 10 -25.73 20.78 34.18
C HIS A 10 -25.41 19.27 33.97
N GLY A 11 -26.25 18.58 33.19
CA GLY A 11 -25.97 17.20 32.83
C GLY A 11 -26.45 16.14 33.81
N PHE A 12 -27.19 16.57 34.84
CA PHE A 12 -27.78 15.61 35.78
C PHE A 12 -29.05 14.97 35.23
N VAL A 13 -29.24 13.69 35.56
CA VAL A 13 -30.48 13.00 35.26
C VAL A 13 -30.99 12.42 36.55
N ARG A 14 -32.25 12.75 36.88
CA ARG A 14 -32.88 12.31 38.12
C ARG A 14 -33.59 10.96 37.97
N VAL A 15 -33.16 10.00 38.77
CA VAL A 15 -33.50 8.59 38.58
C VAL A 15 -34.13 8.05 39.89
N ALA A 16 -35.10 7.13 39.79
CA ALA A 16 -35.81 6.58 40.98
C ALA A 16 -35.92 5.06 40.91
N ALA A 17 -35.44 4.38 41.94
CA ALA A 17 -35.68 2.95 42.13
C ALA A 17 -36.81 2.83 43.15
N CYS A 18 -37.93 2.23 42.77
CA CYS A 18 -39.14 2.17 43.63
C CYS A 18 -39.48 0.76 44.06
N THR A 19 -39.81 0.56 45.34
CA THR A 19 -40.40 -0.72 45.72
C THR A 19 -41.85 -0.48 46.18
N HIS A 20 -42.78 -1.13 45.50
CA HIS A 20 -44.20 -0.82 45.60
C HIS A 20 -44.86 -1.84 46.51
N HIS A 21 -46.13 -1.62 46.79
CA HIS A 21 -46.84 -2.64 47.56
C HIS A 21 -47.32 -3.74 46.64
N THR A 22 -46.81 -4.96 46.83
CA THR A 22 -47.25 -6.13 46.03
C THR A 22 -48.53 -6.71 46.58
N THR A 23 -49.51 -6.91 45.71
CA THR A 23 -50.67 -7.76 45.98
C THR A 23 -50.62 -8.96 45.08
N ILE A 24 -50.16 -10.09 45.58
CA ILE A 24 -49.96 -11.21 44.66
C ILE A 24 -51.24 -11.64 43.92
N GLY A 25 -51.10 -12.01 42.65
CA GLY A 25 -52.23 -12.42 41.85
C GLY A 25 -53.26 -11.31 41.66
N ASP A 26 -52.88 -10.05 41.84
CA ASP A 26 -53.83 -8.95 41.57
C ASP A 26 -53.24 -7.73 40.81
N PRO A 27 -53.14 -7.81 39.46
CA PRO A 27 -52.49 -6.83 38.59
C PRO A 27 -53.05 -5.44 38.74
N ALA A 28 -54.37 -5.27 38.84
CA ALA A 28 -54.92 -3.91 38.97
C ALA A 28 -54.50 -3.25 40.29
N ALA A 29 -54.37 -4.06 41.33
CA ALA A 29 -53.91 -3.49 42.59
C ALA A 29 -52.46 -3.06 42.49
N ASN A 30 -51.63 -3.91 41.91
CA ASN A 30 -50.21 -3.58 41.76
C ASN A 30 -50.05 -2.34 40.89
N ALA A 31 -50.86 -2.26 39.84
CA ALA A 31 -50.74 -1.16 38.92
C ALA A 31 -51.11 0.16 39.63
N ALA A 32 -52.12 0.10 40.47
CA ALA A 32 -52.49 1.27 41.26
C ALA A 32 -51.35 1.77 42.19
N SER A 33 -50.61 0.84 42.78
CA SER A 33 -49.47 1.15 43.63
C SER A 33 -48.40 1.73 42.72
N VAL A 34 -48.19 1.10 41.57
CA VAL A 34 -47.23 1.61 40.62
C VAL A 34 -47.56 3.02 40.15
N LEU A 35 -48.82 3.27 39.80
CA LEU A 35 -49.25 4.61 39.38
C LEU A 35 -49.03 5.65 40.46
N ASP A 36 -49.31 5.30 41.71
CA ASP A 36 -49.16 6.28 42.78
C ASP A 36 -47.68 6.68 42.97
N MET A 37 -46.79 5.69 42.96
CA MET A 37 -45.36 6.01 43.08
C MET A 37 -44.78 6.76 41.82
N ALA A 38 -45.25 6.42 40.64
CA ALA A 38 -44.85 7.14 39.44
C ALA A 38 -45.31 8.58 39.48
N ARG A 39 -46.48 8.84 40.04
CA ARG A 39 -46.93 10.22 40.11
C ARG A 39 -46.03 10.99 41.05
N ALA A 40 -45.50 10.31 42.05
CA ALA A 40 -44.58 10.94 42.97
C ALA A 40 -43.23 11.22 42.29
N CYS A 41 -42.69 10.21 41.61
CA CYS A 41 -41.46 10.37 40.84
C CYS A 41 -41.66 11.51 39.83
N HIS A 42 -42.82 11.57 39.17
CA HIS A 42 -43.12 12.71 38.29
C HIS A 42 -42.99 14.05 39.05
N ASP A 43 -43.69 14.18 40.17
CA ASP A 43 -43.61 15.41 40.96
C ASP A 43 -42.16 15.78 41.32
N ASP A 44 -41.34 14.75 41.55
CA ASP A 44 -39.94 14.99 41.86
C ASP A 44 -39.07 15.34 40.66
N GLY A 45 -39.66 15.37 39.45
CA GLY A 45 -38.96 15.65 38.21
C GLY A 45 -38.01 14.54 37.81
N ALA A 46 -38.34 13.29 38.17
CA ALA A 46 -37.49 12.16 37.86
C ALA A 46 -37.67 11.80 36.37
N ALA A 47 -36.60 11.32 35.73
CA ALA A 47 -36.63 10.91 34.30
C ALA A 47 -36.86 9.42 34.13
N LEU A 48 -36.65 8.68 35.21
CA LEU A 48 -36.67 7.24 35.18
C LEU A 48 -37.23 6.69 36.50
N ALA A 49 -38.14 5.72 36.44
CA ALA A 49 -38.61 5.00 37.62
C ALA A 49 -38.56 3.50 37.39
N VAL A 50 -37.70 2.81 38.13
CA VAL A 50 -37.54 1.36 38.00
C VAL A 50 -38.30 0.62 39.12
N PHE A 51 -39.14 -0.35 38.75
CA PHE A 51 -39.88 -1.17 39.75
C PHE A 51 -39.36 -2.60 39.95
N PRO A 52 -39.96 -3.36 40.87
CA PRO A 52 -39.35 -4.69 41.02
C PRO A 52 -39.73 -5.72 39.97
N GLU A 53 -38.98 -6.82 39.94
CA GLU A 53 -39.22 -7.95 38.97
C GLU A 53 -40.66 -8.45 39.03
N LEU A 54 -41.30 -8.71 37.89
CA LEU A 54 -42.68 -9.16 37.86
C LEU A 54 -43.64 -8.27 38.66
N THR A 55 -43.37 -6.97 38.65
CA THR A 55 -44.20 -5.99 39.35
C THR A 55 -45.73 -6.30 39.21
N LEU A 56 -46.23 -6.63 38.03
CA LEU A 56 -47.68 -6.56 37.83
C LEU A 56 -48.42 -7.80 38.27
N SER A 57 -47.69 -8.88 38.51
CA SER A 57 -48.34 -10.12 38.92
C SER A 57 -47.98 -10.46 40.34
N GLY A 58 -46.84 -9.95 40.77
CA GLY A 58 -46.11 -10.51 41.89
C GLY A 58 -45.12 -11.57 41.43
N TYR A 59 -43.95 -11.60 42.04
CA TYR A 59 -42.85 -12.47 41.59
C TYR A 59 -43.00 -13.88 42.15
N SER A 60 -43.54 -13.93 43.35
CA SER A 60 -43.60 -15.17 44.09
C SER A 60 -44.76 -16.13 43.78
N ILE A 61 -45.60 -15.84 42.78
CA ILE A 61 -46.80 -16.68 42.60
C ILE A 61 -46.66 -18.05 41.89
N GLU A 62 -45.49 -18.36 41.36
CA GLU A 62 -45.23 -19.76 40.89
C GLU A 62 -46.21 -20.18 39.75
N ASP A 63 -46.88 -21.35 39.84
CA ASP A 63 -47.69 -21.85 38.74
C ASP A 63 -48.90 -20.94 38.51
N VAL A 64 -49.20 -20.03 39.43
CA VAL A 64 -50.31 -19.11 39.14
C VAL A 64 -50.01 -18.19 37.94
N LEU A 65 -48.72 -17.95 37.67
CA LEU A 65 -48.29 -17.20 36.49
C LEU A 65 -48.89 -17.79 35.18
N LEU A 66 -49.17 -19.09 35.20
CA LEU A 66 -49.61 -19.82 33.97
C LEU A 66 -51.15 -19.86 33.84
N GLN A 67 -51.82 -19.05 34.64
CA GLN A 67 -53.28 -19.07 34.65
C GLN A 67 -53.79 -18.02 33.67
N ASP A 68 -54.65 -18.41 32.73
CA ASP A 68 -55.10 -17.40 31.78
C ASP A 68 -55.64 -16.13 32.43
N SER A 69 -56.41 -16.24 33.51
CA SER A 69 -57.06 -15.06 34.05
C SER A 69 -56.03 -14.12 34.62
N LEU A 70 -54.95 -14.71 35.13
CA LEU A 70 -53.86 -13.91 35.66
C LEU A 70 -53.13 -13.18 34.52
N LEU A 71 -52.69 -13.93 33.49
CA LEU A 71 -52.03 -13.35 32.35
C LEU A 71 -52.90 -12.26 31.72
N ASP A 72 -54.21 -12.53 31.65
CA ASP A 72 -55.15 -11.58 31.06
C ASP A 72 -55.23 -10.33 31.88
N ALA A 73 -55.25 -10.48 33.21
CA ALA A 73 -55.36 -9.33 34.07
C ALA A 73 -54.11 -8.47 33.94
N VAL A 74 -52.94 -9.12 33.88
CA VAL A 74 -51.68 -8.39 33.68
C VAL A 74 -51.73 -7.52 32.43
N GLU A 75 -52.12 -8.10 31.30
CA GLU A 75 -52.21 -7.28 30.05
C GLU A 75 -53.13 -6.07 30.24
N ASP A 76 -54.32 -6.27 30.80
CA ASP A 76 -55.25 -5.16 30.95
C ASP A 76 -54.66 -4.06 31.81
N ALA A 77 -53.90 -4.48 32.82
CA ALA A 77 -53.44 -3.54 33.81
C ALA A 77 -52.28 -2.79 33.19
N LEU A 78 -51.49 -3.51 32.42
CA LEU A 78 -50.34 -2.91 31.77
C LEU A 78 -50.82 -1.81 30.85
N LEU A 79 -51.89 -2.08 30.11
CA LEU A 79 -52.41 -1.13 29.13
C LEU A 79 -52.96 0.13 29.76
N ASP A 80 -53.60 -0.04 30.92
CA ASP A 80 -54.06 1.10 31.71
C ASP A 80 -52.90 2.01 32.10
N LEU A 81 -51.82 1.44 32.64
CA LEU A 81 -50.60 2.18 32.97
C LEU A 81 -50.06 2.96 31.78
N VAL A 82 -49.86 2.28 30.65
CA VAL A 82 -49.46 2.94 29.44
C VAL A 82 -50.35 4.14 29.18
N THR A 83 -51.66 3.97 29.20
CA THR A 83 -52.54 5.13 29.04
C THR A 83 -52.27 6.28 30.01
N GLU A 84 -52.12 5.92 31.29
CA GLU A 84 -51.84 6.91 32.37
C GLU A 84 -50.48 7.59 32.14
N SER A 85 -49.51 6.87 31.60
CA SER A 85 -48.19 7.46 31.38
C SER A 85 -48.19 8.66 30.42
N ALA A 86 -49.26 8.89 29.68
CA ALA A 86 -49.31 10.01 28.74
C ALA A 86 -49.05 11.32 29.47
N ASP A 87 -49.39 11.38 30.75
CA ASP A 87 -49.20 12.61 31.52
C ASP A 87 -48.06 12.54 32.55
N LEU A 88 -47.20 11.53 32.42
CA LEU A 88 -46.08 11.32 33.36
C LEU A 88 -44.74 11.65 32.69
N LEU A 89 -43.90 12.37 33.42
CA LEU A 89 -42.58 12.72 32.94
C LEU A 89 -41.66 11.52 32.77
N PRO A 90 -41.52 10.69 33.79
CA PRO A 90 -40.47 9.68 33.70
C PRO A 90 -40.77 8.51 32.79
N VAL A 91 -39.71 7.92 32.27
CA VAL A 91 -39.77 6.61 31.67
C VAL A 91 -40.02 5.64 32.86
N LEU A 92 -40.96 4.72 32.71
CA LEU A 92 -41.30 3.76 33.76
C LEU A 92 -40.83 2.41 33.30
N VAL A 93 -40.12 1.70 34.15
CA VAL A 93 -39.74 0.38 33.76
C VAL A 93 -40.45 -0.58 34.71
N VAL A 94 -41.47 -1.29 34.20
CA VAL A 94 -42.36 -2.16 35.02
C VAL A 94 -42.25 -3.68 34.66
N GLY A 95 -42.17 -4.55 35.66
CA GLY A 95 -42.14 -5.98 35.42
C GLY A 95 -43.52 -6.57 35.07
N ALA A 96 -43.56 -7.58 34.21
CA ALA A 96 -44.82 -8.26 33.83
C ALA A 96 -44.48 -9.62 33.23
N PRO A 97 -45.24 -10.64 33.58
CA PRO A 97 -45.16 -11.86 32.78
C PRO A 97 -45.99 -11.66 31.47
N LEU A 98 -45.34 -11.74 30.30
CA LEU A 98 -46.04 -11.52 29.02
C LEU A 98 -45.89 -12.70 28.13
N ARG A 99 -46.96 -12.98 27.41
CA ARG A 99 -46.93 -14.09 26.46
C ARG A 99 -46.30 -13.63 25.17
N HIS A 100 -45.47 -14.50 24.63
CA HIS A 100 -44.93 -14.26 23.29
C HIS A 100 -44.58 -15.54 22.60
N ARG A 101 -45.01 -15.71 21.35
CA ARG A 101 -44.82 -17.02 20.73
C ARG A 101 -45.40 -18.21 21.56
N HIS A 102 -44.55 -19.12 22.04
CA HIS A 102 -45.05 -20.30 22.72
C HIS A 102 -45.22 -20.12 24.22
N ARG A 103 -44.47 -19.21 24.80
CA ARG A 103 -44.37 -19.18 26.27
C ARG A 103 -44.63 -17.83 26.92
N ILE A 104 -44.53 -17.79 28.24
CA ILE A 104 -44.42 -16.48 28.87
C ILE A 104 -43.00 -16.15 29.22
N TYR A 105 -42.72 -14.87 29.03
CA TYR A 105 -41.44 -14.35 29.38
C TYR A 105 -41.57 -13.50 30.66
N ASN A 106 -40.48 -13.49 31.42
CA ASN A 106 -40.30 -12.62 32.59
C ASN A 106 -39.76 -11.33 32.03
N THR A 107 -40.59 -10.31 31.89
CA THR A 107 -40.18 -9.14 31.15
C THR A 107 -40.20 -7.79 31.91
N ALA A 108 -39.37 -6.82 31.45
CA ALA A 108 -39.52 -5.44 31.88
C ALA A 108 -40.11 -4.66 30.71
N VAL A 109 -41.17 -3.92 30.99
CA VAL A 109 -41.84 -3.13 29.98
C VAL A 109 -41.41 -1.69 30.17
N VAL A 110 -40.81 -1.11 29.15
CA VAL A 110 -40.34 0.26 29.25
C VAL A 110 -41.37 1.18 28.66
N ILE A 111 -41.95 2.03 29.49
CA ILE A 111 -43.10 2.81 29.10
C ILE A 111 -42.80 4.28 29.16
N HIS A 112 -43.30 5.05 28.20
CA HIS A 112 -42.99 6.46 28.24
C HIS A 112 -44.04 7.26 27.52
N ARG A 113 -44.67 8.18 28.24
CA ARG A 113 -45.58 9.15 27.63
C ARG A 113 -46.63 8.52 26.70
N GLY A 114 -47.28 7.46 27.17
CA GLY A 114 -48.37 6.87 26.42
C GLY A 114 -47.99 5.81 25.40
N ALA A 115 -46.71 5.40 25.35
CA ALA A 115 -46.31 4.31 24.46
C ALA A 115 -45.40 3.36 25.18
N VAL A 116 -45.34 2.14 24.68
CA VAL A 116 -44.37 1.19 25.15
C VAL A 116 -43.17 1.41 24.22
N LEU A 117 -42.01 1.74 24.78
CA LEU A 117 -40.82 1.88 23.94
C LEU A 117 -40.26 0.51 23.63
N GLY A 118 -40.50 -0.50 24.48
CA GLY A 118 -39.78 -1.75 24.28
C GLY A 118 -40.10 -2.78 25.32
N VAL A 119 -39.84 -4.05 25.03
CA VAL A 119 -40.06 -5.04 26.05
C VAL A 119 -38.84 -5.94 26.23
N VAL A 120 -38.28 -5.99 27.44
CA VAL A 120 -37.05 -6.75 27.67
C VAL A 120 -37.23 -8.00 28.51
N PRO A 121 -36.89 -9.15 27.96
CA PRO A 121 -37.06 -10.39 28.72
C PRO A 121 -35.85 -10.70 29.56
N LYS A 122 -36.05 -11.32 30.70
CA LYS A 122 -34.93 -11.77 31.49
C LYS A 122 -34.17 -12.79 30.67
N SER A 123 -32.86 -12.81 30.81
CA SER A 123 -32.02 -13.71 30.00
C SER A 123 -31.77 -15.05 30.66
N TYR A 124 -31.53 -15.01 31.98
CA TYR A 124 -31.05 -16.18 32.70
C TYR A 124 -32.05 -16.40 33.82
N LEU A 125 -32.57 -17.61 33.88
CA LEU A 125 -33.70 -17.95 34.76
C LEU A 125 -33.27 -19.02 35.73
N PRO A 126 -32.97 -18.59 36.96
CA PRO A 126 -32.39 -19.53 37.93
C PRO A 126 -33.40 -20.66 38.27
N THR A 127 -32.88 -21.89 38.31
CA THR A 127 -33.63 -23.08 38.57
C THR A 127 -32.75 -23.93 39.44
N TYR A 128 -32.60 -23.47 40.66
CA TYR A 128 -31.75 -24.10 41.67
C TYR A 128 -32.16 -23.52 43.03
N ARG A 129 -31.81 -24.23 44.09
CA ARG A 129 -32.06 -23.74 45.45
C ARG A 129 -33.51 -23.26 45.63
N GLU A 130 -33.72 -22.00 45.93
CA GLU A 130 -35.13 -21.58 46.14
C GLU A 130 -35.81 -21.11 44.88
N PHE A 131 -35.10 -21.17 43.74
CA PHE A 131 -35.62 -20.62 42.49
C PHE A 131 -36.08 -21.70 41.54
N TYR A 132 -37.22 -21.46 40.91
CA TYR A 132 -37.87 -22.42 40.04
C TYR A 132 -38.27 -21.80 38.69
N GLU A 133 -37.54 -20.77 38.25
CA GLU A 133 -38.08 -19.92 37.15
C GLU A 133 -38.30 -20.57 35.76
N ARG A 134 -37.46 -21.57 35.41
CA ARG A 134 -37.59 -22.20 34.09
C ARG A 134 -38.84 -23.07 34.03
N ARG A 135 -39.39 -23.44 35.19
CA ARG A 135 -40.64 -24.15 35.16
C ARG A 135 -41.74 -23.34 34.48
N GLN A 136 -41.90 -22.07 34.85
CA GLN A 136 -43.00 -21.26 34.26
C GLN A 136 -42.62 -20.37 33.08
N MET A 137 -41.35 -20.04 32.95
CA MET A 137 -40.96 -18.96 32.06
C MET A 137 -39.80 -19.35 31.14
N ALA A 138 -39.82 -18.76 29.95
CA ALA A 138 -38.80 -18.98 28.93
C ALA A 138 -37.63 -17.99 29.04
N PRO A 139 -36.39 -18.49 28.85
CA PRO A 139 -35.19 -17.64 28.70
C PRO A 139 -35.32 -16.67 27.54
N GLY A 140 -34.89 -15.43 27.74
CA GLY A 140 -35.05 -14.38 26.77
C GLY A 140 -33.76 -14.12 25.97
N ASP A 141 -32.66 -14.82 26.34
CA ASP A 141 -31.35 -14.57 25.73
C ASP A 141 -31.37 -15.03 24.31
N GLY A 142 -31.00 -14.15 23.39
CA GLY A 142 -31.08 -14.51 21.99
C GLY A 142 -32.42 -14.24 21.31
N GLU A 143 -33.39 -13.72 22.03
CA GLU A 143 -34.66 -13.33 21.36
C GLU A 143 -34.55 -11.89 20.89
N ARG A 144 -34.98 -11.67 19.67
CA ARG A 144 -35.05 -10.34 19.08
C ARG A 144 -36.43 -10.11 18.44
N GLY A 145 -36.54 -9.18 17.50
CA GLY A 145 -37.80 -8.96 16.83
C GLY A 145 -38.74 -8.03 17.58
N THR A 146 -40.04 -8.26 17.42
CA THR A 146 -41.05 -7.47 18.11
C THR A 146 -42.07 -8.34 18.87
N ILE A 147 -42.89 -7.69 19.68
CA ILE A 147 -43.90 -8.38 20.45
C ILE A 147 -45.12 -7.50 20.29
N ARG A 148 -46.30 -8.11 20.24
CA ARG A 148 -47.50 -7.29 20.06
C ARG A 148 -48.14 -6.96 21.39
N ILE A 149 -48.30 -5.67 21.66
CA ILE A 149 -48.81 -5.17 22.95
C ILE A 149 -49.91 -4.17 22.69
N GLY A 150 -51.14 -4.54 23.03
CA GLY A 150 -52.26 -3.65 22.83
C GLY A 150 -52.24 -3.07 21.43
N GLY A 151 -52.29 -3.95 20.43
CA GLY A 151 -52.43 -3.54 19.04
C GLY A 151 -51.24 -2.92 18.34
N ALA A 152 -50.08 -2.92 18.97
CA ALA A 152 -48.85 -2.33 18.39
C ALA A 152 -47.64 -3.26 18.46
N ASP A 153 -46.78 -3.18 17.44
CA ASP A 153 -45.57 -4.01 17.46
C ASP A 153 -44.47 -3.18 18.02
N VAL A 154 -43.95 -3.61 19.16
CA VAL A 154 -42.89 -2.85 19.83
C VAL A 154 -41.70 -3.76 19.92
N ALA A 155 -40.54 -3.13 19.97
CA ALA A 155 -39.29 -3.85 20.01
C ALA A 155 -39.22 -4.83 21.19
N PHE A 156 -38.70 -6.03 20.95
CA PHE A 156 -38.63 -7.06 21.96
C PHE A 156 -37.24 -7.69 21.97
N GLY A 157 -36.56 -7.73 23.10
CA GLY A 157 -35.35 -8.50 23.17
C GLY A 157 -34.26 -7.98 24.11
N THR A 158 -33.16 -8.72 24.15
CA THR A 158 -32.10 -8.43 25.10
C THR A 158 -31.09 -7.37 24.57
N ASP A 159 -31.32 -6.92 23.34
CA ASP A 159 -30.46 -6.01 22.60
C ASP A 159 -30.99 -4.58 22.48
N LEU A 160 -31.58 -4.03 23.52
CA LEU A 160 -32.28 -2.75 23.35
C LEU A 160 -31.66 -1.66 24.17
N LEU A 161 -31.65 -0.46 23.60
CA LEU A 161 -31.07 0.74 24.22
C LEU A 161 -32.10 1.85 24.07
N PHE A 162 -32.38 2.52 25.14
CA PHE A 162 -33.35 3.61 25.09
C PHE A 162 -32.61 4.94 25.27
N ALA A 163 -32.46 5.68 24.17
CA ALA A 163 -31.67 6.91 24.18
C ALA A 163 -32.56 8.15 24.13
N ALA A 164 -32.33 9.04 25.11
CA ALA A 164 -33.01 10.33 25.16
C ALA A 164 -32.40 11.21 24.08
N SER A 165 -33.27 11.70 23.19
CA SER A 165 -32.79 12.46 22.03
C SER A 165 -32.35 13.87 22.43
N ASP A 166 -32.94 14.41 23.50
CA ASP A 166 -32.53 15.67 24.09
C ASP A 166 -31.57 15.58 25.31
N LEU A 167 -31.22 14.36 25.74
CA LEU A 167 -30.23 14.18 26.84
C LEU A 167 -29.20 13.12 26.49
N PRO A 168 -28.25 13.49 25.65
CA PRO A 168 -27.38 12.50 25.01
C PRO A 168 -26.64 11.62 26.02
N GLY A 169 -26.46 12.13 27.23
CA GLY A 169 -25.75 11.37 28.25
C GLY A 169 -26.54 10.25 28.88
N PHE A 170 -27.85 10.26 28.65
CA PHE A 170 -28.82 9.29 29.24
C PHE A 170 -29.20 8.16 28.19
N VAL A 171 -28.51 7.03 28.28
CA VAL A 171 -28.81 5.88 27.45
C VAL A 171 -29.10 4.72 28.38
N LEU A 172 -30.35 4.26 28.40
CA LEU A 172 -30.81 3.21 29.30
C LEU A 172 -30.68 1.80 28.73
N HIS A 173 -30.10 0.87 29.49
CA HIS A 173 -30.28 -0.56 29.22
C HIS A 173 -30.95 -1.19 30.44
N VAL A 174 -31.77 -2.22 30.23
CA VAL A 174 -32.50 -2.85 31.31
C VAL A 174 -32.16 -4.33 31.38
N GLU A 175 -31.89 -4.85 32.56
CA GLU A 175 -31.74 -6.33 32.66
C GLU A 175 -32.52 -6.79 33.89
N ILE A 176 -32.54 -8.07 34.20
CA ILE A 176 -33.44 -8.53 35.26
C ILE A 176 -32.79 -9.49 36.22
N ALA A 177 -32.71 -9.05 37.51
CA ALA A 177 -32.33 -9.90 38.64
C ALA A 177 -31.07 -10.72 38.34
N GLU A 178 -31.20 -12.04 38.28
CA GLU A 178 -30.12 -13.00 37.85
C GLU A 178 -29.21 -12.54 36.70
N ASP A 179 -29.74 -11.72 35.81
CA ASP A 179 -28.91 -11.28 34.66
C ASP A 179 -27.58 -10.69 35.12
N MET A 180 -27.61 -10.06 36.28
CA MET A 180 -26.47 -9.31 36.78
C MET A 180 -25.40 -10.20 37.44
N PHE A 181 -25.75 -11.45 37.71
CA PHE A 181 -24.93 -12.33 38.51
C PHE A 181 -24.08 -13.29 37.74
N VAL A 182 -24.27 -13.35 36.42
CA VAL A 182 -23.54 -14.32 35.62
C VAL A 182 -22.20 -13.76 35.15
N PRO A 183 -21.23 -14.64 34.89
CA PRO A 183 -19.90 -14.14 34.52
C PRO A 183 -19.93 -13.12 33.38
N MET A 184 -20.84 -13.22 32.42
CA MET A 184 -20.93 -12.19 31.36
C MET A 184 -22.37 -11.70 31.18
N PRO A 185 -22.74 -10.69 31.96
CA PRO A 185 -24.05 -10.10 32.00
C PRO A 185 -24.40 -9.23 30.83
N PRO A 186 -25.69 -9.27 30.45
CA PRO A 186 -26.22 -8.45 29.35
C PRO A 186 -25.83 -7.00 29.53
N SER A 187 -25.85 -6.52 30.77
CA SER A 187 -25.56 -5.11 31.01
C SER A 187 -24.11 -4.68 30.66
N ALA A 188 -23.13 -5.58 30.84
CA ALA A 188 -21.75 -5.23 30.49
C ALA A 188 -21.59 -5.06 28.97
N GLU A 189 -22.26 -5.89 28.15
CA GLU A 189 -22.23 -5.64 26.70
C GLU A 189 -22.97 -4.36 26.37
N ALA A 190 -24.07 -4.11 27.06
CA ALA A 190 -24.82 -2.89 26.79
C ALA A 190 -24.02 -1.60 27.07
N ALA A 191 -23.14 -1.64 28.07
CA ALA A 191 -22.39 -0.44 28.49
C ALA A 191 -21.41 -0.18 27.36
N LEU A 192 -20.68 -1.23 26.97
CA LEU A 192 -19.78 -1.17 25.81
C LEU A 192 -20.49 -0.61 24.61
N ALA A 193 -21.75 -0.89 24.44
CA ALA A 193 -22.45 -0.44 23.25
C ALA A 193 -22.98 0.97 23.38
N GLY A 194 -22.94 1.55 24.57
CA GLY A 194 -23.42 2.91 24.74
C GLY A 194 -24.29 3.22 25.96
N ALA A 195 -24.77 2.19 26.67
CA ALA A 195 -25.63 2.44 27.79
C ALA A 195 -24.88 3.12 28.91
N THR A 196 -25.51 4.13 29.48
CA THR A 196 -24.89 4.89 30.58
C THR A 196 -25.60 4.64 31.90
N VAL A 197 -26.88 4.32 31.79
CA VAL A 197 -27.71 3.98 32.94
C VAL A 197 -28.26 2.56 32.83
N LEU A 198 -27.88 1.69 33.77
CA LEU A 198 -28.22 0.30 33.75
C LEU A 198 -29.29 0.02 34.82
N ALA A 199 -30.49 -0.37 34.42
CA ALA A 199 -31.54 -0.74 35.39
C ALA A 199 -31.64 -2.24 35.61
N ASN A 200 -31.91 -2.57 36.86
CA ASN A 200 -32.21 -3.94 37.28
C ASN A 200 -33.51 -4.03 38.05
N LEU A 201 -34.49 -4.76 37.53
CA LEU A 201 -35.70 -5.12 38.27
C LEU A 201 -35.45 -6.45 38.97
N SER A 202 -35.52 -6.42 40.31
CA SER A 202 -35.30 -7.64 41.09
C SER A 202 -36.52 -8.16 41.92
N GLY A 203 -36.62 -9.48 42.02
CA GLY A 203 -37.51 -10.11 43.01
C GLY A 203 -36.67 -10.28 44.28
N SER A 204 -35.74 -11.23 44.20
CA SER A 204 -34.67 -11.34 45.19
C SER A 204 -35.15 -11.57 46.59
N PRO A 205 -35.67 -12.77 46.86
CA PRO A 205 -36.03 -13.13 48.21
C PRO A 205 -34.77 -12.94 49.10
N ILE A 206 -34.95 -12.38 50.31
CA ILE A 206 -33.86 -11.98 51.14
C ILE A 206 -33.46 -13.18 51.97
N THR A 207 -32.16 -13.37 52.09
CA THR A 207 -31.56 -14.43 52.86
C THR A 207 -30.43 -13.81 53.65
N ILE A 208 -30.01 -14.46 54.72
CA ILE A 208 -28.82 -13.94 55.42
C ILE A 208 -27.70 -13.73 54.37
N GLY A 209 -27.11 -12.54 54.34
CA GLY A 209 -25.95 -12.29 53.50
C GLY A 209 -26.20 -11.87 52.03
N ARG A 210 -27.44 -11.95 51.61
CA ARG A 210 -27.79 -11.67 50.23
C ARG A 210 -27.68 -10.19 49.92
N ALA A 211 -28.06 -9.31 50.87
CA ALA A 211 -27.96 -7.87 50.61
C ALA A 211 -26.52 -7.47 50.32
N GLU A 212 -25.58 -8.23 50.87
CA GLU A 212 -24.16 -7.90 50.66
C GLU A 212 -23.77 -8.33 49.24
N ASP A 213 -24.38 -9.40 48.78
CA ASP A 213 -24.10 -9.92 47.46
C ASP A 213 -24.69 -9.01 46.40
N ARG A 214 -25.94 -8.62 46.56
CA ARG A 214 -26.52 -7.56 45.73
C ARG A 214 -25.57 -6.35 45.59
N ARG A 215 -25.17 -5.80 46.73
CA ARG A 215 -24.32 -4.61 46.71
C ARG A 215 -22.99 -4.88 46.02
N LEU A 216 -22.37 -6.00 46.32
CA LEU A 216 -21.09 -6.29 45.71
C LEU A 216 -21.22 -6.30 44.17
N LEU A 217 -22.27 -6.95 43.67
CA LEU A 217 -22.45 -7.06 42.22
C LEU A 217 -23.02 -5.80 41.62
N ALA A 218 -23.94 -5.08 42.28
CA ALA A 218 -24.44 -3.88 41.60
C ALA A 218 -23.33 -2.82 41.56
N ARG A 219 -22.53 -2.81 42.62
CA ARG A 219 -21.48 -1.83 42.77
C ARG A 219 -20.34 -2.06 41.81
N SER A 220 -19.82 -3.29 41.78
CA SER A 220 -18.77 -3.61 40.84
C SER A 220 -19.26 -3.43 39.38
N ALA A 221 -20.51 -3.76 39.11
CA ALA A 221 -21.02 -3.50 37.77
C ALA A 221 -20.87 -2.02 37.44
N SER A 222 -21.19 -1.14 38.39
CA SER A 222 -21.31 0.27 38.10
C SER A 222 -19.90 0.79 37.95
N ALA A 223 -18.93 0.15 38.61
CA ALA A 223 -17.54 0.60 38.47
C ALA A 223 -16.92 0.06 37.17
N ARG A 224 -17.09 -1.23 36.94
CA ARG A 224 -16.54 -1.83 35.72
C ARG A 224 -17.11 -1.21 34.46
N CYS A 225 -18.39 -0.93 34.47
CA CYS A 225 -19.10 -0.39 33.31
C CYS A 225 -19.16 1.13 33.24
N LEU A 226 -18.49 1.80 34.19
CA LEU A 226 -18.52 3.27 34.23
C LEU A 226 -19.93 3.83 34.04
N ALA A 227 -20.85 3.37 34.87
CA ALA A 227 -22.25 3.62 34.67
C ALA A 227 -22.98 3.84 35.99
N ALA A 228 -24.18 4.42 35.90
CA ALA A 228 -25.15 4.35 36.96
C ALA A 228 -25.88 2.99 36.92
N TYR A 229 -26.11 2.40 38.09
CA TYR A 229 -26.80 1.11 38.19
C TYR A 229 -27.94 1.34 39.13
N VAL A 230 -29.16 1.04 38.68
CA VAL A 230 -30.39 1.40 39.40
C VAL A 230 -31.18 0.13 39.70
N TYR A 231 -31.37 -0.17 40.98
CA TYR A 231 -31.77 -1.52 41.43
C TYR A 231 -32.95 -1.47 42.38
N ALA A 232 -33.99 -2.26 42.10
CA ALA A 232 -35.21 -2.30 42.89
C ALA A 232 -35.58 -3.75 43.16
N ALA A 233 -35.68 -4.12 44.44
CA ALA A 233 -36.17 -5.45 44.84
C ALA A 233 -37.59 -5.46 45.46
N ALA A 234 -38.23 -6.62 45.41
CA ALA A 234 -39.61 -6.73 45.84
C ALA A 234 -39.63 -6.67 47.36
N GLY A 235 -40.73 -6.17 47.93
CA GLY A 235 -40.86 -6.09 49.40
C GLY A 235 -42.16 -6.70 49.93
N GLU A 236 -42.98 -5.82 50.48
CA GLU A 236 -44.16 -6.24 51.26
C GLU A 236 -45.25 -6.62 50.32
N GLY A 237 -45.85 -7.79 50.57
CA GLY A 237 -46.92 -8.27 49.72
C GLY A 237 -46.53 -9.55 49.04
N GLU A 238 -45.24 -9.77 48.75
CA GLU A 238 -44.85 -11.06 48.11
C GLU A 238 -45.15 -12.18 49.08
N SER A 239 -45.40 -13.37 48.55
CA SER A 239 -45.82 -14.50 49.38
C SER A 239 -44.72 -14.95 50.33
N THR A 240 -45.10 -15.37 51.54
CA THR A 240 -44.11 -15.87 52.48
C THR A 240 -44.35 -17.34 52.83
N THR A 241 -44.96 -18.05 51.89
CA THR A 241 -45.08 -19.50 51.88
C THR A 241 -43.69 -20.14 52.12
N ASP A 242 -42.65 -19.64 51.47
CA ASP A 242 -41.29 -20.19 51.66
C ASP A 242 -40.18 -19.18 51.83
N LEU A 243 -40.47 -17.89 51.57
CA LEU A 243 -39.43 -16.85 51.48
C LEU A 243 -39.85 -15.53 52.12
N ALA A 244 -38.86 -14.68 52.42
CA ALA A 244 -39.14 -13.33 52.90
C ALA A 244 -38.49 -12.32 51.97
N TRP A 245 -38.81 -11.05 52.18
CA TRP A 245 -38.54 -10.04 51.18
C TRP A 245 -38.24 -8.77 51.94
N ASP A 246 -37.19 -8.04 51.51
CA ASP A 246 -36.79 -6.87 52.27
C ASP A 246 -37.01 -5.52 51.57
N GLY A 247 -37.50 -5.51 50.34
CA GLY A 247 -37.81 -4.27 49.62
C GLY A 247 -36.62 -3.36 49.29
N GLN A 248 -35.41 -3.91 49.34
CA GLN A 248 -34.25 -3.02 49.17
C GLN A 248 -34.20 -2.31 47.80
N THR A 249 -33.97 -1.00 47.81
CA THR A 249 -33.68 -0.26 46.59
C THR A 249 -32.39 0.53 46.74
N MET A 250 -31.68 0.70 45.64
CA MET A 250 -30.39 1.36 45.63
C MET A 250 -29.99 1.88 44.23
N ILE A 251 -29.12 2.89 44.23
CA ILE A 251 -28.62 3.58 43.06
C ILE A 251 -27.10 3.83 43.22
N TRP A 252 -26.32 3.25 42.34
CA TRP A 252 -24.86 3.31 42.36
C TRP A 252 -24.39 4.09 41.14
N GLU A 253 -23.27 4.75 41.25
CA GLU A 253 -22.72 5.54 40.09
C GLU A 253 -21.22 5.31 40.11
N ASN A 254 -20.68 4.65 39.07
CA ASN A 254 -19.23 4.41 38.98
C ASN A 254 -18.64 4.01 40.36
N GLY A 255 -19.24 3.06 41.06
CA GLY A 255 -18.61 2.50 42.25
C GLY A 255 -19.09 3.11 43.58
N ALA A 256 -19.79 4.26 43.51
CA ALA A 256 -20.21 5.01 44.69
C ALA A 256 -21.70 4.89 44.90
N LEU A 257 -22.14 4.77 46.15
CA LEU A 257 -23.56 4.71 46.46
C LEU A 257 -24.18 6.10 46.48
N LEU A 258 -25.20 6.33 45.67
CA LEU A 258 -25.81 7.64 45.61
C LEU A 258 -26.98 7.71 46.54
N ALA A 259 -27.67 6.56 46.72
CA ALA A 259 -28.89 6.50 47.49
C ALA A 259 -29.32 5.03 47.77
N GLU A 260 -29.83 4.74 48.95
CA GLU A 260 -30.52 3.46 49.24
C GLU A 260 -31.67 3.73 50.19
N SER A 261 -32.52 2.75 50.32
CA SER A 261 -33.72 2.96 51.10
C SER A 261 -33.72 1.92 52.20
N GLU A 262 -34.64 2.11 53.13
CA GLU A 262 -34.74 1.25 54.33
C GLU A 262 -35.05 -0.21 53.94
N ARG A 263 -34.26 -1.16 54.40
CA ARG A 263 -34.60 -2.56 54.30
C ARG A 263 -35.78 -2.97 55.19
N PHE A 264 -36.61 -3.90 54.73
CA PHE A 264 -37.77 -4.33 55.53
C PHE A 264 -38.59 -3.16 55.94
N PRO A 265 -39.01 -2.33 54.98
CA PRO A 265 -39.79 -1.17 55.44
C PRO A 265 -41.25 -1.56 55.65
N LYS A 266 -41.94 -0.67 56.39
CA LYS A 266 -43.41 -0.64 56.42
C LYS A 266 -43.95 0.42 55.45
N GLY A 267 -44.50 0.02 54.32
CA GLY A 267 -45.01 0.97 53.36
C GLY A 267 -44.05 1.01 52.20
N VAL A 268 -44.42 1.73 51.15
CA VAL A 268 -43.59 1.77 49.95
C VAL A 268 -42.36 2.70 50.16
N ARG A 269 -41.31 2.46 49.39
CA ARG A 269 -40.05 3.20 49.54
C ARG A 269 -39.46 3.53 48.16
N ARG A 270 -38.75 4.67 48.06
CA ARG A 270 -38.04 5.11 46.85
C ARG A 270 -36.64 5.51 47.21
N SER A 271 -35.70 5.11 46.37
CA SER A 271 -34.44 5.83 46.22
C SER A 271 -34.52 6.77 45.04
N VAL A 272 -34.09 8.01 45.26
CA VAL A 272 -34.08 9.05 44.23
C VAL A 272 -32.79 9.77 44.28
N ALA A 273 -32.08 9.88 43.16
CA ALA A 273 -30.80 10.56 43.16
C ALA A 273 -30.60 11.33 41.88
N ASP A 274 -29.76 12.34 41.88
CA ASP A 274 -29.33 12.92 40.63
C ASP A 274 -28.06 12.21 40.16
N VAL A 275 -28.14 11.56 38.98
CA VAL A 275 -26.99 10.90 38.37
C VAL A 275 -26.29 11.95 37.51
N ASP A 276 -24.96 11.99 37.61
CA ASP A 276 -24.15 12.95 36.84
C ASP A 276 -23.65 12.36 35.51
N THR A 277 -24.42 12.55 34.43
CA THR A 277 -24.06 11.91 33.16
C THR A 277 -22.73 12.44 32.65
N GLU A 278 -22.38 13.66 33.04
CA GLU A 278 -21.05 14.23 32.64
C GLU A 278 -19.88 13.55 33.33
N LEU A 279 -20.10 13.10 34.56
CA LEU A 279 -19.05 12.37 35.27
C LEU A 279 -18.77 11.07 34.48
N LEU A 280 -19.85 10.39 34.13
CA LEU A 280 -19.74 9.12 33.44
C LEU A 280 -19.10 9.36 32.08
N ARG A 281 -19.57 10.40 31.41
CA ARG A 281 -19.02 10.71 30.11
C ARG A 281 -17.50 11.02 30.21
N SER A 282 -17.10 11.71 31.28
CA SER A 282 -15.69 12.11 31.40
C SER A 282 -14.80 10.89 31.67
N GLU A 283 -15.33 9.93 32.40
CA GLU A 283 -14.52 8.73 32.75
C GLU A 283 -14.33 7.87 31.51
N ARG A 284 -15.41 7.72 30.74
CA ARG A 284 -15.34 6.98 29.49
C ARG A 284 -14.41 7.70 28.49
N LEU A 285 -14.51 9.02 28.44
CA LEU A 285 -13.58 9.81 27.62
C LEU A 285 -12.06 9.50 27.79
N ARG A 286 -11.64 9.25 29.01
CA ARG A 286 -10.24 9.09 29.39
C ARG A 286 -9.76 7.64 29.48
N MET A 287 -10.62 6.71 29.86
CA MET A 287 -10.21 5.30 29.97
C MET A 287 -10.29 4.60 28.59
N GLY A 288 -9.19 4.64 27.87
CA GLY A 288 -9.19 4.23 26.49
C GLY A 288 -9.51 2.75 26.43
N THR A 289 -9.13 2.00 27.46
CA THR A 289 -9.24 0.54 27.42
C THR A 289 -10.71 0.05 27.44
N PHE A 290 -11.61 0.95 27.80
CA PHE A 290 -13.03 0.67 27.86
C PHE A 290 -13.50 0.58 26.41
N ASP A 291 -13.08 1.55 25.61
CA ASP A 291 -13.38 1.54 24.20
C ASP A 291 -12.64 0.43 23.45
N ASP A 292 -11.40 0.13 23.86
CA ASP A 292 -10.69 -1.01 23.26
C ASP A 292 -11.50 -2.32 23.45
N ASN A 293 -12.11 -2.46 24.62
CA ASN A 293 -12.86 -3.65 25.00
C ASN A 293 -14.09 -3.71 24.08
N ARG A 294 -14.73 -2.57 23.82
CA ARG A 294 -15.85 -2.52 22.89
C ARG A 294 -15.49 -3.05 21.46
N ARG A 295 -14.42 -2.46 20.93
CA ARG A 295 -13.83 -2.84 19.66
C ARG A 295 -13.45 -4.31 19.66
N HIS A 296 -12.92 -4.86 20.74
CA HIS A 296 -12.62 -6.26 20.65
C HIS A 296 -13.90 -7.09 20.55
N HIS A 297 -15.04 -6.58 21.05
CA HIS A 297 -16.33 -7.32 21.02
C HIS A 297 -17.33 -6.63 20.10
N ARG A 298 -16.81 -6.17 18.95
CA ARG A 298 -17.56 -5.29 18.06
C ARG A 298 -18.86 -5.88 17.55
N GLU A 299 -18.82 -7.16 17.19
CA GLU A 299 -20.05 -7.77 16.63
C GLU A 299 -21.12 -7.89 17.73
N LEU A 300 -20.75 -8.35 18.91
CA LEU A 300 -21.63 -8.21 20.06
C LEU A 300 -22.15 -6.77 20.27
N THR A 301 -21.28 -5.76 20.31
CA THR A 301 -21.68 -4.40 20.70
C THR A 301 -22.38 -3.59 19.57
N GLU A 302 -22.23 -4.01 18.33
CA GLU A 302 -22.80 -3.18 17.20
C GLU A 302 -24.23 -3.56 16.90
N SER A 303 -24.63 -4.72 17.41
CA SER A 303 -25.93 -5.26 17.13
C SER A 303 -27.09 -4.65 17.95
N PHE A 304 -26.81 -3.80 18.92
CA PHE A 304 -27.94 -3.23 19.69
C PHE A 304 -28.85 -2.34 18.81
N ARG A 305 -30.13 -2.33 19.15
CA ARG A 305 -31.10 -1.45 18.52
C ARG A 305 -31.30 -0.27 19.45
N ARG A 306 -31.41 0.90 18.88
CA ARG A 306 -31.43 2.12 19.66
C ARG A 306 -32.84 2.68 19.54
N ILE A 307 -33.57 2.79 20.65
CA ILE A 307 -34.93 3.30 20.55
C ILE A 307 -34.90 4.70 21.10
N ASP A 308 -35.32 5.68 20.30
CA ASP A 308 -35.17 7.07 20.67
C ASP A 308 -36.43 7.59 21.26
N PHE A 309 -36.30 8.54 22.20
CA PHE A 309 -37.43 9.18 22.84
C PHE A 309 -37.03 10.56 23.30
N ALA A 310 -38.02 11.44 23.44
CA ALA A 310 -37.72 12.80 23.87
C ALA A 310 -38.21 12.95 25.30
N LEU A 311 -37.28 13.21 26.21
CA LEU A 311 -37.65 13.28 27.63
C LEU A 311 -38.38 14.59 27.98
N ASP A 312 -37.86 15.70 27.47
CA ASP A 312 -38.31 17.06 27.80
C ASP A 312 -38.35 17.45 29.31
N PRO A 313 -37.22 17.33 30.01
CA PRO A 313 -37.20 17.51 31.48
C PRO A 313 -37.59 18.91 31.96
N PRO A 314 -37.89 19.04 33.23
CA PRO A 314 -38.22 20.36 33.77
C PRO A 314 -36.98 21.24 33.69
N ALA A 315 -37.17 22.51 33.32
CA ALA A 315 -36.04 23.43 33.10
C ALA A 315 -35.64 24.24 34.34
N GLY A 316 -36.53 24.34 35.32
CA GLY A 316 -36.27 25.19 36.50
C GLY A 316 -35.39 24.59 37.60
N ASP A 317 -35.37 25.26 38.75
CA ASP A 317 -34.69 24.79 39.94
C ASP A 317 -35.52 23.69 40.61
N ILE A 318 -34.94 22.51 40.75
CA ILE A 318 -35.57 21.37 41.38
C ILE A 318 -34.55 20.83 42.37
N GLY A 319 -33.66 21.73 42.78
CA GLY A 319 -32.61 21.37 43.71
C GLY A 319 -31.67 20.32 43.18
N LEU A 320 -30.92 19.68 44.07
CA LEU A 320 -29.93 18.72 43.61
C LEU A 320 -29.90 17.58 44.57
N LEU A 321 -30.40 16.43 44.16
CA LEU A 321 -30.47 15.30 45.08
C LEU A 321 -29.19 14.53 45.02
N ARG A 322 -28.18 15.05 45.69
CA ARG A 322 -26.86 14.49 45.54
C ARG A 322 -25.95 15.05 46.59
N GLU A 323 -25.16 14.19 47.22
CA GLU A 323 -24.19 14.62 48.28
C GLU A 323 -22.97 15.19 47.61
N VAL A 324 -22.77 16.52 47.59
CA VAL A 324 -21.51 17.08 47.06
C VAL A 324 -20.59 17.51 48.20
N GLU A 325 -19.55 16.72 48.45
CA GLU A 325 -18.60 16.98 49.57
C GLU A 325 -17.83 18.31 49.38
N ARG A 326 -17.56 19.07 50.45
CA ARG A 326 -16.85 20.33 50.30
C ARG A 326 -15.41 20.08 49.90
N PHE A 327 -14.87 18.90 50.21
CA PHE A 327 -13.42 18.63 50.06
C PHE A 327 -13.21 17.35 49.31
N PRO A 328 -13.14 17.42 47.98
CA PRO A 328 -12.97 16.21 47.14
C PRO A 328 -11.79 15.35 47.63
N PHE A 329 -10.77 16.04 48.16
CA PHE A 329 -9.54 15.40 48.62
C PHE A 329 -9.62 14.96 50.11
N VAL A 330 -10.60 15.49 50.84
CA VAL A 330 -10.72 15.19 52.29
C VAL A 330 -12.12 14.59 52.64
N PRO A 331 -12.23 13.25 52.68
CA PRO A 331 -13.51 12.60 53.03
C PRO A 331 -14.05 13.07 54.38
N ALA A 332 -15.35 13.38 54.41
CA ALA A 332 -16.01 13.75 55.68
C ALA A 332 -16.12 12.55 56.61
N ASP A 333 -16.18 11.32 56.06
CA ASP A 333 -16.24 10.12 56.92
C ASP A 333 -14.93 9.79 57.62
N PRO A 334 -14.93 9.82 58.96
CA PRO A 334 -13.67 9.64 59.69
C PRO A 334 -12.93 8.34 59.38
N GLN A 335 -13.63 7.25 59.13
CA GLN A 335 -12.96 5.98 58.91
C GLN A 335 -12.30 5.98 57.55
N ARG A 336 -12.97 6.65 56.62
CA ARG A 336 -12.45 6.85 55.28
C ARG A 336 -11.22 7.81 55.28
N LEU A 337 -11.34 8.94 55.97
CA LEU A 337 -10.25 9.93 56.02
C LEU A 337 -9.00 9.32 56.69
N GLN A 338 -9.21 8.48 57.70
CA GLN A 338 -8.09 7.80 58.37
C GLN A 338 -7.39 6.88 57.38
N GLN A 339 -8.20 6.13 56.63
CA GLN A 339 -7.66 5.31 55.54
C GLN A 339 -6.87 6.13 54.54
N ASP A 340 -7.45 7.26 54.13
CA ASP A 340 -6.78 8.09 53.12
C ASP A 340 -5.42 8.59 53.59
N CYS A 341 -5.38 9.03 54.86
CA CYS A 341 -4.20 9.55 55.47
C CYS A 341 -3.16 8.46 55.58
N TYR A 342 -3.56 7.28 56.05
CA TYR A 342 -2.59 6.20 56.13
C TYR A 342 -1.95 5.97 54.77
N GLU A 343 -2.78 5.95 53.74
CA GLU A 343 -2.26 5.72 52.35
C GLU A 343 -1.38 6.86 51.83
N ALA A 344 -1.85 8.12 51.94
CA ALA A 344 -1.06 9.28 51.53
C ALA A 344 0.33 9.21 52.15
N TYR A 345 0.37 9.08 53.46
CA TYR A 345 1.61 9.07 54.21
C TYR A 345 2.52 7.94 53.75
N ASN A 346 2.00 6.72 53.66
CA ASN A 346 2.87 5.62 53.20
C ASN A 346 3.34 5.74 51.73
N ILE A 347 2.60 6.49 50.93
CA ILE A 347 3.01 6.79 49.55
C ILE A 347 4.23 7.74 49.54
N GLN A 348 4.15 8.79 50.37
CA GLN A 348 5.19 9.81 50.39
C GLN A 348 6.46 9.13 50.87
N VAL A 349 6.35 8.38 51.96
CA VAL A 349 7.50 7.71 52.56
C VAL A 349 8.16 6.69 51.64
N SER A 350 7.37 5.83 51.05
CA SER A 350 7.94 4.71 50.33
C SER A 350 8.57 5.21 49.06
N GLY A 351 8.04 6.32 48.55
CA GLY A 351 8.62 6.96 47.38
C GLY A 351 10.00 7.57 47.61
N LEU A 352 10.12 8.30 48.71
CA LEU A 352 11.41 8.81 49.18
C LEU A 352 12.38 7.65 49.49
N GLU A 353 11.91 6.62 50.18
CA GLU A 353 12.82 5.48 50.48
C GLU A 353 13.52 4.91 49.27
N GLN A 354 12.77 4.78 48.17
CA GLN A 354 13.33 4.24 46.96
C GLN A 354 14.39 5.20 46.41
N ARG A 355 14.06 6.50 46.36
CA ARG A 355 15.03 7.45 45.86
C ARG A 355 16.33 7.40 46.70
N LEU A 356 16.19 7.35 48.03
CA LEU A 356 17.36 7.21 48.94
C LEU A 356 18.10 5.89 48.74
N ARG A 357 17.40 4.75 48.56
CA ARG A 357 18.12 3.49 48.39
C ARG A 357 18.97 3.58 47.12
N ALA A 358 18.42 4.24 46.11
CA ALA A 358 18.95 4.21 44.77
C ALA A 358 20.17 5.11 44.72
N LEU A 359 20.18 6.12 45.60
CA LEU A 359 21.31 7.01 45.63
C LEU A 359 22.30 6.55 46.71
N ASP A 360 22.17 5.34 47.20
CA ASP A 360 23.06 4.86 48.25
C ASP A 360 23.01 5.68 49.58
N TYR A 361 21.82 6.16 49.93
CA TYR A 361 21.58 6.78 51.22
C TYR A 361 22.33 8.08 51.42
N PRO A 362 21.93 9.12 50.68
CA PRO A 362 22.62 10.40 50.79
C PRO A 362 22.06 11.11 52.00
N LYS A 363 22.64 12.22 52.43
CA LYS A 363 21.99 13.00 53.48
C LYS A 363 20.78 13.70 52.86
N VAL A 364 19.87 14.14 53.71
CA VAL A 364 18.64 14.75 53.23
C VAL A 364 18.64 16.18 53.63
N VAL A 365 18.66 17.08 52.66
CA VAL A 365 18.74 18.49 53.01
C VAL A 365 17.36 19.11 52.90
N ILE A 366 16.93 19.85 53.91
CA ILE A 366 15.61 20.41 53.83
C ILE A 366 15.49 21.75 54.55
N GLY A 367 14.78 22.67 53.94
CA GLY A 367 14.53 23.95 54.59
C GLY A 367 13.25 23.85 55.39
N VAL A 368 13.35 24.09 56.69
CA VAL A 368 12.20 24.06 57.62
C VAL A 368 11.86 25.47 58.09
N SER A 369 10.63 25.90 57.88
CA SER A 369 10.27 27.30 58.12
C SER A 369 9.34 27.39 59.31
N GLY A 370 8.90 26.24 59.79
CA GLY A 370 7.82 26.22 60.77
C GLY A 370 6.42 26.07 60.17
N GLY A 371 6.30 26.16 58.85
CA GLY A 371 5.00 25.99 58.22
C GLY A 371 4.48 24.55 58.09
N LEU A 372 3.23 24.40 57.73
CA LEU A 372 2.63 23.06 57.54
C LEU A 372 3.40 22.13 56.56
N ASP A 373 3.68 22.62 55.35
CA ASP A 373 4.33 21.81 54.31
C ASP A 373 5.70 21.25 54.71
N SER A 374 6.58 22.11 55.23
CA SER A 374 7.95 21.68 55.42
C SER A 374 7.97 20.80 56.66
N THR A 375 7.11 21.14 57.60
CA THR A 375 6.96 20.33 58.81
C THR A 375 6.58 18.91 58.43
N HIS A 376 5.48 18.79 57.68
CA HIS A 376 5.06 17.48 57.23
C HIS A 376 6.16 16.74 56.44
N ALA A 377 6.84 17.46 55.59
CA ALA A 377 7.93 16.84 54.83
C ALA A 377 9.03 16.32 55.73
N LEU A 378 9.30 17.01 56.85
CA LEU A 378 10.37 16.61 57.74
C LEU A 378 10.00 15.34 58.45
N ILE A 379 8.72 15.23 58.80
CA ILE A 379 8.17 14.02 59.37
C ILE A 379 8.28 12.88 58.34
N VAL A 380 7.90 13.14 57.10
CA VAL A 380 8.04 12.08 56.10
C VAL A 380 9.49 11.59 56.03
N ALA A 381 10.40 12.54 55.97
CA ALA A 381 11.80 12.23 55.74
C ALA A 381 12.33 11.33 56.86
N THR A 382 11.88 11.66 58.07
CA THR A 382 12.36 10.98 59.27
C THR A 382 11.91 9.53 59.27
N HIS A 383 10.64 9.34 59.06
CA HIS A 383 10.10 7.99 58.94
C HIS A 383 10.83 7.22 57.83
N ALA A 384 11.07 7.85 56.70
CA ALA A 384 11.78 7.13 55.64
C ALA A 384 13.15 6.68 56.13
N MET A 385 13.85 7.53 56.89
CA MET A 385 15.21 7.20 57.28
C MET A 385 15.21 6.09 58.31
N ASP A 386 14.26 6.18 59.22
CA ASP A 386 14.04 5.14 60.20
C ASP A 386 13.79 3.81 59.53
N ARG A 387 12.89 3.81 58.56
CA ARG A 387 12.47 2.57 57.94
C ARG A 387 13.67 1.91 57.29
N GLU A 388 14.59 2.76 56.84
CA GLU A 388 15.80 2.29 56.10
C GLU A 388 17.00 2.05 57.02
N GLY A 389 16.81 2.25 58.33
CA GLY A 389 17.86 2.05 59.32
C GLY A 389 19.01 3.03 59.20
N ARG A 390 18.67 4.26 58.85
CA ARG A 390 19.64 5.34 58.69
C ARG A 390 19.57 6.29 59.88
N PRO A 391 20.72 6.80 60.36
CA PRO A 391 20.64 7.71 61.53
C PRO A 391 19.87 9.00 61.19
N ARG A 392 19.04 9.47 62.12
CA ARG A 392 18.33 10.73 61.95
C ARG A 392 19.23 11.94 61.80
N SER A 393 20.49 11.79 62.17
CA SER A 393 21.44 12.89 62.06
C SER A 393 21.86 13.05 60.59
N ASP A 394 21.43 12.13 59.75
CA ASP A 394 21.74 12.28 58.32
C ASP A 394 20.72 13.19 57.62
N ILE A 395 19.68 13.59 58.35
CA ILE A 395 18.80 14.66 57.88
C ILE A 395 19.38 16.03 58.25
N LEU A 396 19.61 16.88 57.27
CA LEU A 396 20.15 18.23 57.57
C LEU A 396 19.05 19.27 57.42
N ALA A 397 18.53 19.77 58.54
CA ALA A 397 17.42 20.70 58.46
C ALA A 397 17.92 22.10 58.64
N PHE A 398 17.39 23.04 57.87
CA PHE A 398 17.91 24.41 57.91
C PHE A 398 16.79 25.43 58.08
N ALA A 399 16.99 26.30 59.07
CA ALA A 399 16.30 27.57 59.11
C ALA A 399 17.09 28.57 58.25
N LEU A 400 16.35 29.39 57.50
CA LEU A 400 16.94 30.28 56.51
C LEU A 400 16.22 31.61 56.54
N PRO A 401 16.37 32.34 57.65
CA PRO A 401 15.60 33.57 57.83
C PRO A 401 16.18 34.63 56.93
N GLY A 402 15.31 35.48 56.40
CA GLY A 402 15.74 36.54 55.49
C GLY A 402 15.37 37.88 56.07
N PHE A 403 14.41 38.56 55.47
CA PHE A 403 13.88 39.79 56.05
C PHE A 403 12.44 39.48 56.48
N LYS A 410 8.44 28.25 63.48
CA LYS A 410 9.64 29.11 63.46
C LYS A 410 10.61 28.70 64.55
N ASN A 411 10.16 28.90 65.78
CA ASN A 411 10.75 28.18 66.90
C ASN A 411 10.19 26.78 66.77
N ASN A 412 8.98 26.70 66.24
CA ASN A 412 8.37 25.40 66.00
C ASN A 412 9.31 24.58 65.16
N ALA A 413 9.96 25.26 64.22
CA ALA A 413 10.96 24.63 63.38
C ALA A 413 12.11 24.01 64.20
N ILE A 414 12.89 24.85 64.88
CA ILE A 414 14.01 24.36 65.69
C ILE A 414 13.55 23.35 66.79
N LYS A 415 12.36 23.55 67.35
CA LYS A 415 11.85 22.60 68.36
C LYS A 415 11.55 21.21 67.78
N LEU A 416 10.88 21.19 66.64
CA LEU A 416 10.55 19.94 66.02
C LEU A 416 11.87 19.22 65.69
N ALA A 417 12.83 19.99 65.21
CA ALA A 417 14.09 19.42 64.73
C ALA A 417 14.79 18.79 65.92
N ARG A 418 14.82 19.56 67.01
CA ARG A 418 15.46 19.14 68.25
C ARG A 418 14.75 17.90 68.81
N ALA A 419 13.42 17.94 68.77
CA ALA A 419 12.61 16.88 69.30
C ALA A 419 12.81 15.56 68.51
N LEU A 420 12.96 15.65 67.18
CA LEU A 420 13.16 14.45 66.35
C LEU A 420 14.58 13.93 66.44
N GLY A 421 15.52 14.86 66.57
CA GLY A 421 16.93 14.54 66.73
C GLY A 421 17.66 14.50 65.42
N VAL A 422 17.24 15.39 64.51
CA VAL A 422 17.93 15.55 63.22
C VAL A 422 18.96 16.60 63.39
N THR A 423 19.81 16.78 62.39
CA THR A 423 20.87 17.79 62.49
C THR A 423 20.31 19.16 62.16
N PHE A 424 20.37 20.08 63.12
CA PHE A 424 19.77 21.39 62.84
C PHE A 424 20.77 22.53 62.77
N SER A 425 20.48 23.48 61.92
CA SER A 425 21.37 24.62 61.73
C SER A 425 20.61 25.78 61.11
N GLU A 426 21.20 26.95 61.20
CA GLU A 426 20.59 28.20 60.69
C GLU A 426 21.59 28.89 59.77
N ILE A 427 21.07 29.48 58.73
CA ILE A 427 21.87 30.23 57.81
C ILE A 427 21.04 31.43 57.45
N ASP A 428 21.52 32.60 57.84
CA ASP A 428 20.85 33.84 57.53
C ASP A 428 21.18 34.17 56.08
N ILE A 429 20.17 34.35 55.23
CA ILE A 429 20.46 34.66 53.84
C ILE A 429 20.46 36.18 53.59
N GLY A 430 20.17 36.99 54.61
CA GLY A 430 20.01 38.42 54.43
C GLY A 430 21.16 39.16 53.76
N ASP A 431 22.39 38.84 54.14
CA ASP A 431 23.51 39.60 53.61
C ASP A 431 23.70 39.23 52.18
N THR A 432 23.52 37.94 51.88
CA THR A 432 23.68 37.49 50.50
C THR A 432 22.62 38.16 49.65
N ALA A 433 21.44 38.30 50.21
CA ALA A 433 20.34 38.90 49.47
C ALA A 433 20.60 40.38 49.23
N ARG A 434 21.02 41.08 50.26
CA ARG A 434 21.47 42.46 50.12
C ARG A 434 22.50 42.65 48.99
N LEU A 435 23.55 41.83 49.00
CA LEU A 435 24.57 41.88 47.98
C LEU A 435 23.95 41.67 46.56
N MET A 436 22.99 40.75 46.48
CA MET A 436 22.44 40.39 45.18
C MET A 436 21.54 41.54 44.73
N LEU A 437 20.74 42.10 45.65
CA LEU A 437 19.85 43.22 45.33
C LEU A 437 20.64 44.42 44.85
N HIS A 438 21.79 44.63 45.49
CA HIS A 438 22.63 45.77 45.12
C HIS A 438 23.26 45.56 43.76
N THR A 439 23.82 44.38 43.53
CA THR A 439 24.50 44.09 42.28
C THR A 439 23.57 44.20 41.04
N ILE A 440 22.28 44.02 41.26
CA ILE A 440 21.19 44.02 40.27
C ILE A 440 20.62 45.43 40.05
N GLY A 441 20.97 46.33 40.95
CA GLY A 441 20.46 47.68 40.93
C GLY A 441 19.02 47.82 41.35
N HIS A 442 18.60 47.02 42.32
CA HIS A 442 17.23 47.10 42.81
C HIS A 442 16.98 48.25 43.78
N ASP A 452 8.15 43.84 46.19
CA ASP A 452 7.87 43.31 44.87
C ASP A 452 8.36 41.89 44.68
N VAL A 453 8.02 41.35 43.51
CA VAL A 453 8.35 39.97 43.13
C VAL A 453 9.85 39.77 43.20
N THR A 454 10.61 40.70 42.61
CA THR A 454 12.07 40.58 42.63
C THR A 454 12.64 40.53 44.06
N PHE A 455 12.31 41.51 44.87
CA PHE A 455 12.65 41.44 46.28
C PHE A 455 12.27 40.09 46.93
N GLU A 456 11.01 39.66 46.77
CA GLU A 456 10.54 38.35 47.36
C GLU A 456 11.38 37.22 46.80
N ASN A 457 11.51 37.26 45.49
CA ASN A 457 12.09 36.16 44.74
C ASN A 457 13.58 36.01 44.99
N VAL A 458 14.25 37.13 45.25
CA VAL A 458 15.68 37.07 45.53
C VAL A 458 15.91 36.25 46.80
N GLN A 459 15.06 36.48 47.79
CA GLN A 459 15.14 35.64 48.97
C GLN A 459 14.73 34.18 48.75
N ALA A 460 13.62 33.96 48.06
CA ALA A 460 13.21 32.57 47.85
C ALA A 460 14.31 31.81 47.07
N GLY A 461 14.89 32.50 46.10
CA GLY A 461 15.90 31.93 45.21
C GLY A 461 17.12 31.53 46.01
N LEU A 462 17.55 32.41 46.92
CA LEU A 462 18.81 32.19 47.62
C LEU A 462 18.69 31.04 48.62
N ARG A 463 17.51 30.90 49.17
CA ARG A 463 17.16 29.71 49.96
C ARG A 463 17.48 28.42 49.22
N THR A 464 16.93 28.28 48.01
CA THR A 464 17.10 27.06 47.24
C THR A 464 18.57 26.92 46.85
N ASP A 465 19.14 28.05 46.43
CA ASP A 465 20.50 28.07 45.98
C ASP A 465 21.42 27.49 47.10
N TYR A 466 21.29 28.04 48.30
CA TYR A 466 22.00 27.52 49.46
C TYR A 466 21.84 26.03 49.77
N LEU A 467 20.59 25.59 49.83
CA LEU A 467 20.31 24.19 50.03
C LEU A 467 20.97 23.33 48.94
N PHE A 468 20.81 23.74 47.70
CA PHE A 468 21.45 22.99 46.65
C PHE A 468 22.97 22.89 46.86
N ARG A 469 23.61 23.96 47.37
CA ARG A 469 25.07 23.93 47.41
C ARG A 469 25.49 23.07 48.58
N ILE A 470 24.71 23.17 49.65
CA ILE A 470 24.98 22.36 50.82
C ILE A 470 24.81 20.89 50.45
N ALA A 471 23.83 20.60 49.60
CA ALA A 471 23.59 19.22 49.17
C ALA A 471 24.83 18.68 48.40
N ASN A 472 25.38 19.51 47.50
CA ASN A 472 26.61 19.17 46.77
C ASN A 472 27.72 18.94 47.76
N GLN A 473 27.76 19.82 48.77
CA GLN A 473 28.94 19.90 49.62
C GLN A 473 28.96 18.75 50.58
N ARG A 474 27.77 18.39 51.05
CA ARG A 474 27.67 17.42 52.12
C ARG A 474 27.19 16.03 51.65
N GLY A 475 27.08 15.84 50.34
CA GLY A 475 26.61 14.60 49.79
C GLY A 475 25.15 14.28 50.15
N GLY A 476 24.27 15.28 49.96
CA GLY A 476 22.86 15.15 50.27
C GLY A 476 21.98 15.35 49.04
N ILE A 477 20.67 15.19 49.20
CA ILE A 477 19.72 15.71 48.20
C ILE A 477 18.74 16.71 48.83
N VAL A 478 18.35 17.73 48.08
CA VAL A 478 17.36 18.70 48.55
C VAL A 478 15.94 18.17 48.44
N LEU A 479 15.21 18.25 49.54
CA LEU A 479 13.84 17.78 49.57
C LEU A 479 12.82 18.89 49.28
N GLY A 480 12.04 18.77 48.22
CA GLY A 480 11.03 19.77 47.97
C GLY A 480 9.81 19.58 48.85
N THR A 481 9.05 20.65 48.99
CA THR A 481 7.96 20.66 49.97
C THR A 481 6.76 21.42 49.45
N GLY A 482 6.84 21.95 48.22
CA GLY A 482 5.68 22.60 47.63
C GLY A 482 4.61 21.54 47.50
N ASP A 483 3.34 21.91 47.67
CA ASP A 483 2.24 20.94 47.64
C ASP A 483 1.42 21.04 46.34
N LEU A 484 0.46 20.14 46.18
CA LEU A 484 -0.28 20.02 44.90
C LEU A 484 -1.04 21.31 44.52
N SER A 485 -1.63 21.99 45.52
CA SER A 485 -2.44 23.20 45.26
C SER A 485 -1.54 24.34 44.81
N GLU A 486 -0.35 24.37 45.37
CA GLU A 486 0.65 25.40 44.91
C GLU A 486 1.07 25.13 43.44
N LEU A 487 1.28 23.86 43.06
CA LEU A 487 1.62 23.54 41.67
C LEU A 487 0.45 23.94 40.82
N ALA A 488 -0.77 23.64 41.27
CA ALA A 488 -1.92 23.95 40.45
C ALA A 488 -2.01 25.43 40.12
N LEU A 489 -1.69 26.27 41.07
CA LEU A 489 -1.92 27.69 40.90
C LEU A 489 -0.68 28.48 40.42
N GLY A 490 0.46 27.79 40.32
CA GLY A 490 1.73 28.46 40.04
C GLY A 490 2.22 29.36 41.18
N TRP A 491 1.85 29.01 42.39
CA TRP A 491 2.19 29.80 43.59
C TRP A 491 3.46 29.24 44.21
N SER A 492 4.58 29.70 43.69
CA SER A 492 5.87 29.12 43.95
C SER A 492 6.83 30.00 43.16
N THR A 493 8.13 29.79 43.34
CA THR A 493 9.10 30.63 42.65
C THR A 493 9.84 29.69 41.73
N TYR A 494 9.74 29.95 40.43
CA TYR A 494 10.19 29.03 39.43
C TYR A 494 11.69 29.00 39.24
N GLY A 495 12.19 27.76 39.21
CA GLY A 495 13.52 27.48 38.67
C GLY A 495 14.62 27.64 39.72
N VAL A 496 14.94 28.89 40.00
CA VAL A 496 15.79 29.21 41.15
C VAL A 496 14.82 29.71 42.23
N GLY A 497 14.38 28.80 43.07
CA GLY A 497 13.30 29.12 44.00
C GLY A 497 12.63 27.81 44.40
N ASP A 498 11.62 27.92 45.25
CA ASP A 498 11.05 26.77 45.97
C ASP A 498 10.45 25.71 45.05
N GLN A 499 10.18 26.09 43.79
CA GLN A 499 9.64 25.15 42.81
C GLN A 499 10.67 24.02 42.53
N MET A 500 11.94 24.26 42.82
CA MET A 500 12.94 23.31 42.39
C MET A 500 13.48 22.47 43.55
N SER A 501 13.80 21.19 43.29
CA SER A 501 14.43 20.33 44.32
C SER A 501 15.00 19.06 43.70
N HIS A 502 15.57 18.20 44.52
CA HIS A 502 15.97 16.88 43.98
C HIS A 502 14.86 15.84 44.06
N TYR A 503 13.95 15.95 45.04
CA TYR A 503 12.83 15.03 45.17
C TYR A 503 11.68 15.68 45.91
N ASN A 504 10.48 15.71 45.35
CA ASN A 504 9.40 16.43 46.06
C ASN A 504 8.38 15.53 46.76
N VAL A 505 8.39 15.43 48.10
CA VAL A 505 7.43 14.51 48.72
C VAL A 505 5.99 15.02 48.81
N ASN A 506 5.77 16.33 48.79
CA ASN A 506 4.42 16.89 48.87
C ASN A 506 3.76 17.24 47.55
N ALA A 507 4.45 16.95 46.46
CA ALA A 507 4.02 17.42 45.13
C ALA A 507 2.63 16.94 44.78
N GLY A 508 2.31 15.73 45.24
CA GLY A 508 1.02 15.13 45.01
C GLY A 508 -0.08 15.31 46.04
N VAL A 509 0.21 15.99 47.14
CA VAL A 509 -0.74 16.15 48.24
C VAL A 509 -1.33 17.54 48.18
N PRO A 510 -2.65 17.66 48.11
CA PRO A 510 -3.21 19.02 48.08
C PRO A 510 -3.19 19.66 49.45
N LYS A 511 -3.11 20.99 49.44
CA LYS A 511 -3.03 21.73 50.69
C LYS A 511 -4.12 21.30 51.69
N THR A 512 -5.35 21.12 51.22
CA THR A 512 -6.45 20.80 52.14
C THR A 512 -6.21 19.47 52.86
N LEU A 513 -5.52 18.52 52.22
CA LEU A 513 -5.14 17.29 52.90
C LEU A 513 -3.98 17.38 53.95
N ILE A 514 -3.05 18.31 53.73
CA ILE A 514 -1.81 18.33 54.48
C ILE A 514 -2.09 18.40 55.99
N GLN A 515 -3.02 19.26 56.41
CA GLN A 515 -3.25 19.44 57.83
C GLN A 515 -3.76 18.19 58.49
N HIS A 516 -4.52 17.38 57.73
CA HIS A 516 -5.09 16.15 58.25
C HIS A 516 -4.05 15.04 58.31
N LEU A 517 -3.08 15.10 57.43
CA LEU A 517 -1.94 14.19 57.53
C LEU A 517 -1.17 14.44 58.84
N ILE A 518 -1.00 15.70 59.20
CA ILE A 518 -0.26 16.01 60.41
C ILE A 518 -1.04 15.53 61.62
N ARG A 519 -2.32 15.88 61.66
CA ARG A 519 -3.25 15.34 62.67
C ARG A 519 -3.16 13.83 62.77
N TRP A 520 -3.07 13.16 61.64
CA TRP A 520 -3.03 11.70 61.68
C TRP A 520 -1.74 11.19 62.30
N VAL A 521 -0.62 11.85 61.98
CA VAL A 521 0.67 11.47 62.55
C VAL A 521 0.68 11.66 64.07
N ILE A 522 0.09 12.78 64.51
CA ILE A 522 -0.04 13.11 65.92
C ILE A 522 -0.82 12.03 66.61
N SER A 523 -2.03 11.81 66.11
CA SER A 523 -2.96 10.83 66.67
C SER A 523 -2.36 9.42 66.71
N ALA A 524 -1.66 9.02 65.65
CA ALA A 524 -1.01 7.70 65.70
C ALA A 524 0.05 7.65 66.82
N GLY A 525 0.89 8.70 66.92
CA GLY A 525 1.76 8.88 68.06
C GLY A 525 3.04 8.05 68.20
N GLU A 526 3.55 7.54 67.08
CA GLU A 526 4.83 6.73 67.12
C GLU A 526 6.10 7.59 67.15
N PHE A 527 5.95 8.89 66.89
CA PHE A 527 7.08 9.80 67.07
C PHE A 527 7.28 10.24 68.52
N GLY A 528 6.32 9.93 69.40
CA GLY A 528 6.45 10.30 70.82
C GLY A 528 5.74 11.60 71.18
N GLU A 529 5.55 11.82 72.47
CA GLU A 529 4.66 12.94 72.95
C GLU A 529 5.23 14.34 72.72
N LYS A 530 6.55 14.51 72.84
CA LYS A 530 7.21 15.76 72.51
C LYS A 530 6.91 16.19 71.03
N VAL A 531 7.38 15.38 70.08
CA VAL A 531 7.07 15.59 68.66
C VAL A 531 5.59 15.91 68.51
N GLY A 532 4.75 15.08 69.12
CA GLY A 532 3.31 15.29 69.14
C GLY A 532 2.94 16.73 69.45
N GLU A 533 3.45 17.22 70.60
CA GLU A 533 3.17 18.60 71.08
C GLU A 533 3.71 19.66 70.13
N VAL A 534 4.88 19.43 69.55
CA VAL A 534 5.40 20.42 68.62
C VAL A 534 4.50 20.48 67.40
N LEU A 535 4.08 19.33 66.94
CA LEU A 535 3.31 19.27 65.70
C LEU A 535 1.97 19.94 65.96
N GLN A 536 1.42 19.65 67.14
CA GLN A 536 0.15 20.23 67.53
C GLN A 536 0.27 21.74 67.55
N SER A 537 1.42 22.24 68.00
CA SER A 537 1.72 23.68 68.02
C SER A 537 1.78 24.25 66.61
N VAL A 538 2.42 23.50 65.71
CA VAL A 538 2.47 23.91 64.32
C VAL A 538 1.03 24.08 63.81
N LEU A 539 0.17 23.12 64.15
CA LEU A 539 -1.20 23.20 63.69
C LEU A 539 -1.91 24.44 64.21
N ASP A 540 -1.83 24.61 65.53
CA ASP A 540 -2.48 25.73 66.23
C ASP A 540 -1.99 27.11 65.77
N THR A 541 -0.68 27.21 65.55
CA THR A 541 -0.09 28.42 65.02
C THR A 541 -0.54 28.71 63.58
N GLU A 542 -0.59 27.67 62.75
CA GLU A 542 -0.58 27.90 61.27
C GLU A 542 -1.95 28.11 60.66
N ILE A 543 -2.97 27.56 61.29
CA ILE A 543 -4.34 27.77 60.81
C ILE A 543 -4.94 29.03 61.43
N SER A 558 -1.73 34.95 51.23
CA SER A 558 -1.62 34.00 50.10
C SER A 558 -3.01 33.65 49.63
N GLU A 559 -3.81 33.08 50.53
CA GLU A 559 -5.29 32.94 50.32
C GLU A 559 -5.90 34.36 50.17
N ALA A 560 -5.03 35.35 50.27
CA ALA A 560 -5.34 36.72 49.93
C ALA A 560 -5.49 36.97 48.40
N LYS A 561 -4.55 36.42 47.60
CA LYS A 561 -4.47 36.76 46.18
C LYS A 561 -4.86 35.62 45.27
N VAL A 562 -4.62 34.38 45.69
CA VAL A 562 -5.07 33.20 44.92
C VAL A 562 -6.41 32.61 45.43
N GLY A 563 -6.92 33.14 46.53
CA GLY A 563 -8.21 32.73 47.06
C GLY A 563 -8.14 31.62 48.10
N PRO A 564 -9.29 31.29 48.71
CA PRO A 564 -9.22 30.21 49.70
C PRO A 564 -8.87 28.88 49.06
N PHE A 565 -7.85 28.20 49.59
CA PHE A 565 -7.46 26.87 49.09
C PHE A 565 -8.60 25.80 49.12
N ALA A 566 -9.55 25.91 50.03
CA ALA A 566 -10.70 25.00 50.01
C ALA A 566 -11.41 25.05 48.66
N LEU A 567 -11.60 26.26 48.15
CA LEU A 567 -12.27 26.44 46.84
C LEU A 567 -11.40 26.07 45.60
N GLN A 568 -10.10 26.30 45.69
CA GLN A 568 -9.22 25.99 44.59
C GLN A 568 -8.97 24.49 44.54
N ASP A 569 -8.79 23.84 45.69
CA ASP A 569 -8.67 22.39 45.70
C ASP A 569 -9.95 21.79 45.15
N PHE A 570 -11.10 22.40 45.45
CA PHE A 570 -12.35 21.91 44.89
C PHE A 570 -12.29 21.95 43.33
N SER A 571 -11.94 23.11 42.78
CA SER A 571 -12.00 23.26 41.35
C SER A 571 -10.94 22.35 40.71
N LEU A 572 -9.80 22.27 41.39
CA LEU A 572 -8.70 21.44 40.92
C LEU A 572 -9.17 20.01 40.67
N PHE A 573 -9.83 19.41 41.65
CA PHE A 573 -10.33 18.06 41.46
C PHE A 573 -11.22 17.96 40.21
N GLN A 574 -12.21 18.86 40.10
CA GLN A 574 -13.17 18.81 39.02
C GLN A 574 -12.44 18.89 37.66
N VAL A 575 -11.50 19.83 37.57
CA VAL A 575 -10.70 19.97 36.38
C VAL A 575 -9.81 18.74 36.09
N LEU A 576 -9.06 18.30 37.08
CA LEU A 576 -8.05 17.29 36.85
C LEU A 576 -8.66 15.92 36.62
N ARG A 577 -9.72 15.59 37.35
CA ARG A 577 -10.35 14.26 37.24
C ARG A 577 -11.32 14.20 36.04
N TYR A 578 -12.14 15.24 35.85
CA TYR A 578 -13.26 15.14 34.92
C TYR A 578 -13.24 16.14 33.80
N GLY A 579 -12.40 17.17 33.89
CA GLY A 579 -12.41 18.20 32.85
C GLY A 579 -13.73 18.96 32.76
N PHE A 580 -14.49 19.06 33.84
CA PHE A 580 -15.80 19.72 33.77
C PHE A 580 -15.64 21.19 33.38
N ARG A 581 -16.64 21.71 32.66
CA ARG A 581 -16.58 23.14 32.29
C ARG A 581 -16.73 24.05 33.53
N PRO A 582 -16.28 25.33 33.43
CA PRO A 582 -16.38 26.15 34.63
C PRO A 582 -17.78 26.32 35.20
N SER A 583 -18.81 26.54 34.40
CA SER A 583 -20.18 26.69 34.97
C SER A 583 -20.64 25.47 35.78
N LYS A 584 -20.24 24.28 35.36
CA LYS A 584 -20.59 23.03 36.07
C LYS A 584 -19.81 22.99 37.39
N ILE A 585 -18.56 23.46 37.37
CA ILE A 585 -17.76 23.53 38.61
C ILE A 585 -18.40 24.49 39.63
N ALA A 586 -18.76 25.69 39.17
CA ALA A 586 -19.46 26.68 40.02
C ALA A 586 -20.76 26.09 40.62
N PHE A 587 -21.53 25.37 39.80
CA PHE A 587 -22.76 24.75 40.26
C PHE A 587 -22.47 23.78 41.41
N LEU A 588 -21.53 22.88 41.19
CA LEU A 588 -21.16 21.92 42.25
C LEU A 588 -20.62 22.56 43.55
N ALA A 589 -19.70 23.53 43.41
CA ALA A 589 -19.12 24.22 44.56
C ALA A 589 -20.20 24.93 45.33
N TRP A 590 -21.08 25.61 44.62
CA TRP A 590 -22.17 26.34 45.27
C TRP A 590 -23.05 25.40 46.05
N HIS A 591 -23.47 24.29 45.42
CA HIS A 591 -24.19 23.29 46.22
C HIS A 591 -23.40 22.76 47.45
N ALA A 592 -22.08 22.65 47.38
CA ALA A 592 -21.36 22.12 48.52
C ALA A 592 -21.07 23.15 49.61
N TRP A 593 -20.87 24.42 49.24
CA TRP A 593 -20.22 25.38 50.15
C TRP A 593 -21.13 26.49 50.55
N ASN A 594 -22.24 26.63 49.85
CA ASN A 594 -23.04 27.82 50.02
C ASN A 594 -23.73 27.91 51.41
N ASP A 595 -23.98 26.76 52.03
CA ASP A 595 -24.56 26.69 53.39
C ASP A 595 -23.72 25.80 54.30
N ALA A 596 -23.17 26.39 55.34
CA ALA A 596 -22.29 25.69 56.29
C ALA A 596 -22.99 24.65 57.15
N GLU A 597 -24.31 24.77 57.25
CA GLU A 597 -25.15 23.88 58.14
C GLU A 597 -25.48 22.56 57.48
N ARG A 598 -25.45 22.58 56.14
CA ARG A 598 -25.78 21.43 55.36
C ARG A 598 -24.55 20.65 54.94
N GLY A 599 -24.71 19.35 54.74
CA GLY A 599 -23.59 18.46 54.46
C GLY A 599 -22.67 18.34 55.67
N ASN A 600 -21.71 17.42 55.59
CA ASN A 600 -20.87 17.15 56.73
C ASN A 600 -19.52 17.73 56.46
N TRP A 601 -18.85 18.09 57.53
CA TRP A 601 -17.50 18.56 57.52
C TRP A 601 -16.64 17.40 57.96
N PRO A 602 -15.36 17.38 57.53
CA PRO A 602 -14.43 16.38 58.06
C PRO A 602 -14.15 16.70 59.51
N PRO A 603 -13.52 15.77 60.25
CA PRO A 603 -13.06 16.05 61.62
C PRO A 603 -12.01 17.15 61.63
N GLY A 604 -12.03 18.02 62.63
CA GLY A 604 -10.97 19.00 62.78
C GLY A 604 -11.35 20.40 62.31
N PHE A 605 -12.66 20.64 62.22
CA PHE A 605 -13.19 21.97 61.88
C PHE A 605 -14.04 22.53 63.00
N PRO A 606 -13.44 23.28 63.93
CA PRO A 606 -14.26 23.96 64.94
C PRO A 606 -15.23 24.92 64.21
N LYS A 607 -16.40 25.25 64.79
CA LYS A 607 -17.41 26.09 64.08
C LYS A 607 -16.96 27.48 63.61
N SER A 608 -16.01 28.09 64.30
CA SER A 608 -15.57 29.42 63.87
C SER A 608 -14.88 29.28 62.52
N GLU A 609 -14.58 28.03 62.15
CA GLU A 609 -13.85 27.77 60.84
C GLU A 609 -14.65 26.87 59.90
N ARG A 610 -15.96 27.14 59.84
CA ARG A 610 -16.79 26.51 58.85
C ARG A 610 -17.43 27.61 58.05
N PRO A 611 -16.65 28.15 57.14
CA PRO A 611 -17.07 29.22 56.25
C PRO A 611 -18.14 28.69 55.28
N SER A 612 -19.00 29.59 54.83
CA SER A 612 -19.86 29.37 53.73
C SER A 612 -19.50 30.41 52.63
N TYR A 613 -19.61 30.04 51.34
CA TYR A 613 -19.25 30.98 50.25
C TYR A 613 -20.43 31.34 49.37
N SER A 614 -20.57 32.60 48.98
CA SER A 614 -21.64 32.94 48.03
C SER A 614 -21.27 32.55 46.58
N LEU A 615 -22.24 32.63 45.67
CA LEU A 615 -21.98 32.40 44.27
C LEU A 615 -20.97 33.41 43.77
N ALA A 616 -21.22 34.68 44.11
CA ALA A 616 -20.34 35.75 43.69
C ALA A 616 -18.91 35.39 44.05
N GLU A 617 -18.70 34.84 45.25
CA GLU A 617 -17.30 34.53 45.69
C GLU A 617 -16.73 33.35 44.86
N ILE A 618 -17.52 32.28 44.78
CA ILE A 618 -17.14 31.09 44.03
C ILE A 618 -16.78 31.47 42.60
N ARG A 619 -17.57 32.38 42.04
CA ARG A 619 -17.39 32.83 40.68
C ARG A 619 -16.08 33.62 40.51
N HIS A 620 -15.77 34.42 41.51
CA HIS A 620 -14.59 35.23 41.51
C HIS A 620 -13.33 34.37 41.54
N TRP A 621 -13.23 33.51 42.56
CA TRP A 621 -12.05 32.65 42.70
C TRP A 621 -11.92 31.62 41.55
N LEU A 622 -13.02 31.31 40.88
CA LEU A 622 -12.99 30.42 39.73
C LEU A 622 -12.43 31.07 38.48
N GLN A 623 -12.78 32.35 38.24
CA GLN A 623 -12.07 33.17 37.25
C GLN A 623 -10.57 33.12 37.46
N ILE A 624 -10.18 33.34 38.70
CA ILE A 624 -8.76 33.28 39.02
C ILE A 624 -8.20 31.88 38.81
N PHE A 625 -8.97 30.85 39.17
CA PHE A 625 -8.47 29.49 39.02
C PHE A 625 -8.18 29.13 37.52
N VAL A 626 -9.11 29.44 36.61
CA VAL A 626 -8.94 28.99 35.23
C VAL A 626 -7.79 29.75 34.55
N GLN A 627 -7.69 31.06 34.86
CA GLN A 627 -6.61 31.91 34.37
C GLN A 627 -5.26 31.34 34.83
N ARG A 628 -5.13 31.05 36.11
CA ARG A 628 -3.84 30.58 36.62
C ARG A 628 -3.59 29.13 36.21
N PHE A 629 -4.61 28.29 36.28
CA PHE A 629 -4.38 26.86 36.00
C PHE A 629 -4.05 26.55 34.51
N TYR A 630 -4.89 27.06 33.62
CA TYR A 630 -4.81 26.72 32.16
C TYR A 630 -3.80 27.57 31.38
N SER A 631 -3.62 28.84 31.79
CA SER A 631 -2.73 29.77 31.09
C SER A 631 -1.41 30.08 31.78
N PHE A 632 -1.44 30.66 32.97
CA PHE A 632 -0.20 31.03 33.67
C PHE A 632 0.77 29.93 34.16
N SER A 633 0.27 28.90 34.81
CA SER A 633 1.16 28.09 35.63
C SER A 633 1.86 26.87 35.01
N GLN A 634 1.43 26.46 33.82
CA GLN A 634 1.93 25.20 33.28
C GLN A 634 3.45 25.13 33.14
N PHE A 635 4.05 26.22 32.68
CA PHE A 635 5.50 26.23 32.50
C PHE A 635 6.23 25.81 33.77
N LYS A 636 5.69 26.20 34.94
CA LYS A 636 6.29 25.80 36.22
C LYS A 636 6.14 24.31 36.52
N ARG A 637 5.00 23.76 36.15
CA ARG A 637 4.80 22.30 36.19
C ARG A 637 5.69 21.56 35.15
N SER A 638 5.95 22.21 34.03
CA SER A 638 6.59 21.52 32.92
C SER A 638 8.00 20.97 33.30
N ALA A 639 8.74 21.73 34.10
CA ALA A 639 10.06 21.31 34.54
C ALA A 639 10.00 20.96 36.04
N LEU A 640 9.32 19.88 36.35
CA LEU A 640 9.06 19.49 37.70
C LEU A 640 9.98 18.36 38.21
N PRO A 641 10.55 18.50 39.40
CA PRO A 641 11.31 17.42 40.05
C PRO A 641 10.50 16.12 40.23
N ASN A 642 11.13 15.03 40.63
CA ASN A 642 10.43 13.77 40.82
C ASN A 642 9.67 13.75 42.15
N GLY A 643 8.57 12.99 42.21
CA GLY A 643 7.84 12.78 43.46
C GLY A 643 6.65 11.87 43.17
N PRO A 644 6.13 11.15 44.18
CA PRO A 644 5.04 10.19 43.88
C PRO A 644 3.63 10.78 43.80
N LYS A 645 2.83 10.27 42.85
CA LYS A 645 1.40 10.57 42.75
C LYS A 645 0.69 10.05 43.98
N VAL A 646 -0.32 10.78 44.44
CA VAL A 646 -0.95 10.41 45.69
C VAL A 646 -2.45 10.19 45.60
N SER A 647 -3.17 11.19 45.12
CA SER A 647 -4.64 11.15 45.12
C SER A 647 -5.17 10.44 43.87
N HIS A 648 -6.27 9.71 44.00
CA HIS A 648 -6.97 9.25 42.83
C HIS A 648 -7.46 10.42 41.97
N GLY A 649 -7.57 11.60 42.55
CA GLY A 649 -7.93 12.79 41.80
C GLY A 649 -6.92 13.09 40.71
N GLY A 650 -5.68 12.66 40.92
CA GLY A 650 -4.60 12.83 39.96
C GLY A 650 -3.48 13.66 40.55
N ALA A 651 -2.38 13.77 39.82
CA ALA A 651 -1.28 14.65 40.20
C ALA A 651 -1.10 15.62 39.06
N LEU A 652 0.02 16.32 39.05
CA LEU A 652 0.25 17.37 38.07
C LEU A 652 1.61 17.28 37.41
N SER A 653 2.22 16.09 37.50
CA SER A 653 3.43 15.78 36.75
C SER A 653 3.22 15.76 35.22
N PRO A 654 4.05 16.53 34.49
CA PRO A 654 3.98 16.55 33.03
C PRO A 654 4.44 15.20 32.47
N ARG A 655 5.05 14.36 33.31
CA ARG A 655 5.36 12.97 32.96
C ARG A 655 4.23 11.96 33.37
N GLY A 656 3.08 12.44 33.81
CA GLY A 656 2.06 11.54 34.36
C GLY A 656 0.68 11.98 33.94
N ASP A 657 -0.05 12.53 34.91
CA ASP A 657 -1.45 12.89 34.74
C ASP A 657 -1.73 14.17 33.98
N TRP A 658 -0.76 15.03 33.78
CA TRP A 658 -1.18 16.28 33.19
C TRP A 658 -0.22 16.78 32.13
N ARG A 659 -0.51 16.49 30.87
CA ARG A 659 0.23 16.99 29.69
C ARG A 659 -0.55 18.16 29.08
N ALA A 660 0.10 19.32 29.00
CA ALA A 660 -0.57 20.54 28.56
C ALA A 660 0.46 21.46 28.05
N PRO A 661 0.02 22.45 27.27
CA PRO A 661 0.95 23.44 26.73
C PRO A 661 1.35 24.52 27.76
N SER A 662 2.62 24.92 27.74
CA SER A 662 3.09 25.99 28.59
C SER A 662 2.74 27.35 28.00
N ASP A 663 2.13 27.39 26.82
CA ASP A 663 1.99 28.69 26.15
C ASP A 663 0.58 29.03 25.66
N MET A 664 -0.43 28.68 26.46
CA MET A 664 -1.83 28.71 26.01
C MET A 664 -2.63 29.77 26.73
N SER A 665 -3.60 30.37 26.07
CA SER A 665 -4.47 31.32 26.78
C SER A 665 -5.69 30.62 27.41
N ALA A 666 -6.28 31.25 28.42
CA ALA A 666 -7.44 30.73 29.11
C ALA A 666 -8.75 31.38 28.69
N ARG A 667 -8.73 32.12 27.58
CA ARG A 667 -9.92 32.88 27.15
C ARG A 667 -11.25 32.11 27.13
N ILE A 668 -11.27 30.91 26.55
CA ILE A 668 -12.55 30.21 26.44
C ILE A 668 -13.14 29.88 27.79
N TRP A 669 -12.32 29.48 28.75
CA TRP A 669 -12.83 29.23 30.08
C TRP A 669 -13.37 30.49 30.71
N LEU A 670 -12.64 31.60 30.56
CA LEU A 670 -13.08 32.88 31.12
C LEU A 670 -14.37 33.35 30.46
N ASP A 671 -14.48 33.08 29.16
CA ASP A 671 -15.67 33.46 28.44
C ASP A 671 -16.87 32.58 28.83
N GLN A 672 -16.62 31.31 29.08
CA GLN A 672 -17.70 30.39 29.55
C GLN A 672 -18.30 30.90 30.87
N ILE A 673 -17.43 31.26 31.81
CA ILE A 673 -17.87 31.84 33.08
C ILE A 673 -18.66 33.11 32.85
N ASP A 674 -18.19 33.94 31.95
CA ASP A 674 -18.82 35.22 31.74
C ASP A 674 -20.25 35.04 31.21
N ARG A 675 -20.43 34.08 30.28
CA ARG A 675 -21.72 33.83 29.66
C ARG A 675 -22.68 32.94 30.51
N GLU A 676 -22.13 31.97 31.25
CA GLU A 676 -22.99 30.95 31.92
C GLU A 676 -23.21 31.07 33.44
N VAL A 677 -22.27 31.73 34.16
CA VAL A 677 -22.37 31.85 35.62
C VAL A 677 -22.89 33.23 36.01
N PRO A 678 -24.04 33.27 36.67
CA PRO A 678 -24.63 34.55 37.08
C PRO A 678 -23.63 35.31 37.94
N LYS A 679 -23.71 36.64 37.95
CA LYS A 679 -22.82 37.49 38.77
C LYS A 679 -22.87 37.16 40.28
N GLY A 680 -24.06 36.85 40.78
CA GLY A 680 -24.22 36.39 42.15
C GLY A 680 -25.46 35.54 42.31
N MET B 2 -19.57 25.96 -25.85
CA MET B 2 -18.61 25.79 -24.75
C MET B 2 -17.69 27.02 -24.58
N ASN B 3 -17.27 27.33 -23.33
CA ASN B 3 -16.25 28.36 -23.08
C ASN B 3 -14.84 27.80 -23.13
N PHE B 4 -14.15 28.04 -24.24
CA PHE B 4 -12.85 27.45 -24.45
C PHE B 4 -11.83 27.85 -23.42
N TYR B 5 -12.02 29.03 -22.80
CA TYR B 5 -11.02 29.56 -21.85
C TYR B 5 -11.23 29.14 -20.40
N SER B 6 -12.32 28.41 -20.13
CA SER B 6 -12.63 27.87 -18.78
C SER B 6 -11.87 26.57 -18.48
N ALA B 7 -11.07 26.59 -17.41
CA ALA B 7 -10.31 25.42 -16.97
C ALA B 7 -11.27 24.32 -16.52
N TYR B 8 -12.41 24.69 -15.93
CA TYR B 8 -13.36 23.67 -15.45
C TYR B 8 -13.92 22.90 -16.62
N GLN B 9 -14.22 23.60 -17.71
CA GLN B 9 -14.70 22.90 -18.89
C GLN B 9 -13.69 22.00 -19.55
N HIS B 10 -12.41 22.07 -19.18
CA HIS B 10 -11.40 21.17 -19.80
C HIS B 10 -10.99 20.08 -18.84
N GLY B 11 -11.80 19.86 -17.80
CA GLY B 11 -11.58 18.77 -16.83
C GLY B 11 -10.60 19.11 -15.69
N PHE B 12 -10.33 20.40 -15.54
CA PHE B 12 -9.46 20.81 -14.45
C PHE B 12 -10.30 21.02 -13.18
N VAL B 13 -9.74 20.64 -12.04
CA VAL B 13 -10.33 21.00 -10.76
C VAL B 13 -9.30 21.77 -9.99
N ARG B 14 -9.71 22.94 -9.48
CA ARG B 14 -8.85 23.81 -8.70
C ARG B 14 -8.91 23.51 -7.19
N VAL B 15 -7.76 23.18 -6.66
CA VAL B 15 -7.57 22.61 -5.36
C VAL B 15 -6.63 23.49 -4.51
N ALA B 16 -6.92 23.62 -3.21
CA ALA B 16 -6.10 24.45 -2.29
C ALA B 16 -5.73 23.71 -1.02
N ALA B 17 -4.45 23.67 -0.69
CA ALA B 17 -3.99 23.18 0.60
C ALA B 17 -3.61 24.40 1.41
N CYS B 18 -4.25 24.61 2.57
CA CYS B 18 -4.04 25.85 3.35
C CYS B 18 -3.44 25.62 4.74
N THR B 19 -2.45 26.43 5.10
CA THR B 19 -2.00 26.43 6.50
C THR B 19 -2.39 27.74 7.19
N HIS B 20 -3.21 27.63 8.22
CA HIS B 20 -3.86 28.79 8.83
C HIS B 20 -3.15 29.24 10.11
N HIS B 21 -3.57 30.36 10.68
CA HIS B 21 -2.98 30.75 11.97
C HIS B 21 -3.58 30.01 13.17
N THR B 22 -2.80 29.14 13.80
CA THR B 22 -3.28 28.39 14.93
C THR B 22 -3.31 29.26 16.16
N THR B 23 -4.45 29.32 16.83
CA THR B 23 -4.48 29.81 18.24
C THR B 23 -4.83 28.67 19.18
N ILE B 24 -3.84 28.09 19.88
CA ILE B 24 -4.13 26.84 20.61
C ILE B 24 -5.16 27.06 21.69
N GLY B 25 -6.02 26.06 21.91
CA GLY B 25 -7.11 26.21 22.84
C GLY B 25 -8.17 27.26 22.51
N ASP B 26 -8.20 27.80 21.30
CA ASP B 26 -9.21 28.83 21.01
C ASP B 26 -9.86 28.63 19.61
N PRO B 27 -10.91 27.79 19.54
CA PRO B 27 -11.61 27.39 18.33
C PRO B 27 -12.24 28.52 17.57
N ALA B 28 -12.78 29.55 18.21
CA ALA B 28 -13.41 30.65 17.44
C ALA B 28 -12.32 31.45 16.72
N ALA B 29 -11.16 31.60 17.34
CA ALA B 29 -10.05 32.24 16.63
C ALA B 29 -9.58 31.40 15.44
N ASN B 30 -9.46 30.07 15.60
CA ASN B 30 -9.00 29.23 14.50
C ASN B 30 -10.02 29.23 13.36
N ALA B 31 -11.28 29.21 13.73
CA ALA B 31 -12.35 29.23 12.73
C ALA B 31 -12.36 30.54 11.94
N ALA B 32 -12.09 31.66 12.63
CA ALA B 32 -11.94 32.94 11.97
C ALA B 32 -10.78 32.94 10.95
N SER B 33 -9.66 32.30 11.26
CA SER B 33 -8.52 32.20 10.33
C SER B 33 -8.95 31.27 9.15
N VAL B 34 -9.62 30.16 9.48
CA VAL B 34 -10.14 29.25 8.47
C VAL B 34 -11.12 29.93 7.54
N LEU B 35 -12.03 30.74 8.08
CA LEU B 35 -13.04 31.40 7.25
C LEU B 35 -12.40 32.44 6.28
N ASP B 36 -11.42 33.19 6.80
CA ASP B 36 -10.70 34.15 5.95
C ASP B 36 -9.99 33.44 4.77
N MET B 37 -9.30 32.33 5.04
CA MET B 37 -8.60 31.62 3.97
C MET B 37 -9.58 30.96 2.96
N ALA B 38 -10.67 30.39 3.48
CA ALA B 38 -11.75 29.83 2.67
C ALA B 38 -12.40 30.86 1.76
N ARG B 39 -12.54 32.09 2.22
CA ARG B 39 -13.05 33.16 1.37
C ARG B 39 -12.08 33.47 0.27
N ALA B 40 -10.79 33.32 0.56
CA ALA B 40 -9.79 33.54 -0.49
C ALA B 40 -9.86 32.40 -1.53
N CYS B 41 -9.87 31.17 -1.05
CA CYS B 41 -9.99 30.01 -1.92
C CYS B 41 -11.25 30.15 -2.78
N HIS B 42 -12.34 30.62 -2.19
CA HIS B 42 -13.55 30.93 -2.97
C HIS B 42 -13.29 31.94 -4.09
N ASP B 43 -12.75 33.09 -3.73
CA ASP B 43 -12.45 34.09 -4.75
C ASP B 43 -11.58 33.57 -5.87
N ASP B 44 -10.68 32.64 -5.56
CA ASP B 44 -9.84 31.96 -6.60
C ASP B 44 -10.55 30.91 -7.47
N GLY B 45 -11.83 30.65 -7.18
CA GLY B 45 -12.59 29.59 -7.83
C GLY B 45 -12.19 28.16 -7.43
N ALA B 46 -11.65 27.98 -6.22
CA ALA B 46 -11.17 26.65 -5.82
C ALA B 46 -12.35 25.77 -5.45
N ALA B 47 -12.20 24.47 -5.69
CA ALA B 47 -13.29 23.52 -5.45
C ALA B 47 -13.12 22.79 -4.11
N LEU B 48 -11.95 22.95 -3.55
CA LEU B 48 -11.51 22.18 -2.39
C LEU B 48 -10.49 23.01 -1.61
N ALA B 49 -10.60 23.00 -0.29
CA ALA B 49 -9.63 23.66 0.60
C ALA B 49 -9.41 22.75 1.80
N VAL B 50 -8.20 22.23 1.93
CA VAL B 50 -7.83 21.28 2.93
C VAL B 50 -6.99 22.04 3.97
N PHE B 51 -7.32 21.89 5.25
CA PHE B 51 -6.63 22.53 6.36
C PHE B 51 -5.80 21.56 7.21
N PRO B 52 -5.09 22.07 8.21
CA PRO B 52 -4.21 21.10 8.89
C PRO B 52 -4.95 20.27 9.95
N GLU B 53 -4.27 19.22 10.43
CA GLU B 53 -4.86 18.26 11.44
C GLU B 53 -5.38 19.01 12.67
N LEU B 54 -6.54 18.65 13.21
CA LEU B 54 -7.07 19.30 14.41
C LEU B 54 -7.13 20.80 14.26
N THR B 55 -7.37 21.26 13.04
CA THR B 55 -7.53 22.72 12.81
C THR B 55 -8.25 23.53 13.93
N LEU B 56 -9.34 22.99 14.49
CA LEU B 56 -10.18 23.88 15.24
C LEU B 56 -9.76 24.00 16.70
N SER B 57 -8.93 23.09 17.14
CA SER B 57 -8.52 23.10 18.51
C SER B 57 -7.09 23.52 18.63
N GLY B 58 -6.34 23.18 17.59
CA GLY B 58 -4.87 23.13 17.63
C GLY B 58 -4.46 21.69 17.91
N TYR B 59 -3.39 21.26 17.27
CA TYR B 59 -3.05 19.82 17.27
C TYR B 59 -2.25 19.52 18.53
N SER B 60 -1.51 20.53 19.00
CA SER B 60 -0.47 20.32 20.01
C SER B 60 -0.92 20.46 21.48
N ILE B 61 -2.21 20.62 21.71
CA ILE B 61 -2.67 20.90 23.07
C ILE B 61 -2.77 19.71 24.05
N GLU B 62 -2.51 18.50 23.61
CA GLU B 62 -2.40 17.36 24.58
C GLU B 62 -3.68 17.11 25.46
N ASP B 63 -3.52 17.01 26.80
CA ASP B 63 -4.66 16.74 27.66
C ASP B 63 -5.71 17.85 27.61
N VAL B 64 -5.36 19.01 27.07
CA VAL B 64 -6.39 20.05 26.98
C VAL B 64 -7.55 19.63 26.05
N LEU B 65 -7.25 18.75 25.08
CA LEU B 65 -8.28 18.16 24.21
C LEU B 65 -9.48 17.52 24.98
N LEU B 66 -9.22 17.09 26.24
CA LEU B 66 -10.20 16.31 26.99
C LEU B 66 -11.03 17.21 27.90
N GLN B 67 -10.95 18.51 27.68
CA GLN B 67 -11.57 19.46 28.58
C GLN B 67 -12.90 19.80 27.99
N ASP B 68 -13.96 19.62 28.74
CA ASP B 68 -15.28 19.96 28.22
C ASP B 68 -15.40 21.35 27.56
N SER B 69 -14.83 22.40 28.15
CA SER B 69 -15.06 23.71 27.55
C SER B 69 -14.44 23.73 26.18
N LEU B 70 -13.37 22.95 26.02
CA LEU B 70 -12.62 23.01 24.78
C LEU B 70 -13.48 22.26 23.74
N LEU B 71 -13.88 21.03 24.10
CA LEU B 71 -14.73 20.24 23.23
C LEU B 71 -15.97 20.98 22.87
N ASP B 72 -16.57 21.60 23.85
CA ASP B 72 -17.72 22.46 23.56
C ASP B 72 -17.44 23.60 22.58
N ALA B 73 -16.34 24.31 22.79
CA ALA B 73 -16.04 25.46 21.95
C ALA B 73 -15.83 24.95 20.51
N VAL B 74 -15.16 23.80 20.36
CA VAL B 74 -14.93 23.24 19.03
C VAL B 74 -16.23 23.07 18.32
N GLU B 75 -17.21 22.43 18.98
CA GLU B 75 -18.52 22.22 18.31
C GLU B 75 -19.16 23.55 17.89
N ASP B 76 -19.12 24.57 18.74
CA ASP B 76 -19.82 25.80 18.39
C ASP B 76 -19.18 26.44 17.20
N ALA B 77 -17.87 26.35 17.17
CA ALA B 77 -17.11 27.00 16.13
C ALA B 77 -17.34 26.25 14.79
N LEU B 78 -17.30 24.92 14.86
CA LEU B 78 -17.54 24.11 13.69
C LEU B 78 -18.92 24.42 13.07
N LEU B 79 -19.95 24.55 13.91
CA LEU B 79 -21.26 24.90 13.41
C LEU B 79 -21.40 26.28 12.82
N ASP B 80 -20.73 27.28 13.40
CA ASP B 80 -20.56 28.58 12.68
C ASP B 80 -19.95 28.47 11.28
N LEU B 81 -18.84 27.75 11.15
CA LEU B 81 -18.23 27.52 9.82
C LEU B 81 -19.25 26.91 8.86
N VAL B 82 -19.92 25.85 9.30
CA VAL B 82 -20.90 25.21 8.44
C VAL B 82 -21.90 26.25 7.93
N THR B 83 -22.44 27.08 8.80
CA THR B 83 -23.36 28.13 8.38
C THR B 83 -22.71 29.08 7.39
N GLU B 84 -21.46 29.49 7.67
CA GLU B 84 -20.80 30.40 6.71
C GLU B 84 -20.61 29.75 5.37
N SER B 85 -20.45 28.43 5.36
CA SER B 85 -20.10 27.77 4.11
C SER B 85 -21.20 27.82 3.06
N ALA B 86 -22.39 28.25 3.46
CA ALA B 86 -23.54 28.30 2.57
C ALA B 86 -23.28 29.21 1.38
N ASP B 87 -22.39 30.18 1.57
CA ASP B 87 -22.03 31.09 0.48
C ASP B 87 -20.63 30.85 -0.12
N LEU B 88 -20.02 29.74 0.23
CA LEU B 88 -18.66 29.46 -0.23
C LEU B 88 -18.67 28.35 -1.30
N LEU B 89 -17.91 28.57 -2.37
CA LEU B 89 -17.82 27.59 -3.46
C LEU B 89 -17.16 26.26 -3.03
N PRO B 90 -16.01 26.31 -2.34
CA PRO B 90 -15.27 25.05 -2.18
C PRO B 90 -15.77 24.15 -1.09
N VAL B 91 -15.57 22.86 -1.28
CA VAL B 91 -15.66 21.88 -0.20
C VAL B 91 -14.51 22.20 0.78
N LEU B 92 -14.82 22.31 2.06
CA LEU B 92 -13.84 22.63 3.11
C LEU B 92 -13.54 21.37 3.90
N VAL B 93 -12.28 21.02 4.05
CA VAL B 93 -11.97 19.89 4.87
C VAL B 93 -11.26 20.41 6.12
N VAL B 94 -11.94 20.48 7.26
CA VAL B 94 -11.38 21.08 8.49
C VAL B 94 -11.20 20.06 9.64
N GLY B 95 -10.09 20.14 10.36
CA GLY B 95 -9.80 19.21 11.46
C GLY B 95 -10.52 19.62 12.76
N ALA B 96 -10.91 18.65 13.59
CA ALA B 96 -11.64 18.93 14.82
C ALA B 96 -11.64 17.69 15.69
N PRO B 97 -11.38 17.85 16.99
CA PRO B 97 -11.55 16.73 17.90
C PRO B 97 -13.06 16.67 18.21
N LEU B 98 -13.71 15.54 17.86
CA LEU B 98 -15.15 15.39 18.02
C LEU B 98 -15.49 14.18 18.83
N ARG B 99 -16.49 14.37 19.69
CA ARG B 99 -16.94 13.28 20.54
C ARG B 99 -17.90 12.39 19.79
N HIS B 100 -17.66 11.10 19.94
CA HIS B 100 -18.56 10.14 19.40
C HIS B 100 -18.57 8.83 20.24
N ARG B 101 -19.76 8.28 20.50
CA ARG B 101 -19.82 7.17 21.42
C ARG B 101 -19.09 7.44 22.79
N HIS B 102 -17.98 6.72 23.06
CA HIS B 102 -17.27 6.82 24.35
C HIS B 102 -16.17 7.86 24.35
N ARG B 103 -15.60 8.14 23.18
CA ARG B 103 -14.34 8.91 23.13
C ARG B 103 -14.32 10.09 22.20
N ILE B 104 -13.18 10.81 22.18
CA ILE B 104 -13.00 11.76 21.10
C ILE B 104 -12.19 11.14 19.96
N TYR B 105 -12.63 11.49 18.77
CA TYR B 105 -11.89 11.12 17.57
C TYR B 105 -11.18 12.34 16.97
N ASN B 106 -10.03 12.07 16.40
CA ASN B 106 -9.24 13.06 15.67
C ASN B 106 -9.86 13.03 14.28
N THR B 107 -10.71 14.00 13.97
CA THR B 107 -11.43 13.89 12.71
C THR B 107 -11.22 15.02 11.66
N ALA B 108 -11.59 14.74 10.40
CA ALA B 108 -11.71 15.74 9.39
C ALA B 108 -13.18 15.92 9.09
N VAL B 109 -13.65 17.15 9.13
CA VAL B 109 -15.05 17.38 8.82
C VAL B 109 -15.15 17.93 7.41
N VAL B 110 -15.88 17.24 6.54
CA VAL B 110 -16.01 17.69 5.14
C VAL B 110 -17.26 18.52 4.98
N ILE B 111 -17.10 19.76 4.59
CA ILE B 111 -18.19 20.74 4.70
C ILE B 111 -18.47 21.32 3.35
N HIS B 112 -19.72 21.56 3.04
CA HIS B 112 -20.02 22.05 1.72
C HIS B 112 -21.37 22.72 1.60
N ARG B 113 -21.34 23.99 1.25
CA ARG B 113 -22.57 24.72 1.00
C ARG B 113 -23.59 24.60 2.12
N GLY B 114 -23.16 24.83 3.37
CA GLY B 114 -24.09 24.84 4.48
C GLY B 114 -24.41 23.47 5.11
N ALA B 115 -23.77 22.41 4.66
CA ALA B 115 -23.97 21.10 5.24
C ALA B 115 -22.64 20.41 5.52
N VAL B 116 -22.68 19.48 6.46
CA VAL B 116 -21.58 18.59 6.66
C VAL B 116 -21.89 17.39 5.79
N LEU B 117 -21.01 17.07 4.85
CA LEU B 117 -21.13 15.90 3.99
C LEU B 117 -20.69 14.64 4.71
N GLY B 118 -19.76 14.74 5.65
CA GLY B 118 -19.19 13.55 6.27
C GLY B 118 -18.20 13.87 7.38
N VAL B 119 -17.83 12.88 8.17
CA VAL B 119 -16.85 13.10 9.18
C VAL B 119 -15.92 11.90 9.19
N VAL B 120 -14.63 12.16 8.96
CA VAL B 120 -13.63 11.10 8.84
C VAL B 120 -12.65 11.10 10.01
N PRO B 121 -12.53 9.97 10.69
CA PRO B 121 -11.61 9.86 11.82
C PRO B 121 -10.27 9.35 11.40
N LYS B 122 -9.22 9.82 12.05
CA LYS B 122 -7.88 9.33 11.73
C LYS B 122 -7.90 7.86 12.09
N SER B 123 -7.13 6.99 11.41
CA SER B 123 -7.19 5.53 11.61
C SER B 123 -6.07 5.07 12.49
N TYR B 124 -4.93 5.70 12.33
CA TYR B 124 -3.74 5.24 13.00
C TYR B 124 -3.17 6.40 13.81
N LEU B 125 -3.02 6.15 15.13
CA LEU B 125 -2.73 7.21 16.11
C LEU B 125 -1.35 6.94 16.73
N PRO B 126 -0.35 7.68 16.26
CA PRO B 126 1.03 7.39 16.70
C PRO B 126 1.19 7.65 18.22
N THR B 127 1.87 6.72 18.87
CA THR B 127 2.08 6.77 20.31
C THR B 127 3.45 6.20 20.52
N TYR B 128 4.43 7.02 20.14
CA TYR B 128 5.85 6.69 20.16
C TYR B 128 6.59 8.00 19.93
N ARG B 129 7.86 7.98 20.28
CA ARG B 129 8.72 9.16 20.08
C ARG B 129 8.06 10.45 20.58
N GLU B 130 7.81 11.42 19.73
CA GLU B 130 7.24 12.70 20.30
C GLU B 130 5.74 12.66 20.26
N PHE B 131 5.14 11.53 19.84
CA PHE B 131 3.70 11.45 19.64
C PHE B 131 2.97 10.68 20.72
N TYR B 132 1.85 11.23 21.19
CA TYR B 132 1.11 10.64 22.35
C TYR B 132 -0.39 10.48 22.09
N GLU B 133 -0.76 10.27 20.83
CA GLU B 133 -2.17 10.46 20.39
C GLU B 133 -3.18 9.47 21.02
N ARG B 134 -2.75 8.23 21.28
CA ARG B 134 -3.72 7.28 21.80
C ARG B 134 -4.14 7.70 23.20
N ARG B 135 -3.30 8.49 23.87
CA ARG B 135 -3.68 8.93 25.20
C ARG B 135 -5.01 9.71 25.19
N GLN B 136 -5.19 10.64 24.25
CA GLN B 136 -6.41 11.44 24.25
C GLN B 136 -7.47 10.94 23.26
N MET B 137 -7.07 10.24 22.22
CA MET B 137 -8.01 10.01 21.12
C MET B 137 -8.14 8.55 20.74
N ALA B 138 -9.31 8.22 20.21
CA ALA B 138 -9.60 6.85 19.73
C ALA B 138 -9.28 6.64 18.24
N PRO B 139 -8.70 5.46 17.88
CA PRO B 139 -8.49 4.99 16.50
C PRO B 139 -9.85 4.90 15.77
N GLY B 140 -9.87 5.34 14.53
CA GLY B 140 -11.08 5.47 13.74
C GLY B 140 -11.20 4.29 12.78
N ASP B 141 -10.20 3.40 12.76
CA ASP B 141 -10.18 2.33 11.74
C ASP B 141 -11.22 1.30 12.07
N GLY B 142 -12.08 0.99 11.11
CA GLY B 142 -13.16 0.08 11.39
C GLY B 142 -14.40 0.76 11.92
N GLU B 143 -14.39 2.08 12.08
CA GLU B 143 -15.64 2.77 12.47
C GLU B 143 -16.47 3.17 11.25
N ARG B 144 -17.78 2.93 11.37
CA ARG B 144 -18.71 3.26 10.30
C ARG B 144 -19.93 3.93 10.86
N GLY B 145 -21.01 3.97 10.11
CA GLY B 145 -22.21 4.52 10.70
C GLY B 145 -22.34 6.02 10.53
N THR B 146 -22.89 6.71 11.53
CA THR B 146 -23.11 8.16 11.46
C THR B 146 -22.72 8.76 12.77
N ILE B 147 -22.73 10.10 12.81
CA ILE B 147 -22.32 10.84 13.98
C ILE B 147 -23.29 12.00 13.98
N ARG B 148 -23.63 12.52 15.15
CA ARG B 148 -24.59 13.60 15.16
C ARG B 148 -23.88 14.92 15.32
N ILE B 149 -24.14 15.81 14.37
CA ILE B 149 -23.45 17.09 14.34
C ILE B 149 -24.49 18.16 14.19
N GLY B 150 -24.66 18.98 15.23
CA GLY B 150 -25.63 20.06 15.18
C GLY B 150 -26.96 19.59 14.63
N GLY B 151 -27.55 18.62 15.34
CA GLY B 151 -28.89 18.15 15.03
C GLY B 151 -29.09 17.27 13.80
N ALA B 152 -28.02 16.89 13.13
CA ALA B 152 -28.14 16.03 11.94
C ALA B 152 -27.28 14.78 11.98
N ASP B 153 -27.74 13.70 11.36
CA ASP B 153 -26.93 12.49 11.29
C ASP B 153 -26.16 12.50 9.99
N VAL B 154 -24.83 12.57 10.09
CA VAL B 154 -24.01 12.60 8.91
C VAL B 154 -23.11 11.39 8.94
N ALA B 155 -22.77 10.94 7.73
CA ALA B 155 -21.90 9.82 7.56
C ALA B 155 -20.59 9.96 8.38
N PHE B 156 -20.19 8.86 9.02
CA PHE B 156 -18.98 8.86 9.84
C PHE B 156 -18.14 7.64 9.48
N GLY B 157 -16.87 7.82 9.15
CA GLY B 157 -16.04 6.63 9.03
C GLY B 157 -14.92 6.70 8.02
N THR B 158 -14.14 5.62 7.98
CA THR B 158 -12.96 5.58 7.16
C THR B 158 -13.23 5.20 5.69
N ASP B 159 -14.49 4.92 5.43
CA ASP B 159 -14.97 4.36 4.16
C ASP B 159 -15.73 5.38 3.26
N LEU B 160 -15.34 6.65 3.23
CA LEU B 160 -16.23 7.64 2.62
C LEU B 160 -15.64 8.18 1.37
N LEU B 161 -16.46 8.41 0.35
CA LEU B 161 -16.01 9.05 -0.88
C LEU B 161 -16.92 10.21 -1.14
N PHE B 162 -16.37 11.35 -1.48
CA PHE B 162 -17.20 12.50 -1.78
C PHE B 162 -17.13 12.80 -3.29
N ALA B 163 -18.17 12.43 -4.03
CA ALA B 163 -18.16 12.57 -5.49
C ALA B 163 -18.97 13.76 -5.96
N ALA B 164 -18.34 14.60 -6.76
CA ALA B 164 -19.02 15.74 -7.37
C ALA B 164 -19.91 15.21 -8.48
N SER B 165 -21.22 15.50 -8.43
CA SER B 165 -22.20 14.92 -9.36
C SER B 165 -22.10 15.59 -10.73
N ASP B 166 -21.67 16.85 -10.75
CA ASP B 166 -21.37 17.52 -12.03
C ASP B 166 -19.90 17.46 -12.46
N LEU B 167 -19.01 16.89 -11.65
CA LEU B 167 -17.58 16.76 -12.08
C LEU B 167 -17.05 15.36 -11.88
N PRO B 168 -17.53 14.43 -12.68
CA PRO B 168 -17.27 13.01 -12.48
C PRO B 168 -15.79 12.66 -12.19
N GLY B 169 -14.83 13.44 -12.70
CA GLY B 169 -13.45 13.14 -12.45
C GLY B 169 -12.97 13.45 -11.03
N PHE B 170 -13.74 14.25 -10.30
CA PHE B 170 -13.40 14.68 -8.92
C PHE B 170 -14.07 13.82 -7.85
N VAL B 171 -13.35 12.82 -7.36
CA VAL B 171 -13.82 12.00 -6.28
C VAL B 171 -12.84 12.08 -5.09
N LEU B 172 -13.26 12.71 -3.99
CA LEU B 172 -12.40 13.02 -2.83
C LEU B 172 -12.38 11.90 -1.80
N HIS B 173 -11.20 11.48 -1.34
CA HIS B 173 -11.08 10.68 -0.14
C HIS B 173 -10.25 11.49 0.86
N VAL B 174 -10.49 11.37 2.14
CA VAL B 174 -9.72 12.14 3.12
C VAL B 174 -9.04 11.23 4.14
N GLU B 175 -7.75 11.42 4.38
CA GLU B 175 -7.11 10.65 5.49
C GLU B 175 -6.35 11.65 6.35
N ILE B 176 -5.71 11.17 7.43
CA ILE B 176 -5.10 12.10 8.36
C ILE B 176 -3.69 11.73 8.76
N ALA B 177 -2.72 12.64 8.47
CA ALA B 177 -1.37 12.51 8.95
C ALA B 177 -0.79 11.12 8.83
N GLU B 178 -0.50 10.50 9.97
CA GLU B 178 0.01 9.09 10.04
C GLU B 178 -0.69 8.10 9.13
N ASP B 179 -1.96 8.32 8.79
CA ASP B 179 -2.64 7.41 7.87
C ASP B 179 -1.82 7.09 6.60
N MET B 180 -1.05 8.06 6.15
CA MET B 180 -0.36 7.94 4.87
C MET B 180 0.96 7.20 5.01
N PHE B 181 1.37 6.89 6.25
CA PHE B 181 2.71 6.37 6.52
C PHE B 181 2.75 4.89 6.81
N VAL B 182 1.58 4.26 6.94
CA VAL B 182 1.57 2.82 7.23
C VAL B 182 1.68 1.98 5.93
N PRO B 183 2.20 0.76 6.04
CA PRO B 183 2.34 -0.09 4.86
C PRO B 183 1.05 -0.15 4.01
N MET B 184 -0.15 -0.19 4.56
CA MET B 184 -1.40 -0.22 3.78
C MET B 184 -2.36 0.87 4.21
N PRO B 185 -2.17 2.06 3.65
CA PRO B 185 -2.92 3.26 3.99
C PRO B 185 -4.37 3.26 3.49
N PRO B 186 -5.26 3.85 4.27
CA PRO B 186 -6.64 4.08 3.85
C PRO B 186 -6.77 4.62 2.40
N SER B 187 -5.90 5.56 2.05
CA SER B 187 -6.01 6.28 0.77
C SER B 187 -5.77 5.34 -0.45
N ALA B 188 -4.95 4.28 -0.27
CA ALA B 188 -4.67 3.35 -1.37
C ALA B 188 -5.92 2.51 -1.61
N GLU B 189 -6.61 2.10 -0.55
CA GLU B 189 -7.90 1.37 -0.80
C GLU B 189 -8.92 2.33 -1.41
N ALA B 190 -8.95 3.58 -0.97
CA ALA B 190 -9.90 4.52 -1.56
C ALA B 190 -9.66 4.81 -3.05
N ALA B 191 -8.39 4.81 -3.47
CA ALA B 191 -8.07 5.11 -4.87
C ALA B 191 -8.64 3.97 -5.71
N LEU B 192 -8.25 2.74 -5.36
CA LEU B 192 -8.83 1.53 -5.92
C LEU B 192 -10.33 1.62 -5.99
N ALA B 193 -10.96 2.28 -5.04
CA ALA B 193 -12.41 2.27 -5.01
C ALA B 193 -12.99 3.40 -5.82
N GLY B 194 -12.12 4.26 -6.31
CA GLY B 194 -12.62 5.38 -7.08
C GLY B 194 -12.10 6.77 -6.79
N ALA B 195 -11.34 6.96 -5.72
CA ALA B 195 -11.05 8.33 -5.34
C ALA B 195 -9.97 8.79 -6.25
N THR B 196 -10.13 9.99 -6.79
CA THR B 196 -9.14 10.60 -7.67
C THR B 196 -8.28 11.68 -6.98
N VAL B 197 -8.86 12.32 -5.97
CA VAL B 197 -8.17 13.33 -5.19
C VAL B 197 -8.08 12.87 -3.74
N LEU B 198 -6.85 12.71 -3.24
CA LEU B 198 -6.62 12.27 -1.88
C LEU B 198 -6.16 13.41 -1.02
N ALA B 199 -6.96 13.82 -0.05
CA ALA B 199 -6.55 14.84 0.92
C ALA B 199 -5.93 14.28 2.22
N ASN B 200 -4.95 15.01 2.73
CA ASN B 200 -4.30 14.68 3.99
C ASN B 200 -4.21 15.93 4.89
N LEU B 201 -4.89 15.91 6.04
CA LEU B 201 -4.70 16.95 7.07
C LEU B 201 -3.60 16.48 8.01
N SER B 202 -2.54 17.28 8.12
CA SER B 202 -1.38 16.91 8.94
C SER B 202 -1.07 17.91 10.08
N GLY B 203 -0.58 17.40 11.23
CA GLY B 203 0.00 18.25 12.30
C GLY B 203 1.49 18.37 11.98
N SER B 204 2.17 17.25 12.26
CA SER B 204 3.49 16.98 11.68
C SER B 204 4.50 17.98 12.21
N PRO B 205 4.85 17.82 13.49
CA PRO B 205 5.91 18.68 14.00
C PRO B 205 7.14 18.49 13.13
N ILE B 206 7.86 19.57 12.83
CA ILE B 206 8.98 19.50 11.89
C ILE B 206 10.21 19.04 12.64
N THR B 207 10.95 18.12 12.04
CA THR B 207 12.22 17.66 12.56
C THR B 207 13.20 17.69 11.40
N ILE B 208 14.50 17.62 11.67
CA ILE B 208 15.47 17.52 10.58
C ILE B 208 15.08 16.32 9.76
N GLY B 209 14.94 16.51 8.44
CA GLY B 209 14.73 15.40 7.53
C GLY B 209 13.25 14.98 7.35
N ARG B 210 12.34 15.58 8.09
CA ARG B 210 10.97 15.14 8.03
C ARG B 210 10.28 15.63 6.77
N ALA B 211 10.68 16.81 6.29
CA ALA B 211 10.06 17.37 5.09
C ALA B 211 10.30 16.42 3.90
N GLU B 212 11.47 15.78 3.91
CA GLU B 212 11.86 14.85 2.84
C GLU B 212 11.00 13.61 2.97
N ASP B 213 10.68 13.26 4.20
CA ASP B 213 9.85 12.07 4.39
C ASP B 213 8.43 12.32 3.93
N ARG B 214 7.92 13.51 4.20
CA ARG B 214 6.59 13.87 3.76
C ARG B 214 6.49 13.79 2.26
N ARG B 215 7.47 14.36 1.60
CA ARG B 215 7.49 14.40 0.18
C ARG B 215 7.59 13.02 -0.43
N LEU B 216 8.41 12.15 0.15
CA LEU B 216 8.64 10.85 -0.43
C LEU B 216 7.31 10.08 -0.41
N LEU B 217 6.61 10.16 0.72
CA LEU B 217 5.37 9.44 0.91
C LEU B 217 4.22 10.12 0.19
N ALA B 218 4.08 11.45 0.25
CA ALA B 218 2.96 12.03 -0.51
C ALA B 218 3.16 11.85 -2.06
N ARG B 219 4.40 11.86 -2.48
CA ARG B 219 4.67 11.76 -3.87
C ARG B 219 4.47 10.34 -4.37
N SER B 220 5.06 9.37 -3.67
CA SER B 220 4.85 7.99 -4.07
C SER B 220 3.36 7.59 -3.99
N ALA B 221 2.64 8.11 -3.02
CA ALA B 221 1.21 7.86 -2.92
C ALA B 221 0.53 8.36 -4.19
N SER B 222 0.94 9.53 -4.70
CA SER B 222 0.20 10.12 -5.80
C SER B 222 0.51 9.34 -7.08
N ALA B 223 1.72 8.79 -7.16
CA ALA B 223 2.14 8.02 -8.33
C ALA B 223 1.58 6.61 -8.33
N ARG B 224 1.66 5.92 -7.19
CA ARG B 224 1.08 4.57 -7.03
C ARG B 224 -0.43 4.57 -7.20
N CYS B 225 -1.09 5.59 -6.68
CA CYS B 225 -2.56 5.64 -6.68
C CYS B 225 -3.13 6.44 -7.84
N LEU B 226 -2.27 6.82 -8.77
CA LEU B 226 -2.72 7.60 -9.96
C LEU B 226 -3.68 8.72 -9.59
N ALA B 227 -3.26 9.54 -8.64
CA ALA B 227 -4.16 10.49 -8.03
C ALA B 227 -3.46 11.78 -7.79
N ALA B 228 -4.26 12.81 -7.54
CA ALA B 228 -3.80 14.03 -6.89
C ALA B 228 -3.73 13.79 -5.35
N TYR B 229 -2.67 14.26 -4.73
CA TYR B 229 -2.52 14.18 -3.27
C TYR B 229 -2.31 15.60 -2.72
N VAL B 230 -3.17 16.04 -1.81
CA VAL B 230 -3.27 17.41 -1.35
C VAL B 230 -2.97 17.39 0.15
N TYR B 231 -1.92 18.08 0.57
CA TYR B 231 -1.32 17.91 1.89
C TYR B 231 -1.08 19.25 2.63
N ALA B 232 -1.63 19.36 3.83
CA ALA B 232 -1.48 20.61 4.61
C ALA B 232 -0.99 20.31 6.04
N ALA B 233 0.15 20.90 6.42
CA ALA B 233 0.65 20.76 7.81
C ALA B 233 0.44 22.04 8.66
N ALA B 234 0.45 21.83 9.98
CA ALA B 234 0.24 22.94 10.88
C ALA B 234 1.51 23.84 10.87
N GLY B 235 1.32 25.16 11.04
CA GLY B 235 2.45 26.07 11.20
C GLY B 235 2.47 26.90 12.48
N GLU B 236 2.37 28.20 12.30
CA GLU B 236 2.59 29.21 13.39
C GLU B 236 1.40 29.20 14.29
N GLY B 237 1.67 29.12 15.60
CA GLY B 237 0.61 29.17 16.58
C GLY B 237 0.53 27.86 17.34
N GLU B 238 0.89 26.71 16.74
CA GLU B 238 1.03 25.47 17.57
C GLU B 238 2.04 25.65 18.70
N SER B 239 1.82 24.96 19.80
CA SER B 239 2.69 25.07 20.95
C SER B 239 4.15 24.70 20.68
N THR B 240 5.10 25.42 21.30
CA THR B 240 6.50 25.01 21.10
C THR B 240 7.17 24.55 22.40
N THR B 241 6.30 24.06 23.27
CA THR B 241 6.67 23.41 24.54
C THR B 241 7.74 22.34 24.28
N ASP B 242 7.56 21.53 23.22
CA ASP B 242 8.52 20.48 22.88
C ASP B 242 8.80 20.31 21.40
N LEU B 243 8.10 21.07 20.55
CA LEU B 243 8.17 20.84 19.11
C LEU B 243 8.09 22.15 18.38
N ALA B 244 8.54 22.13 17.11
CA ALA B 244 8.44 23.27 16.19
C ALA B 244 7.65 22.80 14.97
N TRP B 245 7.25 23.74 14.13
CA TRP B 245 6.24 23.53 13.11
C TRP B 245 6.62 24.36 11.90
N ASP B 246 6.52 23.81 10.68
CA ASP B 246 6.96 24.58 9.51
C ASP B 246 5.86 25.00 8.54
N GLY B 247 4.60 24.64 8.82
CA GLY B 247 3.49 25.10 7.97
C GLY B 247 3.55 24.61 6.53
N GLN B 248 4.32 23.56 6.24
CA GLN B 248 4.43 23.14 4.82
C GLN B 248 3.09 22.69 4.16
N THR B 249 2.79 23.23 2.98
CA THR B 249 1.70 22.69 2.16
C THR B 249 2.16 22.31 0.76
N MET B 250 1.50 21.35 0.18
CA MET B 250 1.89 20.86 -1.13
C MET B 250 0.76 20.07 -1.81
N ILE B 251 0.85 19.98 -3.13
CA ILE B 251 -0.11 19.34 -4.01
C ILE B 251 0.66 18.54 -5.10
N TRP B 252 0.45 17.22 -5.11
CA TRP B 252 1.12 16.30 -6.00
C TRP B 252 0.08 15.73 -6.97
N GLU B 253 0.50 15.40 -8.17
CA GLU B 253 -0.42 14.78 -9.16
C GLU B 253 0.38 13.70 -9.86
N ASN B 254 -0.02 12.45 -9.71
CA ASN B 254 0.64 11.33 -10.35
C ASN B 254 2.16 11.46 -10.34
N GLY B 255 2.71 11.80 -9.18
CA GLY B 255 4.15 11.76 -9.04
C GLY B 255 4.87 13.11 -9.20
N ALA B 256 4.17 14.11 -9.73
CA ALA B 256 4.71 15.43 -10.02
C ALA B 256 4.21 16.50 -9.06
N LEU B 257 5.09 17.42 -8.67
CA LEU B 257 4.72 18.49 -7.78
C LEU B 257 4.03 19.59 -8.54
N LEU B 258 2.83 19.90 -8.13
CA LEU B 258 2.07 20.95 -8.81
C LEU B 258 2.31 22.28 -8.16
N ALA B 259 2.53 22.26 -6.85
CA ALA B 259 2.60 23.47 -6.05
C ALA B 259 3.05 23.13 -4.62
N GLU B 260 3.86 24.02 -4.05
CA GLU B 260 4.23 23.97 -2.62
C GLU B 260 4.37 25.36 -2.11
N SER B 261 4.31 25.50 -0.80
CA SER B 261 4.38 26.84 -0.24
C SER B 261 5.63 26.95 0.61
N GLU B 262 5.87 28.15 1.09
CA GLU B 262 7.12 28.48 1.82
C GLU B 262 7.16 27.76 3.17
N ARG B 263 8.21 26.99 3.46
CA ARG B 263 8.40 26.47 4.81
C ARG B 263 8.67 27.56 5.86
N PHE B 264 8.23 27.35 7.09
CA PHE B 264 8.47 28.32 8.18
C PHE B 264 8.05 29.72 7.78
N PRO B 265 6.85 29.85 7.23
CA PRO B 265 6.50 31.21 6.81
C PRO B 265 6.09 32.08 8.00
N LYS B 266 6.01 33.38 7.73
CA LYS B 266 5.41 34.36 8.61
C LYS B 266 4.05 34.73 8.03
N GLY B 267 2.98 34.30 8.69
CA GLY B 267 1.65 34.58 8.20
C GLY B 267 1.12 33.31 7.55
N VAL B 268 -0.15 33.32 7.12
CA VAL B 268 -0.77 32.15 6.49
C VAL B 268 -0.31 31.95 5.04
N ARG B 269 -0.37 30.70 4.57
CA ARG B 269 0.09 30.31 3.24
C ARG B 269 -0.90 29.32 2.61
N ARG B 270 -1.03 29.35 1.27
CA ARG B 270 -1.83 28.38 0.50
C ARG B 270 -1.01 27.86 -0.63
N SER B 271 -1.09 26.56 -0.90
CA SER B 271 -0.82 26.10 -2.27
C SER B 271 -2.14 26.00 -3.02
N VAL B 272 -2.15 26.47 -4.27
CA VAL B 272 -3.33 26.42 -5.13
C VAL B 272 -2.90 25.96 -6.50
N ALA B 273 -3.50 24.92 -7.03
CA ALA B 273 -3.13 24.37 -8.36
C ALA B 273 -4.37 23.92 -9.08
N ASP B 274 -4.28 23.86 -10.39
CA ASP B 274 -5.32 23.19 -11.17
C ASP B 274 -4.93 21.72 -11.38
N VAL B 275 -5.72 20.80 -10.80
CA VAL B 275 -5.49 19.37 -11.01
C VAL B 275 -6.20 18.94 -12.29
N ASP B 276 -5.48 18.20 -13.13
CA ASP B 276 -6.04 17.70 -14.38
C ASP B 276 -6.74 16.34 -14.17
N THR B 277 -8.04 16.37 -13.97
CA THR B 277 -8.74 15.11 -13.73
C THR B 277 -8.70 14.16 -14.94
N GLU B 278 -8.58 14.73 -16.14
CA GLU B 278 -8.56 13.87 -17.35
C GLU B 278 -7.24 13.15 -17.44
N LEU B 279 -6.18 13.79 -16.93
CA LEU B 279 -4.90 13.15 -16.95
C LEU B 279 -4.98 11.90 -16.06
N LEU B 280 -5.51 12.09 -14.86
CA LEU B 280 -5.70 10.95 -13.96
C LEU B 280 -6.61 9.87 -14.58
N ARG B 281 -7.72 10.32 -15.13
CA ARG B 281 -8.63 9.44 -15.84
C ARG B 281 -7.90 8.65 -16.92
N SER B 282 -6.99 9.34 -17.66
CA SER B 282 -6.36 8.69 -18.83
C SER B 282 -5.38 7.62 -18.41
N GLU B 283 -4.73 7.85 -17.29
CA GLU B 283 -3.71 6.89 -16.83
C GLU B 283 -4.36 5.64 -16.26
N ARG B 284 -5.45 5.83 -15.51
CA ARG B 284 -6.22 4.71 -14.98
C ARG B 284 -6.83 3.96 -16.16
N LEU B 285 -7.32 4.66 -17.18
CA LEU B 285 -7.88 4.00 -18.40
C LEU B 285 -6.93 2.96 -19.00
N ARG B 286 -5.65 3.30 -19.04
CA ARG B 286 -4.63 2.47 -19.68
C ARG B 286 -3.89 1.44 -18.79
N MET B 287 -3.68 1.77 -17.53
CA MET B 287 -2.96 0.85 -16.63
C MET B 287 -3.92 -0.21 -16.05
N GLY B 288 -4.07 -1.33 -16.77
CA GLY B 288 -5.06 -2.34 -16.47
C GLY B 288 -4.80 -2.99 -15.13
N THR B 289 -3.53 -3.15 -14.75
CA THR B 289 -3.21 -3.77 -13.49
C THR B 289 -3.72 -2.96 -12.25
N PHE B 290 -4.09 -1.71 -12.45
CA PHE B 290 -4.61 -0.89 -11.35
C PHE B 290 -6.03 -1.45 -11.05
N ASP B 291 -6.82 -1.61 -12.10
CA ASP B 291 -8.13 -2.23 -11.96
C ASP B 291 -8.03 -3.69 -11.50
N ASP B 292 -6.98 -4.41 -11.92
CA ASP B 292 -6.79 -5.79 -11.45
C ASP B 292 -6.59 -5.83 -9.95
N ASN B 293 -5.78 -4.90 -9.47
CA ASN B 293 -5.54 -4.75 -8.04
C ASN B 293 -6.86 -4.51 -7.25
N ARG B 294 -7.73 -3.62 -7.74
CA ARG B 294 -9.06 -3.41 -7.17
C ARG B 294 -9.88 -4.70 -7.12
N ARG B 295 -9.95 -5.40 -8.23
CA ARG B 295 -10.67 -6.67 -8.32
C ARG B 295 -10.07 -7.67 -7.34
N HIS B 296 -8.76 -7.64 -7.15
CA HIS B 296 -8.24 -8.60 -6.25
C HIS B 296 -8.67 -8.24 -4.80
N HIS B 297 -8.97 -6.97 -4.53
CA HIS B 297 -9.34 -6.51 -3.14
C HIS B 297 -10.81 -6.05 -3.13
N ARG B 298 -11.66 -6.80 -3.81
CA ARG B 298 -12.99 -6.31 -4.17
C ARG B 298 -13.84 -6.04 -2.92
N GLU B 299 -13.75 -6.93 -1.94
CA GLU B 299 -14.59 -6.75 -0.74
C GLU B 299 -14.14 -5.49 -0.03
N LEU B 300 -12.83 -5.32 0.20
CA LEU B 300 -12.31 -3.99 0.62
C LEU B 300 -12.85 -2.82 -0.24
N THR B 301 -12.78 -2.94 -1.57
CA THR B 301 -13.04 -1.75 -2.41
C THR B 301 -14.50 -1.45 -2.70
N GLU B 302 -15.37 -2.42 -2.44
CA GLU B 302 -16.82 -2.24 -2.78
C GLU B 302 -17.62 -1.65 -1.62
N SER B 303 -17.03 -1.78 -0.46
CA SER B 303 -17.67 -1.29 0.74
C SER B 303 -17.73 0.27 0.92
N PHE B 304 -17.07 1.05 0.09
CA PHE B 304 -17.11 2.48 0.34
C PHE B 304 -18.49 3.05 0.13
N ARG B 305 -18.81 4.09 0.88
CA ARG B 305 -20.05 4.82 0.72
C ARG B 305 -19.73 6.08 -0.03
N ARG B 306 -20.58 6.42 -0.97
CA ARG B 306 -20.35 7.51 -1.89
C ARG B 306 -21.30 8.63 -1.53
N ILE B 307 -20.77 9.78 -1.15
CA ILE B 307 -21.65 10.88 -0.78
C ILE B 307 -21.62 11.88 -1.91
N ASP B 308 -22.77 12.24 -2.41
CA ASP B 308 -22.79 13.02 -3.64
C ASP B 308 -23.03 14.45 -3.27
N PHE B 309 -22.42 15.36 -4.04
CA PHE B 309 -22.65 16.79 -3.89
C PHE B 309 -22.52 17.48 -5.25
N ALA B 310 -23.19 18.62 -5.42
CA ALA B 310 -23.13 19.35 -6.67
C ALA B 310 -22.20 20.53 -6.46
N LEU B 311 -21.06 20.51 -7.14
CA LEU B 311 -20.10 21.60 -6.97
C LEU B 311 -20.55 22.93 -7.60
N ASP B 312 -21.07 22.87 -8.83
CA ASP B 312 -21.42 24.07 -9.63
C ASP B 312 -20.27 25.12 -9.82
N PRO B 313 -19.14 24.71 -10.40
CA PRO B 313 -17.97 25.59 -10.51
C PRO B 313 -18.22 26.83 -11.37
N PRO B 314 -17.30 27.82 -11.29
CA PRO B 314 -17.41 29.00 -12.15
C PRO B 314 -17.18 28.57 -13.60
N ALA B 315 -17.96 29.16 -14.52
CA ALA B 315 -17.95 28.75 -15.91
C ALA B 315 -16.99 29.58 -16.78
N GLY B 316 -16.62 30.76 -16.31
CA GLY B 316 -15.77 31.68 -17.08
C GLY B 316 -14.27 31.44 -17.05
N ASP B 317 -13.53 32.38 -17.63
CA ASP B 317 -12.06 32.32 -17.64
C ASP B 317 -11.55 32.70 -16.24
N ILE B 318 -10.80 31.79 -15.61
CA ILE B 318 -10.19 31.98 -14.31
C ILE B 318 -8.73 31.57 -14.46
N GLY B 319 -8.23 31.70 -15.67
CA GLY B 319 -6.86 31.34 -15.98
C GLY B 319 -6.60 29.88 -15.68
N LEU B 320 -5.34 29.52 -15.54
CA LEU B 320 -4.94 28.12 -15.40
C LEU B 320 -3.75 28.08 -14.47
N LEU B 321 -3.96 27.60 -13.26
CA LEU B 321 -2.87 27.58 -12.29
C LEU B 321 -2.09 26.30 -12.44
N ARG B 322 -1.23 26.29 -13.44
CA ARG B 322 -0.54 25.07 -13.78
C ARG B 322 0.59 25.39 -14.72
N GLU B 323 1.76 24.80 -14.47
CA GLU B 323 2.93 24.90 -15.40
C GLU B 323 2.72 23.97 -16.60
N VAL B 324 2.38 24.51 -17.76
CA VAL B 324 2.35 23.70 -18.98
C VAL B 324 3.63 23.97 -19.76
N GLU B 325 4.56 23.02 -19.72
CA GLU B 325 5.84 23.13 -20.52
C GLU B 325 5.59 23.16 -22.04
N ARG B 326 6.40 23.91 -22.80
CA ARG B 326 6.22 24.02 -24.25
C ARG B 326 6.66 22.73 -24.94
N PHE B 327 7.58 22.02 -24.29
CA PHE B 327 8.17 20.82 -24.86
C PHE B 327 8.02 19.61 -23.97
N PRO B 328 6.90 18.86 -24.08
CA PRO B 328 6.67 17.65 -23.29
C PRO B 328 7.86 16.69 -23.32
N PHE B 329 8.53 16.65 -24.46
CA PHE B 329 9.71 15.80 -24.65
C PHE B 329 11.07 16.47 -24.23
N VAL B 330 11.07 17.78 -24.03
CA VAL B 330 12.32 18.48 -23.68
C VAL B 330 12.18 19.32 -22.39
N PRO B 331 12.60 18.76 -21.24
CA PRO B 331 12.45 19.47 -19.97
C PRO B 331 13.19 20.81 -19.96
N ALA B 332 12.53 21.86 -19.47
CA ALA B 332 13.14 23.19 -19.29
C ALA B 332 14.24 23.22 -18.19
N ASP B 333 14.14 22.34 -17.22
CA ASP B 333 15.19 22.19 -16.22
C ASP B 333 16.47 21.55 -16.76
N PRO B 334 17.58 22.30 -16.73
CA PRO B 334 18.83 21.76 -17.29
C PRO B 334 19.35 20.45 -16.66
N GLN B 335 19.20 20.26 -15.36
CA GLN B 335 19.69 19.03 -14.77
C GLN B 335 18.86 17.89 -15.28
N ARG B 336 17.57 18.15 -15.42
CA ARG B 336 16.59 17.15 -15.88
C ARG B 336 16.88 16.80 -17.39
N LEU B 337 17.09 17.83 -18.20
CA LEU B 337 17.28 17.62 -19.63
C LEU B 337 18.58 16.85 -19.87
N GLN B 338 19.61 17.18 -19.11
CA GLN B 338 20.88 16.43 -19.15
C GLN B 338 20.62 14.94 -18.83
N GLN B 339 19.87 14.67 -17.75
CA GLN B 339 19.44 13.29 -17.43
C GLN B 339 18.75 12.61 -18.59
N ASP B 340 17.79 13.30 -19.23
CA ASP B 340 17.00 12.70 -20.33
C ASP B 340 17.91 12.37 -21.51
N CYS B 341 18.82 13.31 -21.86
CA CYS B 341 19.75 13.11 -22.94
C CYS B 341 20.60 11.91 -22.66
N TYR B 342 21.15 11.86 -21.45
CA TYR B 342 22.02 10.74 -21.14
C TYR B 342 21.27 9.44 -21.38
N GLU B 343 20.01 9.38 -20.95
CA GLU B 343 19.21 8.16 -21.05
C GLU B 343 18.83 7.85 -22.52
N ALA B 344 18.26 8.82 -23.24
CA ALA B 344 17.95 8.70 -24.66
C ALA B 344 19.13 8.09 -25.43
N TYR B 345 20.28 8.70 -25.32
CA TYR B 345 21.46 8.28 -26.02
C TYR B 345 21.86 6.86 -25.66
N ASN B 346 21.87 6.51 -24.38
CA ASN B 346 22.26 5.14 -24.00
C ASN B 346 21.24 4.07 -24.44
N ILE B 347 19.99 4.53 -24.60
CA ILE B 347 18.94 3.66 -25.09
C ILE B 347 19.26 3.32 -26.57
N GLN B 348 19.49 4.36 -27.38
CA GLN B 348 19.77 4.22 -28.80
C GLN B 348 20.95 3.34 -29.02
N VAL B 349 22.02 3.59 -28.29
CA VAL B 349 23.24 2.82 -28.47
C VAL B 349 23.09 1.36 -28.06
N SER B 350 22.48 1.13 -26.90
CA SER B 350 22.52 -0.22 -26.35
C SER B 350 21.59 -1.09 -27.15
N GLY B 351 20.57 -0.46 -27.71
CA GLY B 351 19.67 -1.12 -28.66
C GLY B 351 20.33 -1.60 -29.95
N LEU B 352 21.15 -0.72 -30.54
CA LEU B 352 21.92 -1.06 -31.73
C LEU B 352 22.96 -2.11 -31.38
N GLU B 353 23.64 -1.94 -30.27
CA GLU B 353 24.67 -2.94 -29.87
C GLU B 353 24.12 -4.37 -29.82
N GLN B 354 22.94 -4.56 -29.22
CA GLN B 354 22.33 -5.89 -29.24
C GLN B 354 22.09 -6.39 -30.68
N ARG B 355 21.49 -5.56 -31.53
CA ARG B 355 21.28 -5.99 -32.90
C ARG B 355 22.56 -6.45 -33.59
N LEU B 356 23.63 -5.66 -33.44
CA LEU B 356 24.98 -5.99 -33.91
C LEU B 356 25.58 -7.28 -33.33
N ARG B 357 25.44 -7.49 -32.04
CA ARG B 357 25.99 -8.69 -31.43
C ARG B 357 25.27 -9.90 -32.02
N ALA B 358 23.97 -9.73 -32.21
CA ALA B 358 23.12 -10.85 -32.57
C ALA B 358 23.38 -11.23 -34.02
N LEU B 359 23.77 -10.23 -34.83
CA LEU B 359 24.06 -10.50 -36.25
C LEU B 359 25.53 -10.79 -36.42
N ASP B 360 26.27 -11.05 -35.34
CA ASP B 360 27.70 -11.30 -35.43
C ASP B 360 28.53 -10.15 -36.05
N TYR B 361 28.15 -8.92 -35.74
CA TYR B 361 28.95 -7.72 -36.05
C TYR B 361 29.05 -7.43 -37.55
N PRO B 362 27.91 -7.15 -38.18
CA PRO B 362 27.95 -6.79 -39.61
C PRO B 362 28.50 -5.38 -39.75
N LYS B 363 28.82 -4.96 -40.96
CA LYS B 363 29.11 -3.56 -41.21
C LYS B 363 27.82 -2.77 -41.06
N VAL B 364 27.94 -1.47 -40.88
CA VAL B 364 26.79 -0.62 -40.66
C VAL B 364 26.71 0.31 -41.84
N VAL B 365 25.59 0.27 -42.55
CA VAL B 365 25.46 1.10 -43.73
C VAL B 365 24.54 2.29 -43.48
N ILE B 366 25.00 3.48 -43.81
CA ILE B 366 24.18 4.63 -43.45
C ILE B 366 24.28 5.77 -44.40
N GLY B 367 23.16 6.37 -44.72
CA GLY B 367 23.14 7.52 -45.61
C GLY B 367 23.22 8.79 -44.78
N VAL B 368 24.28 9.56 -44.98
CA VAL B 368 24.56 10.79 -44.25
C VAL B 368 24.33 11.98 -45.16
N SER B 369 23.43 12.87 -44.79
CA SER B 369 23.09 13.97 -45.68
C SER B 369 23.62 15.28 -45.15
N GLY B 370 24.20 15.25 -43.95
CA GLY B 370 24.52 16.48 -43.25
C GLY B 370 23.38 17.02 -42.37
N GLY B 371 22.24 16.34 -42.35
CA GLY B 371 21.11 16.77 -41.52
C GLY B 371 21.22 16.32 -40.07
N LEU B 372 20.37 16.87 -39.20
CA LEU B 372 20.37 16.53 -37.77
C LEU B 372 20.22 15.04 -37.51
N ASP B 373 19.18 14.44 -38.10
CA ASP B 373 18.90 13.03 -37.89
C ASP B 373 20.05 12.08 -38.22
N SER B 374 20.52 12.13 -39.46
CA SER B 374 21.49 11.14 -39.89
C SER B 374 22.82 11.40 -39.18
N THR B 375 23.05 12.65 -38.81
CA THR B 375 24.26 12.99 -38.09
C THR B 375 24.16 12.30 -36.75
N HIS B 376 23.08 12.56 -36.05
CA HIS B 376 22.99 11.99 -34.72
C HIS B 376 23.11 10.45 -34.80
N ALA B 377 22.51 9.88 -35.85
CA ALA B 377 22.53 8.43 -36.01
C ALA B 377 23.94 7.92 -36.25
N LEU B 378 24.75 8.71 -36.96
CA LEU B 378 26.09 8.27 -37.23
C LEU B 378 26.88 8.26 -35.91
N ILE B 379 26.67 9.30 -35.08
CA ILE B 379 27.23 9.36 -33.72
C ILE B 379 26.81 8.15 -32.88
N VAL B 380 25.53 7.84 -32.88
CA VAL B 380 25.08 6.65 -32.15
C VAL B 380 25.81 5.40 -32.61
N ALA B 381 25.86 5.19 -33.93
CA ALA B 381 26.46 3.99 -34.49
C ALA B 381 27.93 3.82 -34.14
N THR B 382 28.67 4.93 -34.15
CA THR B 382 30.08 4.94 -33.77
C THR B 382 30.26 4.51 -32.32
N HIS B 383 29.59 5.20 -31.42
CA HIS B 383 29.69 4.82 -30.03
C HIS B 383 29.35 3.32 -29.85
N ALA B 384 28.36 2.80 -30.62
CA ALA B 384 28.01 1.39 -30.47
C ALA B 384 29.16 0.50 -30.88
N MET B 385 29.77 0.82 -32.02
CA MET B 385 30.91 0.03 -32.49
C MET B 385 32.15 0.12 -31.58
N ASP B 386 32.40 1.30 -31.05
CA ASP B 386 33.42 1.46 -30.01
C ASP B 386 33.16 0.60 -28.79
N ARG B 387 31.93 0.66 -28.25
CA ARG B 387 31.61 -0.07 -27.05
C ARG B 387 31.81 -1.55 -27.28
N GLU B 388 31.60 -1.98 -28.53
CA GLU B 388 31.67 -3.44 -28.84
C GLU B 388 33.05 -3.87 -29.30
N GLY B 389 33.99 -2.91 -29.28
CA GLY B 389 35.36 -3.14 -29.71
C GLY B 389 35.49 -3.45 -31.20
N ARG B 390 34.66 -2.80 -32.00
CA ARG B 390 34.65 -2.96 -33.47
C ARG B 390 35.33 -1.79 -34.22
N PRO B 391 36.10 -2.07 -35.29
CA PRO B 391 36.75 -0.95 -35.95
C PRO B 391 35.74 0.04 -36.55
N ARG B 392 35.97 1.34 -36.37
CA ARG B 392 35.13 2.37 -36.97
C ARG B 392 35.04 2.32 -38.51
N SER B 393 35.99 1.62 -39.11
CA SER B 393 36.00 1.48 -40.56
C SER B 393 34.92 0.48 -41.01
N ASP B 394 34.29 -0.18 -40.05
CA ASP B 394 33.21 -1.09 -40.39
C ASP B 394 31.90 -0.33 -40.50
N ILE B 395 31.94 0.96 -40.28
CA ILE B 395 30.79 1.80 -40.57
C ILE B 395 30.93 2.33 -42.02
N LEU B 396 29.97 2.03 -42.88
CA LEU B 396 30.01 2.56 -44.23
C LEU B 396 29.05 3.74 -44.41
N ALA B 397 29.57 4.96 -44.36
CA ALA B 397 28.72 6.14 -44.53
C ALA B 397 28.67 6.58 -45.99
N PHE B 398 27.48 6.99 -46.45
CA PHE B 398 27.29 7.33 -47.86
C PHE B 398 26.60 8.66 -48.06
N ALA B 399 27.25 9.49 -48.86
CA ALA B 399 26.64 10.67 -49.45
C ALA B 399 25.99 10.19 -50.75
N LEU B 400 24.76 10.65 -50.99
CA LEU B 400 23.94 10.13 -52.08
C LEU B 400 23.22 11.29 -52.76
N PRO B 401 24.02 12.21 -53.34
CA PRO B 401 23.42 13.43 -53.93
C PRO B 401 22.57 13.06 -55.14
N GLY B 402 21.47 13.80 -55.32
CA GLY B 402 20.58 13.58 -56.44
C GLY B 402 20.43 14.83 -57.28
N LYS B 410 26.38 18.62 -45.22
CA LYS B 410 26.67 18.24 -46.60
C LYS B 410 28.17 17.98 -46.81
N ASN B 411 28.92 19.07 -46.71
CA ASN B 411 30.35 19.00 -46.41
C ASN B 411 30.41 18.55 -44.97
N ASN B 412 29.42 18.99 -44.20
CA ASN B 412 29.37 18.66 -42.81
C ASN B 412 29.40 17.16 -42.74
N ALA B 413 28.74 16.55 -43.71
CA ALA B 413 28.67 15.10 -43.80
C ALA B 413 30.04 14.43 -43.97
N ILE B 414 30.71 14.74 -45.09
CA ILE B 414 32.05 14.22 -45.31
C ILE B 414 33.05 14.61 -44.19
N LYS B 415 32.98 15.82 -43.68
CA LYS B 415 33.81 16.24 -42.52
C LYS B 415 33.63 15.42 -41.25
N LEU B 416 32.38 15.24 -40.84
CA LEU B 416 32.08 14.41 -39.69
C LEU B 416 32.65 13.02 -39.93
N ALA B 417 32.39 12.49 -41.12
CA ALA B 417 32.79 11.12 -41.44
C ALA B 417 34.33 11.00 -41.33
N ARG B 418 35.00 12.00 -41.89
CA ARG B 418 36.46 12.05 -41.89
C ARG B 418 37.02 12.21 -40.48
N ALA B 419 36.43 13.14 -39.72
CA ALA B 419 36.73 13.35 -38.31
C ALA B 419 36.57 12.11 -37.42
N LEU B 420 35.50 11.32 -37.64
CA LEU B 420 35.22 10.13 -36.82
C LEU B 420 36.13 8.97 -37.24
N GLY B 421 36.45 8.97 -38.54
CA GLY B 421 37.32 7.97 -39.16
C GLY B 421 36.58 6.73 -39.61
N VAL B 422 35.34 6.93 -40.08
CA VAL B 422 34.52 5.83 -40.60
C VAL B 422 34.80 5.73 -42.10
N THR B 423 34.31 4.67 -42.73
CA THR B 423 34.57 4.54 -44.17
C THR B 423 33.59 5.40 -44.97
N PHE B 424 34.09 6.41 -45.66
CA PHE B 424 33.20 7.29 -46.39
C PHE B 424 33.25 7.16 -47.91
N SER B 425 32.10 7.35 -48.51
CA SER B 425 32.02 7.27 -49.94
C SER B 425 30.83 8.02 -50.51
N GLU B 426 30.89 8.33 -51.79
CA GLU B 426 29.78 9.06 -52.44
C GLU B 426 29.25 8.21 -53.59
N ILE B 427 27.93 8.24 -53.76
CA ILE B 427 27.32 7.60 -54.89
C ILE B 427 26.25 8.56 -55.42
N ASP B 428 26.40 8.98 -56.67
CA ASP B 428 25.50 9.96 -57.24
C ASP B 428 24.33 9.18 -57.80
N ILE B 429 23.12 9.43 -57.34
CA ILE B 429 22.00 8.59 -57.79
C ILE B 429 21.30 9.18 -59.02
N GLY B 430 21.77 10.33 -59.51
CA GLY B 430 21.05 11.08 -60.52
C GLY B 430 20.82 10.34 -61.83
N ASP B 431 21.81 9.56 -62.27
CA ASP B 431 21.67 8.88 -63.56
C ASP B 431 20.67 7.77 -63.40
N THR B 432 20.78 7.04 -62.31
CA THR B 432 19.83 5.99 -62.04
C THR B 432 18.44 6.56 -61.95
N ALA B 433 18.30 7.70 -61.28
CA ALA B 433 16.99 8.39 -61.23
C ALA B 433 16.46 8.82 -62.61
N ARG B 434 17.30 9.50 -63.40
CA ARG B 434 16.95 9.80 -64.80
C ARG B 434 16.41 8.58 -65.54
N LEU B 435 17.15 7.47 -65.45
CA LEU B 435 16.75 6.25 -66.16
C LEU B 435 15.38 5.79 -65.69
N MET B 436 15.16 5.85 -64.38
CA MET B 436 13.91 5.37 -63.79
C MET B 436 12.75 6.26 -64.21
N LEU B 437 12.95 7.57 -64.15
CA LEU B 437 11.93 8.54 -64.57
C LEU B 437 11.61 8.41 -66.03
N HIS B 438 12.62 8.11 -66.84
CA HIS B 438 12.33 7.93 -68.27
C HIS B 438 11.53 6.62 -68.48
N THR B 439 11.98 5.55 -67.85
CA THR B 439 11.35 4.25 -68.04
C THR B 439 9.85 4.24 -67.64
N ILE B 440 9.49 5.21 -66.80
CA ILE B 440 8.17 5.33 -66.16
C ILE B 440 7.30 6.30 -66.96
N GLY B 441 7.91 6.99 -67.91
CA GLY B 441 7.18 7.97 -68.68
C GLY B 441 6.86 9.25 -67.93
N HIS B 442 7.69 9.63 -66.96
CA HIS B 442 7.45 10.86 -66.20
C HIS B 442 7.81 12.12 -66.96
N ASP B 452 7.23 17.48 -57.70
CA ASP B 452 6.05 16.62 -57.61
C ASP B 452 6.34 15.34 -56.82
N VAL B 453 5.33 14.61 -56.36
CA VAL B 453 5.61 13.48 -55.45
C VAL B 453 6.52 12.39 -56.04
N THR B 454 6.22 11.98 -57.26
CA THR B 454 6.96 10.91 -57.92
C THR B 454 8.44 11.27 -58.16
N PHE B 455 8.67 12.47 -58.69
CA PHE B 455 10.02 12.97 -58.82
C PHE B 455 10.81 12.95 -57.46
N GLU B 456 10.24 13.55 -56.42
CA GLU B 456 10.89 13.44 -55.07
C GLU B 456 11.13 11.98 -54.68
N ASN B 457 10.07 11.18 -54.87
CA ASN B 457 10.04 9.83 -54.38
C ASN B 457 10.96 8.88 -55.09
N VAL B 458 11.15 9.11 -56.39
CA VAL B 458 12.10 8.30 -57.17
C VAL B 458 13.53 8.43 -56.59
N GLN B 459 13.91 9.66 -56.24
CA GLN B 459 15.18 9.85 -55.55
C GLN B 459 15.22 9.23 -54.16
N ALA B 460 14.22 9.49 -53.35
CA ALA B 460 14.28 8.96 -51.99
C ALA B 460 14.33 7.42 -52.03
N GLY B 461 13.58 6.84 -52.95
CA GLY B 461 13.55 5.40 -53.13
C GLY B 461 14.92 4.86 -53.51
N LEU B 462 15.61 5.56 -54.40
CA LEU B 462 16.82 5.01 -54.97
C LEU B 462 17.92 5.02 -53.96
N ARG B 463 17.95 6.08 -53.16
CA ARG B 463 18.74 6.09 -51.92
C ARG B 463 18.69 4.83 -51.06
N THR B 464 17.48 4.48 -50.63
CA THR B 464 17.27 3.27 -49.86
C THR B 464 17.64 2.03 -50.66
N ASP B 465 17.28 2.05 -51.95
CA ASP B 465 17.48 0.87 -52.75
C ASP B 465 19.00 0.59 -52.78
N TYR B 466 19.79 1.61 -53.15
CA TYR B 466 21.23 1.50 -53.10
C TYR B 466 21.82 1.01 -51.80
N LEU B 467 21.42 1.65 -50.68
CA LEU B 467 21.97 1.27 -49.38
C LEU B 467 21.68 -0.22 -49.15
N PHE B 468 20.45 -0.63 -49.44
CA PHE B 468 20.07 -2.00 -49.22
C PHE B 468 20.97 -2.92 -50.00
N ARG B 469 21.29 -2.57 -51.25
CA ARG B 469 22.05 -3.50 -52.07
C ARG B 469 23.49 -3.55 -51.67
N ILE B 470 24.01 -2.41 -51.22
CA ILE B 470 25.34 -2.35 -50.66
C ILE B 470 25.37 -3.19 -49.38
N ALA B 471 24.28 -3.14 -48.61
CA ALA B 471 24.27 -3.92 -47.35
C ALA B 471 24.37 -5.41 -47.66
N ASN B 472 23.57 -5.86 -48.62
CA ASN B 472 23.70 -7.23 -49.16
C ASN B 472 25.09 -7.57 -49.64
N GLN B 473 25.66 -6.64 -50.41
CA GLN B 473 26.96 -6.86 -51.05
C GLN B 473 28.09 -6.94 -50.05
N ARG B 474 28.06 -6.04 -49.08
CA ARG B 474 29.17 -5.84 -48.17
C ARG B 474 29.03 -6.48 -46.80
N GLY B 475 27.95 -7.23 -46.59
CA GLY B 475 27.66 -7.87 -45.32
C GLY B 475 27.33 -6.91 -44.20
N GLY B 476 26.46 -5.95 -44.51
CA GLY B 476 26.11 -4.89 -43.57
C GLY B 476 24.61 -4.86 -43.26
N ILE B 477 24.17 -3.94 -42.41
CA ILE B 477 22.78 -3.63 -42.26
C ILE B 477 22.53 -2.15 -42.46
N VAL B 478 21.44 -1.79 -43.10
CA VAL B 478 21.09 -0.38 -43.26
C VAL B 478 20.49 0.24 -42.00
N LEU B 479 21.03 1.37 -41.56
CA LEU B 479 20.55 2.05 -40.35
C LEU B 479 19.51 3.12 -40.69
N GLY B 480 18.29 3.01 -40.18
CA GLY B 480 17.29 4.04 -40.41
C GLY B 480 17.58 5.23 -39.52
N THR B 481 17.02 6.37 -39.90
CA THR B 481 17.33 7.64 -39.22
C THR B 481 16.10 8.54 -39.08
N GLY B 482 14.99 8.15 -39.66
CA GLY B 482 13.76 8.89 -39.48
C GLY B 482 13.47 8.94 -38.00
N ASP B 483 12.91 10.06 -37.55
CA ASP B 483 12.65 10.26 -36.13
C ASP B 483 11.15 10.08 -35.76
N LEU B 484 10.85 10.15 -34.46
CA LEU B 484 9.47 9.90 -33.97
C LEU B 484 8.41 10.87 -34.54
N SER B 485 8.77 12.14 -34.73
CA SER B 485 7.84 13.17 -35.26
C SER B 485 7.51 12.92 -36.72
N GLU B 486 8.49 12.36 -37.40
CA GLU B 486 8.25 12.01 -38.84
C GLU B 486 7.32 10.79 -38.92
N LEU B 487 7.50 9.81 -38.04
CA LEU B 487 6.60 8.66 -37.95
C LEU B 487 5.18 9.13 -37.66
N ALA B 488 5.04 9.99 -36.68
CA ALA B 488 3.76 10.50 -36.28
C ALA B 488 3.02 11.12 -37.41
N LEU B 489 3.72 11.88 -38.25
CA LEU B 489 3.07 12.70 -39.27
C LEU B 489 2.96 12.00 -40.63
N GLY B 490 3.60 10.85 -40.76
CA GLY B 490 3.78 10.20 -42.04
C GLY B 490 4.65 10.94 -43.04
N TRP B 491 5.64 11.69 -42.54
CA TRP B 491 6.52 12.51 -43.36
C TRP B 491 7.77 11.71 -43.60
N SER B 492 7.72 10.91 -44.65
CA SER B 492 8.73 9.92 -44.96
C SER B 492 8.28 9.34 -46.28
N THR B 493 9.05 8.42 -46.84
CA THR B 493 8.64 7.83 -48.10
C THR B 493 8.50 6.36 -47.84
N TYR B 494 7.28 5.86 -48.05
CA TYR B 494 6.91 4.53 -47.61
C TYR B 494 7.48 3.39 -48.43
N GLY B 495 8.02 2.41 -47.69
CA GLY B 495 8.43 1.12 -48.24
C GLY B 495 9.74 1.09 -49.04
N VAL B 496 9.69 1.61 -50.24
CA VAL B 496 10.95 1.87 -50.97
C VAL B 496 11.18 3.35 -50.76
N GLY B 497 11.98 3.69 -49.76
CA GLY B 497 12.07 5.08 -49.36
C GLY B 497 12.58 5.06 -47.94
N ASP B 498 12.92 6.25 -47.43
CA ASP B 498 13.55 6.45 -46.11
C ASP B 498 12.81 5.80 -44.89
N GLN B 499 11.51 5.57 -45.00
CA GLN B 499 10.76 4.83 -43.97
C GLN B 499 11.37 3.44 -43.72
N MET B 500 12.18 2.91 -44.63
CA MET B 500 12.51 1.49 -44.47
C MET B 500 13.97 1.31 -44.08
N SER B 501 14.32 0.29 -43.30
CA SER B 501 15.74 0.04 -42.96
C SER B 501 15.84 -1.28 -42.27
N HIS B 502 17.04 -1.70 -41.90
CA HIS B 502 17.21 -2.90 -41.07
C HIS B 502 17.11 -2.68 -39.54
N TYR B 503 17.39 -1.47 -39.10
CA TYR B 503 17.27 -1.10 -37.67
C TYR B 503 17.18 0.39 -37.51
N ASN B 504 16.15 0.93 -36.89
CA ASN B 504 16.06 2.39 -36.83
C ASN B 504 16.44 2.97 -35.44
N VAL B 505 17.57 3.65 -35.33
CA VAL B 505 17.91 4.15 -34.00
C VAL B 505 17.19 5.42 -33.55
N ASN B 506 16.60 6.20 -34.47
CA ASN B 506 15.93 7.46 -34.12
C ASN B 506 14.41 7.32 -34.04
N ALA B 507 13.92 6.12 -34.26
CA ALA B 507 12.49 5.92 -34.43
C ALA B 507 11.69 6.38 -33.19
N GLY B 508 12.27 6.16 -32.00
CA GLY B 508 11.69 6.61 -30.77
C GLY B 508 12.00 8.01 -30.26
N VAL B 509 12.82 8.80 -30.96
CA VAL B 509 13.22 10.12 -30.47
C VAL B 509 12.45 11.19 -31.25
N PRO B 510 11.75 12.06 -30.57
CA PRO B 510 11.10 13.15 -31.33
C PRO B 510 12.08 14.19 -31.84
N LYS B 511 11.71 14.80 -32.96
CA LYS B 511 12.50 15.84 -33.55
C LYS B 511 12.92 16.88 -32.53
N THR B 512 12.01 17.33 -31.65
CA THR B 512 12.38 18.37 -30.68
C THR B 512 13.57 17.98 -29.80
N LEU B 513 13.70 16.68 -29.50
CA LEU B 513 14.81 16.22 -28.68
C LEU B 513 16.15 16.04 -29.41
N ILE B 514 16.11 15.77 -30.71
CA ILE B 514 17.31 15.39 -31.44
C ILE B 514 18.40 16.47 -31.29
N GLN B 515 18.03 17.71 -31.49
CA GLN B 515 19.04 18.78 -31.40
C GLN B 515 19.75 18.87 -30.05
N HIS B 516 19.02 18.56 -28.97
CA HIS B 516 19.55 18.58 -27.61
C HIS B 516 20.43 17.37 -27.35
N LEU B 517 20.17 16.26 -28.04
CA LEU B 517 21.05 15.10 -27.94
C LEU B 517 22.39 15.40 -28.58
N ILE B 518 22.36 16.10 -29.70
CA ILE B 518 23.62 16.49 -30.34
C ILE B 518 24.38 17.44 -29.46
N ARG B 519 23.71 18.49 -28.99
CA ARG B 519 24.29 19.38 -27.95
C ARG B 519 24.93 18.64 -26.79
N TRP B 520 24.23 17.65 -26.27
CA TRP B 520 24.74 16.85 -25.16
C TRP B 520 26.00 16.08 -25.54
N VAL B 521 26.05 15.57 -26.76
CA VAL B 521 27.22 14.81 -27.16
C VAL B 521 28.43 15.74 -27.28
N ILE B 522 28.18 16.94 -27.80
CA ILE B 522 29.20 17.98 -27.94
C ILE B 522 29.76 18.35 -26.58
N SER B 523 28.85 18.69 -25.67
CA SER B 523 29.18 19.13 -24.31
C SER B 523 29.91 18.06 -23.53
N ALA B 524 29.53 16.79 -23.70
CA ALA B 524 30.28 15.74 -23.02
C ALA B 524 31.72 15.65 -23.56
N GLY B 525 31.86 15.70 -24.88
CA GLY B 525 33.15 15.83 -25.55
C GLY B 525 34.07 14.61 -25.69
N GLU B 526 33.52 13.38 -25.62
CA GLU B 526 34.39 12.16 -25.66
C GLU B 526 34.72 11.76 -27.08
N PHE B 527 34.11 12.44 -28.05
CA PHE B 527 34.49 12.19 -29.45
C PHE B 527 35.67 13.11 -29.87
N GLY B 528 36.03 14.04 -28.99
CA GLY B 528 37.12 14.98 -29.30
C GLY B 528 36.70 16.29 -29.93
N GLU B 529 37.63 17.23 -30.00
CA GLU B 529 37.29 18.64 -30.38
C GLU B 529 36.92 18.84 -31.87
N LYS B 530 37.60 18.10 -32.74
CA LYS B 530 37.24 18.13 -34.15
C LYS B 530 35.76 17.73 -34.42
N VAL B 531 35.41 16.51 -33.98
CA VAL B 531 34.00 16.03 -34.04
C VAL B 531 33.08 17.07 -33.41
N GLY B 532 33.45 17.53 -32.21
CA GLY B 532 32.76 18.62 -31.55
C GLY B 532 32.44 19.78 -32.49
N GLU B 533 33.47 20.27 -33.19
CA GLU B 533 33.32 21.45 -34.09
C GLU B 533 32.43 21.13 -35.30
N VAL B 534 32.62 19.97 -35.89
CA VAL B 534 31.72 19.58 -36.97
C VAL B 534 30.24 19.47 -36.52
N LEU B 535 30.02 18.89 -35.35
CA LEU B 535 28.65 18.68 -34.87
C LEU B 535 28.04 20.04 -34.64
N GLN B 536 28.86 20.96 -34.15
CA GLN B 536 28.43 22.30 -33.79
C GLN B 536 28.03 22.98 -35.07
N SER B 537 28.83 22.77 -36.11
CA SER B 537 28.53 23.31 -37.43
C SER B 537 27.21 22.74 -37.98
N VAL B 538 27.01 21.43 -37.84
CA VAL B 538 25.70 20.85 -38.20
C VAL B 538 24.54 21.58 -37.52
N LEU B 539 24.66 21.79 -36.20
CA LEU B 539 23.68 22.54 -35.45
C LEU B 539 23.42 23.91 -36.02
N ASP B 540 24.50 24.67 -36.18
CA ASP B 540 24.42 26.07 -36.60
C ASP B 540 23.79 26.19 -38.00
N THR B 541 24.18 25.26 -38.87
CA THR B 541 23.69 25.19 -40.24
C THR B 541 22.23 24.81 -40.32
N GLU B 542 21.84 23.83 -39.52
CA GLU B 542 20.51 23.19 -39.71
C GLU B 542 19.35 23.90 -39.06
N ILE B 543 19.59 24.63 -37.96
CA ILE B 543 18.52 25.41 -37.35
C ILE B 543 18.48 26.81 -37.98
N THR B 544 18.32 26.92 -39.30
CA THR B 544 18.30 28.26 -39.94
C THR B 544 17.44 28.34 -41.21
N GLU B 559 9.21 22.10 -45.37
CA GLU B 559 8.63 21.00 -44.51
C GLU B 559 7.64 21.49 -43.43
N ALA B 560 7.46 22.81 -43.27
CA ALA B 560 6.21 23.28 -42.68
C ALA B 560 5.05 23.43 -43.73
N LYS B 561 4.83 22.35 -44.46
CA LYS B 561 3.51 21.92 -44.91
C LYS B 561 2.87 21.05 -43.82
N VAL B 562 3.70 20.49 -42.94
CA VAL B 562 3.23 19.78 -41.76
C VAL B 562 3.23 20.64 -40.46
N GLY B 563 3.71 21.86 -40.54
CA GLY B 563 3.67 22.79 -39.42
C GLY B 563 4.93 22.77 -38.56
N PRO B 564 5.03 23.69 -37.61
CA PRO B 564 6.19 23.65 -36.70
C PRO B 564 6.25 22.40 -35.83
N PHE B 565 7.38 21.69 -35.87
CA PHE B 565 7.55 20.47 -35.07
C PHE B 565 7.37 20.64 -33.56
N ALA B 566 7.60 21.85 -33.08
CA ALA B 566 7.40 22.16 -31.70
C ALA B 566 5.91 21.92 -31.34
N LEU B 567 5.00 22.38 -32.19
CA LEU B 567 3.57 22.18 -31.93
C LEU B 567 3.10 20.74 -32.20
N GLN B 568 3.69 20.08 -33.18
CA GLN B 568 3.32 18.73 -33.50
C GLN B 568 3.85 17.76 -32.47
N ASP B 569 5.08 17.92 -32.04
CA ASP B 569 5.53 17.10 -30.91
C ASP B 569 4.64 17.35 -29.68
N PHE B 570 4.09 18.55 -29.58
CA PHE B 570 3.27 18.85 -28.41
C PHE B 570 1.99 17.98 -28.49
N SER B 571 1.30 18.08 -29.61
CA SER B 571 0.09 17.32 -29.79
C SER B 571 0.32 15.83 -29.68
N LEU B 572 1.41 15.36 -30.30
CA LEU B 572 1.78 13.97 -30.26
C LEU B 572 1.84 13.43 -28.84
N PHE B 573 2.54 14.12 -27.95
CA PHE B 573 2.60 13.69 -26.54
C PHE B 573 1.20 13.54 -25.98
N GLN B 574 0.34 14.55 -26.16
CA GLN B 574 -1.01 14.54 -25.56
C GLN B 574 -1.80 13.36 -26.10
N VAL B 575 -1.74 13.17 -27.41
CA VAL B 575 -2.41 12.08 -28.01
C VAL B 575 -1.82 10.75 -27.59
N LEU B 576 -0.54 10.57 -27.71
CA LEU B 576 0.03 9.25 -27.45
C LEU B 576 -0.05 8.81 -25.99
N ARG B 577 0.12 9.74 -25.03
CA ARG B 577 0.21 9.40 -23.61
C ARG B 577 -1.21 9.34 -22.99
N TYR B 578 -2.07 10.30 -23.33
CA TYR B 578 -3.33 10.52 -22.67
C TYR B 578 -4.57 10.37 -23.54
N GLY B 579 -4.40 10.33 -24.86
CA GLY B 579 -5.54 10.30 -25.75
C GLY B 579 -6.46 11.52 -25.57
N PHE B 580 -5.96 12.70 -25.23
CA PHE B 580 -6.82 13.85 -24.95
C PHE B 580 -7.58 14.30 -26.19
N ARG B 581 -8.77 14.84 -26.01
CA ARG B 581 -9.50 15.32 -27.20
C ARG B 581 -8.81 16.54 -27.82
N PRO B 582 -9.09 16.84 -29.10
CA PRO B 582 -8.39 18.00 -29.68
C PRO B 582 -8.61 19.35 -28.93
N SER B 583 -9.82 19.65 -28.46
CA SER B 583 -10.00 20.96 -27.85
C SER B 583 -9.15 21.12 -26.56
N LYS B 584 -8.93 20.00 -25.87
CA LYS B 584 -8.12 19.99 -24.67
C LYS B 584 -6.67 20.21 -25.09
N ILE B 585 -6.25 19.56 -26.17
CA ILE B 585 -4.89 19.78 -26.67
C ILE B 585 -4.66 21.24 -27.05
N ALA B 586 -5.58 21.84 -27.81
CA ALA B 586 -5.49 23.28 -28.13
C ALA B 586 -5.40 24.19 -26.87
N PHE B 587 -6.17 23.88 -25.85
CA PHE B 587 -6.18 24.66 -24.64
C PHE B 587 -4.80 24.59 -24.01
N LEU B 588 -4.27 23.38 -23.85
CA LEU B 588 -2.95 23.23 -23.23
C LEU B 588 -1.83 23.90 -24.05
N ALA B 589 -1.84 23.72 -25.38
CA ALA B 589 -0.82 24.29 -26.18
C ALA B 589 -0.91 25.79 -26.10
N TRP B 590 -2.11 26.35 -26.09
CA TRP B 590 -2.26 27.78 -26.11
C TRP B 590 -1.72 28.34 -24.81
N HIS B 591 -2.12 27.72 -23.68
CA HIS B 591 -1.49 28.10 -22.42
C HIS B 591 0.05 27.96 -22.42
N ALA B 592 0.63 26.98 -23.14
CA ALA B 592 2.09 26.92 -23.07
C ALA B 592 2.83 27.87 -24.05
N TRP B 593 2.22 28.17 -25.20
CA TRP B 593 2.94 28.72 -26.32
C TRP B 593 2.52 30.12 -26.69
N ASN B 594 1.44 30.57 -26.11
CA ASN B 594 0.86 31.80 -26.62
C ASN B 594 1.66 33.08 -26.26
N ASP B 595 2.49 33.00 -25.21
CA ASP B 595 3.35 34.11 -24.77
C ASP B 595 4.76 33.63 -24.50
N ALA B 596 5.70 34.11 -25.30
CA ALA B 596 7.12 33.70 -25.22
C ALA B 596 7.84 34.19 -23.98
N GLU B 597 7.27 35.21 -23.33
CA GLU B 597 7.81 35.72 -22.03
C GLU B 597 7.57 34.85 -20.83
N ARG B 598 6.44 34.16 -20.84
CA ARG B 598 5.99 33.36 -19.73
C ARG B 598 6.52 31.95 -19.83
N GLY B 599 6.66 31.27 -18.68
CA GLY B 599 7.20 29.93 -18.64
C GLY B 599 8.66 29.92 -19.04
N ASN B 600 9.31 28.79 -18.90
CA ASN B 600 10.72 28.69 -19.16
C ASN B 600 11.00 27.95 -20.46
N TRP B 601 12.08 28.37 -21.13
CA TRP B 601 12.60 27.71 -22.31
C TRP B 601 13.73 26.79 -21.91
N PRO B 602 13.86 25.64 -22.56
CA PRO B 602 15.01 24.79 -22.25
C PRO B 602 16.26 25.54 -22.67
N PRO B 603 17.44 25.02 -22.30
CA PRO B 603 18.71 25.59 -22.77
C PRO B 603 18.86 25.49 -24.29
N GLY B 604 19.48 26.49 -24.93
CA GLY B 604 19.79 26.42 -26.35
C GLY B 604 18.77 27.08 -27.29
N PHE B 605 18.08 28.10 -26.78
CA PHE B 605 17.08 28.84 -27.54
C PHE B 605 17.37 30.31 -27.41
N PRO B 606 18.17 30.83 -28.36
CA PRO B 606 18.47 32.28 -28.40
C PRO B 606 17.17 33.01 -28.66
N LYS B 607 17.06 34.30 -28.32
CA LYS B 607 15.76 34.96 -28.27
C LYS B 607 15.10 35.07 -29.61
N SER B 608 15.89 35.07 -30.66
CA SER B 608 15.29 35.21 -31.99
C SER B 608 14.49 33.93 -32.35
N GLU B 609 14.70 32.91 -31.56
CA GLU B 609 14.03 31.60 -31.79
C GLU B 609 13.17 31.15 -30.62
N ARG B 610 12.44 32.13 -30.09
CA ARG B 610 11.49 31.87 -29.04
C ARG B 610 10.16 32.38 -29.55
N PRO B 611 9.57 31.63 -30.50
CA PRO B 611 8.29 31.96 -31.12
C PRO B 611 7.20 31.92 -30.09
N SER B 612 6.14 32.69 -30.33
CA SER B 612 4.89 32.52 -29.63
C SER B 612 3.83 32.26 -30.72
N TYR B 613 2.81 31.43 -30.42
CA TYR B 613 1.81 31.05 -31.40
C TYR B 613 0.42 31.57 -31.02
N SER B 614 -0.37 32.03 -31.97
CA SER B 614 -1.77 32.38 -31.66
C SER B 614 -2.68 31.15 -31.60
N LEU B 615 -3.90 31.36 -31.13
CA LEU B 615 -4.85 30.25 -31.08
C LEU B 615 -5.11 29.79 -32.55
N ALA B 616 -5.32 30.74 -33.46
CA ALA B 616 -5.60 30.45 -34.84
C ALA B 616 -4.53 29.51 -35.38
N GLU B 617 -3.31 29.74 -34.98
CA GLU B 617 -2.18 28.95 -35.58
C GLU B 617 -2.19 27.56 -35.00
N ILE B 618 -2.25 27.48 -33.68
CA ILE B 618 -2.40 26.19 -32.97
C ILE B 618 -3.54 25.38 -33.53
N ARG B 619 -4.68 26.03 -33.73
CA ARG B 619 -5.87 25.41 -34.27
C ARG B 619 -5.62 24.83 -35.68
N HIS B 620 -4.88 25.61 -36.48
CA HIS B 620 -4.57 25.24 -37.85
C HIS B 620 -3.72 23.99 -37.91
N TRP B 621 -2.58 24.01 -37.25
CA TRP B 621 -1.66 22.89 -37.23
C TRP B 621 -2.23 21.65 -36.55
N LEU B 622 -3.29 21.83 -35.77
CA LEU B 622 -3.88 20.72 -35.05
C LEU B 622 -4.81 19.99 -35.96
N GLN B 623 -5.55 20.74 -36.78
CA GLN B 623 -6.41 20.10 -37.80
C GLN B 623 -5.54 19.18 -38.66
N ILE B 624 -4.40 19.70 -39.06
CA ILE B 624 -3.46 18.94 -39.85
C ILE B 624 -2.91 17.76 -39.06
N PHE B 625 -2.62 17.97 -37.78
CA PHE B 625 -2.10 16.88 -36.98
C PHE B 625 -3.10 15.67 -36.88
N VAL B 626 -4.38 15.95 -36.65
CA VAL B 626 -5.30 14.82 -36.37
C VAL B 626 -5.56 14.07 -37.67
N GLN B 627 -5.73 14.85 -38.75
CA GLN B 627 -5.88 14.28 -40.08
C GLN B 627 -4.69 13.36 -40.38
N ARG B 628 -3.46 13.86 -40.22
CA ARG B 628 -2.32 13.04 -40.57
C ARG B 628 -2.08 11.94 -39.58
N PHE B 629 -2.23 12.25 -38.30
CA PHE B 629 -1.90 11.24 -37.28
C PHE B 629 -2.88 10.04 -37.28
N TYR B 630 -4.19 10.33 -37.26
CA TYR B 630 -5.23 9.26 -37.07
C TYR B 630 -5.67 8.57 -38.40
N SER B 631 -5.62 9.30 -39.50
CA SER B 631 -6.10 8.79 -40.80
C SER B 631 -4.97 8.48 -41.83
N PHE B 632 -4.21 9.49 -42.24
CA PHE B 632 -3.22 9.23 -43.27
C PHE B 632 -2.04 8.28 -42.93
N SER B 633 -1.39 8.43 -41.78
CA SER B 633 -0.04 7.90 -41.62
C SER B 633 0.13 6.49 -41.09
N GLN B 634 -0.95 5.90 -40.56
CA GLN B 634 -0.75 4.67 -39.82
C GLN B 634 -0.13 3.56 -40.68
N PHE B 635 -0.56 3.46 -41.94
CA PHE B 635 -0.08 2.37 -42.75
C PHE B 635 1.45 2.41 -42.76
N LYS B 636 2.01 3.61 -42.71
CA LYS B 636 3.51 3.73 -42.74
C LYS B 636 4.13 3.19 -41.47
N ARG B 637 3.44 3.41 -40.34
CA ARG B 637 3.88 2.87 -39.07
C ARG B 637 3.66 1.37 -39.04
N SER B 638 2.59 0.91 -39.67
CA SER B 638 2.20 -0.50 -39.56
C SER B 638 3.36 -1.45 -39.99
N ALA B 639 4.10 -1.13 -41.06
CA ALA B 639 5.23 -1.97 -41.46
C ALA B 639 6.59 -1.34 -41.09
N LEU B 640 6.85 -1.27 -39.79
CA LEU B 640 7.96 -0.51 -39.27
C LEU B 640 9.15 -1.39 -38.87
N PRO B 641 10.37 -1.01 -39.27
CA PRO B 641 11.60 -1.70 -38.84
C PRO B 641 11.76 -1.67 -37.30
N ASN B 642 12.61 -2.55 -36.77
CA ASN B 642 12.89 -2.61 -35.35
C ASN B 642 13.69 -1.37 -34.84
N GLY B 643 13.53 -1.04 -33.58
CA GLY B 643 14.25 0.07 -32.94
C GLY B 643 13.74 0.27 -31.51
N PRO B 644 14.57 0.77 -30.59
CA PRO B 644 14.08 0.85 -29.18
C PRO B 644 13.21 2.08 -28.85
N LYS B 645 12.12 1.82 -28.15
CA LYS B 645 11.34 2.88 -27.46
C LYS B 645 12.23 3.74 -26.58
N VAL B 646 11.93 5.03 -26.54
CA VAL B 646 12.82 5.98 -25.84
C VAL B 646 12.14 6.83 -24.77
N SER B 647 11.07 7.53 -25.11
CA SER B 647 10.40 8.49 -24.24
C SER B 647 9.31 7.83 -23.38
N HIS B 648 9.15 8.24 -22.13
CA HIS B 648 7.99 7.78 -21.36
C HIS B 648 6.70 8.25 -22.04
N GLY B 649 6.79 9.25 -22.92
CA GLY B 649 5.64 9.64 -23.75
C GLY B 649 5.10 8.50 -24.62
N GLY B 650 5.97 7.55 -24.92
CA GLY B 650 5.65 6.40 -25.72
C GLY B 650 6.41 6.41 -27.05
N ALA B 651 6.28 5.34 -27.79
CA ALA B 651 6.80 5.24 -29.14
C ALA B 651 5.63 4.98 -30.07
N LEU B 652 5.90 4.61 -31.32
CA LEU B 652 4.83 4.43 -32.31
C LEU B 652 4.97 3.11 -33.04
N SER B 653 5.67 2.16 -32.42
CA SER B 653 5.75 0.81 -32.94
C SER B 653 4.39 0.10 -32.87
N PRO B 654 3.93 -0.48 -34.00
CA PRO B 654 2.67 -1.24 -34.02
C PRO B 654 2.82 -2.53 -33.24
N ARG B 655 4.04 -2.88 -32.85
CA ARG B 655 4.25 -4.02 -31.96
C ARG B 655 4.41 -3.57 -30.49
N GLY B 656 4.13 -2.31 -30.17
CA GLY B 656 4.48 -1.73 -28.85
C GLY B 656 3.36 -0.82 -28.42
N ASP B 657 3.60 0.48 -28.45
CA ASP B 657 2.67 1.43 -27.82
C ASP B 657 1.57 1.89 -28.68
N TRP B 658 1.58 1.59 -29.98
CA TRP B 658 0.47 2.13 -30.74
C TRP B 658 -0.12 1.16 -31.76
N ARG B 659 -1.27 0.58 -31.41
CA ARG B 659 -2.02 -0.35 -32.22
C ARG B 659 -3.24 0.41 -32.71
N ALA B 660 -3.41 0.46 -34.02
CA ALA B 660 -4.39 1.34 -34.66
C ALA B 660 -4.60 0.88 -36.09
N PRO B 661 -5.77 1.22 -36.64
CA PRO B 661 -6.11 0.75 -37.99
C PRO B 661 -5.42 1.61 -39.04
N SER B 662 -4.94 1.01 -40.14
CA SER B 662 -4.35 1.74 -41.26
C SER B 662 -5.43 2.33 -42.17
N ASP B 663 -6.70 2.06 -41.89
CA ASP B 663 -7.75 2.44 -42.85
C ASP B 663 -8.91 3.18 -42.24
N MET B 664 -8.60 4.12 -41.37
CA MET B 664 -9.61 4.86 -40.59
C MET B 664 -9.70 6.32 -40.97
N SER B 665 -10.90 6.89 -40.93
CA SER B 665 -11.02 8.33 -41.11
C SER B 665 -10.84 9.12 -39.80
N ALA B 666 -10.53 10.40 -39.94
CA ALA B 666 -10.29 11.29 -38.80
C ALA B 666 -11.42 12.26 -38.61
N ARG B 667 -12.57 11.99 -39.24
CA ARG B 667 -13.68 12.94 -39.20
C ARG B 667 -14.03 13.42 -37.76
N ILE B 668 -14.16 12.50 -36.79
CA ILE B 668 -14.65 12.94 -35.48
C ILE B 668 -13.70 13.95 -34.79
N TRP B 669 -12.38 13.70 -34.85
CA TRP B 669 -11.43 14.65 -34.37
C TRP B 669 -11.58 15.99 -35.07
N LEU B 670 -11.67 15.97 -36.40
CA LEU B 670 -11.84 17.21 -37.17
C LEU B 670 -13.12 17.98 -36.80
N ASP B 671 -14.19 17.22 -36.55
CA ASP B 671 -15.44 17.81 -36.16
C ASP B 671 -15.34 18.37 -34.73
N GLN B 672 -14.58 17.70 -33.87
CA GLN B 672 -14.44 18.15 -32.49
C GLN B 672 -13.82 19.55 -32.51
N ILE B 673 -12.80 19.72 -33.36
CA ILE B 673 -12.09 20.99 -33.44
C ILE B 673 -13.04 22.04 -34.00
N ASP B 674 -13.84 21.63 -34.96
CA ASP B 674 -14.73 22.56 -35.60
C ASP B 674 -15.73 23.16 -34.59
N ARG B 675 -16.30 22.31 -33.76
CA ARG B 675 -17.36 22.70 -32.85
C ARG B 675 -16.83 23.37 -31.58
N GLU B 676 -15.66 22.92 -31.10
CA GLU B 676 -15.16 23.32 -29.73
C GLU B 676 -13.98 24.36 -29.64
N VAL B 677 -13.14 24.46 -30.65
CA VAL B 677 -12.02 25.40 -30.67
C VAL B 677 -12.41 26.64 -31.47
N PRO B 678 -12.38 27.80 -30.83
CA PRO B 678 -12.65 29.09 -31.49
C PRO B 678 -11.69 29.33 -32.64
N LYS B 679 -12.13 30.10 -33.64
CA LYS B 679 -11.37 30.31 -34.88
C LYS B 679 -10.04 31.00 -34.60
N GLY B 680 -10.06 31.90 -33.62
CA GLY B 680 -8.85 32.55 -33.12
C GLY B 680 -9.05 33.03 -31.69
N SER C 1 18.36 -40.99 -26.52
CA SER C 1 18.05 -41.51 -25.18
C SER C 1 16.73 -42.29 -25.24
N MET C 2 15.78 -41.56 -25.78
CA MET C 2 14.40 -41.87 -25.86
C MET C 2 14.06 -42.83 -27.00
N ASN C 3 12.92 -43.53 -26.90
CA ASN C 3 12.36 -44.30 -28.04
C ASN C 3 11.48 -43.44 -28.98
N PHE C 4 12.06 -43.01 -30.11
CA PHE C 4 11.39 -42.09 -31.00
C PHE C 4 10.07 -42.67 -31.57
N TYR C 5 9.97 -43.99 -31.67
CA TYR C 5 8.77 -44.59 -32.24
C TYR C 5 7.65 -44.87 -31.24
N SER C 6 7.91 -44.64 -29.95
CA SER C 6 6.86 -44.74 -28.89
C SER C 6 5.87 -43.55 -28.86
N ALA C 7 4.59 -43.83 -29.09
CA ALA C 7 3.51 -42.83 -28.94
C ALA C 7 3.44 -42.27 -27.50
N TYR C 8 3.61 -43.13 -26.48
CA TYR C 8 3.59 -42.65 -25.10
C TYR C 8 4.66 -41.61 -24.84
N GLN C 9 5.85 -41.81 -25.40
CA GLN C 9 6.94 -40.83 -25.22
C GLN C 9 6.73 -39.50 -25.97
N HIS C 10 5.80 -39.42 -26.90
CA HIS C 10 5.49 -38.15 -27.54
C HIS C 10 4.24 -37.48 -26.98
N GLY C 11 3.81 -37.89 -25.78
CA GLY C 11 2.64 -37.29 -25.11
C GLY C 11 1.25 -37.83 -25.57
N PHE C 12 1.24 -38.99 -26.23
CA PHE C 12 -0.03 -39.61 -26.61
C PHE C 12 -0.49 -40.51 -25.48
N VAL C 13 -1.82 -40.59 -25.28
CA VAL C 13 -2.44 -41.56 -24.38
C VAL C 13 -3.47 -42.32 -25.15
N ARG C 14 -3.34 -43.65 -25.15
CA ARG C 14 -4.24 -44.51 -25.85
C ARG C 14 -5.49 -44.84 -24.99
N VAL C 15 -6.63 -44.49 -25.56
CA VAL C 15 -7.94 -44.56 -24.90
C VAL C 15 -8.92 -45.48 -25.65
N ALA C 16 -9.81 -46.19 -24.91
CA ALA C 16 -10.79 -47.11 -25.54
C ALA C 16 -12.19 -46.93 -24.98
N ALA C 17 -13.17 -46.63 -25.83
CA ALA C 17 -14.59 -46.69 -25.46
C ALA C 17 -15.14 -48.04 -25.92
N CYS C 18 -15.64 -48.85 -24.98
CA CYS C 18 -16.12 -50.22 -25.30
C CYS C 18 -17.60 -50.46 -25.13
N THR C 19 -18.23 -51.10 -26.12
CA THR C 19 -19.58 -51.56 -25.89
C THR C 19 -19.61 -53.07 -25.81
N HIS C 20 -19.99 -53.58 -24.64
CA HIS C 20 -19.87 -55.00 -24.30
C HIS C 20 -21.20 -55.73 -24.55
N HIS C 21 -21.21 -57.03 -24.37
CA HIS C 21 -22.46 -57.79 -24.53
C HIS C 21 -23.25 -57.80 -23.22
N THR C 22 -24.37 -57.08 -23.17
CA THR C 22 -25.21 -57.04 -21.95
C THR C 22 -25.98 -58.36 -21.79
N THR C 23 -25.95 -58.93 -20.59
CA THR C 23 -26.89 -59.97 -20.20
C THR C 23 -27.74 -59.47 -19.06
N ILE C 24 -28.91 -58.88 -19.33
CA ILE C 24 -29.62 -58.21 -18.24
C ILE C 24 -29.81 -59.12 -17.04
N GLY C 25 -29.73 -58.56 -15.83
CA GLY C 25 -29.94 -59.36 -14.62
C GLY C 25 -28.86 -60.38 -14.37
N ASP C 26 -27.71 -60.27 -15.03
CA ASP C 26 -26.64 -61.27 -14.84
C ASP C 26 -25.20 -60.72 -14.78
N PRO C 27 -24.81 -60.17 -13.61
CA PRO C 27 -23.51 -59.51 -13.39
C PRO C 27 -22.31 -60.36 -13.74
N ALA C 28 -22.27 -61.64 -13.36
CA ALA C 28 -21.10 -62.45 -13.66
C ALA C 28 -20.95 -62.56 -15.17
N ALA C 29 -22.06 -62.59 -15.90
CA ALA C 29 -21.91 -62.67 -17.39
C ALA C 29 -21.40 -61.34 -18.00
N ASN C 30 -21.90 -60.21 -17.52
CA ASN C 30 -21.48 -58.93 -18.00
C ASN C 30 -20.00 -58.72 -17.65
N ALA C 31 -19.61 -59.15 -16.46
CA ALA C 31 -18.25 -59.00 -16.01
C ALA C 31 -17.33 -59.82 -16.91
N ALA C 32 -17.74 -61.01 -17.26
CA ALA C 32 -16.96 -61.80 -18.22
C ALA C 32 -16.81 -61.11 -19.58
N SER C 33 -17.85 -60.44 -20.06
CA SER C 33 -17.74 -59.73 -21.33
C SER C 33 -16.76 -58.52 -21.15
N VAL C 34 -16.94 -57.76 -20.06
CA VAL C 34 -16.01 -56.71 -19.64
C VAL C 34 -14.54 -57.15 -19.53
N LEU C 35 -14.29 -58.29 -18.90
CA LEU C 35 -12.93 -58.79 -18.76
C LEU C 35 -12.32 -59.13 -20.11
N ASP C 36 -13.08 -59.81 -20.97
CA ASP C 36 -12.58 -60.10 -22.30
C ASP C 36 -12.16 -58.85 -23.11
N MET C 37 -13.05 -57.85 -23.17
CA MET C 37 -12.71 -56.57 -23.82
C MET C 37 -11.50 -55.81 -23.20
N ALA C 38 -11.44 -55.77 -21.88
CA ALA C 38 -10.33 -55.18 -21.14
C ALA C 38 -9.01 -55.88 -21.43
N ARG C 39 -9.03 -57.19 -21.52
CA ARG C 39 -7.83 -57.90 -21.96
C ARG C 39 -7.39 -57.49 -23.36
N ALA C 40 -8.35 -57.20 -24.25
CA ALA C 40 -8.03 -56.72 -25.60
C ALA C 40 -7.42 -55.33 -25.49
N CYS C 41 -8.06 -54.46 -24.71
CA CYS C 41 -7.60 -53.08 -24.55
C CYS C 41 -6.18 -53.14 -23.97
N HIS C 42 -5.95 -54.02 -23.02
CA HIS C 42 -4.60 -54.26 -22.53
C HIS C 42 -3.61 -54.60 -23.62
N ASP C 43 -3.93 -55.62 -24.42
CA ASP C 43 -3.07 -56.02 -25.53
C ASP C 43 -2.78 -54.85 -26.48
N ASP C 44 -3.75 -53.97 -26.67
CA ASP C 44 -3.52 -52.80 -27.52
C ASP C 44 -2.69 -51.69 -26.86
N GLY C 45 -2.22 -51.90 -25.62
CA GLY C 45 -1.58 -50.89 -24.78
C GLY C 45 -2.43 -49.68 -24.41
N ALA C 46 -3.73 -49.87 -24.27
CA ALA C 46 -4.57 -48.73 -23.95
C ALA C 46 -4.44 -48.33 -22.46
N ALA C 47 -4.62 -47.04 -22.17
CA ALA C 47 -4.45 -46.59 -20.77
C ALA C 47 -5.79 -46.50 -20.01
N LEU C 48 -6.89 -46.58 -20.76
CA LEU C 48 -8.23 -46.27 -20.30
C LEU C 48 -9.22 -47.09 -21.14
N ALA C 49 -10.19 -47.74 -20.48
CA ALA C 49 -11.29 -48.44 -21.13
C ALA C 49 -12.59 -48.04 -20.44
N VAL C 50 -13.46 -47.35 -21.18
CA VAL C 50 -14.73 -46.88 -20.67
C VAL C 50 -15.86 -47.78 -21.16
N PHE C 51 -16.71 -48.24 -20.24
CA PHE C 51 -17.84 -49.10 -20.59
C PHE C 51 -19.20 -48.40 -20.51
N PRO C 52 -20.30 -49.12 -20.89
CA PRO C 52 -21.58 -48.40 -20.84
C PRO C 52 -22.20 -48.28 -19.44
N GLU C 53 -23.15 -47.34 -19.32
CA GLU C 53 -23.86 -47.06 -18.03
C GLU C 53 -24.43 -48.33 -17.40
N LEU C 54 -24.33 -48.52 -16.08
CA LEU C 54 -24.83 -49.73 -15.43
C LEU C 54 -24.32 -51.02 -16.10
N THR C 55 -23.08 -51.00 -16.57
CA THR C 55 -22.48 -52.20 -17.12
C THR C 55 -22.79 -53.51 -16.42
N LEU C 56 -22.67 -53.54 -15.11
CA LEU C 56 -22.66 -54.83 -14.45
C LEU C 56 -24.08 -55.45 -14.22
N SER C 57 -25.09 -54.61 -14.28
CA SER C 57 -26.40 -55.13 -14.02
C SER C 57 -27.21 -55.21 -15.33
N GLY C 58 -26.87 -54.34 -16.28
CA GLY C 58 -27.76 -53.94 -17.36
C GLY C 58 -28.50 -52.66 -16.98
N TYR C 59 -28.68 -51.78 -17.92
CA TYR C 59 -29.19 -50.47 -17.60
C TYR C 59 -30.70 -50.47 -17.60
N SER C 60 -31.27 -51.36 -18.38
CA SER C 60 -32.69 -51.35 -18.67
C SER C 60 -33.55 -52.22 -17.73
N ILE C 61 -32.98 -52.78 -16.66
CA ILE C 61 -33.74 -53.70 -15.83
C ILE C 61 -34.78 -53.08 -14.82
N GLU C 62 -34.85 -51.77 -14.71
CA GLU C 62 -35.96 -51.16 -13.91
C GLU C 62 -36.01 -51.64 -12.42
N ASP C 63 -37.19 -52.05 -11.92
CA ASP C 63 -37.29 -52.37 -10.49
C ASP C 63 -36.46 -53.60 -10.14
N VAL C 64 -35.98 -54.36 -11.13
CA VAL C 64 -35.07 -55.45 -10.81
C VAL C 64 -33.77 -54.96 -10.12
N LEU C 65 -33.41 -53.67 -10.36
CA LEU C 65 -32.22 -53.06 -9.74
C LEU C 65 -32.35 -53.12 -8.22
N LEU C 66 -33.60 -53.17 -7.69
CA LEU C 66 -33.86 -53.05 -6.26
C LEU C 66 -33.87 -54.40 -5.57
N GLN C 67 -33.42 -55.44 -6.28
CA GLN C 67 -33.61 -56.80 -5.76
C GLN C 67 -32.31 -57.21 -5.08
N ASP C 68 -32.40 -57.67 -3.84
CA ASP C 68 -31.16 -57.97 -3.13
C ASP C 68 -30.22 -58.89 -3.91
N SER C 69 -30.75 -59.93 -4.54
CA SER C 69 -29.87 -60.92 -5.21
C SER C 69 -29.10 -60.27 -6.35
N LEU C 70 -29.75 -59.31 -6.98
CA LEU C 70 -29.13 -58.61 -8.08
C LEU C 70 -28.02 -57.72 -7.51
N LEU C 71 -28.36 -56.83 -6.55
CA LEU C 71 -27.37 -55.98 -5.90
C LEU C 71 -26.19 -56.78 -5.38
N ASP C 72 -26.49 -57.92 -4.76
CA ASP C 72 -25.45 -58.85 -4.25
C ASP C 72 -24.59 -59.41 -5.36
N ALA C 73 -25.23 -59.86 -6.45
CA ALA C 73 -24.44 -60.37 -7.58
C ALA C 73 -23.49 -59.32 -8.19
N VAL C 74 -24.00 -58.10 -8.43
CA VAL C 74 -23.18 -56.98 -8.85
C VAL C 74 -21.92 -56.81 -7.99
N GLU C 75 -22.08 -56.76 -6.66
CA GLU C 75 -20.90 -56.56 -5.77
C GLU C 75 -19.88 -57.69 -6.04
N ASP C 76 -20.35 -58.91 -6.00
CA ASP C 76 -19.43 -60.04 -6.16
C ASP C 76 -18.67 -59.94 -7.48
N ALA C 77 -19.39 -59.53 -8.53
CA ALA C 77 -18.82 -59.52 -9.87
C ALA C 77 -17.79 -58.39 -9.97
N LEU C 78 -18.13 -57.24 -9.38
CA LEU C 78 -17.27 -56.08 -9.33
C LEU C 78 -15.94 -56.42 -8.63
N LEU C 79 -16.01 -57.15 -7.53
CA LEU C 79 -14.81 -57.49 -6.80
C LEU C 79 -13.94 -58.48 -7.54
N ASP C 80 -14.56 -59.43 -8.21
CA ASP C 80 -13.79 -60.27 -9.16
C ASP C 80 -13.02 -59.47 -10.22
N LEU C 81 -13.69 -58.54 -10.91
CA LEU C 81 -13.02 -57.63 -11.86
C LEU C 81 -11.83 -56.95 -11.25
N VAL C 82 -12.06 -56.34 -10.08
CA VAL C 82 -11.01 -55.66 -9.38
C VAL C 82 -9.82 -56.61 -9.21
N THR C 83 -10.07 -57.86 -8.85
CA THR C 83 -8.96 -58.78 -8.64
C THR C 83 -8.24 -59.04 -9.96
N GLU C 84 -9.03 -59.24 -11.01
CA GLU C 84 -8.43 -59.49 -12.37
C GLU C 84 -7.63 -58.29 -12.82
N SER C 85 -8.00 -57.08 -12.39
CA SER C 85 -7.36 -55.90 -12.94
C SER C 85 -5.90 -55.82 -12.50
N ALA C 86 -5.53 -56.63 -11.51
CA ALA C 86 -4.14 -56.62 -11.05
C ALA C 86 -3.15 -56.79 -12.22
N ASP C 87 -3.57 -57.53 -13.24
CA ASP C 87 -2.69 -57.81 -14.38
C ASP C 87 -3.03 -57.03 -15.65
N LEU C 88 -3.92 -56.06 -15.55
CA LEU C 88 -4.35 -55.24 -16.67
C LEU C 88 -3.72 -53.85 -16.67
N LEU C 89 -3.25 -53.42 -17.82
CA LEU C 89 -2.65 -52.09 -17.95
C LEU C 89 -3.65 -50.95 -17.75
N PRO C 90 -4.80 -51.05 -18.41
CA PRO C 90 -5.66 -49.85 -18.42
C PRO C 90 -6.48 -49.63 -17.17
N VAL C 91 -6.71 -48.37 -16.88
CA VAL C 91 -7.70 -47.97 -15.93
C VAL C 91 -9.04 -48.38 -16.59
N LEU C 92 -9.91 -49.04 -15.82
CA LEU C 92 -11.24 -49.52 -16.27
C LEU C 92 -12.29 -48.68 -15.62
N VAL C 93 -13.19 -48.16 -16.43
CA VAL C 93 -14.31 -47.43 -15.87
C VAL C 93 -15.57 -48.25 -16.10
N VAL C 94 -16.09 -48.87 -15.04
CA VAL C 94 -17.26 -49.80 -15.19
C VAL C 94 -18.51 -49.33 -14.45
N GLY C 95 -19.69 -49.47 -15.05
CA GLY C 95 -20.96 -49.05 -14.45
C GLY C 95 -21.51 -50.11 -13.50
N ALA C 96 -22.18 -49.70 -12.42
CA ALA C 96 -22.70 -50.64 -11.43
C ALA C 96 -23.67 -49.90 -10.57
N PRO C 97 -24.83 -50.52 -10.25
CA PRO C 97 -25.72 -49.96 -9.23
C PRO C 97 -25.11 -50.35 -7.87
N LEU C 98 -24.71 -49.35 -7.08
CA LEU C 98 -24.12 -49.63 -5.75
C LEU C 98 -24.92 -49.01 -4.63
N ARG C 99 -24.94 -49.75 -3.55
CA ARG C 99 -25.62 -49.28 -2.36
C ARG C 99 -24.70 -48.36 -1.54
N HIS C 100 -25.27 -47.25 -1.12
CA HIS C 100 -24.56 -46.39 -0.24
C HIS C 100 -25.56 -45.61 0.63
N ARG C 101 -25.31 -45.60 1.93
CA ARG C 101 -26.22 -44.97 2.85
C ARG C 101 -27.62 -45.59 2.78
N HIS C 102 -28.61 -44.81 2.32
CA HIS C 102 -30.02 -45.23 2.24
C HIS C 102 -30.39 -45.89 0.91
N ARG C 103 -29.72 -45.56 -0.16
CA ARG C 103 -30.20 -45.91 -1.50
C ARG C 103 -29.19 -46.57 -2.41
N ILE C 104 -29.59 -46.85 -3.64
CA ILE C 104 -28.59 -47.21 -4.62
C ILE C 104 -28.32 -46.05 -5.49
N TYR C 105 -27.03 -45.97 -5.84
CA TYR C 105 -26.55 -44.99 -6.77
C TYR C 105 -26.23 -45.67 -8.10
N ASN C 106 -26.42 -44.90 -9.16
CA ASN C 106 -26.03 -45.29 -10.55
C ASN C 106 -24.61 -44.84 -10.72
N THR C 107 -23.65 -45.76 -10.65
CA THR C 107 -22.27 -45.26 -10.48
C THR C 107 -21.28 -45.77 -11.53
N ALA C 108 -20.13 -45.09 -11.59
CA ALA C 108 -19.03 -45.60 -12.38
C ALA C 108 -17.92 -45.95 -11.41
N VAL C 109 -17.47 -47.18 -11.47
CA VAL C 109 -16.35 -47.62 -10.65
C VAL C 109 -15.05 -47.53 -11.44
N VAL C 110 -14.09 -46.74 -10.96
CA VAL C 110 -12.83 -46.54 -11.61
C VAL C 110 -11.79 -47.50 -11.04
N ILE C 111 -11.28 -48.39 -11.85
CA ILE C 111 -10.54 -49.53 -11.29
C ILE C 111 -9.19 -49.55 -11.94
N HIS C 112 -8.17 -49.83 -11.14
CA HIS C 112 -6.84 -49.85 -11.67
C HIS C 112 -5.90 -50.75 -10.89
N ARG C 113 -5.36 -51.74 -11.60
CA ARG C 113 -4.27 -52.56 -11.08
C ARG C 113 -4.58 -53.14 -9.74
N GLY C 114 -5.78 -53.71 -9.60
CA GLY C 114 -6.16 -54.36 -8.36
C GLY C 114 -6.79 -53.51 -7.24
N ALA C 115 -7.06 -52.24 -7.50
CA ALA C 115 -7.71 -51.39 -6.53
C ALA C 115 -8.82 -50.62 -7.18
N VAL C 116 -9.79 -50.23 -6.37
CA VAL C 116 -10.75 -49.25 -6.82
C VAL C 116 -10.17 -47.87 -6.50
N LEU C 117 -9.99 -47.04 -7.51
CA LEU C 117 -9.50 -45.70 -7.32
C LEU C 117 -10.61 -44.80 -6.78
N GLY C 118 -11.86 -45.07 -7.13
CA GLY C 118 -12.90 -44.08 -6.89
C GLY C 118 -14.24 -44.55 -7.34
N VAL C 119 -15.31 -43.99 -6.80
CA VAL C 119 -16.63 -44.39 -7.27
C VAL C 119 -17.48 -43.15 -7.57
N VAL C 120 -17.93 -42.99 -8.80
CA VAL C 120 -18.60 -41.76 -9.20
C VAL C 120 -20.04 -41.97 -9.49
N PRO C 121 -20.90 -41.23 -8.80
CA PRO C 121 -22.35 -41.42 -8.98
C PRO C 121 -22.88 -40.45 -10.02
N LYS C 122 -23.83 -40.93 -10.80
CA LYS C 122 -24.48 -40.04 -11.76
C LYS C 122 -25.10 -38.89 -10.97
N SER C 123 -25.10 -37.68 -11.52
CA SER C 123 -25.62 -36.51 -10.83
C SER C 123 -27.06 -36.21 -11.13
N TYR C 124 -27.46 -36.43 -12.37
CA TYR C 124 -28.77 -36.01 -12.84
C TYR C 124 -29.49 -37.20 -13.42
N LEU C 125 -30.66 -37.46 -12.89
CA LEU C 125 -31.37 -38.73 -13.10
C LEU C 125 -32.66 -38.46 -13.87
N PRO C 126 -32.64 -38.69 -15.17
CA PRO C 126 -33.83 -38.31 -15.95
C PRO C 126 -35.08 -39.11 -15.53
N THR C 127 -36.17 -38.37 -15.35
CA THR C 127 -37.45 -38.96 -14.95
C THR C 127 -38.53 -38.27 -15.74
N TYR C 128 -38.57 -38.64 -17.02
CA TYR C 128 -39.44 -38.01 -18.00
C TYR C 128 -39.38 -38.87 -19.24
N ARG C 129 -40.38 -38.69 -20.11
CA ARG C 129 -40.45 -39.48 -21.36
C ARG C 129 -40.12 -40.97 -21.11
N GLU C 130 -39.07 -41.52 -21.70
CA GLU C 130 -38.91 -43.00 -21.58
C GLU C 130 -38.07 -43.31 -20.40
N PHE C 131 -37.68 -42.28 -19.64
CA PHE C 131 -36.77 -42.48 -18.49
C PHE C 131 -37.43 -42.40 -17.12
N TYR C 132 -37.06 -43.33 -16.24
CA TYR C 132 -37.69 -43.47 -14.92
C TYR C 132 -36.66 -43.58 -13.81
N GLU C 133 -35.51 -42.91 -13.97
CA GLU C 133 -34.34 -43.24 -13.10
C GLU C 133 -34.47 -42.89 -11.60
N ARG C 134 -35.16 -41.78 -11.31
CA ARG C 134 -35.31 -41.39 -9.92
C ARG C 134 -36.14 -42.45 -9.13
N ARG C 135 -36.94 -43.24 -9.84
CA ARG C 135 -37.66 -44.25 -9.09
C ARG C 135 -36.74 -45.27 -8.44
N GLN C 136 -35.72 -45.76 -9.13
CA GLN C 136 -34.86 -46.76 -8.46
C GLN C 136 -33.59 -46.19 -7.80
N MET C 137 -33.15 -44.99 -8.21
CA MET C 137 -31.79 -44.60 -7.87
C MET C 137 -31.72 -43.18 -7.36
N ALA C 138 -30.71 -42.92 -6.52
CA ALA C 138 -30.52 -41.59 -5.91
C ALA C 138 -29.56 -40.67 -6.72
N PRO C 139 -29.89 -39.36 -6.85
CA PRO C 139 -29.01 -38.33 -7.43
C PRO C 139 -27.70 -38.25 -6.63
N GLY C 140 -26.59 -38.13 -7.36
CA GLY C 140 -25.25 -38.20 -6.80
C GLY C 140 -24.70 -36.82 -6.61
N ASP C 141 -25.43 -35.80 -7.07
CA ASP C 141 -24.90 -34.42 -7.06
C ASP C 141 -24.79 -33.89 -5.64
N GLY C 142 -23.60 -33.45 -5.25
CA GLY C 142 -23.45 -33.00 -3.87
C GLY C 142 -23.05 -34.10 -2.90
N GLU C 143 -22.89 -35.32 -3.39
CA GLU C 143 -22.32 -36.39 -2.50
C GLU C 143 -20.79 -36.38 -2.53
N ARG C 144 -20.23 -36.45 -1.31
CA ARG C 144 -18.79 -36.56 -1.15
C ARG C 144 -18.44 -37.67 -0.18
N GLY C 145 -17.23 -37.65 0.34
CA GLY C 145 -16.86 -38.69 1.28
C GLY C 145 -16.34 -39.96 0.64
N THR C 146 -16.61 -41.08 1.29
CA THR C 146 -16.12 -42.37 0.81
C THR C 146 -17.25 -43.35 0.79
N ILE C 147 -16.97 -44.52 0.22
CA ILE C 147 -17.95 -45.61 0.12
C ILE C 147 -17.14 -46.86 0.42
N ARG C 148 -17.76 -47.88 1.00
CA ARG C 148 -16.99 -49.07 1.33
C ARG C 148 -17.24 -50.11 0.28
N ILE C 149 -16.16 -50.58 -0.35
CA ILE C 149 -16.24 -51.55 -1.40
C ILE C 149 -15.31 -52.68 -1.07
N GLY C 150 -15.83 -53.87 -0.84
CA GLY C 150 -14.99 -55.00 -0.53
C GLY C 150 -13.92 -54.67 0.50
N GLY C 151 -14.37 -54.28 1.70
CA GLY C 151 -13.48 -54.03 2.83
C GLY C 151 -12.56 -52.81 2.82
N ALA C 152 -12.71 -51.93 1.82
CA ALA C 152 -11.91 -50.70 1.76
C ALA C 152 -12.72 -49.42 1.60
N ASP C 153 -12.24 -48.32 2.15
CA ASP C 153 -12.91 -47.04 1.96
C ASP C 153 -12.28 -46.30 0.80
N VAL C 154 -13.07 -46.05 -0.23
CA VAL C 154 -12.57 -45.42 -1.41
C VAL C 154 -13.38 -44.16 -1.63
N ALA C 155 -12.72 -43.17 -2.20
CA ALA C 155 -13.35 -41.95 -2.60
C ALA C 155 -14.68 -42.11 -3.35
N PHE C 156 -15.67 -41.34 -2.94
CA PHE C 156 -16.96 -41.42 -3.57
C PHE C 156 -17.46 -40.01 -3.84
N GLY C 157 -17.88 -39.72 -5.06
CA GLY C 157 -18.48 -38.40 -5.27
C GLY C 157 -18.29 -37.82 -6.65
N THR C 158 -18.87 -36.64 -6.85
CA THR C 158 -18.89 -36.03 -8.18
C THR C 158 -17.68 -35.10 -8.41
N ASP C 159 -16.84 -35.05 -7.40
CA ASP C 159 -15.67 -34.15 -7.32
C ASP C 159 -14.34 -34.90 -7.47
N LEU C 160 -14.29 -35.96 -8.25
CA LEU C 160 -13.03 -36.71 -8.33
C LEU C 160 -12.26 -36.54 -9.63
N LEU C 161 -10.93 -36.49 -9.54
CA LEU C 161 -10.03 -36.39 -10.66
C LEU C 161 -9.01 -37.51 -10.50
N PHE C 162 -8.76 -38.26 -11.58
CA PHE C 162 -7.81 -39.36 -11.50
C PHE C 162 -6.60 -39.03 -12.34
N ALA C 163 -5.50 -38.71 -11.66
CA ALA C 163 -4.31 -38.13 -12.30
C ALA C 163 -3.19 -39.17 -12.35
N ALA C 164 -2.66 -39.36 -13.54
CA ALA C 164 -1.56 -40.29 -13.73
C ALA C 164 -0.30 -39.56 -13.29
N SER C 165 0.45 -40.18 -12.38
CA SER C 165 1.60 -39.51 -11.75
C SER C 165 2.81 -39.51 -12.72
N ASP C 166 2.87 -40.50 -13.59
CA ASP C 166 3.86 -40.51 -14.66
C ASP C 166 3.41 -39.91 -16.01
N LEU C 167 2.13 -39.53 -16.16
CA LEU C 167 1.62 -38.91 -17.40
C LEU C 167 0.82 -37.68 -17.11
N PRO C 168 1.51 -36.61 -16.80
CA PRO C 168 0.88 -35.40 -16.28
C PRO C 168 -0.21 -34.84 -17.21
N GLY C 169 -0.17 -35.15 -18.50
CA GLY C 169 -1.19 -34.65 -19.41
C GLY C 169 -2.53 -35.39 -19.30
N PHE C 170 -2.50 -36.56 -18.63
CA PHE C 170 -3.68 -37.45 -18.49
C PHE C 170 -4.36 -37.27 -17.12
N VAL C 171 -5.37 -36.41 -17.08
CA VAL C 171 -6.17 -36.27 -15.88
C VAL C 171 -7.64 -36.63 -16.21
N LEU C 172 -8.16 -37.69 -15.60
CA LEU C 172 -9.50 -38.23 -15.97
C LEU C 172 -10.62 -37.74 -15.08
N HIS C 173 -11.69 -37.21 -15.65
CA HIS C 173 -12.91 -37.03 -14.89
C HIS C 173 -13.96 -37.93 -15.52
N VAL C 174 -14.88 -38.42 -14.71
CA VAL C 174 -15.94 -39.32 -15.19
C VAL C 174 -17.33 -38.75 -14.89
N GLU C 175 -18.22 -38.75 -15.89
CA GLU C 175 -19.62 -38.41 -15.63
C GLU C 175 -20.52 -39.44 -16.32
N ILE C 176 -21.84 -39.31 -16.19
CA ILE C 176 -22.70 -40.40 -16.63
C ILE C 176 -23.87 -39.88 -17.41
N ALA C 177 -23.92 -40.30 -18.69
CA ALA C 177 -25.12 -40.16 -19.50
C ALA C 177 -25.69 -38.75 -19.46
N GLU C 178 -26.87 -38.61 -18.88
CA GLU C 178 -27.58 -37.32 -18.72
C GLU C 178 -26.70 -36.23 -18.17
N ASP C 179 -25.64 -36.58 -17.43
CA ASP C 179 -24.79 -35.52 -16.85
C ASP C 179 -24.30 -34.51 -17.90
N MET C 180 -24.09 -35.01 -19.12
CA MET C 180 -23.52 -34.21 -20.20
C MET C 180 -24.55 -33.31 -20.90
N PHE C 181 -25.82 -33.46 -20.55
CA PHE C 181 -26.91 -32.81 -21.27
C PHE C 181 -27.50 -31.59 -20.59
N VAL C 182 -27.16 -31.38 -19.31
CA VAL C 182 -27.68 -30.21 -18.57
C VAL C 182 -26.90 -28.93 -18.84
N PRO C 183 -27.53 -27.76 -18.65
CA PRO C 183 -26.82 -26.50 -18.96
C PRO C 183 -25.47 -26.37 -18.31
N MET C 184 -25.27 -26.93 -17.14
CA MET C 184 -23.99 -26.84 -16.46
C MET C 184 -23.53 -28.21 -15.94
N PRO C 185 -22.88 -28.95 -16.82
CA PRO C 185 -22.49 -30.33 -16.57
C PRO C 185 -21.28 -30.45 -15.64
N PRO C 186 -21.26 -31.51 -14.82
CA PRO C 186 -20.08 -31.85 -13.99
C PRO C 186 -18.74 -31.71 -14.77
N SER C 187 -18.72 -32.22 -15.99
CA SER C 187 -17.47 -32.36 -16.70
C SER C 187 -16.88 -30.96 -17.04
N ALA C 188 -17.73 -29.92 -17.22
CA ALA C 188 -17.17 -28.57 -17.51
C ALA C 188 -16.44 -27.96 -16.29
N GLU C 189 -16.98 -28.15 -15.09
CA GLU C 189 -16.25 -27.75 -13.87
C GLU C 189 -15.01 -28.60 -13.72
N ALA C 190 -15.11 -29.90 -13.97
CA ALA C 190 -13.91 -30.76 -13.88
C ALA C 190 -12.79 -30.38 -14.88
N ALA C 191 -13.14 -29.78 -16.02
CA ALA C 191 -12.12 -29.43 -17.02
C ALA C 191 -11.37 -28.19 -16.53
N LEU C 192 -12.12 -27.13 -16.21
CA LEU C 192 -11.63 -26.04 -15.43
C LEU C 192 -10.73 -26.46 -14.24
N ALA C 193 -10.97 -27.59 -13.63
CA ALA C 193 -10.22 -27.93 -12.41
C ALA C 193 -9.00 -28.69 -12.80
N GLY C 194 -8.92 -29.10 -14.05
CA GLY C 194 -7.76 -29.87 -14.43
C GLY C 194 -7.92 -31.08 -15.32
N ALA C 195 -9.15 -31.53 -15.53
CA ALA C 195 -9.37 -32.81 -16.21
C ALA C 195 -9.07 -32.60 -17.70
N THR C 196 -8.31 -33.52 -18.29
CA THR C 196 -7.99 -33.41 -19.72
C THR C 196 -8.80 -34.42 -20.56
N VAL C 197 -9.11 -35.54 -19.92
CA VAL C 197 -9.89 -36.62 -20.52
C VAL C 197 -11.21 -36.83 -19.79
N LEU C 198 -12.32 -36.50 -20.46
CA LEU C 198 -13.65 -36.64 -19.86
C LEU C 198 -14.30 -37.92 -20.35
N ALA C 199 -14.62 -38.83 -19.44
CA ALA C 199 -15.35 -40.07 -19.79
C ALA C 199 -16.85 -39.96 -19.54
N ASN C 200 -17.64 -40.58 -20.43
CA ASN C 200 -19.08 -40.68 -20.26
C ASN C 200 -19.53 -42.11 -20.44
N LEU C 201 -20.04 -42.74 -19.37
CA LEU C 201 -20.76 -44.03 -19.49
C LEU C 201 -22.19 -43.70 -19.78
N SER C 202 -22.70 -44.22 -20.91
CA SER C 202 -24.07 -44.01 -21.36
C SER C 202 -24.88 -45.31 -21.51
N GLY C 203 -26.19 -45.23 -21.23
CA GLY C 203 -27.17 -46.28 -21.58
C GLY C 203 -27.76 -45.89 -22.95
N SER C 204 -28.57 -44.82 -22.90
CA SER C 204 -28.95 -44.07 -24.09
C SER C 204 -29.72 -44.92 -25.07
N PRO C 205 -30.98 -45.28 -24.71
CA PRO C 205 -31.79 -46.01 -25.68
C PRO C 205 -31.85 -45.19 -26.97
N ILE C 206 -31.75 -45.85 -28.14
CA ILE C 206 -31.62 -45.12 -29.42
C ILE C 206 -32.99 -44.78 -29.95
N THR C 207 -33.12 -43.55 -30.37
CA THR C 207 -34.32 -43.06 -31.00
C THR C 207 -33.92 -42.38 -32.31
N ILE C 208 -34.88 -42.17 -33.21
CA ILE C 208 -34.57 -41.34 -34.38
C ILE C 208 -33.96 -40.00 -33.91
N GLY C 209 -32.79 -39.64 -34.44
CA GLY C 209 -32.22 -38.33 -34.18
C GLY C 209 -31.32 -38.21 -32.94
N ARG C 210 -31.37 -39.18 -32.04
CA ARG C 210 -30.60 -39.19 -30.83
C ARG C 210 -29.10 -39.28 -31.10
N ALA C 211 -28.69 -40.04 -32.11
CA ALA C 211 -27.23 -40.19 -32.33
C ALA C 211 -26.63 -38.84 -32.71
N GLU C 212 -27.46 -38.02 -33.34
CA GLU C 212 -27.02 -36.66 -33.74
C GLU C 212 -26.93 -35.78 -32.49
N ASP C 213 -27.81 -36.02 -31.55
CA ASP C 213 -27.81 -35.27 -30.29
C ASP C 213 -26.61 -35.64 -29.44
N ARG C 214 -26.35 -36.93 -29.32
CA ARG C 214 -25.17 -37.37 -28.62
C ARG C 214 -23.94 -36.71 -29.18
N ARG C 215 -23.78 -36.76 -30.50
CA ARG C 215 -22.61 -36.19 -31.15
C ARG C 215 -22.52 -34.67 -30.86
N LEU C 216 -23.62 -33.95 -31.02
CA LEU C 216 -23.57 -32.49 -30.90
C LEU C 216 -23.05 -32.13 -29.48
N LEU C 217 -23.48 -32.87 -28.47
CA LEU C 217 -23.09 -32.56 -27.08
C LEU C 217 -21.76 -33.13 -26.74
N ALA C 218 -21.38 -34.29 -27.24
CA ALA C 218 -20.06 -34.79 -26.87
C ALA C 218 -18.98 -33.96 -27.59
N ARG C 219 -19.34 -33.45 -28.75
CA ARG C 219 -18.39 -32.76 -29.57
C ARG C 219 -18.22 -31.36 -29.07
N SER C 220 -19.32 -30.66 -28.86
CA SER C 220 -19.20 -29.30 -28.31
C SER C 220 -18.57 -29.36 -26.89
N ALA C 221 -18.82 -30.42 -26.11
CA ALA C 221 -18.12 -30.54 -24.83
C ALA C 221 -16.60 -30.54 -24.99
N SER C 222 -16.13 -31.30 -25.97
CA SER C 222 -14.70 -31.55 -26.12
C SER C 222 -14.05 -30.29 -26.64
N ALA C 223 -14.78 -29.50 -27.44
CA ALA C 223 -14.31 -28.20 -27.92
C ALA C 223 -14.34 -27.09 -26.85
N ARG C 224 -15.46 -26.98 -26.13
CA ARG C 224 -15.54 -25.93 -25.11
C ARG C 224 -14.57 -26.23 -23.95
N CYS C 225 -14.40 -27.51 -23.64
CA CYS C 225 -13.55 -27.89 -22.52
C CYS C 225 -12.11 -28.19 -22.89
N LEU C 226 -11.74 -27.93 -24.14
CA LEU C 226 -10.40 -28.28 -24.56
C LEU C 226 -9.92 -29.67 -24.08
N ALA C 227 -10.69 -30.71 -24.40
CA ALA C 227 -10.43 -32.00 -23.78
C ALA C 227 -10.71 -33.08 -24.75
N ALA C 228 -10.25 -34.29 -24.43
CA ALA C 228 -10.77 -35.51 -25.05
C ALA C 228 -12.07 -35.92 -24.36
N TYR C 229 -13.03 -36.41 -25.13
CA TYR C 229 -14.34 -36.87 -24.60
C TYR C 229 -14.57 -38.27 -25.07
N VAL C 230 -14.75 -39.21 -24.14
CA VAL C 230 -14.73 -40.63 -24.45
C VAL C 230 -16.08 -41.24 -24.07
N TYR C 231 -16.83 -41.73 -25.04
CA TYR C 231 -18.25 -42.03 -24.85
C TYR C 231 -18.64 -43.43 -25.27
N ALA C 232 -19.32 -44.15 -24.39
CA ALA C 232 -19.75 -45.52 -24.68
C ALA C 232 -21.21 -45.67 -24.33
N ALA C 233 -22.02 -46.14 -25.30
CA ALA C 233 -23.43 -46.51 -25.09
C ALA C 233 -23.70 -48.00 -25.07
N ALA C 234 -24.84 -48.37 -24.52
CA ALA C 234 -25.16 -49.77 -24.35
C ALA C 234 -25.67 -50.29 -25.72
N GLY C 235 -25.42 -51.57 -25.99
CA GLY C 235 -25.93 -52.19 -27.21
C GLY C 235 -26.75 -53.45 -27.01
N GLU C 236 -26.24 -54.55 -27.53
CA GLU C 236 -26.98 -55.81 -27.63
C GLU C 236 -27.06 -56.51 -26.30
N GLY C 237 -28.28 -56.98 -25.96
CA GLY C 237 -28.51 -57.58 -24.68
C GLY C 237 -29.42 -56.71 -23.81
N GLU C 238 -29.38 -55.37 -23.94
CA GLU C 238 -30.35 -54.57 -23.15
C GLU C 238 -31.80 -54.97 -23.47
N SER C 239 -32.71 -54.82 -22.52
CA SER C 239 -34.09 -55.27 -22.78
C SER C 239 -34.72 -54.45 -23.88
N THR C 240 -35.51 -55.11 -24.73
CA THR C 240 -36.29 -54.38 -25.73
C THR C 240 -37.80 -54.41 -25.49
N THR C 241 -38.15 -54.39 -24.21
CA THR C 241 -39.52 -54.36 -23.72
C THR C 241 -40.15 -53.05 -24.18
N ASP C 242 -39.35 -51.99 -24.29
CA ASP C 242 -39.90 -50.70 -24.71
C ASP C 242 -38.95 -49.86 -25.52
N LEU C 243 -37.71 -50.33 -25.68
CA LEU C 243 -36.64 -49.52 -26.23
C LEU C 243 -35.72 -50.38 -27.07
N ALA C 244 -34.95 -49.70 -27.92
CA ALA C 244 -33.87 -50.34 -28.69
C ALA C 244 -32.58 -49.63 -28.38
N TRP C 245 -31.46 -50.21 -28.80
CA TRP C 245 -30.12 -49.82 -28.37
C TRP C 245 -29.20 -49.98 -29.55
N ASP C 246 -28.31 -48.99 -29.78
CA ASP C 246 -27.41 -49.07 -30.93
C ASP C 246 -25.95 -49.34 -30.65
N GLY C 247 -25.54 -49.38 -29.38
CA GLY C 247 -24.16 -49.68 -29.00
C GLY C 247 -23.12 -48.65 -29.43
N GLN C 248 -23.55 -47.44 -29.80
CA GLN C 248 -22.59 -46.47 -30.35
C GLN C 248 -21.43 -46.17 -29.39
N THR C 249 -20.20 -46.17 -29.87
CA THR C 249 -19.09 -45.63 -29.08
C THR C 249 -18.33 -44.60 -29.90
N MET C 250 -17.72 -43.61 -29.21
CA MET C 250 -16.96 -42.55 -29.90
C MET C 250 -15.94 -41.84 -29.00
N ILE C 251 -14.94 -41.25 -29.64
CA ILE C 251 -13.87 -40.50 -28.99
C ILE C 251 -13.60 -39.18 -29.74
N TRP C 252 -13.76 -38.08 -29.06
CA TRP C 252 -13.68 -36.73 -29.58
C TRP C 252 -12.47 -36.05 -28.90
N GLU C 253 -11.81 -35.14 -29.60
CA GLU C 253 -10.64 -34.44 -29.04
C GLU C 253 -10.79 -33.02 -29.53
N ASN C 254 -10.98 -32.06 -28.61
CA ASN C 254 -11.12 -30.65 -28.96
C ASN C 254 -11.95 -30.41 -30.24
N GLY C 255 -13.05 -31.12 -30.40
CA GLY C 255 -13.98 -30.75 -31.45
C GLY C 255 -13.91 -31.67 -32.65
N ALA C 256 -12.85 -32.50 -32.70
CA ALA C 256 -12.60 -33.43 -33.81
C ALA C 256 -12.90 -34.86 -33.44
N LEU C 257 -13.42 -35.63 -34.40
CA LEU C 257 -13.69 -37.03 -34.14
C LEU C 257 -12.47 -37.88 -34.36
N LEU C 258 -11.98 -38.53 -33.33
CA LEU C 258 -10.82 -39.38 -33.49
C LEU C 258 -11.19 -40.79 -33.90
N ALA C 259 -12.36 -41.27 -33.45
CA ALA C 259 -12.81 -42.67 -33.70
C ALA C 259 -14.29 -42.82 -33.35
N GLU C 260 -15.02 -43.68 -34.09
CA GLU C 260 -16.36 -44.14 -33.70
C GLU C 260 -16.48 -45.52 -34.23
N SER C 261 -17.38 -46.26 -33.63
CA SER C 261 -17.60 -47.64 -34.00
C SER C 261 -18.95 -47.75 -34.68
N GLU C 262 -19.24 -48.98 -35.14
CA GLU C 262 -20.43 -49.26 -35.98
C GLU C 262 -21.70 -49.19 -35.13
N ARG C 263 -22.66 -48.36 -35.50
CA ARG C 263 -23.99 -48.44 -34.88
C ARG C 263 -24.71 -49.76 -35.19
N PHE C 264 -25.51 -50.22 -34.22
CA PHE C 264 -26.28 -51.46 -34.32
C PHE C 264 -25.38 -52.62 -34.71
N PRO C 265 -24.28 -52.83 -33.99
CA PRO C 265 -23.44 -53.94 -34.43
C PRO C 265 -23.98 -55.29 -34.02
N LYS C 266 -23.38 -56.31 -34.61
CA LYS C 266 -23.52 -57.68 -34.16
C LYS C 266 -22.25 -58.09 -33.45
N GLY C 267 -22.31 -58.30 -32.14
CA GLY C 267 -21.09 -58.58 -31.40
C GLY C 267 -20.54 -57.31 -30.78
N VAL C 268 -19.49 -57.43 -29.95
CA VAL C 268 -18.94 -56.30 -29.23
C VAL C 268 -18.09 -55.44 -30.15
N ARG C 269 -17.98 -54.15 -29.78
CA ARG C 269 -17.26 -53.15 -30.56
C ARG C 269 -16.46 -52.23 -29.64
N ARG C 270 -15.33 -51.72 -30.13
CA ARG C 270 -14.46 -50.77 -29.42
C ARG C 270 -14.09 -49.62 -30.34
N SER C 271 -14.13 -48.40 -29.82
CA SER C 271 -13.35 -47.33 -30.37
C SER C 271 -12.02 -47.21 -29.62
N VAL C 272 -10.90 -47.15 -30.35
CA VAL C 272 -9.57 -47.02 -29.76
C VAL C 272 -8.83 -45.93 -30.52
N ALA C 273 -8.32 -44.94 -29.81
CA ALA C 273 -7.59 -43.87 -30.47
C ALA C 273 -6.43 -43.41 -29.64
N ASP C 274 -5.43 -42.82 -30.28
CA ASP C 274 -4.40 -42.10 -29.54
C ASP C 274 -4.77 -40.63 -29.30
N VAL C 275 -4.99 -40.26 -28.01
CA VAL C 275 -5.28 -38.90 -27.65
C VAL C 275 -3.97 -38.13 -27.48
N ASP C 276 -3.93 -36.94 -28.04
CA ASP C 276 -2.68 -36.13 -28.00
C ASP C 276 -2.72 -35.15 -26.82
N THR C 277 -2.17 -35.56 -25.70
CA THR C 277 -2.33 -34.74 -24.51
C THR C 277 -1.56 -33.41 -24.69
N GLU C 278 -0.56 -33.42 -25.53
CA GLU C 278 0.19 -32.16 -25.75
C GLU C 278 -0.64 -31.19 -26.55
N LEU C 279 -1.50 -31.71 -27.42
CA LEU C 279 -2.32 -30.79 -28.20
C LEU C 279 -3.26 -30.07 -27.21
N LEU C 280 -3.85 -30.86 -26.31
CA LEU C 280 -4.79 -30.30 -25.34
C LEU C 280 -4.04 -29.29 -24.46
N ARG C 281 -2.87 -29.71 -23.99
CA ARG C 281 -2.00 -28.83 -23.21
C ARG C 281 -1.69 -27.50 -23.96
N SER C 282 -1.41 -27.59 -25.27
CA SER C 282 -0.99 -26.38 -25.98
C SER C 282 -2.15 -25.43 -26.15
N GLU C 283 -3.34 -25.98 -26.32
CA GLU C 283 -4.52 -25.08 -26.52
C GLU C 283 -4.85 -24.37 -25.20
N ARG C 284 -4.73 -25.13 -24.12
CA ARG C 284 -5.05 -24.54 -22.81
C ARG C 284 -3.98 -23.51 -22.47
N LEU C 285 -2.72 -23.78 -22.87
CA LEU C 285 -1.64 -22.80 -22.62
C LEU C 285 -1.93 -21.42 -23.20
N ARG C 286 -2.60 -21.39 -24.33
CA ARG C 286 -2.78 -20.18 -25.10
C ARG C 286 -4.10 -19.49 -24.91
N MET C 287 -5.17 -20.26 -24.69
CA MET C 287 -6.49 -19.67 -24.48
C MET C 287 -6.69 -19.19 -23.02
N GLY C 288 -6.28 -17.94 -22.76
CA GLY C 288 -6.22 -17.37 -21.42
C GLY C 288 -7.59 -17.31 -20.77
N THR C 289 -8.63 -17.08 -21.57
CA THR C 289 -9.98 -16.99 -21.06
C THR C 289 -10.50 -18.31 -20.47
N PHE C 290 -9.90 -19.43 -20.85
CA PHE C 290 -10.17 -20.69 -20.18
C PHE C 290 -9.78 -20.65 -18.70
N ASP C 291 -8.55 -20.21 -18.42
CA ASP C 291 -8.08 -20.06 -17.04
C ASP C 291 -8.80 -18.93 -16.31
N ASP C 292 -9.18 -17.86 -17.03
CA ASP C 292 -10.00 -16.81 -16.37
C ASP C 292 -11.36 -17.38 -15.87
N ASN C 293 -11.98 -18.22 -16.67
CA ASN C 293 -13.26 -18.87 -16.31
C ASN C 293 -13.07 -19.73 -15.03
N ARG C 294 -11.96 -20.48 -14.95
CA ARG C 294 -11.68 -21.27 -13.77
C ARG C 294 -11.54 -20.33 -12.53
N ARG C 295 -10.79 -19.24 -12.69
CA ARG C 295 -10.60 -18.26 -11.62
C ARG C 295 -11.94 -17.68 -11.24
N HIS C 296 -12.82 -17.39 -12.18
CA HIS C 296 -14.09 -16.84 -11.78
C HIS C 296 -14.94 -17.89 -10.99
N HIS C 297 -14.72 -19.18 -11.21
CA HIS C 297 -15.45 -20.26 -10.49
C HIS C 297 -14.50 -21.00 -9.55
N ARG C 298 -13.60 -20.24 -8.93
CA ARG C 298 -12.56 -20.84 -8.10
C ARG C 298 -13.04 -21.74 -6.97
N GLU C 299 -14.07 -21.35 -6.25
CA GLU C 299 -14.55 -22.25 -5.15
C GLU C 299 -15.08 -23.58 -5.69
N LEU C 300 -15.94 -23.52 -6.71
CA LEU C 300 -16.26 -24.70 -7.48
C LEU C 300 -15.01 -25.49 -7.91
N THR C 301 -14.05 -24.85 -8.59
CA THR C 301 -12.92 -25.61 -9.18
C THR C 301 -11.83 -26.09 -8.23
N GLU C 302 -11.75 -25.50 -7.05
CA GLU C 302 -10.64 -25.87 -6.10
C GLU C 302 -10.97 -27.06 -5.20
N SER C 303 -12.25 -27.36 -5.15
CA SER C 303 -12.71 -28.40 -4.26
C SER C 303 -12.49 -29.83 -4.78
N PHE C 304 -12.04 -30.02 -6.03
CA PHE C 304 -11.86 -31.41 -6.49
C PHE C 304 -10.79 -32.17 -5.69
N ARG C 305 -11.00 -33.45 -5.50
CA ARG C 305 -10.02 -34.33 -4.93
C ARG C 305 -9.30 -35.05 -6.04
N ARG C 306 -8.00 -35.18 -5.89
CA ARG C 306 -7.11 -35.67 -6.93
C ARG C 306 -6.63 -37.00 -6.47
N ILE C 307 -6.97 -38.07 -7.17
CA ILE C 307 -6.54 -39.40 -6.77
C ILE C 307 -5.45 -39.83 -7.72
N ASP C 308 -4.29 -40.18 -7.18
CA ASP C 308 -3.14 -40.36 -8.06
C ASP C 308 -2.96 -41.84 -8.29
N PHE C 309 -2.46 -42.17 -9.46
CA PHE C 309 -2.14 -43.54 -9.81
C PHE C 309 -0.96 -43.54 -10.78
N ALA C 310 -0.20 -44.62 -10.80
CA ALA C 310 0.93 -44.73 -11.70
C ALA C 310 0.55 -45.68 -12.87
N LEU C 311 0.46 -45.15 -14.08
CA LEU C 311 0.04 -45.94 -15.22
C LEU C 311 1.12 -46.94 -15.70
N ASP C 312 2.37 -46.48 -15.81
CA ASP C 312 3.50 -47.26 -16.34
C ASP C 312 3.26 -47.86 -17.76
N PRO C 313 3.01 -46.98 -18.75
CA PRO C 313 2.64 -47.43 -20.10
C PRO C 313 3.75 -48.19 -20.76
N PRO C 314 3.44 -48.87 -21.87
CA PRO C 314 4.43 -49.62 -22.64
C PRO C 314 5.37 -48.61 -23.27
N ALA C 315 6.65 -48.94 -23.29
CA ALA C 315 7.67 -48.00 -23.78
C ALA C 315 8.01 -48.12 -25.29
N GLY C 316 7.66 -49.25 -25.90
CA GLY C 316 8.05 -49.55 -27.26
C GLY C 316 7.14 -49.01 -28.33
N ASP C 317 7.39 -49.45 -29.56
CA ASP C 317 6.59 -49.08 -30.72
C ASP C 317 5.27 -49.86 -30.65
N ILE C 318 4.17 -49.12 -30.65
CA ILE C 318 2.85 -49.71 -30.61
C ILE C 318 2.04 -48.96 -31.63
N GLY C 319 2.74 -48.44 -32.61
CA GLY C 319 2.09 -47.72 -33.70
C GLY C 319 1.49 -46.42 -33.22
N LEU C 320 0.60 -45.85 -34.02
CA LEU C 320 -0.05 -44.62 -33.65
C LEU C 320 -1.46 -44.70 -34.17
N LEU C 321 -2.44 -44.80 -33.29
CA LEU C 321 -3.81 -44.95 -33.71
C LEU C 321 -4.45 -43.61 -33.90
N ARG C 322 -4.09 -42.96 -35.01
CA ARG C 322 -4.50 -41.59 -35.21
C ARG C 322 -4.29 -41.18 -36.63
N GLU C 323 -5.28 -40.51 -37.20
CA GLU C 323 -5.18 -39.99 -38.59
C GLU C 323 -4.31 -38.71 -38.60
N VAL C 324 -3.05 -38.81 -38.99
CA VAL C 324 -2.26 -37.57 -39.21
C VAL C 324 -2.26 -37.14 -40.67
N GLU C 325 -3.02 -36.09 -40.98
CA GLU C 325 -3.09 -35.55 -42.36
C GLU C 325 -1.73 -35.04 -42.89
N ARG C 326 -1.45 -35.25 -44.18
CA ARG C 326 -0.19 -34.79 -44.72
C ARG C 326 -0.17 -33.26 -44.81
N PHE C 327 -1.37 -32.66 -44.91
CA PHE C 327 -1.45 -31.24 -45.22
C PHE C 327 -2.37 -30.59 -44.23
N PRO C 328 -1.83 -30.12 -43.08
CA PRO C 328 -2.64 -29.45 -42.07
C PRO C 328 -3.52 -28.31 -42.63
N PHE C 329 -3.02 -27.68 -43.66
CA PHE C 329 -3.70 -26.55 -44.31
C PHE C 329 -4.59 -27.00 -45.51
N VAL C 330 -4.46 -28.26 -45.92
CA VAL C 330 -5.24 -28.77 -47.04
C VAL C 330 -6.02 -30.08 -46.72
N PRO C 331 -7.30 -29.94 -46.34
CA PRO C 331 -8.07 -31.12 -45.93
C PRO C 331 -8.18 -32.13 -47.06
N ALA C 332 -7.98 -33.41 -46.74
CA ALA C 332 -8.10 -34.49 -47.71
C ALA C 332 -9.56 -34.68 -48.16
N ASP C 333 -10.51 -34.30 -47.32
CA ASP C 333 -11.94 -34.45 -47.67
C ASP C 333 -12.43 -33.39 -48.62
N PRO C 334 -12.94 -33.79 -49.78
CA PRO C 334 -13.24 -32.79 -50.81
C PRO C 334 -14.28 -31.74 -50.39
N GLN C 335 -15.26 -32.16 -49.60
CA GLN C 335 -16.33 -31.25 -49.27
C GLN C 335 -15.78 -30.19 -48.34
N ARG C 336 -14.90 -30.66 -47.45
CA ARG C 336 -14.19 -29.83 -46.50
C ARG C 336 -13.24 -28.83 -47.20
N LEU C 337 -12.45 -29.33 -48.16
CA LEU C 337 -11.46 -28.54 -48.87
C LEU C 337 -12.17 -27.44 -49.67
N GLN C 338 -13.29 -27.80 -50.27
CA GLN C 338 -14.09 -26.85 -51.05
C GLN C 338 -14.53 -25.69 -50.14
N GLN C 339 -15.06 -26.04 -48.97
CA GLN C 339 -15.41 -25.06 -47.93
C GLN C 339 -14.22 -24.16 -47.61
N ASP C 340 -13.08 -24.75 -47.28
CA ASP C 340 -11.86 -24.00 -46.96
C ASP C 340 -11.49 -23.00 -48.05
N CYS C 341 -11.52 -23.46 -49.30
CA CYS C 341 -11.23 -22.61 -50.44
C CYS C 341 -12.20 -21.47 -50.52
N TYR C 342 -13.48 -21.74 -50.42
CA TYR C 342 -14.46 -20.69 -50.53
C TYR C 342 -14.14 -19.62 -49.50
N GLU C 343 -13.78 -20.10 -48.31
CA GLU C 343 -13.54 -19.20 -47.15
C GLU C 343 -12.24 -18.36 -47.34
N ALA C 344 -11.09 -19.02 -47.56
CA ALA C 344 -9.85 -18.35 -47.94
C ALA C 344 -10.10 -17.31 -49.00
N TYR C 345 -10.74 -17.69 -50.09
CA TYR C 345 -10.87 -16.76 -51.20
C TYR C 345 -11.69 -15.53 -50.81
N ASN C 346 -12.81 -15.72 -50.15
CA ASN C 346 -13.59 -14.56 -49.68
C ASN C 346 -12.89 -13.71 -48.60
N ILE C 347 -12.00 -14.33 -47.84
CA ILE C 347 -11.21 -13.60 -46.87
C ILE C 347 -10.26 -12.61 -47.61
N GLN C 348 -9.53 -13.14 -48.60
CA GLN C 348 -8.58 -12.33 -49.34
C GLN C 348 -9.30 -11.18 -50.00
N VAL C 349 -10.44 -11.46 -50.59
CA VAL C 349 -11.14 -10.48 -51.40
C VAL C 349 -11.71 -9.37 -50.53
N SER C 350 -12.41 -9.78 -49.48
CA SER C 350 -13.15 -8.83 -48.66
C SER C 350 -12.20 -7.94 -47.88
N GLY C 351 -11.06 -8.50 -47.48
CA GLY C 351 -9.94 -7.71 -46.98
C GLY C 351 -9.40 -6.63 -47.92
N LEU C 352 -9.09 -7.00 -49.17
CA LEU C 352 -8.68 -6.03 -50.17
C LEU C 352 -9.78 -5.00 -50.45
N GLU C 353 -11.03 -5.44 -50.51
CA GLU C 353 -12.13 -4.49 -50.77
C GLU C 353 -12.17 -3.35 -49.75
N GLN C 354 -11.96 -3.67 -48.45
CA GLN C 354 -12.02 -2.67 -47.41
C GLN C 354 -10.85 -1.70 -47.60
N ARG C 355 -9.65 -2.23 -47.88
CA ARG C 355 -8.50 -1.34 -48.12
C ARG C 355 -8.79 -0.36 -49.26
N LEU C 356 -9.34 -0.88 -50.36
CA LEU C 356 -9.78 -0.09 -51.53
C LEU C 356 -10.88 0.93 -51.23
N ARG C 357 -11.89 0.54 -50.45
CA ARG C 357 -12.94 1.51 -50.16
C ARG C 357 -12.30 2.66 -49.37
N ALA C 358 -11.41 2.29 -48.47
CA ALA C 358 -10.90 3.24 -47.47
C ALA C 358 -9.99 4.25 -48.16
N LEU C 359 -9.34 3.80 -49.23
CA LEU C 359 -8.45 4.69 -49.98
C LEU C 359 -9.19 5.35 -51.15
N ASP C 360 -10.52 5.33 -51.13
CA ASP C 360 -11.29 5.91 -52.23
C ASP C 360 -10.98 5.31 -53.61
N TYR C 361 -10.78 4.00 -53.67
CA TYR C 361 -10.67 3.30 -54.95
C TYR C 361 -9.45 3.72 -55.79
N PRO C 362 -8.26 3.44 -55.28
CA PRO C 362 -7.05 3.75 -56.06
C PRO C 362 -6.91 2.68 -57.11
N LYS C 363 -5.97 2.87 -58.03
CA LYS C 363 -5.66 1.82 -58.99
C LYS C 363 -4.90 0.75 -58.21
N VAL C 364 -4.82 -0.43 -58.78
CA VAL C 364 -4.16 -1.56 -58.14
C VAL C 364 -2.93 -1.93 -58.97
N VAL C 365 -1.77 -1.89 -58.37
CA VAL C 365 -0.58 -2.13 -59.10
C VAL C 365 -0.03 -3.50 -58.76
N ILE C 366 0.22 -4.34 -59.75
CA ILE C 366 0.71 -5.63 -59.38
C ILE C 366 1.66 -6.22 -60.39
N GLY C 367 2.69 -6.89 -59.90
CA GLY C 367 3.67 -7.54 -60.74
C GLY C 367 3.26 -8.98 -60.97
N VAL C 368 3.01 -9.33 -62.23
CA VAL C 368 2.58 -10.65 -62.62
C VAL C 368 3.69 -11.37 -63.35
N SER C 369 4.11 -12.51 -62.83
CA SER C 369 5.28 -13.17 -63.36
C SER C 369 4.90 -14.43 -64.11
N GLY C 370 3.62 -14.80 -64.08
CA GLY C 370 3.22 -16.10 -64.54
C GLY C 370 3.20 -17.18 -63.44
N GLY C 371 3.69 -16.86 -62.23
CA GLY C 371 3.72 -17.86 -61.17
C GLY C 371 2.39 -18.05 -60.46
N LEU C 372 2.27 -19.11 -59.65
CA LEU C 372 1.05 -19.36 -58.85
C LEU C 372 0.59 -18.17 -57.98
N ASP C 373 1.51 -17.62 -57.17
CA ASP C 373 1.17 -16.54 -56.24
C ASP C 373 0.58 -15.29 -56.92
N SER C 374 1.27 -14.76 -57.93
CA SER C 374 0.87 -13.48 -58.45
C SER C 374 -0.37 -13.66 -59.34
N THR C 375 -0.45 -14.84 -59.95
CA THR C 375 -1.64 -15.23 -60.68
C THR C 375 -2.84 -15.19 -59.74
N HIS C 376 -2.75 -15.90 -58.62
CA HIS C 376 -3.88 -15.95 -57.70
C HIS C 376 -4.23 -14.55 -57.15
N ALA C 377 -3.22 -13.75 -56.91
CA ALA C 377 -3.44 -12.42 -56.42
C ALA C 377 -4.15 -11.55 -57.46
N LEU C 378 -3.82 -11.77 -58.74
CA LEU C 378 -4.47 -10.99 -59.77
C LEU C 378 -5.95 -11.38 -59.86
N ILE C 379 -6.23 -12.67 -59.69
CA ILE C 379 -7.61 -13.13 -59.58
C ILE C 379 -8.31 -12.48 -58.37
N VAL C 380 -7.65 -12.51 -57.23
CA VAL C 380 -8.27 -11.89 -56.08
C VAL C 380 -8.61 -10.41 -56.38
N ALA C 381 -7.63 -9.71 -56.94
CA ALA C 381 -7.78 -8.30 -57.16
C ALA C 381 -8.99 -7.95 -58.03
N THR C 382 -9.11 -8.72 -59.10
CA THR C 382 -10.19 -8.58 -60.08
C THR C 382 -11.57 -8.76 -59.46
N HIS C 383 -11.74 -9.88 -58.77
CA HIS C 383 -12.97 -10.10 -58.03
C HIS C 383 -13.29 -8.94 -57.08
N ALA C 384 -12.28 -8.46 -56.35
CA ALA C 384 -12.50 -7.31 -55.45
C ALA C 384 -13.04 -6.09 -56.21
N MET C 385 -12.45 -5.81 -57.38
CA MET C 385 -12.84 -4.63 -58.10
C MET C 385 -14.26 -4.78 -58.69
N ASP C 386 -14.54 -5.96 -59.23
CA ASP C 386 -15.87 -6.29 -59.66
C ASP C 386 -16.92 -6.10 -58.56
N ARG C 387 -16.67 -6.72 -57.41
CA ARG C 387 -17.58 -6.60 -56.28
C ARG C 387 -17.83 -5.16 -55.87
N GLU C 388 -16.81 -4.31 -56.05
CA GLU C 388 -16.94 -2.86 -55.74
C GLU C 388 -17.43 -1.99 -56.91
N GLY C 389 -17.68 -2.62 -58.03
CA GLY C 389 -18.18 -1.90 -59.19
C GLY C 389 -17.19 -0.97 -59.82
N ARG C 390 -15.91 -1.37 -59.77
CA ARG C 390 -14.80 -0.59 -60.32
C ARG C 390 -14.35 -1.23 -61.66
N PRO C 391 -13.95 -0.40 -62.64
CA PRO C 391 -13.52 -1.00 -63.93
C PRO C 391 -12.26 -1.83 -63.75
N ARG C 392 -12.19 -2.97 -64.43
CA ARG C 392 -11.00 -3.81 -64.42
C ARG C 392 -9.74 -3.14 -65.03
N SER C 393 -9.95 -2.08 -65.79
CA SER C 393 -8.84 -1.35 -66.34
C SER C 393 -8.12 -0.55 -65.24
N ASP C 394 -8.71 -0.45 -64.05
CA ASP C 394 -8.04 0.21 -62.94
C ASP C 394 -7.03 -0.71 -62.27
N ILE C 395 -6.93 -1.95 -62.73
CA ILE C 395 -5.88 -2.83 -62.29
C ILE C 395 -4.69 -2.69 -63.26
N LEU C 396 -3.53 -2.25 -62.74
CA LEU C 396 -2.34 -2.11 -63.56
C LEU C 396 -1.39 -3.27 -63.36
N ALA C 397 -1.38 -4.20 -64.31
CA ALA C 397 -0.55 -5.41 -64.17
C ALA C 397 0.74 -5.25 -64.96
N PHE C 398 1.85 -5.66 -64.38
CA PHE C 398 3.14 -5.46 -65.02
C PHE C 398 3.91 -6.75 -65.10
N ALA C 399 4.36 -7.07 -66.33
CA ALA C 399 5.53 -7.93 -66.51
C ALA C 399 6.85 -7.11 -66.33
N LEU C 400 7.81 -7.71 -65.64
CA LEU C 400 9.04 -7.04 -65.23
C LEU C 400 10.22 -8.02 -65.44
N PRO C 401 10.44 -8.39 -66.70
CA PRO C 401 11.55 -9.30 -66.97
C PRO C 401 12.90 -8.66 -66.65
N GLY C 402 13.83 -9.47 -66.16
CA GLY C 402 15.19 -9.00 -65.90
C GLY C 402 16.21 -9.73 -66.73
N PHE C 403 17.02 -10.57 -66.07
CA PHE C 403 17.94 -11.44 -66.79
C PHE C 403 17.40 -12.85 -66.62
N LYS C 410 4.27 -16.88 -67.87
CA LYS C 410 4.95 -15.70 -68.37
C LYS C 410 4.30 -15.10 -69.62
N ASN C 411 4.08 -15.94 -70.63
CA ASN C 411 3.04 -15.62 -71.59
C ASN C 411 1.74 -15.84 -70.82
N ASN C 412 1.78 -16.77 -69.88
CA ASN C 412 0.60 -17.03 -69.06
C ASN C 412 0.17 -15.74 -68.43
N ALA C 413 1.17 -14.95 -68.09
CA ALA C 413 0.96 -13.64 -67.49
C ALA C 413 0.19 -12.71 -68.42
N ILE C 414 0.79 -12.36 -69.56
CA ILE C 414 0.08 -11.48 -70.50
C ILE C 414 -1.29 -12.06 -70.96
N LYS C 415 -1.36 -13.37 -71.21
CA LYS C 415 -2.64 -14.01 -71.53
C LYS C 415 -3.74 -13.84 -70.50
N LEU C 416 -3.41 -14.16 -69.26
CA LEU C 416 -4.34 -13.98 -68.15
C LEU C 416 -4.81 -12.54 -68.08
N ALA C 417 -3.86 -11.61 -68.14
CA ALA C 417 -4.17 -10.18 -68.07
C ALA C 417 -5.12 -9.81 -69.23
N ARG C 418 -4.83 -10.35 -70.42
CA ARG C 418 -5.60 -10.03 -71.61
C ARG C 418 -6.98 -10.65 -71.52
N ALA C 419 -7.01 -11.91 -71.13
CA ALA C 419 -8.27 -12.60 -70.81
C ALA C 419 -9.19 -11.90 -69.77
N LEU C 420 -8.61 -11.40 -68.68
CA LEU C 420 -9.39 -10.70 -67.68
C LEU C 420 -9.83 -9.30 -68.11
N GLY C 421 -9.01 -8.67 -68.94
CA GLY C 421 -9.28 -7.34 -69.39
C GLY C 421 -8.77 -6.25 -68.46
N VAL C 422 -7.65 -6.51 -67.77
CA VAL C 422 -6.98 -5.50 -66.94
C VAL C 422 -5.97 -4.73 -67.77
N THR C 423 -5.44 -3.64 -67.24
CA THR C 423 -4.46 -2.90 -68.01
C THR C 423 -3.11 -3.61 -67.94
N PHE C 424 -2.62 -4.08 -69.06
CA PHE C 424 -1.32 -4.73 -69.05
C PHE C 424 -0.14 -3.94 -69.69
N SER C 425 1.04 -4.16 -69.16
CA SER C 425 2.21 -3.46 -69.64
C SER C 425 3.47 -4.17 -69.22
N GLU C 426 4.56 -3.90 -69.90
CA GLU C 426 5.85 -4.56 -69.62
C GLU C 426 6.86 -3.48 -69.35
N ILE C 427 7.73 -3.74 -68.38
CA ILE C 427 8.83 -2.83 -68.09
C ILE C 427 10.04 -3.72 -67.91
N ASP C 428 11.06 -3.51 -68.71
CA ASP C 428 12.22 -4.38 -68.66
C ASP C 428 13.14 -3.70 -67.68
N ILE C 429 13.54 -4.39 -66.63
CA ILE C 429 14.35 -3.73 -65.59
C ILE C 429 15.85 -3.92 -65.84
N GLY C 430 16.22 -4.71 -66.84
CA GLY C 430 17.62 -5.02 -67.13
C GLY C 430 18.61 -3.85 -67.16
N ASP C 431 18.27 -2.79 -67.89
CA ASP C 431 19.19 -1.66 -67.98
C ASP C 431 19.35 -1.02 -66.63
N THR C 432 18.23 -0.86 -65.93
CA THR C 432 18.33 -0.19 -64.64
C THR C 432 19.20 -1.05 -63.73
N ALA C 433 19.04 -2.35 -63.82
CA ALA C 433 19.80 -3.26 -62.99
C ALA C 433 21.27 -3.28 -63.33
N ARG C 434 21.58 -3.31 -64.62
CA ARG C 434 22.95 -3.02 -65.12
C ARG C 434 23.59 -1.77 -64.53
N LEU C 435 22.90 -0.62 -64.63
CA LEU C 435 23.41 0.64 -64.08
C LEU C 435 23.72 0.53 -62.58
N MET C 436 22.82 -0.16 -61.88
CA MET C 436 22.88 -0.23 -60.42
C MET C 436 24.04 -1.16 -60.02
N LEU C 437 24.18 -2.28 -60.71
CA LEU C 437 25.29 -3.21 -60.47
C LEU C 437 26.64 -2.57 -60.81
N HIS C 438 26.65 -1.69 -61.81
CA HIS C 438 27.88 -0.97 -62.13
C HIS C 438 28.21 0.09 -61.10
N THR C 439 27.22 0.92 -60.77
CA THR C 439 27.41 1.95 -59.75
C THR C 439 27.93 1.41 -58.37
N ILE C 440 27.61 0.15 -58.08
CA ILE C 440 27.92 -0.54 -56.83
C ILE C 440 29.26 -1.30 -56.94
N GLY C 441 29.76 -1.41 -58.16
CA GLY C 441 31.03 -2.08 -58.38
C GLY C 441 30.96 -3.57 -58.28
N HIS C 442 29.84 -4.12 -58.68
CA HIS C 442 29.62 -5.56 -58.65
C HIS C 442 30.21 -6.28 -59.86
N PRO C 443 30.92 -7.43 -59.69
CA PRO C 443 31.61 -8.15 -60.80
C PRO C 443 30.83 -8.49 -62.10
N TYR C 444 29.50 -8.57 -62.03
CA TYR C 444 28.71 -8.82 -63.21
C TYR C 444 28.81 -7.66 -64.19
N SER C 445 28.85 -6.44 -63.63
CA SER C 445 29.28 -5.22 -64.34
C SER C 445 30.40 -5.41 -65.39
N VAL C 446 31.44 -6.14 -65.00
CA VAL C 446 32.63 -6.31 -65.82
C VAL C 446 32.71 -7.75 -66.40
N GLY C 447 31.53 -8.34 -66.59
CA GLY C 447 31.45 -9.58 -67.31
C GLY C 447 31.51 -10.80 -66.45
N GLU C 448 32.07 -10.73 -65.24
CA GLU C 448 32.03 -11.96 -64.34
C GLU C 448 30.62 -12.49 -64.07
N LYS C 449 30.46 -13.78 -64.29
CA LYS C 449 29.18 -14.46 -64.11
C LYS C 449 28.98 -14.79 -62.62
N VAL C 450 28.75 -13.78 -61.80
CA VAL C 450 28.65 -13.97 -60.35
C VAL C 450 27.18 -13.78 -60.00
N TYR C 451 26.43 -14.88 -59.94
CA TYR C 451 25.00 -14.83 -59.61
C TYR C 451 24.71 -15.07 -58.11
N ASP C 452 25.27 -14.21 -57.27
CA ASP C 452 25.08 -14.32 -55.82
C ASP C 452 23.83 -13.55 -55.39
N VAL C 453 23.74 -13.31 -54.07
CA VAL C 453 22.49 -12.76 -53.54
C VAL C 453 22.30 -11.32 -53.97
N THR C 454 23.39 -10.54 -54.03
CA THR C 454 23.30 -9.15 -54.52
C THR C 454 22.74 -9.04 -55.95
N PHE C 455 23.26 -9.89 -56.82
CA PHE C 455 22.79 -9.93 -58.18
C PHE C 455 21.30 -10.21 -58.20
N GLU C 456 20.89 -11.24 -57.48
CA GLU C 456 19.42 -11.63 -57.43
C GLU C 456 18.59 -10.48 -56.86
N ASN C 457 19.12 -9.95 -55.77
CA ASN C 457 18.42 -8.92 -54.99
C ASN C 457 18.28 -7.61 -55.67
N VAL C 458 19.27 -7.22 -56.50
CA VAL C 458 19.21 -5.97 -57.25
C VAL C 458 17.98 -6.01 -58.18
N GLN C 459 17.76 -7.16 -58.81
CA GLN C 459 16.58 -7.32 -59.66
C GLN C 459 15.31 -7.34 -58.85
N ALA C 460 15.27 -8.15 -57.80
CA ALA C 460 14.02 -8.24 -57.02
C ALA C 460 13.65 -6.87 -56.45
N GLY C 461 14.68 -6.16 -55.95
CA GLY C 461 14.56 -4.78 -55.49
C GLY C 461 13.97 -3.83 -56.51
N LEU C 462 14.45 -3.90 -57.77
CA LEU C 462 14.10 -2.89 -58.73
C LEU C 462 12.67 -3.06 -59.19
N ARG C 463 12.26 -4.31 -59.25
CA ARG C 463 10.84 -4.66 -59.40
C ARG C 463 9.93 -3.91 -58.49
N THR C 464 10.15 -4.08 -57.18
CA THR C 464 9.37 -3.37 -56.16
C THR C 464 9.52 -1.87 -56.27
N ASP C 465 10.75 -1.43 -56.56
CA ASP C 465 11.03 0.00 -56.62
C ASP C 465 10.17 0.62 -57.74
N TYR C 466 10.23 0.04 -58.96
CA TYR C 466 9.37 0.48 -60.03
C TYR C 466 7.88 0.50 -59.72
N LEU C 467 7.39 -0.63 -59.20
CA LEU C 467 5.97 -0.72 -58.84
C LEU C 467 5.57 0.39 -57.86
N PHE C 468 6.40 0.59 -56.84
CA PHE C 468 6.12 1.64 -55.90
C PHE C 468 6.00 3.01 -56.56
N ARG C 469 6.90 3.27 -57.52
CA ARG C 469 6.93 4.59 -58.14
C ARG C 469 5.78 4.78 -59.11
N ILE C 470 5.42 3.69 -59.80
CA ILE C 470 4.22 3.69 -60.61
C ILE C 470 2.99 3.97 -59.74
N ALA C 471 2.94 3.35 -58.56
CA ALA C 471 1.81 3.54 -57.65
C ALA C 471 1.65 5.02 -57.29
N ASN C 472 2.77 5.65 -56.91
CA ASN C 472 2.80 7.09 -56.66
C ASN C 472 2.35 7.87 -57.85
N GLN C 473 2.86 7.47 -59.01
CA GLN C 473 2.65 8.27 -60.20
C GLN C 473 1.22 8.18 -60.65
N ARG C 474 0.65 6.99 -60.51
CA ARG C 474 -0.63 6.73 -61.16
C ARG C 474 -1.82 6.68 -60.20
N GLY C 475 -1.58 7.00 -58.92
CA GLY C 475 -2.59 6.98 -57.88
C GLY C 475 -3.10 5.58 -57.50
N GLY C 476 -2.19 4.62 -57.30
CA GLY C 476 -2.49 3.24 -57.05
C GLY C 476 -1.85 2.73 -55.77
N ILE C 477 -2.09 1.47 -55.41
CA ILE C 477 -1.32 0.81 -54.36
C ILE C 477 -0.72 -0.48 -54.84
N VAL C 478 0.49 -0.78 -54.39
CA VAL C 478 1.15 -2.03 -54.76
C VAL C 478 0.61 -3.23 -53.99
N LEU C 479 0.18 -4.27 -54.68
CA LEU C 479 -0.30 -5.47 -54.04
C LEU C 479 0.80 -6.49 -53.85
N GLY C 480 0.98 -6.95 -52.62
CA GLY C 480 1.98 -7.97 -52.36
C GLY C 480 1.39 -9.33 -52.68
N THR C 481 2.25 -10.31 -52.84
CA THR C 481 1.82 -11.61 -53.34
C THR C 481 2.63 -12.72 -52.67
N GLY C 482 3.63 -12.37 -51.88
CA GLY C 482 4.33 -13.38 -51.10
C GLY C 482 3.32 -14.16 -50.25
N ASP C 483 3.59 -15.45 -50.05
CA ASP C 483 2.64 -16.29 -49.36
C ASP C 483 3.11 -16.64 -47.93
N LEU C 484 2.25 -17.32 -47.16
CA LEU C 484 2.56 -17.61 -45.75
C LEU C 484 3.82 -18.47 -45.53
N SER C 485 4.06 -19.45 -46.40
CA SER C 485 5.22 -20.34 -46.29
C SER C 485 6.51 -19.56 -46.56
N GLU C 486 6.41 -18.61 -47.47
CA GLU C 486 7.58 -17.72 -47.75
C GLU C 486 7.86 -16.81 -46.54
N LEU C 487 6.83 -16.28 -45.86
CA LEU C 487 7.03 -15.49 -44.64
C LEU C 487 7.68 -16.32 -43.57
N ALA C 488 7.24 -17.56 -43.47
CA ALA C 488 7.75 -18.45 -42.43
C ALA C 488 9.21 -18.70 -42.61
N LEU C 489 9.66 -18.87 -43.84
CA LEU C 489 11.02 -19.30 -44.07
C LEU C 489 11.99 -18.12 -44.33
N GLY C 490 11.45 -16.91 -44.42
CA GLY C 490 12.21 -15.75 -44.83
C GLY C 490 12.71 -15.81 -46.25
N TRP C 491 11.93 -16.48 -47.10
CA TRP C 491 12.27 -16.69 -48.50
C TRP C 491 11.61 -15.59 -49.32
N SER C 492 12.31 -14.47 -49.41
CA SER C 492 11.78 -13.23 -49.94
C SER C 492 12.94 -12.24 -49.83
N THR C 493 12.78 -11.05 -50.38
CA THR C 493 13.85 -10.08 -50.37
C THR C 493 13.37 -8.94 -49.53
N TYR C 494 14.08 -8.68 -48.43
CA TYR C 494 13.60 -7.79 -47.41
C TYR C 494 13.68 -6.31 -47.77
N GLY C 495 12.54 -5.64 -47.61
CA GLY C 495 12.55 -4.18 -47.49
C GLY C 495 12.44 -3.48 -48.82
N VAL C 496 13.55 -3.42 -49.54
CA VAL C 496 13.47 -3.11 -50.98
C VAL C 496 13.46 -4.43 -51.75
N GLY C 497 12.29 -4.93 -52.08
CA GLY C 497 12.20 -6.29 -52.61
C GLY C 497 10.80 -6.76 -52.37
N ASP C 498 10.52 -7.99 -52.77
CA ASP C 498 9.16 -8.56 -52.82
C ASP C 498 8.43 -8.67 -51.45
N GLN C 499 9.20 -8.73 -50.35
CA GLN C 499 8.63 -8.71 -48.99
C GLN C 499 7.77 -7.46 -48.80
N MET C 500 7.99 -6.39 -49.55
CA MET C 500 7.32 -5.12 -49.24
C MET C 500 6.17 -4.77 -50.19
N SER C 501 5.11 -4.14 -49.67
CA SER C 501 3.99 -3.73 -50.53
C SER C 501 3.06 -2.80 -49.80
N HIS C 502 1.98 -2.37 -50.46
CA HIS C 502 0.95 -1.60 -49.74
C HIS C 502 -0.09 -2.44 -49.08
N TYR C 503 -0.36 -3.60 -49.63
CA TYR C 503 -1.32 -4.53 -49.06
C TYR C 503 -1.05 -5.94 -49.52
N ASN C 504 -0.86 -6.91 -48.63
CA ASN C 504 -0.54 -8.27 -49.11
C ASN C 504 -1.73 -9.25 -49.06
N VAL C 505 -2.28 -9.66 -50.20
CA VAL C 505 -3.43 -10.56 -50.08
C VAL C 505 -3.09 -12.04 -49.81
N ASN C 506 -1.88 -12.49 -50.07
CA ASN C 506 -1.52 -13.93 -49.91
C ASN C 506 -0.73 -14.17 -48.62
N ALA C 507 -0.59 -13.12 -47.80
CA ALA C 507 0.31 -13.18 -46.66
C ALA C 507 -0.10 -14.25 -45.66
N GLY C 508 -1.42 -14.47 -45.58
CA GLY C 508 -1.98 -15.51 -44.72
C GLY C 508 -2.20 -16.89 -45.35
N VAL C 509 -1.91 -17.05 -46.65
CA VAL C 509 -2.20 -18.31 -47.34
C VAL C 509 -0.94 -19.11 -47.48
N PRO C 510 -0.90 -20.33 -46.92
CA PRO C 510 0.30 -21.14 -47.17
C PRO C 510 0.42 -21.62 -48.63
N LYS C 511 1.65 -21.81 -49.08
CA LYS C 511 1.92 -22.25 -50.43
C LYS C 511 1.10 -23.51 -50.76
N THR C 512 1.03 -24.50 -49.84
CA THR C 512 0.31 -25.73 -50.13
C THR C 512 -1.17 -25.49 -50.50
N LEU C 513 -1.78 -24.42 -49.98
CA LEU C 513 -3.20 -24.15 -50.30
C LEU C 513 -3.41 -23.37 -51.61
N ILE C 514 -2.43 -22.57 -52.00
CA ILE C 514 -2.58 -21.66 -53.16
C ILE C 514 -3.07 -22.44 -54.39
N GLN C 515 -2.46 -23.58 -54.65
CA GLN C 515 -2.78 -24.31 -55.90
C GLN C 515 -4.21 -24.83 -55.94
N HIS C 516 -4.72 -25.09 -54.73
CA HIS C 516 -6.10 -25.56 -54.53
C HIS C 516 -7.10 -24.45 -54.63
N LEU C 517 -6.74 -23.24 -54.17
CA LEU C 517 -7.51 -22.04 -54.45
C LEU C 517 -7.67 -21.74 -55.97
N ILE C 518 -6.59 -21.86 -56.74
CA ILE C 518 -6.68 -21.64 -58.17
C ILE C 518 -7.63 -22.68 -58.79
N ARG C 519 -7.40 -23.97 -58.48
CA ARG C 519 -8.33 -25.05 -58.85
C ARG C 519 -9.77 -24.76 -58.55
N TRP C 520 -10.02 -24.16 -57.41
CA TRP C 520 -11.37 -23.83 -57.00
C TRP C 520 -11.95 -22.72 -57.84
N VAL C 521 -11.13 -21.77 -58.24
CA VAL C 521 -11.63 -20.66 -59.02
C VAL C 521 -11.99 -21.14 -60.41
N ILE C 522 -11.14 -22.05 -60.92
CA ILE C 522 -11.33 -22.66 -62.23
C ILE C 522 -12.62 -23.42 -62.19
N SER C 523 -12.74 -24.30 -61.19
CA SER C 523 -13.92 -25.16 -61.06
C SER C 523 -15.22 -24.38 -60.90
N ALA C 524 -15.17 -23.27 -60.18
CA ALA C 524 -16.37 -22.47 -60.02
C ALA C 524 -16.76 -21.82 -61.34
N GLY C 525 -15.78 -21.26 -62.05
CA GLY C 525 -15.94 -20.83 -63.43
C GLY C 525 -16.66 -19.51 -63.73
N GLU C 526 -16.69 -18.58 -62.77
CA GLU C 526 -17.41 -17.26 -62.99
C GLU C 526 -16.55 -16.24 -63.71
N PHE C 527 -15.26 -16.55 -63.88
CA PHE C 527 -14.39 -15.72 -64.73
C PHE C 527 -14.49 -16.08 -66.25
N GLY C 528 -15.14 -17.21 -66.56
CA GLY C 528 -15.31 -17.60 -67.94
C GLY C 528 -14.31 -18.62 -68.41
N GLU C 529 -14.55 -19.23 -69.57
CA GLU C 529 -13.72 -20.37 -70.04
C GLU C 529 -12.29 -20.01 -70.47
N LYS C 530 -12.12 -18.84 -71.07
CA LYS C 530 -10.79 -18.37 -71.42
C LYS C 530 -9.87 -18.28 -70.17
N VAL C 531 -10.32 -17.48 -69.20
CA VAL C 531 -9.57 -17.29 -67.95
C VAL C 531 -9.29 -18.67 -67.36
N GLY C 532 -10.33 -19.51 -67.31
CA GLY C 532 -10.20 -20.86 -66.85
C GLY C 532 -9.04 -21.58 -67.51
N GLU C 533 -8.97 -21.54 -68.86
CA GLU C 533 -7.88 -22.22 -69.62
C GLU C 533 -6.51 -21.65 -69.28
N VAL C 534 -6.44 -20.34 -69.17
CA VAL C 534 -5.15 -19.73 -68.81
C VAL C 534 -4.70 -20.21 -67.41
N LEU C 535 -5.65 -20.21 -66.47
CA LEU C 535 -5.36 -20.59 -65.08
C LEU C 535 -4.91 -22.04 -65.08
N GLN C 536 -5.56 -22.81 -65.95
CA GLN C 536 -5.26 -24.23 -66.00
C GLN C 536 -3.84 -24.42 -66.55
N SER C 537 -3.50 -23.62 -67.54
CA SER C 537 -2.13 -23.58 -68.02
C SER C 537 -1.14 -23.17 -66.91
N VAL C 538 -1.49 -22.16 -66.13
CA VAL C 538 -0.59 -21.76 -65.04
C VAL C 538 -0.28 -22.93 -64.14
N LEU C 539 -1.33 -23.63 -63.74
CA LEU C 539 -1.20 -24.84 -62.94
C LEU C 539 -0.28 -25.88 -63.58
N ASP C 540 -0.58 -26.22 -64.84
CA ASP C 540 0.15 -27.26 -65.57
C ASP C 540 1.63 -26.94 -65.73
N THR C 541 1.91 -25.67 -66.03
CA THR C 541 3.26 -25.18 -66.17
C THR C 541 4.02 -25.17 -64.85
N GLU C 542 3.34 -24.75 -63.79
CA GLU C 542 4.07 -24.37 -62.55
C GLU C 542 4.38 -25.54 -61.62
N ILE C 543 3.52 -26.55 -61.61
CA ILE C 543 3.79 -27.74 -60.80
C ILE C 543 4.73 -28.72 -61.51
N SER C 558 13.95 -23.46 -55.56
CA SER C 558 13.56 -23.02 -54.20
C SER C 558 13.50 -24.20 -53.24
N GLU C 559 12.62 -25.17 -53.51
CA GLU C 559 12.52 -26.42 -52.65
C GLU C 559 13.82 -27.22 -52.71
N ALA C 560 14.80 -26.62 -53.37
CA ALA C 560 16.16 -27.10 -53.47
C ALA C 560 16.89 -26.69 -52.20
N LYS C 561 16.69 -25.43 -51.79
CA LYS C 561 17.46 -24.94 -50.65
C LYS C 561 16.66 -24.84 -49.34
N VAL C 562 15.36 -24.55 -49.40
CA VAL C 562 14.54 -24.48 -48.21
C VAL C 562 13.73 -25.76 -47.96
N GLY C 563 13.78 -26.70 -48.89
CA GLY C 563 13.11 -27.98 -48.75
C GLY C 563 11.70 -28.00 -49.33
N PRO C 564 11.10 -29.21 -49.41
CA PRO C 564 9.74 -29.29 -49.96
C PRO C 564 8.74 -28.50 -49.12
N PHE C 565 8.02 -27.58 -49.75
CA PHE C 565 6.99 -26.83 -49.06
C PHE C 565 5.93 -27.65 -48.34
N ALA C 566 5.66 -28.86 -48.82
CA ALA C 566 4.72 -29.79 -48.12
C ALA C 566 5.20 -30.02 -46.68
N LEU C 567 6.51 -30.21 -46.52
CA LEU C 567 7.09 -30.55 -45.24
C LEU C 567 7.20 -29.30 -44.35
N GLN C 568 7.46 -28.16 -44.96
CA GLN C 568 7.63 -26.94 -44.20
C GLN C 568 6.29 -26.40 -43.75
N ASP C 569 5.31 -26.39 -44.63
CA ASP C 569 3.94 -26.11 -44.22
C ASP C 569 3.50 -27.03 -43.08
N PHE C 570 3.97 -28.26 -43.08
CA PHE C 570 3.56 -29.19 -42.03
C PHE C 570 4.16 -28.73 -40.71
N SER C 571 5.47 -28.49 -40.69
CA SER C 571 6.15 -28.02 -39.49
C SER C 571 5.56 -26.70 -38.99
N LEU C 572 5.30 -25.80 -39.93
CA LEU C 572 4.77 -24.49 -39.63
C LEU C 572 3.47 -24.60 -38.85
N PHE C 573 2.53 -25.38 -39.34
CA PHE C 573 1.30 -25.59 -38.56
C PHE C 573 1.60 -26.04 -37.12
N GLN C 574 2.41 -27.09 -36.95
CA GLN C 574 2.72 -27.60 -35.60
C GLN C 574 3.31 -26.50 -34.72
N VAL C 575 4.26 -25.77 -35.26
CA VAL C 575 4.88 -24.70 -34.50
C VAL C 575 3.91 -23.52 -34.22
N LEU C 576 3.26 -23.00 -35.23
CA LEU C 576 2.46 -21.81 -35.05
C LEU C 576 1.20 -22.11 -34.20
N ARG C 577 0.59 -23.30 -34.34
CA ARG C 577 -0.66 -23.56 -33.64
C ARG C 577 -0.40 -24.07 -32.19
N TYR C 578 0.58 -24.95 -32.02
CA TYR C 578 0.75 -25.74 -30.82
C TYR C 578 2.08 -25.52 -30.11
N GLY C 579 3.05 -25.00 -30.85
CA GLY C 579 4.39 -24.84 -30.32
C GLY C 579 5.04 -26.18 -29.97
N PHE C 580 4.71 -27.23 -30.72
CA PHE C 580 5.28 -28.54 -30.40
C PHE C 580 6.78 -28.55 -30.49
N ARG C 581 7.44 -29.34 -29.63
CA ARG C 581 8.90 -29.53 -29.84
C ARG C 581 9.32 -30.21 -31.18
N PRO C 582 10.54 -29.92 -31.68
CA PRO C 582 10.89 -30.57 -32.97
C PRO C 582 10.72 -32.11 -33.00
N SER C 583 11.11 -32.86 -31.97
CA SER C 583 11.03 -34.32 -32.06
C SER C 583 9.57 -34.79 -32.20
N LYS C 584 8.64 -34.09 -31.56
CA LYS C 584 7.23 -34.35 -31.72
C LYS C 584 6.82 -34.01 -33.17
N ILE C 585 7.34 -32.92 -33.74
CA ILE C 585 6.99 -32.58 -35.11
C ILE C 585 7.49 -33.65 -36.09
N ALA C 586 8.69 -34.16 -35.85
CA ALA C 586 9.25 -35.19 -36.73
C ALA C 586 8.45 -36.49 -36.65
N PHE C 587 8.07 -36.88 -35.43
CA PHE C 587 7.19 -38.05 -35.23
C PHE C 587 5.90 -37.94 -36.03
N LEU C 588 5.20 -36.83 -35.89
CA LEU C 588 3.96 -36.63 -36.65
C LEU C 588 4.16 -36.64 -38.16
N ALA C 589 5.16 -35.88 -38.66
CA ALA C 589 5.41 -35.84 -40.09
C ALA C 589 5.76 -37.23 -40.61
N TRP C 590 6.53 -38.00 -39.86
CA TRP C 590 6.91 -39.32 -40.33
C TRP C 590 5.69 -40.19 -40.39
N HIS C 591 4.91 -40.19 -39.33
CA HIS C 591 3.64 -40.90 -39.47
C HIS C 591 2.76 -40.42 -40.64
N ALA C 592 2.76 -39.16 -41.00
CA ALA C 592 1.88 -38.76 -42.09
C ALA C 592 2.50 -38.98 -43.50
N TRP C 593 3.83 -38.88 -43.61
CA TRP C 593 4.48 -38.76 -44.91
C TRP C 593 5.29 -39.97 -45.34
N ASN C 594 5.66 -40.82 -44.40
CA ASN C 594 6.61 -41.86 -44.74
C ASN C 594 6.09 -42.92 -45.77
N ASP C 595 4.77 -43.11 -45.83
CA ASP C 595 4.16 -44.05 -46.76
C ASP C 595 3.09 -43.36 -47.59
N ALA C 596 3.27 -43.35 -48.90
CA ALA C 596 2.38 -42.64 -49.77
C ALA C 596 1.06 -43.36 -49.94
N GLU C 597 1.05 -44.65 -49.58
CA GLU C 597 -0.15 -45.56 -49.82
C GLU C 597 -1.16 -45.43 -48.71
N ARG C 598 -0.66 -45.09 -47.54
CA ARG C 598 -1.51 -44.93 -46.36
C ARG C 598 -2.00 -43.51 -46.20
N GLY C 599 -3.14 -43.36 -45.56
CA GLY C 599 -3.80 -42.07 -45.45
C GLY C 599 -4.27 -41.54 -46.79
N ASN C 600 -5.09 -40.49 -46.77
CA ASN C 600 -5.67 -39.97 -48.00
C ASN C 600 -4.97 -38.70 -48.40
N TRP C 601 -4.94 -38.49 -49.71
CA TRP C 601 -4.42 -37.31 -50.34
C TRP C 601 -5.61 -36.45 -50.67
N PRO C 602 -5.43 -35.14 -50.69
CA PRO C 602 -6.49 -34.26 -51.16
C PRO C 602 -6.67 -34.50 -52.63
N PRO C 603 -7.72 -33.93 -53.25
CA PRO C 603 -7.91 -33.97 -54.70
C PRO C 603 -6.81 -33.20 -55.40
N GLY C 604 -6.38 -33.64 -56.58
CA GLY C 604 -5.42 -32.88 -57.37
C GLY C 604 -3.98 -33.36 -57.24
N PHE C 605 -3.80 -34.63 -56.86
CA PHE C 605 -2.49 -35.26 -56.78
C PHE C 605 -2.41 -36.54 -57.63
N PRO C 606 -2.06 -36.40 -58.91
CA PRO C 606 -1.84 -37.62 -59.72
C PRO C 606 -0.77 -38.47 -59.01
N LYS C 607 -0.73 -39.79 -59.21
CA LYS C 607 0.26 -40.64 -58.51
C LYS C 607 1.75 -40.32 -58.67
N SER C 608 2.16 -39.83 -59.85
CA SER C 608 3.56 -39.52 -60.04
C SER C 608 3.95 -38.44 -59.05
N GLU C 609 2.94 -37.77 -58.48
CA GLU C 609 3.17 -36.66 -57.50
C GLU C 609 2.68 -36.90 -56.07
N ARG C 610 2.93 -38.11 -55.60
CA ARG C 610 2.61 -38.47 -54.22
C ARG C 610 3.89 -39.00 -53.60
N PRO C 611 4.75 -38.07 -53.24
CA PRO C 611 6.05 -38.35 -52.64
C PRO C 611 5.84 -38.91 -51.24
N SER C 612 6.79 -39.73 -50.80
CA SER C 612 6.87 -40.24 -49.49
C SER C 612 8.25 -39.79 -48.99
N TYR C 613 8.38 -39.46 -47.71
CA TYR C 613 9.67 -38.95 -47.17
C TYR C 613 10.24 -39.87 -46.11
N SER C 614 11.54 -40.09 -46.12
CA SER C 614 12.14 -40.89 -45.04
C SER C 614 12.34 -40.02 -43.75
N LEU C 615 12.66 -40.67 -42.64
CA LEU C 615 12.89 -39.94 -41.41
C LEU C 615 14.13 -39.03 -41.63
N ALA C 616 15.16 -39.56 -42.30
CA ALA C 616 16.38 -38.79 -42.56
C ALA C 616 16.04 -37.48 -43.25
N GLU C 617 15.09 -37.56 -44.16
CA GLU C 617 14.73 -36.37 -44.95
C GLU C 617 13.98 -35.40 -44.08
N ILE C 618 12.98 -35.91 -43.39
CA ILE C 618 12.14 -35.11 -42.51
C ILE C 618 12.99 -34.42 -41.48
N ARG C 619 13.97 -35.17 -40.96
CA ARG C 619 14.91 -34.66 -40.00
C ARG C 619 15.75 -33.51 -40.56
N HIS C 620 16.17 -33.67 -41.81
CA HIS C 620 17.04 -32.70 -42.50
C HIS C 620 16.29 -31.38 -42.71
N TRP C 621 15.11 -31.46 -43.32
CA TRP C 621 14.33 -30.26 -43.61
C TRP C 621 13.83 -29.61 -42.34
N LEU C 622 13.80 -30.36 -41.25
CA LEU C 622 13.31 -29.80 -40.00
C LEU C 622 14.38 -28.93 -39.29
N GLN C 623 15.63 -29.38 -39.32
CA GLN C 623 16.79 -28.60 -38.93
C GLN C 623 16.77 -27.29 -39.64
N ILE C 624 16.57 -27.34 -40.93
CA ILE C 624 16.46 -26.11 -41.70
C ILE C 624 15.27 -25.25 -41.28
N PHE C 625 14.13 -25.89 -41.04
CA PHE C 625 12.98 -25.11 -40.63
C PHE C 625 13.19 -24.36 -39.28
N VAL C 626 13.73 -25.02 -38.28
CA VAL C 626 13.82 -24.36 -36.98
C VAL C 626 14.84 -23.22 -37.03
N GLN C 627 15.98 -23.48 -37.68
CA GLN C 627 16.99 -22.43 -37.94
C GLN C 627 16.33 -21.22 -38.65
N ARG C 628 15.68 -21.44 -39.78
CA ARG C 628 15.12 -20.32 -40.52
C ARG C 628 13.96 -19.67 -39.81
N PHE C 629 13.03 -20.49 -39.27
CA PHE C 629 11.84 -19.95 -38.60
C PHE C 629 12.07 -19.12 -37.31
N TYR C 630 12.83 -19.70 -36.38
CA TYR C 630 13.03 -19.11 -35.05
C TYR C 630 14.21 -18.09 -35.00
N SER C 631 15.23 -18.29 -35.83
CA SER C 631 16.42 -17.38 -35.80
C SER C 631 16.54 -16.38 -36.96
N PHE C 632 16.72 -16.88 -38.18
CA PHE C 632 16.88 -16.03 -39.35
C PHE C 632 15.72 -15.11 -39.76
N SER C 633 14.50 -15.61 -39.89
CA SER C 633 13.46 -14.87 -40.62
C SER C 633 12.58 -13.82 -39.92
N GLN C 634 12.61 -13.77 -38.58
CA GLN C 634 11.67 -12.93 -37.90
C GLN C 634 11.76 -11.45 -38.29
N PHE C 635 12.99 -10.94 -38.49
CA PHE C 635 13.13 -9.52 -38.84
C PHE C 635 12.31 -9.15 -40.09
N LYS C 636 12.23 -10.09 -41.04
CA LYS C 636 11.43 -9.84 -42.24
C LYS C 636 9.94 -9.77 -41.93
N ARG C 637 9.49 -10.65 -41.06
CA ARG C 637 8.10 -10.58 -40.59
C ARG C 637 7.86 -9.32 -39.80
N SER C 638 8.86 -8.90 -39.03
CA SER C 638 8.67 -7.76 -38.10
C SER C 638 8.15 -6.47 -38.71
N ALA C 639 8.55 -6.20 -39.94
CA ALA C 639 8.09 -5.00 -40.64
C ALA C 639 7.24 -5.41 -41.85
N LEU C 640 6.06 -5.92 -41.56
CA LEU C 640 5.22 -6.53 -42.57
C LEU C 640 4.08 -5.61 -42.95
N PRO C 641 3.79 -5.45 -44.26
CA PRO C 641 2.57 -4.80 -44.77
C PRO C 641 1.25 -5.46 -44.24
N ASN C 642 0.13 -4.76 -44.38
CA ASN C 642 -1.16 -5.24 -43.87
C ASN C 642 -1.71 -6.34 -44.79
N GLY C 643 -2.55 -7.21 -44.24
CA GLY C 643 -3.19 -8.26 -45.02
C GLY C 643 -4.01 -9.12 -44.06
N PRO C 644 -5.07 -9.78 -44.55
CA PRO C 644 -5.91 -10.52 -43.60
C PRO C 644 -5.37 -11.91 -43.27
N LYS C 645 -5.51 -12.27 -41.98
CA LYS C 645 -5.35 -13.65 -41.50
C LYS C 645 -6.34 -14.60 -42.20
N VAL C 646 -5.89 -15.82 -42.46
CA VAL C 646 -6.74 -16.73 -43.23
C VAL C 646 -6.99 -18.06 -42.56
N SER C 647 -5.94 -18.78 -42.18
CA SER C 647 -6.07 -20.14 -41.66
C SER C 647 -6.32 -20.13 -40.15
N HIS C 648 -7.10 -21.09 -39.65
CA HIS C 648 -7.19 -21.28 -38.21
C HIS C 648 -5.81 -21.69 -37.64
N GLY C 649 -4.90 -22.14 -38.49
CA GLY C 649 -3.56 -22.49 -38.04
C GLY C 649 -2.82 -21.27 -37.55
N GLY C 650 -3.27 -20.10 -38.00
CA GLY C 650 -2.61 -18.87 -37.59
C GLY C 650 -2.03 -18.12 -38.80
N ALA C 651 -1.62 -16.89 -38.55
CA ALA C 651 -0.88 -16.13 -39.55
C ALA C 651 0.44 -15.71 -38.91
N LEU C 652 1.22 -14.85 -39.56
CA LEU C 652 2.54 -14.53 -39.09
C LEU C 652 2.79 -13.01 -38.97
N SER C 653 1.72 -12.22 -38.92
CA SER C 653 1.79 -10.81 -38.58
C SER C 653 2.27 -10.57 -37.13
N PRO C 654 3.25 -9.68 -36.97
CA PRO C 654 3.81 -9.34 -35.66
C PRO C 654 2.81 -8.50 -34.91
N ARG C 655 1.81 -7.98 -35.61
CA ARG C 655 0.67 -7.34 -34.95
C ARG C 655 -0.48 -8.34 -34.58
N GLY C 656 -0.30 -9.65 -34.77
CA GLY C 656 -1.42 -10.58 -34.62
C GLY C 656 -0.99 -11.84 -33.91
N ASP C 657 -0.86 -12.94 -34.63
CA ASP C 657 -0.58 -14.26 -34.08
C ASP C 657 0.85 -14.53 -33.70
N TRP C 658 1.80 -13.71 -34.15
CA TRP C 658 3.19 -14.09 -33.90
C TRP C 658 4.08 -12.96 -33.51
N ARG C 659 4.31 -12.88 -32.20
CA ARG C 659 5.17 -11.89 -31.54
C ARG C 659 6.40 -12.66 -31.09
N ALA C 660 7.53 -12.27 -31.61
CA ALA C 660 8.79 -12.98 -31.42
C ALA C 660 9.97 -12.04 -31.67
N PRO C 661 11.13 -12.36 -31.11
CA PRO C 661 12.31 -11.50 -31.26
C PRO C 661 12.97 -11.63 -32.65
N SER C 662 13.48 -10.50 -33.15
CA SER C 662 14.18 -10.47 -34.41
C SER C 662 15.63 -10.93 -34.25
N ASP C 663 16.08 -11.15 -33.02
CA ASP C 663 17.51 -11.29 -32.76
C ASP C 663 17.83 -12.49 -31.87
N MET C 664 17.15 -13.61 -32.11
CA MET C 664 17.28 -14.78 -31.28
C MET C 664 17.98 -15.92 -31.98
N SER C 665 18.76 -16.70 -31.27
CA SER C 665 19.29 -17.95 -31.81
C SER C 665 18.31 -19.15 -31.70
N ALA C 666 18.52 -20.14 -32.55
CA ALA C 666 17.68 -21.34 -32.63
C ALA C 666 18.40 -22.55 -32.00
N ARG C 667 19.48 -22.31 -31.27
CA ARG C 667 20.26 -23.42 -30.74
C ARG C 667 19.42 -24.53 -30.04
N ILE C 668 18.56 -24.17 -29.08
CA ILE C 668 17.85 -25.21 -28.30
C ILE C 668 17.01 -26.13 -29.17
N TRP C 669 16.28 -25.58 -30.14
CA TRP C 669 15.60 -26.41 -31.15
C TRP C 669 16.58 -27.32 -31.91
N LEU C 670 17.68 -26.76 -32.42
CA LEU C 670 18.65 -27.59 -33.11
C LEU C 670 19.25 -28.68 -32.24
N ASP C 671 19.53 -28.35 -30.98
CA ASP C 671 20.03 -29.32 -30.01
C ASP C 671 18.97 -30.42 -29.69
N GLN C 672 17.70 -30.05 -29.65
CA GLN C 672 16.59 -31.01 -29.32
C GLN C 672 16.52 -32.06 -30.51
N ILE C 673 16.64 -31.57 -31.74
CA ILE C 673 16.69 -32.49 -32.87
C ILE C 673 17.90 -33.41 -32.74
N ASP C 674 19.02 -32.84 -32.34
CA ASP C 674 20.24 -33.61 -32.31
C ASP C 674 20.14 -34.77 -31.33
N ARG C 675 19.56 -34.50 -30.16
CA ARG C 675 19.50 -35.46 -29.08
C ARG C 675 18.35 -36.45 -29.24
N GLU C 676 17.23 -35.98 -29.77
CA GLU C 676 15.96 -36.77 -29.73
C GLU C 676 15.53 -37.48 -31.05
N VAL C 677 15.87 -36.93 -32.21
CA VAL C 677 15.47 -37.52 -33.48
C VAL C 677 16.60 -38.39 -34.08
N PRO C 678 16.32 -39.68 -34.27
CA PRO C 678 17.30 -40.59 -34.89
C PRO C 678 17.76 -40.04 -36.26
N LYS C 679 18.98 -40.39 -36.64
CA LYS C 679 19.57 -39.92 -37.90
C LYS C 679 18.75 -40.37 -39.11
N GLY C 680 18.19 -41.57 -39.03
CA GLY C 680 17.27 -42.08 -40.01
C GLY C 680 16.37 -43.14 -39.40
N MET D 2 31.96 -14.74 21.69
CA MET D 2 31.46 -14.21 20.43
C MET D 2 32.59 -13.66 19.58
N ASN D 3 32.44 -13.71 18.25
CA ASN D 3 33.37 -13.03 17.34
C ASN D 3 32.98 -11.58 17.07
N PHE D 4 33.66 -10.63 17.70
CA PHE D 4 33.23 -9.25 17.63
C PHE D 4 33.31 -8.68 16.24
N TYR D 5 34.24 -9.20 15.43
CA TYR D 5 34.43 -8.70 14.06
C TYR D 5 33.49 -9.29 12.96
N SER D 6 32.66 -10.27 13.32
CA SER D 6 31.66 -10.87 12.42
C SER D 6 30.38 -10.00 12.24
N ALA D 7 30.17 -9.51 11.01
CA ALA D 7 28.90 -8.82 10.68
C ALA D 7 27.63 -9.65 11.02
N TYR D 8 27.70 -10.97 10.83
CA TYR D 8 26.50 -11.81 11.05
C TYR D 8 26.15 -11.87 12.52
N GLN D 9 27.16 -11.90 13.37
CA GLN D 9 26.91 -11.87 14.82
C GLN D 9 26.38 -10.55 15.32
N HIS D 10 26.50 -9.47 14.54
CA HIS D 10 25.90 -8.18 14.93
C HIS D 10 24.55 -7.89 14.26
N GLY D 11 23.93 -8.92 13.70
CA GLY D 11 22.59 -8.82 13.14
C GLY D 11 22.56 -8.32 11.72
N PHE D 12 23.70 -8.34 11.08
CA PHE D 12 23.72 -7.98 9.66
C PHE D 12 23.43 -9.18 8.78
N VAL D 13 22.70 -8.93 7.68
CA VAL D 13 22.55 -9.93 6.64
C VAL D 13 23.09 -9.39 5.33
N ARG D 14 23.99 -10.13 4.70
CA ARG D 14 24.58 -9.73 3.42
C ARG D 14 23.77 -10.21 2.20
N VAL D 15 23.38 -9.25 1.36
CA VAL D 15 22.34 -9.39 0.37
C VAL D 15 22.92 -8.93 -0.99
N ALA D 16 22.60 -9.63 -2.07
CA ALA D 16 23.07 -9.31 -3.44
C ALA D 16 21.93 -9.21 -4.45
N ALA D 17 21.80 -8.07 -5.13
CA ALA D 17 20.98 -7.98 -6.34
C ALA D 17 21.89 -8.10 -7.58
N CYS D 18 21.64 -9.14 -8.39
CA CYS D 18 22.53 -9.50 -9.49
C CYS D 18 21.89 -9.28 -10.90
N THR D 19 22.58 -8.62 -11.82
CA THR D 19 22.12 -8.57 -13.20
C THR D 19 23.06 -9.38 -14.08
N HIS D 20 22.52 -10.46 -14.64
CA HIS D 20 23.33 -11.46 -15.34
C HIS D 20 23.34 -11.22 -16.86
N HIS D 21 24.10 -12.05 -17.56
CA HIS D 21 24.09 -11.90 -19.00
C HIS D 21 22.94 -12.72 -19.61
N THR D 22 21.95 -12.02 -20.18
CA THR D 22 20.83 -12.68 -20.82
C THR D 22 21.22 -13.26 -22.20
N THR D 23 20.87 -14.52 -22.45
CA THR D 23 20.93 -15.06 -23.83
C THR D 23 19.53 -15.49 -24.20
N ILE D 24 18.76 -14.67 -24.88
CA ILE D 24 17.35 -14.93 -25.03
C ILE D 24 17.10 -16.30 -25.69
N GLY D 25 16.05 -17.01 -25.26
CA GLY D 25 15.77 -18.32 -25.79
C GLY D 25 16.80 -19.41 -25.43
N ASP D 26 17.67 -19.19 -24.44
CA ASP D 26 18.70 -20.20 -24.15
C ASP D 26 19.00 -20.39 -22.66
N PRO D 27 18.14 -21.16 -21.99
CA PRO D 27 18.16 -21.41 -20.55
C PRO D 27 19.46 -21.93 -20.01
N ALA D 28 20.13 -22.83 -20.71
CA ALA D 28 21.35 -23.38 -20.14
C ALA D 28 22.44 -22.33 -20.13
N ALA D 29 22.38 -21.41 -21.10
CA ALA D 29 23.36 -20.29 -21.09
C ALA D 29 23.08 -19.29 -19.95
N ASN D 30 21.81 -18.92 -19.75
CA ASN D 30 21.44 -18.03 -18.65
C ASN D 30 21.77 -18.67 -17.33
N ALA D 31 21.50 -19.97 -17.21
CA ALA D 31 21.81 -20.67 -15.98
C ALA D 31 23.30 -20.59 -15.66
N ALA D 32 24.12 -20.75 -16.69
CA ALA D 32 25.57 -20.70 -16.53
C ALA D 32 26.01 -19.30 -16.05
N SER D 33 25.40 -18.24 -16.54
CA SER D 33 25.70 -16.88 -16.06
C SER D 33 25.24 -16.75 -14.59
N VAL D 34 24.03 -17.24 -14.31
CA VAL D 34 23.49 -17.26 -12.93
C VAL D 34 24.40 -18.05 -11.99
N LEU D 35 24.83 -19.25 -12.38
CA LEU D 35 25.74 -20.02 -11.54
C LEU D 35 27.07 -19.29 -11.22
N ASP D 36 27.65 -18.64 -12.23
CA ASP D 36 28.89 -17.87 -12.03
C ASP D 36 28.73 -16.71 -11.02
N MET D 37 27.68 -15.89 -11.17
CA MET D 37 27.41 -14.82 -10.21
C MET D 37 27.06 -15.33 -8.80
N ALA D 38 26.31 -16.43 -8.71
CA ALA D 38 26.00 -17.06 -7.43
C ALA D 38 27.24 -17.58 -6.73
N ARG D 39 28.18 -18.11 -7.50
CA ARG D 39 29.42 -18.52 -6.87
C ARG D 39 30.20 -17.33 -6.33
N ALA D 40 30.05 -16.17 -7.00
CA ALA D 40 30.70 -14.96 -6.52
C ALA D 40 30.00 -14.49 -5.23
N CYS D 41 28.67 -14.40 -5.29
CA CYS D 41 27.83 -13.99 -4.18
C CYS D 41 28.19 -14.97 -2.99
N HIS D 42 28.40 -16.26 -3.25
CA HIS D 42 28.84 -17.21 -2.17
C HIS D 42 30.18 -16.86 -1.55
N ASP D 43 31.18 -16.65 -2.40
CA ASP D 43 32.47 -16.22 -1.94
C ASP D 43 32.40 -14.96 -1.09
N ASP D 44 31.50 -14.05 -1.41
CA ASP D 44 31.31 -12.83 -0.62
C ASP D 44 30.57 -13.05 0.70
N GLY D 45 30.17 -14.30 0.97
CA GLY D 45 29.36 -14.64 2.13
C GLY D 45 27.96 -14.04 2.10
N ALA D 46 27.38 -13.88 0.93
CA ALA D 46 26.02 -13.36 0.82
C ALA D 46 24.99 -14.40 1.29
N ALA D 47 23.87 -13.92 1.80
CA ALA D 47 22.83 -14.81 2.26
C ALA D 47 21.71 -14.92 1.22
N LEU D 48 21.68 -13.99 0.30
CA LEU D 48 20.58 -13.88 -0.62
C LEU D 48 21.12 -13.32 -1.95
N ALA D 49 20.68 -13.91 -3.06
CA ALA D 49 21.03 -13.40 -4.38
C ALA D 49 19.80 -13.33 -5.27
N VAL D 50 19.36 -12.12 -5.59
CA VAL D 50 18.17 -11.91 -6.40
C VAL D 50 18.56 -11.59 -7.87
N PHE D 51 17.96 -12.30 -8.84
CA PHE D 51 18.19 -12.08 -10.25
C PHE D 51 17.03 -11.41 -11.02
N PRO D 52 17.22 -11.18 -12.33
CA PRO D 52 16.11 -10.43 -12.95
C PRO D 52 14.92 -11.29 -13.36
N GLU D 53 13.83 -10.60 -13.69
CA GLU D 53 12.52 -11.24 -14.00
C GLU D 53 12.71 -12.21 -15.19
N LEU D 54 12.13 -13.41 -15.14
CA LEU D 54 12.30 -14.42 -16.20
C LEU D 54 13.75 -14.71 -16.53
N THR D 55 14.62 -14.66 -15.54
CA THR D 55 16.03 -15.00 -15.72
C THR D 55 16.31 -16.14 -16.73
N LEU D 56 15.60 -17.24 -16.60
CA LEU D 56 16.08 -18.44 -17.27
C LEU D 56 15.68 -18.52 -18.76
N SER D 57 14.74 -17.72 -19.18
CA SER D 57 14.34 -17.78 -20.56
C SER D 57 14.72 -16.54 -21.27
N GLY D 58 14.87 -15.46 -20.49
CA GLY D 58 14.82 -14.09 -20.95
C GLY D 58 13.41 -13.52 -20.93
N TYR D 59 13.31 -12.26 -20.60
CA TYR D 59 12.03 -11.66 -20.30
C TYR D 59 11.36 -11.25 -21.59
N SER D 60 12.19 -10.90 -22.58
CA SER D 60 11.73 -10.19 -23.78
C SER D 60 11.28 -11.08 -24.95
N ILE D 61 11.26 -12.41 -24.76
CA ILE D 61 11.01 -13.30 -25.91
C ILE D 61 9.56 -13.49 -26.38
N GLU D 62 8.59 -12.88 -25.70
CA GLU D 62 7.18 -12.86 -26.24
C GLU D 62 6.63 -14.30 -26.53
N ASP D 63 6.09 -14.57 -27.73
CA ASP D 63 5.38 -15.86 -27.92
C ASP D 63 6.40 -17.02 -27.86
N VAL D 64 7.68 -16.76 -27.86
CA VAL D 64 8.57 -17.90 -27.76
C VAL D 64 8.46 -18.58 -26.40
N LEU D 65 7.98 -17.83 -25.40
CA LEU D 65 7.71 -18.36 -24.07
C LEU D 65 6.78 -19.60 -24.15
N LEU D 66 5.88 -19.59 -25.14
CA LEU D 66 4.88 -20.68 -25.30
C LEU D 66 5.39 -21.89 -26.10
N GLN D 67 6.66 -21.94 -26.44
CA GLN D 67 7.17 -23.05 -27.22
C GLN D 67 7.59 -24.16 -26.26
N ASP D 68 7.08 -25.36 -26.49
CA ASP D 68 7.50 -26.46 -25.65
C ASP D 68 8.99 -26.64 -25.45
N SER D 69 9.80 -26.54 -26.49
CA SER D 69 11.25 -26.78 -26.31
C SER D 69 11.84 -25.72 -25.38
N LEU D 70 11.28 -24.50 -25.44
CA LEU D 70 11.72 -23.45 -24.57
C LEU D 70 11.36 -23.78 -23.10
N LEU D 71 10.06 -24.04 -22.85
CA LEU D 71 9.58 -24.47 -21.53
C LEU D 71 10.34 -25.67 -20.98
N ASP D 72 10.58 -26.65 -21.82
CA ASP D 72 11.38 -27.79 -21.41
C ASP D 72 12.81 -27.44 -21.05
N ALA D 73 13.43 -26.57 -21.86
CA ALA D 73 14.80 -26.21 -21.59
C ALA D 73 14.90 -25.47 -20.22
N VAL D 74 13.93 -24.58 -19.96
CA VAL D 74 13.85 -23.88 -18.69
C VAL D 74 13.83 -24.86 -17.55
N GLU D 75 12.94 -25.83 -17.61
CA GLU D 75 12.90 -26.80 -16.49
C GLU D 75 14.26 -27.50 -16.30
N ASP D 76 14.86 -27.97 -17.37
CA ASP D 76 16.11 -28.73 -17.20
C ASP D 76 17.17 -27.87 -16.57
N ALA D 77 17.16 -26.60 -16.95
CA ALA D 77 18.20 -25.68 -16.55
C ALA D 77 17.98 -25.35 -15.08
N LEU D 78 16.71 -25.19 -14.72
CA LEU D 78 16.35 -24.86 -13.36
C LEU D 78 16.80 -25.98 -12.40
N LEU D 79 16.60 -27.21 -12.83
CA LEU D 79 16.97 -28.36 -12.03
C LEU D 79 18.47 -28.57 -11.89
N ASP D 80 19.23 -28.19 -12.91
CA ASP D 80 20.68 -28.16 -12.78
C ASP D 80 21.17 -27.16 -11.71
N LEU D 81 20.64 -25.93 -11.73
CA LEU D 81 20.90 -24.91 -10.71
C LEU D 81 20.61 -25.46 -9.31
N VAL D 82 19.42 -26.04 -9.16
CA VAL D 82 19.06 -26.57 -7.90
C VAL D 82 20.12 -27.55 -7.42
N THR D 83 20.54 -28.47 -8.26
CA THR D 83 21.62 -29.37 -7.86
C THR D 83 22.92 -28.65 -7.47
N GLU D 84 23.29 -27.62 -8.22
CA GLU D 84 24.52 -26.89 -7.96
C GLU D 84 24.40 -26.15 -6.64
N SER D 85 23.19 -25.71 -6.30
CA SER D 85 23.01 -24.92 -5.09
C SER D 85 23.35 -25.70 -3.83
N ALA D 86 23.43 -27.02 -3.90
CA ALA D 86 23.83 -27.80 -2.73
C ALA D 86 25.11 -27.31 -2.07
N ASP D 87 25.98 -26.68 -2.85
CA ASP D 87 27.23 -26.19 -2.29
C ASP D 87 27.32 -24.66 -2.20
N LEU D 88 26.19 -23.98 -2.39
CA LEU D 88 26.15 -22.53 -2.32
C LEU D 88 25.50 -22.04 -1.02
N LEU D 89 26.13 -21.04 -0.40
CA LEU D 89 25.62 -20.42 0.81
C LEU D 89 24.30 -19.70 0.60
N PRO D 90 24.20 -18.84 -0.42
CA PRO D 90 23.02 -17.98 -0.46
C PRO D 90 21.75 -18.62 -0.99
N VAL D 91 20.65 -18.07 -0.52
CA VAL D 91 19.38 -18.35 -1.09
C VAL D 91 19.41 -17.64 -2.43
N LEU D 92 19.07 -18.35 -3.51
CA LEU D 92 18.99 -17.80 -4.86
C LEU D 92 17.54 -17.55 -5.23
N VAL D 93 17.24 -16.39 -5.74
CA VAL D 93 15.90 -16.15 -6.21
C VAL D 93 15.98 -15.96 -7.74
N VAL D 94 15.57 -16.96 -8.51
CA VAL D 94 15.73 -16.99 -9.98
C VAL D 94 14.41 -16.97 -10.76
N GLY D 95 14.28 -16.13 -11.77
CA GLY D 95 13.05 -16.05 -12.56
C GLY D 95 12.95 -17.18 -13.61
N ALA D 96 11.73 -17.64 -13.88
CA ALA D 96 11.51 -18.76 -14.82
C ALA D 96 10.05 -18.76 -15.20
N PRO D 97 9.75 -18.94 -16.50
CA PRO D 97 8.36 -19.23 -16.88
C PRO D 97 8.13 -20.72 -16.58
N LEU D 98 7.19 -21.00 -15.68
CA LEU D 98 6.87 -22.37 -15.31
C LEU D 98 5.40 -22.71 -15.56
N ARG D 99 5.22 -23.95 -15.99
CA ARG D 99 3.87 -24.43 -16.27
C ARG D 99 3.21 -24.91 -14.99
N HIS D 100 1.96 -24.51 -14.82
CA HIS D 100 1.22 -24.98 -13.66
C HIS D 100 -0.25 -25.03 -14.00
N ARG D 101 -0.91 -26.16 -13.76
CA ARG D 101 -2.30 -26.33 -14.16
C ARG D 101 -2.54 -26.09 -15.68
N HIS D 102 -3.26 -25.02 -16.06
CA HIS D 102 -3.55 -24.74 -17.47
C HIS D 102 -2.51 -23.85 -18.16
N ARG D 103 -1.76 -23.05 -17.42
CA ARG D 103 -0.96 -22.02 -18.10
C ARG D 103 0.46 -21.96 -17.64
N ILE D 104 1.23 -21.03 -18.23
CA ILE D 104 2.53 -20.69 -17.65
C ILE D 104 2.44 -19.47 -16.78
N TYR D 105 3.15 -19.58 -15.66
CA TYR D 105 3.26 -18.45 -14.76
C TYR D 105 4.65 -17.80 -14.88
N ASN D 106 4.67 -16.47 -14.77
CA ASN D 106 5.89 -15.66 -14.61
C ASN D 106 6.34 -15.81 -13.16
N THR D 107 7.36 -16.62 -12.88
CA THR D 107 7.58 -16.97 -11.47
C THR D 107 8.99 -16.64 -10.95
N ALA D 108 9.13 -16.60 -9.61
CA ALA D 108 10.46 -16.52 -9.03
C ALA D 108 10.65 -17.82 -8.31
N VAL D 109 11.70 -18.54 -8.60
CA VAL D 109 11.97 -19.78 -7.90
C VAL D 109 12.98 -19.51 -6.78
N VAL D 110 12.61 -19.79 -5.54
CA VAL D 110 13.49 -19.58 -4.40
C VAL D 110 14.25 -20.84 -4.06
N ILE D 111 15.58 -20.79 -4.15
CA ILE D 111 16.33 -22.03 -4.13
C ILE D 111 17.33 -21.97 -3.04
N HIS D 112 17.54 -23.09 -2.35
CA HIS D 112 18.46 -23.06 -1.24
C HIS D 112 19.04 -24.41 -0.93
N ARG D 113 20.36 -24.49 -1.02
CA ARG D 113 21.09 -25.67 -0.57
C ARG D 113 20.53 -26.96 -1.10
N GLY D 114 20.25 -27.00 -2.41
CA GLY D 114 19.81 -28.23 -3.05
C GLY D 114 18.32 -28.52 -3.02
N ALA D 115 17.52 -27.54 -2.59
CA ALA D 115 16.08 -27.68 -2.64
C ALA D 115 15.42 -26.42 -3.14
N VAL D 116 14.21 -26.56 -3.64
CA VAL D 116 13.41 -25.42 -3.98
C VAL D 116 12.55 -25.16 -2.75
N LEU D 117 12.63 -23.97 -2.20
CA LEU D 117 11.88 -23.67 -0.98
C LEU D 117 10.48 -23.26 -1.40
N GLY D 118 10.32 -22.75 -2.59
CA GLY D 118 9.01 -22.28 -2.99
C GLY D 118 9.01 -21.59 -4.31
N VAL D 119 7.83 -21.34 -4.86
CA VAL D 119 7.74 -20.77 -6.17
C VAL D 119 6.72 -19.65 -6.16
N VAL D 120 7.12 -18.43 -6.52
CA VAL D 120 6.21 -17.29 -6.44
C VAL D 120 5.84 -16.73 -7.80
N PRO D 121 4.56 -16.65 -8.09
CA PRO D 121 4.16 -16.14 -9.39
C PRO D 121 3.90 -14.66 -9.31
N LYS D 122 4.23 -13.94 -10.38
CA LYS D 122 3.92 -12.51 -10.43
C LYS D 122 2.41 -12.39 -10.28
N SER D 123 1.92 -11.31 -9.69
CA SER D 123 0.49 -11.15 -9.41
C SER D 123 -0.21 -10.33 -10.44
N TYR D 124 0.47 -9.32 -10.94
CA TYR D 124 -0.15 -8.33 -11.81
C TYR D 124 0.67 -8.30 -13.07
N LEU D 125 0.00 -8.54 -14.19
CA LEU D 125 0.67 -8.71 -15.47
C LEU D 125 0.27 -7.53 -16.36
N PRO D 126 1.21 -6.59 -16.58
CA PRO D 126 0.89 -5.39 -17.36
C PRO D 126 0.63 -5.77 -18.84
N THR D 127 -0.48 -5.24 -19.37
CA THR D 127 -0.92 -5.46 -20.77
C THR D 127 -1.41 -4.13 -21.26
N TYR D 128 -0.45 -3.22 -21.42
CA TYR D 128 -0.62 -1.84 -21.89
C TYR D 128 0.73 -1.30 -22.38
N ARG D 129 0.67 -0.21 -23.15
CA ARG D 129 1.86 0.41 -23.73
C ARG D 129 2.81 -0.64 -24.29
N GLU D 130 4.01 -0.80 -23.75
CA GLU D 130 5.00 -1.70 -24.41
C GLU D 130 4.90 -3.08 -23.78
N PHE D 131 3.93 -3.27 -22.87
CA PHE D 131 3.82 -4.56 -22.16
C PHE D 131 2.68 -5.40 -22.67
N TYR D 132 2.95 -6.71 -22.86
CA TYR D 132 1.95 -7.64 -23.41
C TYR D 132 1.79 -8.92 -22.57
N GLU D 133 2.01 -8.82 -21.27
CA GLU D 133 2.26 -10.06 -20.46
C GLU D 133 1.06 -11.04 -20.34
N ARG D 134 -0.14 -10.49 -20.31
CA ARG D 134 -1.32 -11.37 -20.16
C ARG D 134 -1.50 -12.27 -21.41
N ARG D 135 -0.87 -11.88 -22.54
CA ARG D 135 -0.98 -12.74 -23.71
C ARG D 135 -0.32 -14.09 -23.44
N GLN D 136 0.87 -14.09 -22.84
CA GLN D 136 1.53 -15.40 -22.66
C GLN D 136 1.34 -16.04 -21.27
N MET D 137 1.00 -15.24 -20.27
CA MET D 137 1.18 -15.70 -18.89
C MET D 137 -0.02 -15.40 -18.05
N ALA D 138 -0.23 -16.26 -17.07
CA ALA D 138 -1.39 -16.16 -16.15
C ALA D 138 -1.06 -15.40 -14.87
N PRO D 139 -2.00 -14.53 -14.38
CA PRO D 139 -1.90 -13.79 -13.08
C PRO D 139 -1.80 -14.78 -11.96
N GLY D 140 -0.91 -14.55 -11.03
CA GLY D 140 -0.65 -15.43 -9.91
C GLY D 140 -1.39 -14.99 -8.64
N ASP D 141 -2.08 -13.85 -8.69
CA ASP D 141 -2.77 -13.35 -7.48
C ASP D 141 -3.92 -14.28 -7.12
N GLY D 142 -3.94 -14.74 -5.89
CA GLY D 142 -4.98 -15.67 -5.54
C GLY D 142 -4.57 -17.11 -5.71
N GLU D 143 -3.40 -17.38 -6.25
CA GLU D 143 -2.97 -18.81 -6.36
C GLU D 143 -2.26 -19.27 -5.11
N ARG D 144 -2.67 -20.44 -4.62
CA ARG D 144 -1.99 -21.05 -3.49
C ARG D 144 -1.61 -22.50 -3.77
N GLY D 145 -1.37 -23.29 -2.73
CA GLY D 145 -1.16 -24.70 -2.99
C GLY D 145 0.27 -25.03 -3.26
N THR D 146 0.50 -26.03 -4.10
CA THR D 146 1.84 -26.45 -4.43
C THR D 146 2.01 -26.58 -5.96
N ILE D 147 3.25 -26.75 -6.39
CA ILE D 147 3.56 -26.93 -7.79
C ILE D 147 4.58 -28.06 -7.78
N ARG D 148 4.58 -28.88 -8.83
CA ARG D 148 5.52 -29.96 -8.85
C ARG D 148 6.74 -29.61 -9.68
N ILE D 149 7.92 -29.70 -9.07
CA ILE D 149 9.18 -29.29 -9.69
C ILE D 149 10.19 -30.40 -9.52
N GLY D 150 10.52 -31.05 -10.62
CA GLY D 150 11.47 -32.13 -10.56
C GLY D 150 11.16 -33.10 -9.45
N GLY D 151 9.99 -33.72 -9.58
CA GLY D 151 9.57 -34.78 -8.66
C GLY D 151 9.17 -34.42 -7.24
N ALA D 152 9.08 -33.13 -6.91
CA ALA D 152 8.73 -32.70 -5.56
C ALA D 152 7.62 -31.65 -5.53
N ASP D 153 6.79 -31.70 -4.49
CA ASP D 153 5.73 -30.70 -4.34
C ASP D 153 6.26 -29.61 -3.45
N VAL D 154 6.30 -28.40 -3.99
CA VAL D 154 6.84 -27.29 -3.25
C VAL D 154 5.79 -26.22 -3.23
N ALA D 155 5.87 -25.40 -2.21
CA ALA D 155 4.90 -24.35 -2.01
C ALA D 155 4.82 -23.40 -3.19
N PHE D 156 3.62 -23.09 -3.59
CA PHE D 156 3.40 -22.21 -4.70
C PHE D 156 2.44 -21.11 -4.30
N GLY D 157 2.80 -19.84 -4.43
CA GLY D 157 1.78 -18.80 -4.33
C GLY D 157 2.25 -17.43 -3.91
N THR D 158 1.32 -16.48 -3.84
CA THR D 158 1.68 -15.11 -3.49
C THR D 158 1.79 -14.84 -1.98
N ASP D 159 1.53 -15.89 -1.22
CA ASP D 159 1.46 -15.85 0.24
C ASP D 159 2.67 -16.50 0.94
N LEU D 160 3.89 -16.36 0.43
CA LEU D 160 4.98 -17.14 1.03
C LEU D 160 6.03 -16.25 1.73
N LEU D 161 6.57 -16.76 2.85
CA LEU D 161 7.58 -16.08 3.62
C LEU D 161 8.66 -17.08 3.87
N PHE D 162 9.89 -16.66 3.61
CA PHE D 162 11.01 -17.56 3.81
C PHE D 162 11.79 -17.10 5.02
N ALA D 163 11.63 -17.82 6.12
CA ALA D 163 12.28 -17.40 7.41
C ALA D 163 13.50 -18.20 7.75
N ALA D 164 14.61 -17.50 7.93
CA ALA D 164 15.84 -18.15 8.39
C ALA D 164 15.67 -18.55 9.87
N SER D 165 15.83 -19.84 10.16
CA SER D 165 15.61 -20.36 11.52
C SER D 165 16.73 -19.95 12.50
N ASP D 166 17.94 -19.79 11.99
CA ASP D 166 19.05 -19.22 12.76
C ASP D 166 19.29 -17.69 12.63
N LEU D 167 18.47 -16.97 11.87
CA LEU D 167 18.61 -15.51 11.75
C LEU D 167 17.27 -14.86 11.78
N PRO D 168 16.65 -14.84 12.95
CA PRO D 168 15.26 -14.42 13.11
C PRO D 168 14.93 -13.06 12.43
N GLY D 169 15.90 -12.19 12.24
CA GLY D 169 15.61 -10.89 11.69
C GLY D 169 15.49 -10.93 10.16
N PHE D 170 15.91 -12.04 9.55
CA PHE D 170 15.80 -12.30 8.07
C PHE D 170 14.56 -13.13 7.64
N VAL D 171 13.51 -12.41 7.27
CA VAL D 171 12.36 -13.02 6.73
C VAL D 171 12.17 -12.46 5.31
N LEU D 172 12.24 -13.31 4.30
CA LEU D 172 12.16 -12.88 2.87
C LEU D 172 10.76 -12.99 2.23
N HIS D 173 10.30 -11.93 1.56
CA HIS D 173 9.13 -12.07 0.70
C HIS D 173 9.59 -11.72 -0.71
N VAL D 174 8.96 -12.29 -1.73
CA VAL D 174 9.42 -12.05 -3.13
C VAL D 174 8.26 -11.59 -3.95
N GLU D 175 8.39 -10.46 -4.63
CA GLU D 175 7.37 -10.08 -5.63
C GLU D 175 8.05 -9.83 -6.98
N ILE D 176 7.28 -9.50 -8.01
CA ILE D 176 7.87 -9.37 -9.35
C ILE D 176 7.42 -8.15 -10.09
N ALA D 177 8.43 -7.30 -10.38
CA ALA D 177 8.30 -6.17 -11.29
C ALA D 177 7.06 -5.35 -10.99
N GLU D 178 6.08 -5.38 -11.89
CA GLU D 178 4.82 -4.62 -11.73
C GLU D 178 4.18 -4.73 -10.34
N ASP D 179 4.47 -5.80 -9.59
CA ASP D 179 3.78 -6.04 -8.33
C ASP D 179 4.00 -4.84 -7.40
N MET D 180 5.12 -4.15 -7.57
CA MET D 180 5.49 -3.11 -6.62
C MET D 180 4.82 -1.79 -7.01
N PHE D 181 4.18 -1.74 -8.19
CA PHE D 181 3.67 -0.47 -8.70
C PHE D 181 2.18 -0.22 -8.52
N VAL D 182 1.43 -1.22 -8.06
CA VAL D 182 0.00 -1.05 -7.85
C VAL D 182 -0.31 -0.45 -6.48
N PRO D 183 -1.48 0.20 -6.36
CA PRO D 183 -1.84 0.86 -5.12
C PRO D 183 -1.68 -0.07 -3.88
N MET D 184 -1.97 -1.37 -3.98
CA MET D 184 -1.77 -2.25 -2.86
C MET D 184 -0.96 -3.51 -3.20
N PRO D 185 0.33 -3.39 -3.06
CA PRO D 185 1.28 -4.40 -3.52
C PRO D 185 1.40 -5.55 -2.57
N PRO D 186 1.65 -6.75 -3.10
CA PRO D 186 1.87 -7.98 -2.32
C PRO D 186 2.89 -7.75 -1.21
N SER D 187 3.95 -7.01 -1.51
CA SER D 187 5.02 -6.83 -0.53
C SER D 187 4.61 -6.03 0.74
N ALA D 188 3.63 -5.12 0.61
CA ALA D 188 3.14 -4.35 1.74
C ALA D 188 2.40 -5.25 2.73
N GLU D 189 1.58 -6.16 2.20
CA GLU D 189 0.93 -7.16 3.08
C GLU D 189 1.97 -8.07 3.68
N ALA D 190 2.97 -8.47 2.89
CA ALA D 190 3.98 -9.39 3.43
C ALA D 190 4.80 -8.76 4.58
N ALA D 191 4.97 -7.45 4.53
CA ALA D 191 5.76 -6.77 5.56
C ALA D 191 4.99 -6.77 6.89
N LEU D 192 3.75 -6.28 6.86
CA LEU D 192 2.81 -6.47 7.94
C LEU D 192 2.82 -7.89 8.47
N ALA D 193 3.05 -8.91 7.66
CA ALA D 193 2.90 -10.28 8.15
C ALA D 193 4.20 -10.74 8.74
N GLY D 194 5.23 -9.94 8.58
CA GLY D 194 6.54 -10.40 9.02
C GLY D 194 7.79 -10.25 8.15
N ALA D 195 7.63 -9.96 6.86
CA ALA D 195 8.80 -10.01 5.99
C ALA D 195 9.62 -8.81 6.30
N THR D 196 10.91 -9.04 6.44
CA THR D 196 11.86 -7.91 6.70
C THR D 196 12.67 -7.48 5.46
N VAL D 197 12.83 -8.44 4.54
CA VAL D 197 13.60 -8.25 3.30
C VAL D 197 12.68 -8.57 2.08
N LEU D 198 12.36 -7.52 1.33
CA LEU D 198 11.47 -7.64 0.20
C LEU D 198 12.29 -7.70 -1.09
N ALA D 199 12.23 -8.79 -1.84
CA ALA D 199 12.93 -8.91 -3.11
C ALA D 199 12.00 -8.62 -4.30
N ASN D 200 12.56 -7.96 -5.30
CA ASN D 200 11.86 -7.70 -6.54
C ASN D 200 12.72 -8.11 -7.73
N LEU D 201 12.26 -9.14 -8.46
CA LEU D 201 12.85 -9.49 -9.79
C LEU D 201 12.18 -8.61 -10.83
N SER D 202 12.98 -7.81 -11.55
CA SER D 202 12.41 -6.99 -12.63
C SER D 202 12.96 -7.26 -14.06
N GLY D 203 12.12 -7.02 -15.07
CA GLY D 203 12.58 -6.96 -16.48
C GLY D 203 12.85 -5.51 -16.81
N SER D 204 11.76 -4.75 -16.90
CA SER D 204 11.78 -3.29 -16.81
C SER D 204 12.61 -2.72 -17.95
N PRO D 205 12.06 -2.80 -19.16
CA PRO D 205 12.71 -2.10 -20.26
C PRO D 205 12.92 -0.58 -19.90
N ILE D 206 14.09 -0.04 -20.20
CA ILE D 206 14.44 1.31 -19.76
C ILE D 206 13.84 2.33 -20.72
N THR D 207 13.33 3.39 -20.15
CA THR D 207 12.72 4.46 -20.90
C THR D 207 13.20 5.76 -20.23
N ILE D 208 13.13 6.89 -20.91
CA ILE D 208 13.45 8.15 -20.23
C ILE D 208 12.59 8.25 -18.98
N GLY D 209 13.21 8.46 -17.82
CA GLY D 209 12.51 8.77 -16.61
C GLY D 209 12.11 7.54 -15.79
N ARG D 210 12.25 6.35 -16.35
CA ARG D 210 11.80 5.15 -15.64
C ARG D 210 12.68 4.81 -14.44
N ALA D 211 13.97 5.17 -14.52
CA ALA D 211 14.92 4.82 -13.46
C ALA D 211 14.51 5.59 -12.20
N GLU D 212 13.92 6.75 -12.41
CA GLU D 212 13.50 7.61 -11.31
C GLU D 212 12.25 6.99 -10.71
N ASP D 213 11.42 6.38 -11.54
CA ASP D 213 10.18 5.80 -11.08
C ASP D 213 10.51 4.57 -10.31
N ARG D 214 11.44 3.78 -10.81
CA ARG D 214 11.87 2.62 -10.03
C ARG D 214 12.33 3.00 -8.64
N ARG D 215 13.17 4.03 -8.56
CA ARG D 215 13.73 4.47 -7.30
C ARG D 215 12.64 4.99 -6.36
N LEU D 216 11.67 5.73 -6.91
CA LEU D 216 10.66 6.37 -6.08
C LEU D 216 9.83 5.26 -5.39
N LEU D 217 9.54 4.21 -6.12
CA LEU D 217 8.71 3.14 -5.66
C LEU D 217 9.49 2.16 -4.84
N ALA D 218 10.73 1.82 -5.19
CA ALA D 218 11.45 0.87 -4.32
C ALA D 218 11.83 1.54 -2.98
N ARG D 219 12.12 2.84 -3.05
CA ARG D 219 12.50 3.57 -1.87
C ARG D 219 11.34 3.82 -0.90
N SER D 220 10.25 4.38 -1.42
CA SER D 220 9.08 4.57 -0.60
C SER D 220 8.63 3.21 -0.06
N ALA D 221 8.73 2.14 -0.85
CA ALA D 221 8.35 0.80 -0.32
C ALA D 221 9.12 0.49 0.97
N SER D 222 10.41 0.75 0.92
CA SER D 222 11.32 0.26 1.92
C SER D 222 11.13 1.12 3.16
N ALA D 223 10.65 2.35 2.96
CA ALA D 223 10.39 3.28 4.06
C ALA D 223 9.04 3.01 4.70
N ARG D 224 8.01 2.86 3.90
CA ARG D 224 6.67 2.56 4.42
C ARG D 224 6.64 1.19 5.05
N CYS D 225 7.39 0.23 4.53
CA CYS D 225 7.35 -1.13 5.05
C CYS D 225 8.44 -1.47 6.03
N LEU D 226 9.21 -0.45 6.43
CA LEU D 226 10.31 -0.64 7.41
C LEU D 226 11.14 -1.89 7.08
N ALA D 227 11.51 -1.99 5.81
CA ALA D 227 12.20 -3.16 5.28
C ALA D 227 13.38 -2.78 4.36
N ALA D 228 14.24 -3.77 4.14
CA ALA D 228 15.16 -3.76 3.02
C ALA D 228 14.40 -4.17 1.75
N TYR D 229 14.74 -3.52 0.64
CA TYR D 229 14.10 -3.76 -0.66
C TYR D 229 15.20 -3.99 -1.70
N VAL D 230 15.24 -5.18 -2.26
CA VAL D 230 16.33 -5.68 -3.09
C VAL D 230 15.81 -5.88 -4.50
N TYR D 231 16.37 -5.13 -5.44
CA TYR D 231 15.81 -4.92 -6.76
C TYR D 231 16.84 -5.20 -7.88
N ALA D 232 16.47 -6.03 -8.84
CA ALA D 232 17.35 -6.44 -9.94
C ALA D 232 16.59 -6.34 -11.27
N ALA D 233 17.12 -5.54 -12.20
CA ALA D 233 16.57 -5.41 -13.56
C ALA D 233 17.42 -6.08 -14.63
N ALA D 234 16.76 -6.37 -15.76
CA ALA D 234 17.42 -7.07 -16.82
C ALA D 234 18.37 -6.09 -17.54
N GLY D 235 19.48 -6.62 -18.06
CA GLY D 235 20.38 -5.79 -18.84
C GLY D 235 20.71 -6.36 -20.21
N GLU D 236 21.99 -6.67 -20.41
CA GLU D 236 22.56 -6.97 -21.75
C GLU D 236 22.17 -8.35 -22.17
N GLY D 237 21.67 -8.44 -23.39
CA GLY D 237 21.25 -9.73 -23.92
C GLY D 237 19.76 -9.77 -24.20
N GLU D 238 18.98 -8.98 -23.46
CA GLU D 238 17.52 -8.92 -23.78
C GLU D 238 17.35 -8.42 -25.20
N SER D 239 16.24 -8.76 -25.84
CA SER D 239 16.01 -8.38 -27.23
C SER D 239 15.81 -6.89 -27.39
N THR D 240 16.34 -6.33 -28.49
CA THR D 240 16.14 -4.90 -28.72
C THR D 240 15.32 -4.63 -29.97
N THR D 241 14.45 -5.59 -30.25
CA THR D 241 13.46 -5.50 -31.28
C THR D 241 12.60 -4.24 -31.07
N ASP D 242 12.29 -3.93 -29.82
CA ASP D 242 11.43 -2.75 -29.55
C ASP D 242 11.81 -1.99 -28.30
N LEU D 243 12.74 -2.55 -27.53
CA LEU D 243 13.08 -1.95 -26.24
C LEU D 243 14.57 -2.00 -25.98
N ALA D 244 15.01 -1.23 -24.98
CA ALA D 244 16.37 -1.27 -24.50
C ALA D 244 16.32 -1.55 -23.01
N TRP D 245 17.48 -1.85 -22.44
CA TRP D 245 17.62 -2.39 -21.09
C TRP D 245 18.84 -1.78 -20.41
N ASP D 246 18.70 -1.36 -19.15
CA ASP D 246 19.86 -0.77 -18.49
C ASP D 246 20.55 -1.58 -17.38
N GLY D 247 20.05 -2.77 -17.05
CA GLY D 247 20.71 -3.64 -16.07
C GLY D 247 20.75 -3.04 -14.64
N GLN D 248 19.96 -2.01 -14.35
CA GLN D 248 20.01 -1.40 -13.00
C GLN D 248 19.76 -2.36 -11.82
N THR D 249 20.66 -2.35 -10.83
CA THR D 249 20.38 -3.04 -9.55
C THR D 249 20.54 -2.14 -8.38
N MET D 250 19.76 -2.41 -7.33
CA MET D 250 19.76 -1.56 -6.16
C MET D 250 19.27 -2.23 -4.89
N ILE D 251 19.78 -1.76 -3.76
CA ILE D 251 19.35 -2.19 -2.43
C ILE D 251 19.02 -0.99 -1.49
N TRP D 252 17.81 -0.95 -1.02
CA TRP D 252 17.29 0.12 -0.17
C TRP D 252 17.02 -0.43 1.22
N GLU D 253 17.14 0.40 2.25
CA GLU D 253 16.87 -0.06 3.62
C GLU D 253 16.17 1.10 4.27
N ASN D 254 14.91 0.91 4.65
CA ASN D 254 14.13 1.94 5.36
C ASN D 254 14.34 3.34 4.77
N GLY D 255 14.36 3.44 3.47
CA GLY D 255 14.32 4.74 2.82
C GLY D 255 15.69 5.21 2.31
N ALA D 256 16.73 4.50 2.78
CA ALA D 256 18.09 4.86 2.43
C ALA D 256 18.70 3.93 1.39
N LEU D 257 19.52 4.49 0.49
CA LEU D 257 20.19 3.65 -0.47
C LEU D 257 21.43 3.01 0.08
N LEU D 258 21.48 1.69 0.11
CA LEU D 258 22.68 1.01 0.59
C LEU D 258 23.70 0.81 -0.51
N ALA D 259 23.22 0.58 -1.75
CA ALA D 259 24.05 0.14 -2.86
C ALA D 259 23.26 0.22 -4.16
N GLU D 260 23.96 0.64 -5.22
CA GLU D 260 23.42 0.51 -6.60
C GLU D 260 24.56 0.25 -7.55
N SER D 261 24.20 -0.28 -8.72
CA SER D 261 25.23 -0.61 -9.69
C SER D 261 25.10 0.28 -10.91
N GLU D 262 26.13 0.20 -11.74
CA GLU D 262 26.24 1.02 -12.97
C GLU D 262 25.08 0.75 -13.93
N ARG D 263 24.35 1.79 -14.34
CA ARG D 263 23.40 1.67 -15.44
C ARG D 263 24.06 1.40 -16.81
N PHE D 264 23.40 0.61 -17.66
CA PHE D 264 23.92 0.33 -19.00
C PHE D 264 25.32 -0.22 -18.92
N PRO D 265 25.56 -1.20 -18.06
CA PRO D 265 26.95 -1.65 -18.00
C PRO D 265 27.36 -2.52 -19.19
N LYS D 266 28.67 -2.72 -19.33
CA LYS D 266 29.24 -3.77 -20.18
C LYS D 266 29.68 -4.93 -19.30
N GLY D 267 28.92 -6.01 -19.33
CA GLY D 267 29.27 -7.17 -18.53
C GLY D 267 28.33 -7.22 -17.36
N VAL D 268 28.40 -8.31 -16.59
CA VAL D 268 27.53 -8.45 -15.43
C VAL D 268 27.89 -7.51 -14.26
N ARG D 269 26.88 -7.21 -13.44
CA ARG D 269 26.99 -6.28 -12.31
C ARG D 269 26.22 -6.81 -11.11
N ARG D 270 26.70 -6.51 -9.88
CA ARG D 270 26.08 -6.85 -8.61
C ARG D 270 26.05 -5.66 -7.71
N SER D 271 24.92 -5.45 -7.03
CA SER D 271 24.97 -4.67 -5.76
C SER D 271 25.02 -5.61 -4.60
N VAL D 272 25.89 -5.35 -3.64
CA VAL D 272 26.06 -6.19 -2.47
C VAL D 272 26.11 -5.26 -1.29
N ALA D 273 25.29 -5.45 -0.26
CA ALA D 273 25.33 -4.59 0.92
C ALA D 273 25.12 -5.43 2.13
N ASP D 274 25.52 -4.94 3.31
CA ASP D 274 25.09 -5.57 4.56
C ASP D 274 23.82 -4.87 5.03
N VAL D 275 22.72 -5.63 5.13
CA VAL D 275 21.46 -5.09 5.66
C VAL D 275 21.50 -5.28 7.16
N ASP D 276 21.11 -4.23 7.90
CA ASP D 276 21.06 -4.25 9.38
C ASP D 276 19.68 -4.70 9.90
N THR D 277 19.55 -5.99 10.20
CA THR D 277 18.21 -6.49 10.55
C THR D 277 17.78 -5.89 11.84
N GLU D 278 18.74 -5.55 12.71
CA GLU D 278 18.40 -4.95 14.03
C GLU D 278 17.85 -3.54 13.85
N LEU D 279 18.33 -2.84 12.84
CA LEU D 279 17.80 -1.50 12.64
C LEU D 279 16.33 -1.60 12.26
N LEU D 280 16.02 -2.54 11.34
CA LEU D 280 14.63 -2.80 10.95
C LEU D 280 13.80 -3.21 12.17
N ARG D 281 14.32 -4.18 12.91
CA ARG D 281 13.66 -4.66 14.10
C ARG D 281 13.42 -3.47 15.05
N SER D 282 14.42 -2.59 15.23
CA SER D 282 14.22 -1.48 16.21
C SER D 282 13.16 -0.49 15.78
N GLU D 283 13.05 -0.25 14.49
CA GLU D 283 12.02 0.71 14.02
C GLU D 283 10.62 0.12 14.15
N ARG D 284 10.48 -1.16 13.84
CA ARG D 284 9.19 -1.85 14.00
C ARG D 284 8.81 -1.93 15.47
N LEU D 285 9.82 -2.12 16.31
CA LEU D 285 9.56 -2.18 17.74
C LEU D 285 8.84 -0.95 18.27
N ARG D 286 9.19 0.20 17.69
CA ARG D 286 8.78 1.51 18.18
C ARG D 286 7.57 2.11 17.48
N MET D 287 7.43 1.87 16.18
CA MET D 287 6.32 2.46 15.44
C MET D 287 5.05 1.57 15.61
N GLY D 288 4.26 1.85 16.66
CA GLY D 288 3.16 1.04 17.08
C GLY D 288 2.15 0.93 15.96
N THR D 289 1.96 2.01 15.19
CA THR D 289 0.89 2.07 14.20
C THR D 289 1.14 1.07 13.03
N PHE D 290 2.38 0.61 12.85
CA PHE D 290 2.74 -0.41 11.91
C PHE D 290 2.01 -1.72 12.28
N ASP D 291 2.16 -2.14 13.53
CA ASP D 291 1.44 -3.28 14.09
C ASP D 291 -0.07 -3.05 14.13
N ASP D 292 -0.52 -1.82 14.42
CA ASP D 292 -1.96 -1.53 14.31
C ASP D 292 -2.50 -1.79 12.90
N ASN D 293 -1.74 -1.36 11.89
CA ASN D 293 -2.08 -1.62 10.51
C ASN D 293 -2.21 -3.14 10.23
N ARG D 294 -1.32 -3.96 10.78
CA ARG D 294 -1.40 -5.43 10.62
C ARG D 294 -2.68 -6.00 11.23
N ARG D 295 -2.96 -5.57 12.45
CA ARG D 295 -4.14 -5.97 13.16
C ARG D 295 -5.34 -5.57 12.40
N HIS D 296 -5.35 -4.40 11.77
CA HIS D 296 -6.54 -4.02 11.06
C HIS D 296 -6.73 -4.92 9.83
N HIS D 297 -5.63 -5.45 9.27
CA HIS D 297 -5.67 -6.36 8.08
C HIS D 297 -5.34 -7.80 8.46
N ARG D 298 -5.89 -8.24 9.60
CA ARG D 298 -5.44 -9.50 10.22
C ARG D 298 -5.68 -10.74 9.37
N GLU D 299 -6.81 -10.75 8.68
CA GLU D 299 -7.14 -11.95 7.86
C GLU D 299 -6.19 -12.01 6.65
N LEU D 300 -6.02 -10.88 5.96
CA LEU D 300 -4.91 -10.77 5.03
C LEU D 300 -3.57 -11.22 5.65
N THR D 301 -3.19 -10.65 6.80
CA THR D 301 -1.81 -10.88 7.27
C THR D 301 -1.54 -12.24 7.93
N GLU D 302 -2.59 -12.94 8.33
CA GLU D 302 -2.38 -14.21 9.09
C GLU D 302 -2.26 -15.44 8.17
N SER D 303 -2.66 -15.24 6.93
CA SER D 303 -2.80 -16.34 6.01
C SER D 303 -1.44 -16.72 5.38
N PHE D 304 -0.37 -15.96 5.65
CA PHE D 304 0.91 -16.32 5.03
C PHE D 304 1.46 -17.69 5.46
N ARG D 305 2.10 -18.41 4.55
CA ARG D 305 2.76 -19.65 4.93
C ARG D 305 4.22 -19.34 5.14
N ARG D 306 4.79 -19.92 6.18
CA ARG D 306 6.13 -19.62 6.57
C ARG D 306 7.02 -20.81 6.22
N ILE D 307 7.98 -20.62 5.32
CA ILE D 307 8.84 -21.75 4.97
C ILE D 307 10.15 -21.55 5.67
N ASP D 308 10.55 -22.51 6.48
CA ASP D 308 11.76 -22.31 7.26
C ASP D 308 12.94 -22.94 6.58
N PHE D 309 14.11 -22.31 6.75
CA PHE D 309 15.39 -22.83 6.28
C PHE D 309 16.50 -22.41 7.22
N ALA D 310 17.58 -23.19 7.22
CA ALA D 310 18.70 -22.88 8.06
C ALA D 310 19.82 -22.29 7.18
N LEU D 311 20.18 -21.03 7.41
CA LEU D 311 21.17 -20.35 6.59
C LEU D 311 22.59 -20.82 6.89
N ASP D 312 22.92 -20.91 8.17
CA ASP D 312 24.30 -21.20 8.64
C ASP D 312 25.43 -20.28 8.07
N PRO D 313 25.32 -18.97 8.30
CA PRO D 313 26.27 -18.00 7.72
C PRO D 313 27.69 -18.18 8.20
N PRO D 314 28.64 -17.55 7.49
CA PRO D 314 30.03 -17.60 7.91
C PRO D 314 30.17 -16.87 9.25
N ALA D 315 30.98 -17.42 10.14
CA ALA D 315 31.11 -16.88 11.50
C ALA D 315 32.25 -15.85 11.67
N GLY D 316 33.18 -15.80 10.72
CA GLY D 316 34.37 -14.99 10.91
C GLY D 316 34.23 -13.54 10.43
N ASP D 317 35.36 -12.84 10.31
CA ASP D 317 35.43 -11.49 9.81
C ASP D 317 35.29 -11.55 8.30
N ILE D 318 34.29 -10.86 7.77
CA ILE D 318 34.09 -10.78 6.32
C ILE D 318 33.88 -9.30 6.03
N GLY D 319 34.38 -8.46 6.94
CA GLY D 319 34.25 -7.03 6.75
C GLY D 319 32.83 -6.57 6.95
N LEU D 320 32.50 -5.39 6.45
CA LEU D 320 31.20 -4.80 6.68
C LEU D 320 30.92 -3.96 5.45
N LEU D 321 30.03 -4.45 4.60
CA LEU D 321 29.73 -3.76 3.37
C LEU D 321 28.65 -2.74 3.62
N ARG D 322 29.03 -1.62 4.25
CA ARG D 322 28.06 -0.63 4.64
C ARG D 322 28.78 0.66 4.93
N GLU D 323 28.21 1.77 4.51
CA GLU D 323 28.75 3.10 4.83
C GLU D 323 28.28 3.49 6.22
N VAL D 324 29.18 3.48 7.22
CA VAL D 324 28.81 3.96 8.55
C VAL D 324 29.41 5.35 8.76
N GLU D 325 28.57 6.38 8.76
CA GLU D 325 29.04 7.78 8.95
C GLU D 325 29.64 8.03 10.35
N ARG D 326 30.70 8.81 10.45
CA ARG D 326 31.26 9.13 11.77
C ARG D 326 30.29 9.93 12.63
N PHE D 327 29.45 10.74 11.99
CA PHE D 327 28.60 11.70 12.69
C PHE D 327 27.15 11.54 12.33
N PRO D 328 26.43 10.70 13.07
CA PRO D 328 25.02 10.41 12.77
C PRO D 328 24.21 11.72 12.64
N PHE D 329 24.67 12.75 13.33
CA PHE D 329 23.94 14.00 13.41
C PHE D 329 24.46 14.99 12.35
N VAL D 330 25.60 14.66 11.74
CA VAL D 330 26.25 15.58 10.78
C VAL D 330 26.56 14.90 9.44
N PRO D 331 25.64 15.01 8.47
CA PRO D 331 25.83 14.35 7.16
C PRO D 331 27.13 14.82 6.49
N ALA D 332 27.93 13.88 6.02
CA ALA D 332 29.13 14.15 5.22
C ALA D 332 28.82 14.84 3.88
N ASP D 333 27.62 14.59 3.30
CA ASP D 333 27.27 15.26 2.04
C ASP D 333 26.91 16.74 2.24
N PRO D 334 27.68 17.66 1.64
CA PRO D 334 27.47 19.10 1.89
C PRO D 334 26.05 19.62 1.58
N GLN D 335 25.39 19.10 0.54
CA GLN D 335 24.06 19.59 0.18
C GLN D 335 23.08 19.14 1.26
N ARG D 336 23.32 17.94 1.74
CA ARG D 336 22.55 17.39 2.85
C ARG D 336 22.77 18.18 4.15
N LEU D 337 24.03 18.48 4.50
CA LEU D 337 24.33 19.11 5.74
C LEU D 337 23.76 20.52 5.70
N GLN D 338 23.82 21.16 4.54
CA GLN D 338 23.29 22.53 4.36
C GLN D 338 21.78 22.53 4.65
N GLN D 339 21.08 21.56 4.09
CA GLN D 339 19.66 21.34 4.42
C GLN D 339 19.39 21.16 5.94
N ASP D 340 20.10 20.21 6.55
CA ASP D 340 19.94 19.95 7.97
C ASP D 340 20.15 21.22 8.82
N CYS D 341 21.15 22.03 8.48
CA CYS D 341 21.44 23.26 9.19
C CYS D 341 20.31 24.24 9.02
N TYR D 342 19.86 24.43 7.78
CA TYR D 342 18.76 25.35 7.53
C TYR D 342 17.58 24.96 8.44
N GLU D 343 17.30 23.66 8.49
CA GLU D 343 16.15 23.13 9.30
C GLU D 343 16.39 23.31 10.80
N ALA D 344 17.55 22.87 11.30
CA ALA D 344 17.87 23.02 12.73
C ALA D 344 17.67 24.46 13.17
N TYR D 345 18.34 25.35 12.46
CA TYR D 345 18.21 26.78 12.72
C TYR D 345 16.77 27.30 12.70
N ASN D 346 15.98 26.95 11.70
CA ASN D 346 14.59 27.43 11.68
C ASN D 346 13.70 26.80 12.73
N ILE D 347 14.07 25.62 13.18
CA ILE D 347 13.38 24.99 14.28
C ILE D 347 13.63 25.79 15.57
N GLN D 348 14.90 26.13 15.82
CA GLN D 348 15.28 26.82 17.05
C GLN D 348 14.56 28.15 17.13
N VAL D 349 14.58 28.86 16.03
CA VAL D 349 14.06 30.23 15.98
C VAL D 349 12.55 30.19 16.08
N SER D 350 11.91 29.34 15.30
CA SER D 350 10.45 29.40 15.27
C SER D 350 9.88 28.96 16.60
N GLY D 351 10.62 28.11 17.30
CA GLY D 351 10.22 27.67 18.64
C GLY D 351 10.24 28.77 19.71
N LEU D 352 11.35 29.51 19.73
CA LEU D 352 11.49 30.69 20.56
C LEU D 352 10.45 31.76 20.19
N GLU D 353 10.26 32.03 18.92
CA GLU D 353 9.26 33.04 18.52
C GLU D 353 7.89 32.79 19.14
N GLN D 354 7.43 31.54 19.12
CA GLN D 354 6.13 31.20 19.65
C GLN D 354 6.15 31.49 21.16
N ARG D 355 7.22 31.08 21.87
CA ARG D 355 7.24 31.33 23.32
C ARG D 355 7.18 32.86 23.61
N LEU D 356 7.99 33.63 22.89
CA LEU D 356 7.90 35.10 22.91
C LEU D 356 6.53 35.70 22.55
N ARG D 357 5.92 35.27 21.47
CA ARG D 357 4.58 35.78 21.15
C ARG D 357 3.62 35.53 22.33
N ALA D 358 3.73 34.34 22.91
CA ALA D 358 2.74 33.87 23.86
C ALA D 358 2.94 34.62 25.15
N LEU D 359 4.16 35.09 25.41
CA LEU D 359 4.42 35.82 26.63
C LEU D 359 4.35 37.32 26.36
N ASP D 360 3.69 37.69 25.26
CA ASP D 360 3.60 39.11 24.89
C ASP D 360 4.97 39.84 24.78
N TYR D 361 5.99 39.17 24.23
CA TYR D 361 7.28 39.77 23.89
C TYR D 361 8.06 40.32 25.11
N PRO D 362 8.46 39.41 26.01
CA PRO D 362 9.31 39.81 27.14
C PRO D 362 10.71 40.05 26.64
N LYS D 363 11.54 40.61 27.51
CA LYS D 363 12.94 40.78 27.16
C LYS D 363 13.57 39.38 27.18
N VAL D 364 14.71 39.23 26.51
CA VAL D 364 15.39 37.96 26.51
C VAL D 364 16.68 38.06 27.32
N VAL D 365 16.79 37.28 28.37
CA VAL D 365 17.98 37.32 29.19
C VAL D 365 18.89 36.15 28.88
N ILE D 366 20.16 36.42 28.66
CA ILE D 366 21.04 35.32 28.33
C ILE D 366 22.45 35.56 28.79
N GLY D 367 23.09 34.48 29.27
CA GLY D 367 24.51 34.57 29.65
C GLY D 367 25.42 34.18 28.52
N VAL D 368 26.28 35.12 28.09
CA VAL D 368 27.16 34.89 26.96
C VAL D 368 28.59 34.75 27.45
N SER D 369 29.23 33.62 27.16
CA SER D 369 30.52 33.34 27.76
C SER D 369 31.59 33.41 26.71
N GLY D 370 31.18 33.55 25.46
CA GLY D 370 32.12 33.45 24.36
C GLY D 370 32.22 32.05 23.77
N GLY D 371 31.52 31.09 24.37
CA GLY D 371 31.57 29.69 23.93
C GLY D 371 30.67 29.44 22.74
N LEU D 372 30.82 28.28 22.12
CA LEU D 372 29.98 27.89 20.97
C LEU D 372 28.45 27.93 21.25
N ASP D 373 28.02 27.23 22.29
CA ASP D 373 26.60 27.16 22.63
C ASP D 373 25.88 28.49 22.82
N SER D 374 26.45 29.33 23.68
CA SER D 374 25.75 30.56 24.06
C SER D 374 25.82 31.55 22.91
N THR D 375 26.91 31.44 22.14
CA THR D 375 27.06 32.25 20.96
C THR D 375 25.92 31.91 20.01
N HIS D 376 25.82 30.64 19.68
CA HIS D 376 24.77 30.22 18.76
C HIS D 376 23.39 30.62 19.29
N ALA D 377 23.20 30.49 20.61
CA ALA D 377 21.91 30.83 21.17
C ALA D 377 21.60 32.32 20.96
N LEU D 378 22.62 33.15 21.05
CA LEU D 378 22.39 34.56 20.98
C LEU D 378 22.00 34.91 19.53
N ILE D 379 22.66 34.25 18.58
CA ILE D 379 22.29 34.38 17.19
C ILE D 379 20.81 33.97 16.98
N VAL D 380 20.43 32.80 17.51
CA VAL D 380 19.05 32.34 17.40
C VAL D 380 18.07 33.39 17.91
N ALA D 381 18.36 33.89 19.10
CA ALA D 381 17.53 34.86 19.76
C ALA D 381 17.34 36.15 18.98
N THR D 382 18.44 36.61 18.40
CA THR D 382 18.41 37.81 17.55
C THR D 382 17.49 37.62 16.36
N HIS D 383 17.71 36.56 15.61
CA HIS D 383 16.88 36.30 14.45
C HIS D 383 15.40 36.22 14.92
N ALA D 384 15.14 35.54 16.04
CA ALA D 384 13.74 35.45 16.47
C ALA D 384 13.15 36.84 16.67
N MET D 385 13.94 37.75 17.23
CA MET D 385 13.41 39.06 17.58
C MET D 385 13.18 39.87 16.32
N ASP D 386 14.13 39.80 15.41
CA ASP D 386 13.98 40.42 14.10
C ASP D 386 12.72 39.94 13.37
N ARG D 387 12.55 38.65 13.27
CA ARG D 387 11.38 38.09 12.59
C ARG D 387 10.08 38.58 13.23
N GLU D 388 10.11 38.84 14.53
CA GLU D 388 8.87 39.30 15.25
C GLU D 388 8.77 40.82 15.31
N GLY D 389 9.73 41.50 14.67
CA GLY D 389 9.80 42.96 14.63
C GLY D 389 10.03 43.64 15.96
N ARG D 390 10.81 42.98 16.83
CA ARG D 390 11.17 43.48 18.16
C ARG D 390 12.56 44.08 18.13
N PRO D 391 12.77 45.16 18.90
CA PRO D 391 14.11 45.76 18.94
C PRO D 391 15.15 44.82 19.55
N ARG D 392 16.30 44.71 18.89
CA ARG D 392 17.42 43.94 19.41
C ARG D 392 17.89 44.38 20.79
N SER D 393 17.58 45.63 21.19
CA SER D 393 17.93 46.11 22.54
C SER D 393 17.09 45.41 23.62
N ASP D 394 16.08 44.67 23.22
CA ASP D 394 15.29 43.93 24.23
C ASP D 394 15.97 42.59 24.58
N ILE D 395 17.10 42.31 23.94
CA ILE D 395 17.89 41.16 24.31
C ILE D 395 18.91 41.63 25.35
N LEU D 396 18.86 41.07 26.56
CA LEU D 396 19.83 41.47 27.60
C LEU D 396 20.92 40.42 27.78
N ALA D 397 22.10 40.68 27.20
CA ALA D 397 23.15 39.67 27.22
C ALA D 397 24.08 39.98 28.39
N PHE D 398 24.50 38.95 29.09
CA PHE D 398 25.37 39.16 30.25
C PHE D 398 26.65 38.33 30.22
N ALA D 399 27.77 39.01 30.37
CA ALA D 399 29.01 38.38 30.82
C ALA D 399 28.97 38.30 32.36
N LEU D 400 29.42 37.16 32.87
CA LEU D 400 29.28 36.80 34.28
C LEU D 400 30.55 36.14 34.75
N PRO D 401 31.67 36.89 34.70
CA PRO D 401 32.94 36.27 35.03
C PRO D 401 32.96 35.93 36.51
N GLY D 402 33.61 34.81 36.85
CA GLY D 402 33.77 34.40 38.25
C GLY D 402 35.23 34.38 38.68
N PHE D 403 35.76 33.18 38.92
CA PHE D 403 37.19 33.03 39.13
C PHE D 403 37.74 32.33 37.89
N LYS D 410 34.97 35.38 24.92
CA LYS D 410 35.10 36.26 26.07
C LYS D 410 34.97 37.72 25.69
N ASN D 411 36.04 38.21 25.05
CA ASN D 411 35.92 39.46 24.34
C ASN D 411 35.01 39.12 23.20
N ASN D 412 35.09 37.87 22.74
CA ASN D 412 34.29 37.44 21.61
C ASN D 412 32.86 37.69 21.99
N ALA D 413 32.60 37.52 23.27
CA ALA D 413 31.29 37.75 23.82
C ALA D 413 30.84 39.21 23.68
N ILE D 414 31.56 40.12 24.35
CA ILE D 414 31.23 41.55 24.21
C ILE D 414 31.27 42.06 22.75
N LYS D 415 32.17 41.54 21.92
CA LYS D 415 32.23 41.93 20.51
C LYS D 415 31.01 41.53 19.69
N LEU D 416 30.59 40.27 19.86
CA LEU D 416 29.39 39.76 19.19
C LEU D 416 28.17 40.58 19.64
N ALA D 417 28.09 40.80 20.95
CA ALA D 417 26.99 41.59 21.52
C ALA D 417 26.97 42.99 20.91
N ARG D 418 28.15 43.60 20.81
CA ARG D 418 28.30 44.96 20.30
C ARG D 418 27.99 45.00 18.80
N ALA D 419 28.53 44.03 18.06
CA ALA D 419 28.27 43.86 16.62
C ALA D 419 26.78 43.62 16.26
N LEU D 420 26.06 42.81 17.05
CA LEU D 420 24.63 42.61 16.83
C LEU D 420 23.75 43.78 17.28
N GLY D 421 24.24 44.49 18.30
CA GLY D 421 23.51 45.64 18.82
C GLY D 421 22.48 45.29 19.86
N VAL D 422 22.76 44.24 20.64
CA VAL D 422 21.88 43.88 21.74
C VAL D 422 22.31 44.63 22.99
N THR D 423 21.50 44.60 24.05
CA THR D 423 21.97 45.29 25.26
C THR D 423 23.00 44.45 26.00
N PHE D 424 24.21 44.97 26.14
CA PHE D 424 25.23 44.21 26.83
C PHE D 424 25.65 44.77 28.18
N SER D 425 26.03 43.86 29.08
CA SER D 425 26.42 44.27 30.42
C SER D 425 27.24 43.17 31.09
N GLU D 426 27.97 43.53 32.13
CA GLU D 426 28.79 42.56 32.88
C GLU D 426 28.37 42.59 34.34
N ILE D 427 28.40 41.43 34.97
CA ILE D 427 28.13 41.31 36.38
C ILE D 427 29.13 40.29 36.87
N ASP D 428 29.99 40.70 37.78
CA ASP D 428 31.05 39.83 38.27
C ASP D 428 30.43 39.12 39.45
N ILE D 429 30.46 37.80 39.42
CA ILE D 429 29.75 37.05 40.49
C ILE D 429 30.72 36.69 41.63
N GLY D 430 31.99 37.04 41.46
CA GLY D 430 33.02 36.67 42.43
C GLY D 430 32.69 36.96 43.89
N ASP D 431 32.21 38.16 44.17
CA ASP D 431 32.00 38.52 45.59
C ASP D 431 30.83 37.74 46.12
N THR D 432 29.82 37.56 45.26
CA THR D 432 28.67 36.86 45.77
C THR D 432 29.11 35.44 46.09
N ALA D 433 29.94 34.89 45.22
CA ALA D 433 30.39 33.49 45.38
C ALA D 433 31.26 33.34 46.60
N ARG D 434 32.20 34.26 46.80
CA ARG D 434 32.98 34.35 48.04
C ARG D 434 32.12 34.34 49.31
N LEU D 435 31.11 35.22 49.34
CA LEU D 435 30.18 35.26 50.47
C LEU D 435 29.48 33.91 50.69
N MET D 436 29.09 33.27 49.59
CA MET D 436 28.32 32.02 49.66
C MET D 436 29.22 30.88 50.12
N LEU D 437 30.44 30.80 49.57
CA LEU D 437 31.43 29.83 50.02
C LEU D 437 31.80 30.00 51.52
N HIS D 438 31.88 31.25 51.96
CA HIS D 438 32.15 31.46 53.38
C HIS D 438 30.97 31.03 54.23
N THR D 439 29.78 31.45 53.85
CA THR D 439 28.58 31.14 54.66
C THR D 439 28.36 29.62 54.88
N ILE D 440 28.83 28.84 53.92
CA ILE D 440 28.72 27.40 53.81
C ILE D 440 29.88 26.69 54.50
N GLY D 441 30.91 27.45 54.86
CA GLY D 441 32.10 26.90 55.48
C GLY D 441 32.98 26.07 54.58
N HIS D 442 33.05 26.48 53.32
CA HIS D 442 33.88 25.79 52.34
C HIS D 442 35.34 26.19 52.45
N PRO D 443 36.26 25.23 52.56
CA PRO D 443 37.69 25.52 52.72
C PRO D 443 38.25 26.70 51.90
N TYR D 444 37.72 26.94 50.72
CA TYR D 444 38.31 28.00 49.89
C TYR D 444 38.11 29.41 50.45
N SER D 445 37.11 29.62 51.31
CA SER D 445 36.83 30.95 51.80
C SER D 445 37.84 31.27 52.91
N VAL D 446 38.76 30.33 53.10
CA VAL D 446 39.73 30.38 54.19
C VAL D 446 41.10 30.20 53.53
N GLY D 447 41.07 30.25 52.19
CA GLY D 447 42.28 30.23 51.41
C GLY D 447 42.57 28.91 50.72
N GLU D 448 41.93 27.83 51.15
CA GLU D 448 42.22 26.48 50.58
C GLU D 448 42.05 26.41 49.04
N LYS D 449 43.03 25.79 48.38
CA LYS D 449 43.02 25.68 46.92
C LYS D 449 42.18 24.45 46.47
N VAL D 450 41.02 24.31 47.09
CA VAL D 450 40.14 23.16 46.93
C VAL D 450 39.09 23.49 45.85
N TYR D 451 39.32 23.01 44.64
CA TYR D 451 38.45 23.38 43.53
C TYR D 451 37.53 22.22 43.16
N ASP D 452 36.65 21.86 44.08
CA ASP D 452 35.79 20.69 43.86
C ASP D 452 34.46 21.02 43.16
N VAL D 453 33.49 20.10 43.23
CA VAL D 453 32.23 20.31 42.52
C VAL D 453 31.45 21.45 43.15
N THR D 454 31.52 21.56 44.48
CA THR D 454 30.85 22.64 45.20
C THR D 454 31.41 24.01 44.78
N PHE D 455 32.72 24.13 44.78
CA PHE D 455 33.37 25.36 44.31
C PHE D 455 32.90 25.70 42.87
N GLU D 456 33.00 24.74 41.96
CA GLU D 456 32.51 24.94 40.54
C GLU D 456 31.04 25.34 40.51
N ASN D 457 30.28 24.53 41.23
CA ASN D 457 28.84 24.64 41.26
C ASN D 457 28.27 25.91 41.89
N VAL D 458 28.97 26.43 42.92
CA VAL D 458 28.56 27.69 43.55
C VAL D 458 28.55 28.78 42.50
N GLN D 459 29.52 28.74 41.57
CA GLN D 459 29.63 29.76 40.52
C GLN D 459 28.60 29.53 39.47
N ALA D 460 28.48 28.29 39.01
CA ALA D 460 27.47 28.00 37.97
C ALA D 460 26.09 28.38 38.50
N GLY D 461 25.84 28.02 39.76
CA GLY D 461 24.58 28.34 40.39
C GLY D 461 24.24 29.82 40.40
N LEU D 462 25.24 30.64 40.74
CA LEU D 462 25.00 32.06 40.96
C LEU D 462 24.74 32.77 39.65
N ARG D 463 25.45 32.34 38.62
CA ARG D 463 25.08 32.70 37.25
C ARG D 463 23.57 32.58 36.96
N THR D 464 23.03 31.40 37.23
CA THR D 464 21.64 31.12 36.88
C THR D 464 20.77 31.96 37.79
N ASP D 465 21.19 32.03 39.04
CA ASP D 465 20.43 32.75 40.05
C ASP D 465 20.29 34.24 39.66
N TYR D 466 21.43 34.87 39.35
CA TYR D 466 21.41 36.25 38.81
C TYR D 466 20.53 36.44 37.57
N LEU D 467 20.74 35.61 36.52
CA LEU D 467 19.91 35.73 35.33
C LEU D 467 18.43 35.66 35.70
N PHE D 468 18.09 34.71 36.55
CA PHE D 468 16.69 34.55 36.89
C PHE D 468 16.14 35.81 37.57
N ARG D 469 16.94 36.44 38.43
CA ARG D 469 16.40 37.58 39.18
C ARG D 469 16.33 38.82 38.30
N ILE D 470 17.28 38.92 37.37
CA ILE D 470 17.20 39.94 36.33
C ILE D 470 15.95 39.75 35.48
N ALA D 471 15.63 38.49 35.16
CA ALA D 471 14.45 38.21 34.35
C ALA D 471 13.18 38.70 35.06
N ASN D 472 13.04 38.33 36.32
CA ASN D 472 11.98 38.90 37.19
C ASN D 472 11.92 40.41 37.23
N GLN D 473 13.10 41.02 37.35
CA GLN D 473 13.22 42.44 37.59
C GLN D 473 12.92 43.20 36.29
N ARG D 474 13.37 42.65 35.18
CA ARG D 474 13.30 43.44 33.95
C ARG D 474 12.19 42.96 32.97
N GLY D 475 11.36 42.03 33.44
CA GLY D 475 10.30 41.43 32.64
C GLY D 475 10.81 40.65 31.43
N GLY D 476 11.72 39.72 31.67
CA GLY D 476 12.39 38.96 30.64
C GLY D 476 12.24 37.48 30.94
N ILE D 477 12.74 36.64 30.04
CA ILE D 477 12.86 35.21 30.31
C ILE D 477 14.31 34.79 30.10
N VAL D 478 14.78 33.83 30.89
CA VAL D 478 16.13 33.32 30.72
C VAL D 478 16.20 32.24 29.62
N LEU D 479 17.11 32.43 28.67
CA LEU D 479 17.34 31.47 27.61
C LEU D 479 18.36 30.42 28.01
N GLY D 480 17.96 29.15 27.98
CA GLY D 480 18.93 28.09 28.20
C GLY D 480 19.83 27.91 26.97
N THR D 481 21.03 27.38 27.19
CA THR D 481 21.96 27.15 26.12
C THR D 481 22.65 25.77 26.14
N GLY D 482 22.46 24.99 27.20
CA GLY D 482 22.99 23.65 27.22
C GLY D 482 22.52 22.88 25.99
N ASP D 483 23.37 22.00 25.47
CA ASP D 483 23.06 21.31 24.24
C ASP D 483 22.62 19.83 24.46
N LEU D 484 22.19 19.16 23.41
CA LEU D 484 21.71 17.75 23.54
C LEU D 484 22.74 16.76 24.13
N SER D 485 24.03 16.90 23.81
CA SER D 485 25.08 15.97 24.26
C SER D 485 25.34 16.16 25.75
N GLU D 486 25.18 17.40 26.19
CA GLU D 486 25.31 17.72 27.63
C GLU D 486 24.13 17.11 28.38
N LEU D 487 22.91 17.17 27.83
CA LEU D 487 21.76 16.53 28.47
C LEU D 487 21.98 15.06 28.54
N ALA D 488 22.58 14.52 27.50
CA ALA D 488 22.76 13.07 27.45
C ALA D 488 23.67 12.60 28.56
N LEU D 489 24.72 13.34 28.77
CA LEU D 489 25.77 12.91 29.67
C LEU D 489 25.57 13.39 31.13
N GLY D 490 24.62 14.29 31.35
CA GLY D 490 24.45 14.91 32.66
C GLY D 490 25.56 15.93 32.96
N TRP D 491 26.12 16.50 31.90
CA TRP D 491 27.27 17.44 32.00
C TRP D 491 26.74 18.86 32.05
N SER D 492 26.38 19.27 33.26
CA SER D 492 25.58 20.46 33.52
C SER D 492 25.40 20.51 35.05
N THR D 493 24.83 21.60 35.52
CA THR D 493 24.69 21.75 36.96
C THR D 493 23.26 21.85 37.21
N TYR D 494 22.77 20.88 37.99
CA TYR D 494 21.35 20.66 38.10
C TYR D 494 20.64 21.67 38.98
N GLY D 495 19.53 22.16 38.44
CA GLY D 495 18.50 22.80 39.24
C GLY D 495 18.82 24.24 39.44
N VAL D 496 19.71 24.53 40.39
CA VAL D 496 20.28 25.87 40.49
C VAL D 496 21.62 25.77 39.75
N GLY D 497 21.60 26.14 38.48
CA GLY D 497 22.76 25.92 37.65
C GLY D 497 22.27 25.92 36.22
N ASP D 498 23.23 25.84 35.30
CA ASP D 498 23.03 25.98 33.85
C ASP D 498 21.98 25.01 33.22
N GLN D 499 21.66 23.89 33.89
CA GLN D 499 20.57 22.97 33.48
C GLN D 499 19.19 23.68 33.47
N MET D 500 19.03 24.75 34.23
CA MET D 500 17.71 25.36 34.33
C MET D 500 17.55 26.66 33.52
N SER D 501 16.35 26.93 33.02
CA SER D 501 16.09 28.18 32.28
C SER D 501 14.61 28.32 32.04
N HIS D 502 14.19 29.37 31.33
CA HIS D 502 12.77 29.52 30.97
C HIS D 502 12.44 28.89 29.65
N TYR D 503 13.44 28.75 28.77
CA TYR D 503 13.25 28.15 27.47
C TYR D 503 14.60 27.77 26.86
N ASN D 504 14.79 26.50 26.47
CA ASN D 504 16.13 26.13 26.01
C ASN D 504 16.22 25.95 24.51
N VAL D 505 16.92 26.83 23.80
CA VAL D 505 16.90 26.67 22.33
C VAL D 505 17.87 25.60 21.80
N ASN D 506 18.87 25.20 22.57
CA ASN D 506 19.89 24.25 22.09
C ASN D 506 19.65 22.85 22.64
N ALA D 507 18.54 22.68 23.34
CA ALA D 507 18.31 21.44 24.09
C ALA D 507 18.28 20.25 23.15
N GLY D 508 17.81 20.49 21.94
CA GLY D 508 17.67 19.44 20.94
C GLY D 508 18.81 19.30 19.92
N VAL D 509 19.86 20.13 20.04
CA VAL D 509 20.94 20.15 19.06
C VAL D 509 22.14 19.49 19.71
N PRO D 510 22.69 18.47 19.07
CA PRO D 510 23.88 17.87 19.66
C PRO D 510 25.14 18.74 19.45
N LYS D 511 26.08 18.62 20.37
CA LYS D 511 27.30 19.35 20.27
C LYS D 511 27.96 19.25 18.88
N THR D 512 28.05 18.07 18.31
CA THR D 512 28.70 17.91 17.00
C THR D 512 28.05 18.77 15.93
N LEU D 513 26.75 19.05 16.05
CA LEU D 513 26.07 19.89 15.05
C LEU D 513 26.28 21.39 15.24
N ILE D 514 26.50 21.83 16.47
CA ILE D 514 26.45 23.23 16.80
C ILE D 514 27.47 24.01 15.95
N GLN D 515 28.67 23.48 15.80
CA GLN D 515 29.72 24.24 15.13
C GLN D 515 29.37 24.47 13.67
N HIS D 516 28.64 23.52 13.05
CA HIS D 516 28.23 23.59 11.64
C HIS D 516 27.04 24.51 11.47
N LEU D 517 26.21 24.62 12.49
CA LEU D 517 25.18 25.66 12.50
C LEU D 517 25.79 27.08 12.43
N ILE D 518 26.82 27.32 13.27
CA ILE D 518 27.49 28.62 13.26
C ILE D 518 28.11 28.91 11.89
N ARG D 519 28.92 27.97 11.40
CA ARG D 519 29.43 28.01 10.01
C ARG D 519 28.33 28.32 8.97
N TRP D 520 27.16 27.74 9.16
CA TRP D 520 26.09 27.97 8.20
C TRP D 520 25.62 29.42 8.30
N VAL D 521 25.61 29.95 9.51
CA VAL D 521 25.10 31.31 9.69
C VAL D 521 26.07 32.31 9.12
N ILE D 522 27.35 32.02 9.34
CA ILE D 522 28.45 32.80 8.74
C ILE D 522 28.35 32.79 7.21
N SER D 523 28.28 31.60 6.64
CA SER D 523 28.19 31.41 5.20
C SER D 523 26.98 32.07 4.56
N ALA D 524 25.82 31.96 5.22
CA ALA D 524 24.64 32.65 4.69
C ALA D 524 24.82 34.20 4.72
N GLY D 525 25.33 34.72 5.84
CA GLY D 525 25.79 36.10 5.90
C GLY D 525 24.76 37.23 6.02
N GLU D 526 23.56 36.93 6.52
CA GLU D 526 22.52 38.00 6.62
C GLU D 526 22.71 38.87 7.87
N PHE D 527 23.55 38.42 8.82
CA PHE D 527 23.90 39.26 9.99
C PHE D 527 25.00 40.29 9.66
N GLY D 528 25.63 40.17 8.49
CA GLY D 528 26.63 41.16 8.07
C GLY D 528 28.06 40.72 8.32
N GLU D 529 29.01 41.47 7.76
CA GLU D 529 30.43 41.00 7.77
C GLU D 529 31.15 41.09 9.12
N LYS D 530 30.85 42.12 9.89
CA LYS D 530 31.29 42.18 11.30
C LYS D 530 30.90 40.97 12.15
N VAL D 531 29.59 40.76 12.30
CA VAL D 531 29.09 39.59 13.02
C VAL D 531 29.81 38.35 12.48
N GLY D 532 29.85 38.22 11.15
CA GLY D 532 30.51 37.11 10.47
C GLY D 532 31.90 36.88 11.03
N GLU D 533 32.67 37.96 11.16
CA GLU D 533 34.09 37.90 11.64
C GLU D 533 34.17 37.50 13.09
N VAL D 534 33.24 38.00 13.88
CA VAL D 534 33.27 37.65 15.30
C VAL D 534 32.91 36.16 15.46
N LEU D 535 31.94 35.67 14.69
CA LEU D 535 31.50 34.30 14.80
C LEU D 535 32.66 33.44 14.41
N GLN D 536 33.34 33.87 13.35
CA GLN D 536 34.46 33.10 12.80
C GLN D 536 35.58 33.02 13.85
N SER D 537 35.74 34.10 14.58
CA SER D 537 36.68 34.11 15.69
C SER D 537 36.25 33.14 16.82
N VAL D 538 34.96 33.14 17.14
CA VAL D 538 34.47 32.16 18.12
C VAL D 538 34.80 30.73 17.69
N LEU D 539 34.58 30.42 16.41
CA LEU D 539 34.95 29.13 15.89
C LEU D 539 36.43 28.82 16.07
N ASP D 540 37.27 29.73 15.54
CA ASP D 540 38.74 29.57 15.57
C ASP D 540 39.31 29.44 17.00
N THR D 541 38.81 30.27 17.90
CA THR D 541 39.17 30.18 19.30
C THR D 541 38.76 28.86 19.98
N GLU D 542 37.53 28.42 19.72
CA GLU D 542 36.89 27.41 20.59
C GLU D 542 37.25 25.98 20.21
N ILE D 543 37.47 25.70 18.92
CA ILE D 543 37.89 24.36 18.52
C ILE D 543 39.37 24.10 18.81
N GLU D 559 37.79 19.03 29.88
CA GLU D 559 36.37 18.56 29.79
C GLU D 559 36.19 17.18 29.13
N ALA D 560 37.29 16.53 28.74
CA ALA D 560 37.26 15.09 28.45
C ALA D 560 37.64 14.28 29.70
N LYS D 561 36.71 14.34 30.65
CA LYS D 561 36.40 13.33 31.64
C LYS D 561 35.13 12.58 31.15
N VAL D 562 34.35 13.22 30.25
CA VAL D 562 33.24 12.55 29.59
C VAL D 562 33.59 11.99 28.18
N GLY D 563 34.81 12.26 27.69
CA GLY D 563 35.24 11.69 26.42
C GLY D 563 35.00 12.58 25.21
N PRO D 564 35.55 12.22 24.06
CA PRO D 564 35.28 13.04 22.87
C PRO D 564 33.78 13.05 22.49
N PHE D 565 33.23 14.25 22.30
CA PHE D 565 31.84 14.40 21.94
C PHE D 565 31.47 13.72 20.64
N ALA D 566 32.43 13.57 19.73
CA ALA D 566 32.17 12.86 18.47
C ALA D 566 31.75 11.46 18.79
N LEU D 567 32.41 10.82 19.75
CA LEU D 567 32.09 9.45 20.11
C LEU D 567 30.77 9.27 20.92
N GLN D 568 30.51 10.25 21.78
CA GLN D 568 29.32 10.19 22.61
C GLN D 568 28.10 10.54 21.81
N ASP D 569 28.18 11.53 20.93
CA ASP D 569 27.06 11.77 20.00
C ASP D 569 26.82 10.53 19.16
N PHE D 570 27.87 9.81 18.81
CA PHE D 570 27.68 8.60 18.02
C PHE D 570 26.81 7.56 18.81
N SER D 571 27.21 7.29 20.04
CA SER D 571 26.53 6.33 20.87
C SER D 571 25.12 6.80 21.17
N LEU D 572 24.98 8.10 21.39
CA LEU D 572 23.70 8.70 21.71
C LEU D 572 22.69 8.41 20.59
N PHE D 573 23.09 8.67 19.32
CA PHE D 573 22.20 8.34 18.23
C PHE D 573 21.76 6.86 18.25
N GLN D 574 22.68 5.93 18.44
CA GLN D 574 22.33 4.50 18.45
C GLN D 574 21.37 4.17 19.57
N VAL D 575 21.69 4.72 20.73
CA VAL D 575 20.83 4.43 21.85
C VAL D 575 19.44 5.07 21.67
N LEU D 576 19.41 6.35 21.36
CA LEU D 576 18.16 7.06 21.34
C LEU D 576 17.26 6.62 20.18
N ARG D 577 17.80 6.34 19.00
CA ARG D 577 17.00 6.01 17.80
C ARG D 577 16.64 4.50 17.76
N TYR D 578 17.61 3.64 18.04
CA TYR D 578 17.44 2.18 17.89
C TYR D 578 17.51 1.33 19.17
N GLY D 579 17.95 1.90 20.29
CA GLY D 579 18.21 1.12 21.48
C GLY D 579 19.20 -0.02 21.28
N PHE D 580 20.23 0.14 20.44
CA PHE D 580 21.13 -0.96 20.12
C PHE D 580 21.93 -1.37 21.37
N ARG D 581 22.27 -2.64 21.49
CA ARG D 581 23.13 -3.02 22.64
C ARG D 581 24.53 -2.44 22.58
N PRO D 582 25.23 -2.36 23.72
CA PRO D 582 26.57 -1.73 23.62
C PRO D 582 27.58 -2.36 22.62
N SER D 583 27.65 -3.67 22.52
CA SER D 583 28.61 -4.31 21.60
C SER D 583 28.28 -3.99 20.14
N LYS D 584 27.00 -3.84 19.83
CA LYS D 584 26.63 -3.41 18.50
C LYS D 584 27.09 -1.96 18.24
N ILE D 585 26.94 -1.10 19.24
CA ILE D 585 27.40 0.27 19.11
C ILE D 585 28.93 0.35 18.90
N ALA D 586 29.69 -0.46 19.65
CA ALA D 586 31.14 -0.50 19.55
C ALA D 586 31.56 -0.92 18.16
N PHE D 587 30.93 -1.96 17.66
CA PHE D 587 31.18 -2.46 16.29
C PHE D 587 30.98 -1.35 15.30
N LEU D 588 29.82 -0.68 15.35
CA LEU D 588 29.52 0.40 14.40
C LEU D 588 30.52 1.55 14.47
N ALA D 589 30.83 1.99 15.70
CA ALA D 589 31.73 3.09 15.92
C ALA D 589 33.13 2.75 15.44
N TRP D 590 33.58 1.54 15.71
CA TRP D 590 34.89 1.09 15.25
C TRP D 590 34.95 1.08 13.71
N HIS D 591 33.99 0.45 13.06
CA HIS D 591 33.91 0.60 11.62
C HIS D 591 33.86 2.07 11.15
N ALA D 592 33.23 2.99 11.85
CA ALA D 592 33.23 4.36 11.35
C ALA D 592 34.52 5.20 11.67
N TRP D 593 35.10 4.96 12.83
CA TRP D 593 36.13 5.86 13.36
C TRP D 593 37.54 5.31 13.32
N ASN D 594 37.69 4.01 13.21
CA ASN D 594 38.99 3.41 13.42
C ASN D 594 40.07 3.80 12.38
N ASP D 595 39.63 4.20 11.18
CA ASP D 595 40.57 4.67 10.14
C ASP D 595 40.12 6.02 9.57
N ALA D 596 40.98 7.04 9.74
CA ALA D 596 40.63 8.41 9.34
C ALA D 596 40.67 8.64 7.85
N GLU D 597 41.35 7.74 7.14
CA GLU D 597 41.42 7.76 5.63
C GLU D 597 40.22 7.23 4.87
N ARG D 598 39.49 6.32 5.52
CA ARG D 598 38.30 5.72 4.94
C ARG D 598 37.06 6.49 5.34
N GLY D 599 36.03 6.39 4.49
CA GLY D 599 34.81 7.17 4.67
C GLY D 599 35.03 8.65 4.47
N ASN D 600 33.94 9.40 4.41
CA ASN D 600 34.05 10.82 4.21
C ASN D 600 33.83 11.58 5.52
N TRP D 601 34.45 12.74 5.61
CA TRP D 601 34.26 13.65 6.71
C TRP D 601 33.35 14.73 6.16
N PRO D 602 32.60 15.39 7.05
CA PRO D 602 31.78 16.53 6.63
C PRO D 602 32.72 17.69 6.32
N PRO D 603 32.19 18.78 5.73
CA PRO D 603 32.99 19.98 5.51
C PRO D 603 33.43 20.58 6.82
N GLY D 604 34.64 21.14 6.86
CA GLY D 604 35.11 21.91 8.03
C GLY D 604 36.00 21.14 9.01
N PHE D 605 36.68 20.13 8.47
CA PHE D 605 37.61 19.30 9.23
C PHE D 605 38.96 19.31 8.55
N PRO D 606 39.81 20.29 8.90
CA PRO D 606 41.19 20.28 8.38
C PRO D 606 41.84 18.96 8.84
N LYS D 607 42.86 18.43 8.14
CA LYS D 607 43.46 17.11 8.48
C LYS D 607 44.04 16.95 9.90
N SER D 608 44.58 18.02 10.47
CA SER D 608 45.09 17.89 11.82
C SER D 608 43.96 17.51 12.77
N GLU D 609 42.72 17.67 12.32
CA GLU D 609 41.51 17.38 13.18
C GLU D 609 40.61 16.26 12.63
N ARG D 610 41.29 15.22 12.17
CA ARG D 610 40.60 14.04 11.72
C ARG D 610 41.23 12.88 12.50
N PRO D 611 40.88 12.82 13.79
CA PRO D 611 41.23 11.73 14.69
C PRO D 611 40.66 10.40 14.22
N SER D 612 41.35 9.34 14.64
CA SER D 612 40.93 7.98 14.43
C SER D 612 40.97 7.36 15.85
N TYR D 613 39.99 6.49 16.19
CA TYR D 613 39.95 5.88 17.50
C TYR D 613 40.15 4.35 17.48
N SER D 614 40.88 3.84 18.47
CA SER D 614 41.06 2.39 18.59
C SER D 614 39.85 1.79 19.26
N LEU D 615 39.76 0.47 19.13
CA LEU D 615 38.71 -0.26 19.80
C LEU D 615 38.81 0.02 21.31
N ALA D 616 40.02 -0.06 21.86
CA ALA D 616 40.20 0.17 23.29
C ALA D 616 39.60 1.49 23.71
N GLU D 617 39.75 2.50 22.86
CA GLU D 617 39.27 3.86 23.22
C GLU D 617 37.76 3.89 23.16
N ILE D 618 37.24 3.38 22.06
CA ILE D 618 35.79 3.35 21.86
C ILE D 618 35.13 2.63 23.01
N ARG D 619 35.77 1.56 23.45
CA ARG D 619 35.27 0.71 24.50
C ARG D 619 35.27 1.46 25.83
N HIS D 620 36.31 2.26 26.02
CA HIS D 620 36.45 3.02 27.26
C HIS D 620 35.34 4.06 27.40
N TRP D 621 35.21 4.92 26.39
CA TRP D 621 34.20 5.98 26.37
C TRP D 621 32.77 5.44 26.33
N LEU D 622 32.62 4.23 25.80
CA LEU D 622 31.30 3.61 25.81
C LEU D 622 30.86 3.16 27.22
N GLN D 623 31.76 2.52 27.98
CA GLN D 623 31.49 2.24 29.41
C GLN D 623 31.01 3.50 30.13
N ILE D 624 31.70 4.59 29.88
CA ILE D 624 31.36 5.87 30.50
C ILE D 624 30.05 6.38 29.96
N PHE D 625 29.80 6.18 28.67
CA PHE D 625 28.50 6.59 28.15
C PHE D 625 27.31 5.88 28.83
N VAL D 626 27.36 4.54 28.89
CA VAL D 626 26.18 3.81 29.38
C VAL D 626 25.93 4.13 30.86
N GLN D 627 27.03 4.19 31.62
CA GLN D 627 26.94 4.55 33.05
C GLN D 627 26.24 5.92 33.20
N ARG D 628 26.70 6.90 32.43
CA ARG D 628 26.20 8.26 32.56
C ARG D 628 24.84 8.42 32.00
N PHE D 629 24.60 7.78 30.85
CA PHE D 629 23.31 7.91 30.17
C PHE D 629 22.14 7.25 30.86
N TYR D 630 22.31 5.97 31.16
CA TYR D 630 21.19 5.15 31.70
C TYR D 630 21.03 5.24 33.25
N SER D 631 22.12 5.58 33.96
CA SER D 631 22.04 5.57 35.43
C SER D 631 22.18 6.97 36.07
N PHE D 632 23.29 7.66 35.82
CA PHE D 632 23.51 8.93 36.44
C PHE D 632 22.59 10.10 36.02
N SER D 633 22.42 10.33 34.73
CA SER D 633 21.93 11.64 34.30
C SER D 633 20.44 11.87 34.15
N GLN D 634 19.64 10.82 34.21
CA GLN D 634 18.22 10.99 33.92
C GLN D 634 17.52 12.04 34.80
N PHE D 635 17.81 12.04 36.11
CA PHE D 635 17.16 12.98 37.00
C PHE D 635 17.29 14.41 36.49
N LYS D 636 18.43 14.73 35.85
CA LYS D 636 18.61 16.09 35.34
C LYS D 636 17.72 16.33 34.12
N ARG D 637 17.51 15.30 33.32
CA ARG D 637 16.58 15.40 32.19
C ARG D 637 15.15 15.48 32.72
N SER D 638 14.92 14.85 33.86
CA SER D 638 13.53 14.67 34.30
C SER D 638 12.82 16.01 34.55
N ALA D 639 13.57 17.01 35.02
CA ALA D 639 12.97 18.33 35.29
C ALA D 639 13.54 19.34 34.31
N LEU D 640 13.22 19.17 33.05
CA LEU D 640 13.79 19.95 31.99
C LEU D 640 12.89 21.10 31.54
N PRO D 641 13.43 22.29 31.33
CA PRO D 641 12.72 23.41 30.67
C PRO D 641 12.19 23.05 29.27
N ASN D 642 11.28 23.87 28.74
CA ASN D 642 10.73 23.68 27.41
C ASN D 642 11.73 24.06 26.28
N GLY D 643 11.63 23.38 25.15
CA GLY D 643 12.44 23.70 23.96
C GLY D 643 12.12 22.71 22.83
N PRO D 644 12.34 23.13 21.57
CA PRO D 644 11.91 22.25 20.48
C PRO D 644 12.84 21.07 20.12
N LYS D 645 12.23 19.91 19.87
CA LYS D 645 12.94 18.78 19.27
C LYS D 645 13.54 19.18 17.93
N VAL D 646 14.74 18.67 17.63
CA VAL D 646 15.40 19.07 16.37
C VAL D 646 15.78 17.93 15.42
N SER D 647 16.44 16.89 15.95
CA SER D 647 16.99 15.84 15.09
C SER D 647 16.00 14.71 14.94
N HIS D 648 15.94 14.08 13.77
CA HIS D 648 15.18 12.82 13.61
C HIS D 648 15.76 11.73 14.53
N GLY D 649 17.02 11.87 14.91
CA GLY D 649 17.57 10.97 15.92
C GLY D 649 16.82 10.96 17.24
N GLY D 650 16.14 12.07 17.56
CA GLY D 650 15.31 12.18 18.74
C GLY D 650 15.81 13.31 19.63
N ALA D 651 15.04 13.63 20.66
CA ALA D 651 15.48 14.60 21.66
C ALA D 651 15.46 13.87 23.00
N LEU D 652 15.63 14.58 24.11
CA LEU D 652 15.73 13.92 25.39
C LEU D 652 14.73 14.46 26.43
N SER D 653 13.68 15.14 25.95
CA SER D 653 12.64 15.63 26.80
C SER D 653 11.85 14.46 27.39
N PRO D 654 11.62 14.46 28.72
CA PRO D 654 10.85 13.43 29.44
C PRO D 654 9.38 13.57 29.12
N ARG D 655 9.00 14.69 28.49
CA ARG D 655 7.67 14.86 27.93
C ARG D 655 7.60 14.42 26.42
N GLY D 656 8.68 13.88 25.86
CA GLY D 656 8.72 13.62 24.40
C GLY D 656 9.31 12.24 24.12
N ASP D 657 10.54 12.23 23.63
CA ASP D 657 11.22 11.05 23.11
C ASP D 657 11.84 10.15 24.13
N TRP D 658 12.02 10.64 25.34
CA TRP D 658 12.72 9.82 26.30
C TRP D 658 12.13 9.76 27.72
N ARG D 659 11.35 8.71 27.96
CA ARG D 659 10.72 8.43 29.24
C ARG D 659 11.56 7.32 29.89
N ALA D 660 12.10 7.57 31.08
CA ALA D 660 13.04 6.63 31.67
C ALA D 660 13.06 6.90 33.13
N PRO D 661 13.50 5.92 33.95
CA PRO D 661 13.60 6.12 35.41
C PRO D 661 14.81 6.98 35.83
N SER D 662 14.64 7.85 36.82
CA SER D 662 15.70 8.63 37.41
C SER D 662 16.51 7.81 38.40
N ASP D 663 16.07 6.58 38.70
CA ASP D 663 16.71 5.82 39.78
C ASP D 663 17.17 4.40 39.46
N MET D 664 17.77 4.24 38.29
CA MET D 664 18.11 2.94 37.75
C MET D 664 19.62 2.71 37.67
N SER D 665 20.04 1.47 37.86
CA SER D 665 21.44 1.15 37.60
C SER D 665 21.70 0.75 36.11
N ALA D 666 22.95 0.88 35.71
CA ALA D 666 23.41 0.59 34.37
C ALA D 666 24.18 -0.73 34.31
N ARG D 667 24.13 -1.51 35.39
CA ARG D 667 24.86 -2.79 35.41
C ARG D 667 24.77 -3.66 34.14
N ILE D 668 23.57 -3.90 33.61
CA ILE D 668 23.48 -4.85 32.52
C ILE D 668 24.24 -4.36 31.29
N TRP D 669 24.12 -3.08 30.96
CA TRP D 669 24.91 -2.50 29.88
C TRP D 669 26.37 -2.68 30.12
N LEU D 670 26.82 -2.40 31.34
CA LEU D 670 28.27 -2.48 31.63
C LEU D 670 28.72 -3.94 31.52
N ASP D 671 27.86 -4.85 31.95
CA ASP D 671 28.22 -6.24 31.90
C ASP D 671 28.28 -6.72 30.43
N GLN D 672 27.37 -6.17 29.60
CA GLN D 672 27.31 -6.56 28.17
C GLN D 672 28.62 -6.21 27.47
N ILE D 673 29.16 -5.03 27.80
CA ILE D 673 30.45 -4.57 27.29
C ILE D 673 31.54 -5.49 27.78
N ASP D 674 31.43 -5.90 29.03
CA ASP D 674 32.48 -6.67 29.67
C ASP D 674 32.63 -8.02 29.02
N ARG D 675 31.50 -8.66 28.73
CA ARG D 675 31.46 -9.98 28.13
C ARG D 675 31.66 -9.97 26.61
N GLU D 676 31.20 -8.91 25.92
CA GLU D 676 31.10 -8.98 24.42
C GLU D 676 32.14 -8.16 23.63
N VAL D 677 32.65 -7.09 24.23
CA VAL D 677 33.56 -6.19 23.55
C VAL D 677 35.01 -6.44 23.95
N PRO D 678 35.84 -6.82 22.97
CA PRO D 678 37.23 -7.18 23.27
C PRO D 678 37.96 -5.97 23.91
N LYS D 679 38.98 -6.22 24.75
CA LYS D 679 39.69 -5.14 25.45
C LYS D 679 40.30 -4.12 24.50
N GLY D 680 40.79 -4.60 23.36
CA GLY D 680 41.30 -3.76 22.30
C GLY D 680 41.25 -4.49 20.98
#